data_8GC4
#
_entry.id   8GC4
#
_cell.length_a   1.00
_cell.length_b   1.00
_cell.length_c   1.00
_cell.angle_alpha   90.00
_cell.angle_beta   90.00
_cell.angle_gamma   90.00
#
_symmetry.space_group_name_H-M   'P 1'
#
loop_
_entity.id
_entity.type
_entity.pdbx_description
1 polymer 'Glutamate receptor ionotropic, kainate 2'
2 branched alpha-D-mannopyranose-(1-6)-beta-D-mannopyranose-(1-4)-2-acetamido-2-deoxy-beta-D-glucopyranose-(1-4)-2-acetamido-2-deoxy-beta-D-glucopyranose
3 branched 2-acetamido-2-deoxy-beta-D-glucopyranose-(1-4)-2-acetamido-2-deoxy-beta-D-glucopyranose
4 branched alpha-D-mannopyranose-(1-3)-[alpha-D-mannopyranose-(1-6)]beta-D-mannopyranose-(1-4)-2-acetamido-2-deoxy-beta-D-glucopyranose-(1-4)-2-acetamido-2-deoxy-beta-D-glucopyranose
5 non-polymer 2-acetamido-2-deoxy-beta-D-glucopyranose
6 non-polymer '(2S,3S,4S)-2-CARBOXY-4-[(1Z,3E,5R)-5-CARBOXY-1-METHYL-1,3-HEXADIENYL]-3-PYRROLIDINEACETIC ACID'
#
_entity_poly.entity_id   1
_entity_poly.type   'polypeptide(L)'
_entity_poly.pdbx_seq_one_letter_code
;HVLRFGGIFEYVESGPMGAEELAFRFAVNTINRNRTLLPNTTLTYDTQKINLYDSFEASKKACDQLSLGVAAIFGPSHSS
SANAVQSICNALGVPHIQTRWKHQVSDNKDSFYVSLYPDFSSLSRAILDLVQFFKWKTVTVVYDDSTGLIRLQELIKAPS
RYNLRLKIRQLPADTKDAKPLLKEMKRGKEFHVIFDCSHEMAAGILKQALAMGMMTEYYHYIFTTLDLFALDVEPYRYSG
VNMTGFRILNTENTQVSSIIEKWSMERLQAPPKPDSGLLDGFMTTDAALMYDAVHVVSVAVQQFPQMTVSSLQCNRHKPW
RFGTRFMSLIKEAHWEGLTGRITFNKTNGLRTDFDLDVISLKEEGLEKIGTWDPASGLNMTESQKGKPANITDSLSNRSL
IVTTILEEPYVLFKKSDKPLYGNDRFEGYCIDLLRELSTILGFTYEIRLVEDGKYGAQDDVNGQWNGMVRELIDHKADLA
VAPLAITYVREKVIDFSKPFMTLGISILYRKPNGTNPGVFSFLNPLSPDIWMYVLLAYLGVSVVLFVIARFSPYEWYNPH
PSNPDSDVVENNFTLLNSFWFGVGALMQQGSELMPKALSTRIVGGIWWFFTLIIISSYTANLAAFLTVERMESPIDSADD
LAKQTKIEYGAVEDGATMTFFKKSKISTYDKMWAFMSSRRQSVLVKSNEEGIQRVLTSDYAFLMESTTIEFVTQRNCNLT
QIGGLIDSKGYGVGTPMGSPYRDKITIAILQLQEEGKLHMMKEKWWRGNGCPEEESKEASALGVQNIGGIFIVLAAGLVL
SVFVAVGEFLYKSKKNAQLEKRSFCSAMVEELRMSLKCQRRLKHKPQAPVIVKTEEVINMHTFNDRRLPGKETMA
;
_entity_poly.pdbx_strand_id   A,B,C,D
#
# COMPACT_ATOMS: atom_id res chain seq x y z
N HIS A 1 -59.76 -64.29 11.23
CA HIS A 1 -58.34 -64.33 10.93
C HIS A 1 -57.54 -63.73 12.09
N VAL A 2 -56.31 -64.18 12.25
CA VAL A 2 -55.43 -63.74 13.33
C VAL A 2 -54.09 -63.32 12.73
N LEU A 3 -53.50 -62.27 13.29
CA LEU A 3 -52.21 -61.76 12.86
C LEU A 3 -51.35 -61.49 14.08
N ARG A 4 -50.07 -61.84 13.99
CA ARG A 4 -49.15 -61.71 15.12
C ARG A 4 -48.01 -60.77 14.76
N PHE A 5 -47.84 -59.73 15.57
CA PHE A 5 -46.70 -58.84 15.49
C PHE A 5 -45.70 -59.18 16.58
N GLY A 6 -44.68 -58.36 16.73
CA GLY A 6 -43.74 -58.51 17.81
C GLY A 6 -42.60 -57.54 17.66
N GLY A 7 -41.76 -57.51 18.69
CA GLY A 7 -40.61 -56.63 18.68
C GLY A 7 -39.81 -56.82 19.94
N ILE A 8 -38.64 -56.22 19.95
CA ILE A 8 -37.73 -56.27 21.09
C ILE A 8 -37.62 -54.88 21.69
N PHE A 9 -37.50 -54.83 23.02
CA PHE A 9 -37.45 -53.58 23.75
C PHE A 9 -36.43 -53.68 24.86
N GLU A 10 -35.72 -52.58 25.11
CA GLU A 10 -34.74 -52.56 26.18
C GLU A 10 -35.44 -52.51 27.53
N TYR A 11 -35.04 -53.41 28.43
CA TYR A 11 -35.69 -53.54 29.73
C TYR A 11 -34.74 -53.11 30.84
N VAL A 12 -35.33 -52.69 31.96
CA VAL A 12 -34.59 -52.09 33.04
C VAL A 12 -34.54 -53.00 34.28
N GLU A 13 -35.40 -54.04 34.33
CA GLU A 13 -35.42 -55.18 35.26
C GLU A 13 -35.89 -54.80 36.67
N SER A 14 -36.06 -53.51 36.94
CA SER A 14 -36.49 -53.07 38.26
C SER A 14 -37.39 -51.85 38.10
N GLY A 15 -38.52 -51.86 38.82
CA GLY A 15 -39.44 -50.75 38.80
C GLY A 15 -40.39 -50.84 37.63
N PRO A 16 -40.82 -49.68 37.11
CA PRO A 16 -41.69 -49.67 35.93
C PRO A 16 -40.95 -50.09 34.69
N MET A 17 -41.69 -50.69 33.77
CA MET A 17 -41.12 -51.25 32.56
C MET A 17 -41.08 -50.17 31.47
N GLY A 18 -40.82 -50.58 30.23
CA GLY A 18 -40.48 -49.63 29.19
C GLY A 18 -41.66 -48.83 28.68
N ALA A 19 -41.44 -47.53 28.47
CA ALA A 19 -42.51 -46.64 28.02
C ALA A 19 -42.86 -46.89 26.57
N GLU A 20 -41.88 -47.22 25.73
CA GLU A 20 -42.17 -47.54 24.34
C GLU A 20 -42.89 -48.88 24.22
N GLU A 21 -42.61 -49.82 25.12
CA GLU A 21 -43.39 -51.05 25.15
C GLU A 21 -44.81 -50.80 25.65
N LEU A 22 -44.98 -49.84 26.56
CA LEU A 22 -46.31 -49.41 26.97
C LEU A 22 -47.07 -48.80 25.80
N ALA A 23 -46.39 -48.01 24.98
CA ALA A 23 -47.02 -47.42 23.80
C ALA A 23 -47.36 -48.50 22.78
N PHE A 24 -46.51 -49.51 22.65
CA PHE A 24 -46.76 -50.63 21.75
C PHE A 24 -47.98 -51.43 22.18
N ARG A 25 -48.07 -51.74 23.48
CA ARG A 25 -49.20 -52.50 24.01
C ARG A 25 -50.50 -51.70 23.95
N PHE A 26 -50.42 -50.41 24.27
CA PHE A 26 -51.59 -49.54 24.17
C PHE A 26 -52.03 -49.36 22.73
N ALA A 27 -51.08 -49.34 21.79
CA ALA A 27 -51.40 -49.22 20.38
C ALA A 27 -52.11 -50.46 19.85
N VAL A 28 -51.62 -51.65 20.20
CA VAL A 28 -52.27 -52.84 19.69
C VAL A 28 -53.61 -53.07 20.39
N ASN A 29 -53.75 -52.64 21.65
CA ASN A 29 -55.05 -52.71 22.31
C ASN A 29 -56.04 -51.72 21.70
N THR A 30 -55.56 -50.53 21.31
CA THR A 30 -56.42 -49.55 20.67
C THR A 30 -56.85 -50.01 19.27
N ILE A 31 -55.94 -50.66 18.54
CA ILE A 31 -56.28 -51.18 17.23
C ILE A 31 -57.26 -52.34 17.34
N ASN A 32 -57.06 -53.22 18.32
CA ASN A 32 -58.00 -54.32 18.54
C ASN A 32 -59.36 -53.85 19.01
N ARG A 33 -59.41 -52.81 19.82
CA ARG A 33 -60.69 -52.34 20.33
C ARG A 33 -61.44 -51.44 19.35
N ASN A 34 -60.80 -50.96 18.31
CA ASN A 34 -61.43 -50.10 17.32
C ASN A 34 -61.74 -50.91 16.06
N ARG A 35 -62.93 -50.68 15.50
CA ARG A 35 -63.41 -51.47 14.39
C ARG A 35 -63.38 -50.74 13.05
N THR A 36 -62.90 -49.51 13.01
CA THR A 36 -62.73 -48.83 11.72
C THR A 36 -61.57 -49.41 10.94
N LEU A 37 -60.56 -49.93 11.63
CA LEU A 37 -59.40 -50.55 11.01
C LEU A 37 -59.37 -52.03 11.38
N LEU A 38 -59.07 -52.86 10.37
CA LEU A 38 -58.94 -54.33 10.44
C LEU A 38 -60.19 -54.98 11.04
N PRO A 39 -61.30 -55.03 10.31
CA PRO A 39 -62.53 -55.58 10.91
C PRO A 39 -62.50 -57.08 11.08
N ASN A 40 -62.00 -57.82 10.09
CA ASN A 40 -62.01 -59.27 10.13
C ASN A 40 -60.73 -59.86 10.68
N THR A 41 -59.77 -59.04 11.10
CA THR A 41 -58.48 -59.53 11.57
C THR A 41 -58.12 -58.84 12.88
N THR A 42 -57.68 -59.63 13.86
CA THR A 42 -57.18 -59.13 15.12
C THR A 42 -55.66 -59.03 15.08
N LEU A 43 -55.08 -58.54 16.16
CA LEU A 43 -53.63 -58.39 16.27
C LEU A 43 -53.14 -59.01 17.57
N THR A 44 -51.93 -59.56 17.51
CA THR A 44 -51.29 -60.19 18.66
C THR A 44 -49.86 -59.70 18.76
N TYR A 45 -49.47 -59.28 19.96
CA TYR A 45 -48.13 -58.78 20.21
C TYR A 45 -47.32 -59.84 20.95
N ASP A 46 -46.03 -59.89 20.63
CA ASP A 46 -45.09 -60.78 21.33
C ASP A 46 -43.81 -59.98 21.60
N THR A 47 -43.75 -59.35 22.75
CA THR A 47 -42.60 -58.53 23.09
C THR A 47 -41.47 -59.39 23.63
N GLN A 48 -40.25 -58.92 23.43
CA GLN A 48 -39.06 -59.57 23.97
C GLN A 48 -38.17 -58.54 24.63
N LYS A 49 -37.86 -58.74 25.90
CA LYS A 49 -36.95 -57.88 26.62
C LYS A 49 -35.52 -58.17 26.20
N ILE A 50 -34.74 -57.14 25.94
CA ILE A 50 -33.41 -57.29 25.37
C ILE A 50 -32.39 -56.55 26.23
N ASN A 51 -31.19 -57.11 26.33
CA ASN A 51 -30.14 -56.53 27.14
C ASN A 51 -29.60 -55.25 26.50
N LEU A 52 -28.90 -54.48 27.32
CA LEU A 52 -28.37 -53.19 26.90
C LEU A 52 -27.10 -53.42 26.09
N TYR A 53 -27.14 -53.05 24.80
CA TYR A 53 -26.01 -53.04 23.85
C TYR A 53 -25.42 -54.44 23.68
N ASP A 54 -26.27 -55.35 23.20
CA ASP A 54 -25.85 -56.73 22.98
C ASP A 54 -26.43 -57.18 21.64
N SER A 55 -25.62 -57.08 20.59
CA SER A 55 -26.11 -57.38 19.25
C SER A 55 -26.33 -58.87 19.05
N PHE A 56 -25.54 -59.71 19.74
CA PHE A 56 -25.78 -61.15 19.65
C PHE A 56 -27.06 -61.54 20.36
N GLU A 57 -27.37 -60.88 21.49
CA GLU A 57 -28.62 -61.15 22.19
C GLU A 57 -29.82 -60.74 21.34
N ALA A 58 -29.72 -59.60 20.66
CA ALA A 58 -30.77 -59.18 19.75
C ALA A 58 -30.89 -60.12 18.56
N SER A 59 -29.75 -60.64 18.09
CA SER A 59 -29.75 -61.63 17.01
C SER A 59 -30.43 -62.93 17.43
N LYS A 60 -30.14 -63.39 18.65
CA LYS A 60 -30.73 -64.62 19.16
C LYS A 60 -32.22 -64.46 19.41
N LYS A 61 -32.63 -63.30 19.94
CA LYS A 61 -34.05 -63.05 20.16
C LYS A 61 -34.80 -62.89 18.84
N ALA A 62 -34.18 -62.28 17.84
CA ALA A 62 -34.80 -62.17 16.52
C ALA A 62 -34.93 -63.54 15.85
N CYS A 63 -33.91 -64.40 16.00
CA CYS A 63 -33.97 -65.75 15.46
C CYS A 63 -35.06 -66.58 16.14
N ASP A 64 -35.17 -66.47 17.46
CA ASP A 64 -36.21 -67.21 18.19
C ASP A 64 -37.60 -66.68 17.86
N GLN A 65 -37.72 -65.37 17.67
CA GLN A 65 -39.01 -64.78 17.33
C GLN A 65 -39.43 -65.13 15.92
N LEU A 66 -38.49 -65.16 14.97
CA LEU A 66 -38.82 -65.56 13.62
C LEU A 66 -39.05 -67.06 13.50
N SER A 67 -38.43 -67.85 14.39
CA SER A 67 -38.79 -69.26 14.49
C SER A 67 -40.20 -69.42 15.04
N LEU A 68 -40.60 -68.53 15.94
CA LEU A 68 -42.00 -68.50 16.36
C LEU A 68 -42.89 -67.98 15.25
N GLY A 69 -42.38 -67.03 14.45
CA GLY A 69 -43.10 -66.54 13.30
C GLY A 69 -43.95 -65.32 13.61
N VAL A 70 -43.58 -64.18 13.01
CA VAL A 70 -44.32 -62.93 13.15
C VAL A 70 -44.50 -62.33 11.76
N ALA A 71 -45.14 -61.16 11.72
CA ALA A 71 -45.33 -60.44 10.47
C ALA A 71 -44.21 -59.43 10.23
N ALA A 72 -43.97 -58.56 11.20
CA ALA A 72 -42.87 -57.61 11.13
C ALA A 72 -42.38 -57.34 12.54
N ILE A 73 -41.16 -56.84 12.64
CA ILE A 73 -40.51 -56.62 13.92
C ILE A 73 -40.25 -55.13 14.11
N PHE A 74 -40.56 -54.64 15.30
CA PHE A 74 -40.26 -53.27 15.69
C PHE A 74 -39.02 -53.33 16.56
N GLY A 75 -37.88 -53.01 15.97
CA GLY A 75 -36.58 -53.33 16.53
C GLY A 75 -36.16 -52.44 17.68
N PRO A 76 -34.91 -52.57 18.09
CA PRO A 76 -34.43 -51.86 19.28
C PRO A 76 -34.12 -50.40 18.97
N SER A 77 -33.78 -49.68 20.03
CA SER A 77 -33.51 -48.26 19.94
C SER A 77 -32.03 -47.93 19.89
N HIS A 78 -31.16 -48.91 20.00
CA HIS A 78 -29.72 -48.69 19.96
C HIS A 78 -29.18 -49.08 18.59
N SER A 79 -28.18 -48.34 18.12
CA SER A 79 -27.78 -48.35 16.71
C SER A 79 -27.18 -49.68 16.27
N SER A 80 -26.33 -50.28 17.10
CA SER A 80 -25.64 -51.50 16.69
C SER A 80 -26.58 -52.69 16.64
N SER A 81 -27.43 -52.84 17.67
CA SER A 81 -28.40 -53.92 17.70
C SER A 81 -29.46 -53.75 16.61
N ALA A 82 -29.84 -52.49 16.32
CA ALA A 82 -30.76 -52.24 15.21
C ALA A 82 -30.12 -52.55 13.87
N ASN A 83 -28.80 -52.30 13.73
CA ASN A 83 -28.09 -52.67 12.51
C ASN A 83 -28.05 -54.18 12.32
N ALA A 84 -27.79 -54.92 13.40
CA ALA A 84 -27.76 -56.38 13.32
C ALA A 84 -29.14 -56.96 13.01
N VAL A 85 -30.18 -56.44 13.66
CA VAL A 85 -31.54 -56.91 13.45
C VAL A 85 -32.02 -56.56 12.04
N GLN A 86 -31.64 -55.37 11.57
CA GLN A 86 -31.98 -54.94 10.21
C GLN A 86 -31.30 -55.81 9.16
N SER A 87 -30.04 -56.19 9.38
CA SER A 87 -29.35 -57.08 8.45
C SER A 87 -29.97 -58.48 8.45
N ILE A 88 -30.36 -58.97 9.63
CA ILE A 88 -30.95 -60.31 9.74
C ILE A 88 -32.30 -60.36 9.04
N CYS A 89 -33.17 -59.38 9.31
CA CYS A 89 -34.49 -59.40 8.71
C CYS A 89 -34.47 -59.01 7.24
N ASN A 90 -33.46 -58.25 6.80
CA ASN A 90 -33.30 -58.02 5.37
C ASN A 90 -32.82 -59.27 4.66
N ALA A 91 -32.01 -60.09 5.33
CA ALA A 91 -31.63 -61.36 4.74
C ALA A 91 -32.79 -62.35 4.72
N LEU A 92 -33.68 -62.29 5.71
CA LEU A 92 -34.81 -63.21 5.77
C LEU A 92 -36.08 -62.63 5.18
N GLY A 93 -36.06 -61.39 4.72
CA GLY A 93 -37.20 -60.82 4.01
C GLY A 93 -38.27 -60.19 4.88
N VAL A 94 -38.18 -60.33 6.20
CA VAL A 94 -39.16 -59.76 7.12
C VAL A 94 -38.94 -58.25 7.21
N PRO A 95 -39.99 -57.43 7.14
CA PRO A 95 -39.81 -55.98 7.21
C PRO A 95 -39.41 -55.51 8.60
N HIS A 96 -38.73 -54.37 8.63
CA HIS A 96 -38.22 -53.77 9.85
C HIS A 96 -38.78 -52.37 10.01
N ILE A 97 -39.09 -51.99 11.24
CA ILE A 97 -39.55 -50.65 11.57
C ILE A 97 -38.68 -50.14 12.71
N GLN A 98 -37.95 -49.06 12.45
CA GLN A 98 -37.04 -48.49 13.44
C GLN A 98 -37.63 -47.20 13.97
N THR A 99 -37.67 -47.07 15.29
CA THR A 99 -38.25 -45.89 15.92
C THR A 99 -37.21 -44.78 16.07
N ARG A 100 -36.12 -45.06 16.78
CA ARG A 100 -35.07 -44.07 16.96
C ARG A 100 -34.14 -44.05 15.76
N TRP A 101 -33.58 -42.87 15.48
CA TRP A 101 -32.61 -42.73 14.41
C TRP A 101 -31.32 -43.45 14.76
N LYS A 102 -30.71 -44.06 13.77
CA LYS A 102 -29.38 -44.64 13.88
C LYS A 102 -28.56 -44.16 12.68
N HIS A 103 -27.24 -44.33 12.80
CA HIS A 103 -26.36 -44.01 11.69
C HIS A 103 -26.60 -44.96 10.53
N GLN A 104 -26.71 -44.41 9.33
CA GLN A 104 -26.90 -45.20 8.12
C GLN A 104 -25.57 -45.29 7.39
N VAL A 105 -25.13 -46.52 7.13
CA VAL A 105 -23.95 -46.74 6.32
C VAL A 105 -24.29 -46.38 4.88
N SER A 106 -23.40 -45.61 4.23
CA SER A 106 -23.68 -45.01 2.94
C SER A 106 -23.77 -46.03 1.81
N ASP A 107 -23.24 -47.22 1.98
CA ASP A 107 -23.25 -48.24 0.94
C ASP A 107 -23.72 -49.58 1.49
N ASN A 108 -24.77 -49.56 2.30
CA ASN A 108 -25.46 -50.77 2.72
C ASN A 108 -26.69 -50.93 1.85
N LYS A 109 -26.80 -52.08 1.18
CA LYS A 109 -27.81 -52.30 0.17
C LYS A 109 -29.06 -52.98 0.71
N ASP A 110 -29.35 -52.83 2.00
CA ASP A 110 -30.55 -53.38 2.57
C ASP A 110 -31.75 -52.54 2.18
N SER A 111 -32.87 -53.22 1.90
CA SER A 111 -34.07 -52.52 1.45
C SER A 111 -35.34 -53.10 2.09
N PHE A 112 -35.23 -53.66 3.28
CA PHE A 112 -36.35 -54.24 3.98
C PHE A 112 -36.56 -53.56 5.33
N TYR A 113 -36.47 -52.23 5.36
CA TYR A 113 -36.54 -51.50 6.60
C TYR A 113 -37.07 -50.10 6.35
N VAL A 114 -37.80 -49.58 7.32
CA VAL A 114 -38.25 -48.20 7.31
C VAL A 114 -37.92 -47.59 8.66
N SER A 115 -37.80 -46.27 8.69
CA SER A 115 -37.51 -45.52 9.90
C SER A 115 -38.51 -44.39 10.05
N LEU A 116 -38.95 -44.14 11.27
CA LEU A 116 -39.95 -43.12 11.53
C LEU A 116 -39.45 -41.94 12.33
N TYR A 117 -38.21 -41.97 12.79
CA TYR A 117 -37.60 -40.73 13.26
C TYR A 117 -37.37 -39.83 12.06
N PRO A 118 -37.53 -38.51 12.22
CA PRO A 118 -37.23 -37.60 11.11
C PRO A 118 -35.74 -37.62 10.77
N ASP A 119 -35.45 -37.54 9.48
CA ASP A 119 -34.07 -37.61 9.03
C ASP A 119 -33.31 -36.36 9.43
N PHE A 120 -32.10 -36.56 9.93
CA PHE A 120 -31.34 -35.45 10.52
C PHE A 120 -30.76 -34.51 9.48
N SER A 121 -30.75 -34.87 8.20
CA SER A 121 -30.43 -33.90 7.17
C SER A 121 -31.51 -32.82 7.09
N SER A 122 -32.79 -33.23 7.12
CA SER A 122 -33.88 -32.27 7.09
C SER A 122 -33.97 -31.48 8.39
N LEU A 123 -33.67 -32.14 9.51
CA LEU A 123 -33.61 -31.43 10.79
C LEU A 123 -32.48 -30.41 10.82
N SER A 124 -31.33 -30.76 10.22
CA SER A 124 -30.22 -29.84 10.15
C SER A 124 -30.53 -28.67 9.22
N ARG A 125 -31.27 -28.92 8.14
CA ARG A 125 -31.70 -27.84 7.26
C ARG A 125 -32.70 -26.92 7.96
N ALA A 126 -33.58 -27.49 8.78
CA ALA A 126 -34.52 -26.67 9.54
C ALA A 126 -33.79 -25.83 10.59
N ILE A 127 -32.79 -26.41 11.25
CA ILE A 127 -31.99 -25.68 12.23
C ILE A 127 -31.20 -24.56 11.56
N LEU A 128 -30.63 -24.84 10.38
CA LEU A 128 -29.92 -23.82 9.63
C LEU A 128 -30.85 -22.72 9.13
N ASP A 129 -32.09 -23.07 8.78
CA ASP A 129 -33.09 -22.07 8.43
C ASP A 129 -33.42 -21.16 9.61
N LEU A 130 -33.53 -21.75 10.81
CA LEU A 130 -33.78 -20.97 12.01
C LEU A 130 -32.61 -20.05 12.35
N VAL A 131 -31.39 -20.55 12.20
CA VAL A 131 -30.19 -19.77 12.48
C VAL A 131 -30.06 -18.61 11.48
N GLN A 132 -30.30 -18.89 10.20
CA GLN A 132 -30.24 -17.85 9.18
C GLN A 132 -31.40 -16.85 9.33
N PHE A 133 -32.52 -17.28 9.89
CA PHE A 133 -33.57 -16.34 10.23
C PHE A 133 -33.17 -15.43 11.38
N PHE A 134 -32.47 -15.99 12.38
CA PHE A 134 -32.12 -15.20 13.55
C PHE A 134 -30.94 -14.25 13.33
N LYS A 135 -30.29 -14.33 12.16
CA LYS A 135 -29.21 -13.44 11.74
C LYS A 135 -28.03 -13.46 12.71
N TRP A 136 -27.38 -14.61 12.79
CA TRP A 136 -26.32 -14.82 13.75
C TRP A 136 -24.97 -14.91 13.06
N LYS A 137 -23.91 -14.71 13.84
CA LYS A 137 -22.55 -14.82 13.36
C LYS A 137 -21.76 -15.91 14.07
N THR A 138 -21.74 -15.90 15.40
CA THR A 138 -20.98 -16.87 16.18
C THR A 138 -21.95 -17.76 16.94
N VAL A 139 -21.78 -19.07 16.79
CA VAL A 139 -22.61 -20.06 17.46
C VAL A 139 -21.71 -21.06 18.16
N THR A 140 -22.26 -21.70 19.18
CA THR A 140 -21.57 -22.76 19.90
C THR A 140 -22.44 -24.00 19.89
N VAL A 141 -22.00 -25.01 19.15
CA VAL A 141 -22.69 -26.30 19.10
C VAL A 141 -22.15 -27.16 20.23
N VAL A 142 -23.02 -27.58 21.13
CA VAL A 142 -22.62 -28.41 22.26
C VAL A 142 -23.33 -29.75 22.12
N TYR A 143 -22.55 -30.81 22.04
CA TYR A 143 -23.08 -32.16 21.88
C TYR A 143 -22.57 -33.04 23.00
N ASP A 144 -23.10 -34.26 23.08
CA ASP A 144 -22.67 -35.22 24.08
C ASP A 144 -22.15 -36.52 23.49
N ASP A 145 -22.83 -37.06 22.49
CA ASP A 145 -22.40 -38.27 21.81
C ASP A 145 -21.92 -37.90 20.41
N SER A 146 -20.91 -38.64 19.93
CA SER A 146 -20.23 -38.30 18.68
C SER A 146 -21.13 -38.41 17.47
N THR A 147 -22.18 -39.23 17.54
CA THR A 147 -23.15 -39.35 16.45
C THR A 147 -23.94 -38.07 16.21
N GLY A 148 -23.97 -37.16 17.20
CA GLY A 148 -24.51 -35.83 16.97
C GLY A 148 -23.72 -35.05 15.92
N LEU A 149 -22.41 -35.30 15.83
CA LEU A 149 -21.64 -34.76 14.72
C LEU A 149 -22.07 -35.36 13.39
N ILE A 150 -22.54 -36.61 13.40
CA ILE A 150 -23.23 -37.14 12.24
C ILE A 150 -24.56 -36.42 12.04
N ARG A 151 -25.23 -36.09 13.14
CA ARG A 151 -26.58 -35.53 13.05
C ARG A 151 -26.54 -34.09 12.57
N LEU A 152 -25.66 -33.28 13.15
CA LEU A 152 -25.55 -31.87 12.74
C LEU A 152 -24.41 -31.65 11.76
N GLN A 153 -24.33 -32.44 10.69
CA GLN A 153 -23.22 -32.28 9.76
C GLN A 153 -23.41 -31.09 8.82
N GLU A 154 -24.67 -30.75 8.52
CA GLU A 154 -24.92 -29.60 7.66
C GLU A 154 -24.61 -28.29 8.35
N LEU A 155 -24.74 -28.27 9.69
CA LEU A 155 -24.40 -27.07 10.45
C LEU A 155 -22.90 -26.84 10.44
N ILE A 156 -22.12 -27.92 10.48
CA ILE A 156 -20.68 -27.80 10.36
C ILE A 156 -20.26 -27.47 8.93
N LYS A 157 -21.00 -27.95 7.94
CA LYS A 157 -20.68 -27.59 6.56
C LYS A 157 -21.10 -26.17 6.20
N ALA A 158 -22.04 -25.60 6.95
CA ALA A 158 -22.56 -24.25 6.72
C ALA A 158 -21.58 -23.06 6.79
N PRO A 159 -20.43 -23.14 7.50
CA PRO A 159 -19.40 -22.11 7.27
C PRO A 159 -18.87 -22.01 5.85
N SER A 160 -18.97 -23.06 5.04
CA SER A 160 -18.65 -22.93 3.63
C SER A 160 -19.72 -22.16 2.87
N ARG A 161 -20.93 -22.03 3.43
CA ARG A 161 -22.01 -21.30 2.80
C ARG A 161 -22.03 -19.83 3.21
N TYR A 162 -22.04 -19.55 4.51
CA TYR A 162 -22.13 -18.17 4.99
C TYR A 162 -20.94 -17.83 5.87
N ASN A 163 -20.96 -16.64 6.47
CA ASN A 163 -19.89 -16.21 7.36
C ASN A 163 -20.21 -16.54 8.81
N LEU A 164 -20.41 -17.82 9.09
CA LEU A 164 -20.77 -18.28 10.43
C LEU A 164 -19.54 -18.73 11.19
N ARG A 165 -19.38 -18.21 12.39
CA ARG A 165 -18.32 -18.66 13.28
C ARG A 165 -18.83 -19.81 14.13
N LEU A 166 -18.06 -20.89 14.19
CA LEU A 166 -18.46 -22.11 14.87
C LEU A 166 -17.50 -22.42 16.00
N LYS A 167 -18.05 -22.69 17.18
CA LYS A 167 -17.29 -23.27 18.28
C LYS A 167 -18.03 -24.50 18.75
N ILE A 168 -17.37 -25.66 18.69
CA ILE A 168 -18.03 -26.93 18.93
C ILE A 168 -17.41 -27.57 20.15
N ARG A 169 -18.24 -27.88 21.14
CA ARG A 169 -17.79 -28.45 22.41
C ARG A 169 -18.58 -29.72 22.71
N GLN A 170 -17.92 -30.63 23.41
CA GLN A 170 -18.48 -31.92 23.78
C GLN A 170 -18.62 -31.98 25.29
N LEU A 171 -19.79 -32.43 25.75
CA LEU A 171 -20.01 -32.69 27.17
C LEU A 171 -19.13 -33.86 27.62
N PRO A 172 -18.72 -33.89 28.90
CA PRO A 172 -17.87 -34.99 29.38
C PRO A 172 -18.60 -36.33 29.50
N ALA A 173 -17.87 -37.34 30.00
CA ALA A 173 -18.38 -38.71 30.03
C ALA A 173 -19.53 -38.86 31.02
N ASP A 174 -19.45 -38.21 32.16
CA ASP A 174 -20.53 -38.22 33.13
C ASP A 174 -21.53 -37.11 32.79
N THR A 175 -22.57 -36.98 33.62
CA THR A 175 -23.62 -36.00 33.38
C THR A 175 -23.58 -34.81 34.32
N LYS A 176 -22.96 -34.96 35.49
CA LYS A 176 -22.96 -33.91 36.50
C LYS A 176 -21.84 -32.90 36.31
N ASP A 177 -20.92 -33.15 35.37
CA ASP A 177 -19.77 -32.27 35.16
C ASP A 177 -20.01 -31.27 34.04
N ALA A 178 -21.24 -30.80 33.89
CA ALA A 178 -21.51 -29.74 32.93
C ALA A 178 -20.96 -28.40 33.38
N LYS A 179 -20.74 -28.23 34.69
CA LYS A 179 -20.28 -26.96 35.24
C LYS A 179 -18.91 -26.47 34.72
N PRO A 180 -17.86 -27.29 34.54
CA PRO A 180 -16.67 -26.77 33.84
C PRO A 180 -16.93 -26.35 32.40
N LEU A 181 -17.84 -27.03 31.69
CA LEU A 181 -18.16 -26.63 30.33
C LEU A 181 -18.92 -25.30 30.32
N LEU A 182 -19.81 -25.10 31.28
CA LEU A 182 -20.50 -23.81 31.38
C LEU A 182 -19.56 -22.69 31.84
N LYS A 183 -18.55 -23.02 32.66
CA LYS A 183 -17.55 -22.03 33.03
C LYS A 183 -16.69 -21.63 31.83
N GLU A 184 -16.30 -22.61 31.01
CA GLU A 184 -15.60 -22.32 29.76
C GLU A 184 -16.50 -21.56 28.79
N MET A 185 -17.80 -21.86 28.80
CA MET A 185 -18.78 -21.17 27.97
C MET A 185 -18.90 -19.70 28.35
N LYS A 186 -18.93 -19.41 29.65
CA LYS A 186 -19.02 -18.03 30.11
C LYS A 186 -17.70 -17.29 29.88
N ARG A 187 -16.57 -17.97 30.09
CA ARG A 187 -15.27 -17.33 29.90
C ARG A 187 -14.95 -17.13 28.43
N GLY A 188 -15.54 -17.91 27.54
CA GLY A 188 -15.32 -17.74 26.11
C GLY A 188 -16.03 -16.55 25.51
N LYS A 189 -16.99 -15.97 26.25
CA LYS A 189 -17.65 -14.70 25.93
C LYS A 189 -18.43 -14.76 24.61
N GLU A 190 -19.30 -15.76 24.51
CA GLU A 190 -20.26 -15.81 23.42
C GLU A 190 -21.56 -16.42 23.94
N PHE A 191 -22.65 -16.16 23.24
CA PHE A 191 -23.97 -16.25 23.85
C PHE A 191 -24.91 -17.16 23.08
N HIS A 192 -24.73 -17.26 21.77
CA HIS A 192 -25.63 -18.07 20.94
C HIS A 192 -25.21 -19.52 21.05
N VAL A 193 -25.88 -20.26 21.92
CA VAL A 193 -25.54 -21.64 22.23
C VAL A 193 -26.66 -22.53 21.72
N ILE A 194 -26.31 -23.60 21.01
CA ILE A 194 -27.24 -24.60 20.55
C ILE A 194 -26.82 -25.95 21.11
N PHE A 195 -27.79 -26.70 21.63
CA PHE A 195 -27.56 -27.98 22.28
C PHE A 195 -28.09 -29.12 21.43
N ASP A 196 -27.40 -30.26 21.49
CA ASP A 196 -27.89 -31.50 20.88
C ASP A 196 -27.70 -32.61 21.90
N CYS A 197 -28.76 -32.88 22.65
CA CYS A 197 -28.74 -33.93 23.67
C CYS A 197 -30.18 -34.36 23.91
N SER A 198 -30.34 -35.36 24.78
CA SER A 198 -31.66 -35.78 25.20
C SER A 198 -32.27 -34.73 26.13
N HIS A 199 -33.59 -34.82 26.31
CA HIS A 199 -34.30 -33.81 27.09
C HIS A 199 -33.98 -33.90 28.58
N GLU A 200 -33.63 -35.10 29.06
CA GLU A 200 -33.18 -35.24 30.44
C GLU A 200 -31.84 -34.56 30.66
N MET A 201 -30.91 -34.74 29.72
CA MET A 201 -29.63 -34.05 29.78
C MET A 201 -29.80 -32.55 29.61
N ALA A 202 -30.76 -32.14 28.77
CA ALA A 202 -31.06 -30.73 28.57
C ALA A 202 -31.61 -30.10 29.84
N ALA A 203 -32.50 -30.79 30.54
CA ALA A 203 -33.04 -30.28 31.81
C ALA A 203 -31.95 -30.24 32.88
N GLY A 204 -31.06 -31.23 32.89
CA GLY A 204 -29.97 -31.22 33.84
C GLY A 204 -28.99 -30.08 33.63
N ILE A 205 -28.61 -29.82 32.38
CA ILE A 205 -27.68 -28.71 32.15
C ILE A 205 -28.39 -27.36 32.27
N LEU A 206 -29.71 -27.32 32.07
CA LEU A 206 -30.44 -26.08 32.29
C LEU A 206 -30.54 -25.75 33.78
N LYS A 207 -30.77 -26.77 34.62
CA LYS A 207 -30.78 -26.56 36.06
C LYS A 207 -29.39 -26.21 36.57
N GLN A 208 -28.35 -26.82 35.99
CA GLN A 208 -26.96 -26.49 36.36
C GLN A 208 -26.61 -25.06 35.99
N ALA A 209 -27.03 -24.61 34.81
CA ALA A 209 -26.72 -23.25 34.37
C ALA A 209 -27.57 -22.22 35.10
N LEU A 210 -28.78 -22.58 35.53
CA LEU A 210 -29.55 -21.66 36.37
C LEU A 210 -28.95 -21.56 37.76
N ALA A 211 -28.47 -22.68 38.31
CA ALA A 211 -27.84 -22.67 39.62
C ALA A 211 -26.53 -21.88 39.60
N MET A 212 -25.78 -21.99 38.51
CA MET A 212 -24.57 -21.18 38.39
C MET A 212 -24.93 -19.77 37.92
N GLY A 213 -26.05 -19.61 37.23
CA GLY A 213 -26.54 -18.28 36.89
C GLY A 213 -26.23 -17.81 35.48
N MET A 214 -26.60 -18.61 34.48
CA MET A 214 -26.51 -18.18 33.10
C MET A 214 -27.82 -17.59 32.59
N MET A 215 -28.92 -17.81 33.31
CA MET A 215 -30.26 -17.48 32.82
C MET A 215 -30.49 -15.97 32.86
N THR A 216 -29.96 -15.30 31.85
CA THR A 216 -30.16 -13.87 31.66
C THR A 216 -30.92 -13.66 30.34
N GLU A 217 -31.04 -12.40 29.95
CA GLU A 217 -31.59 -12.06 28.64
C GLU A 217 -30.54 -12.06 27.55
N TYR A 218 -29.27 -12.24 27.89
CA TYR A 218 -28.20 -12.23 26.91
C TYR A 218 -28.09 -13.52 26.12
N TYR A 219 -28.75 -14.59 26.55
CA TYR A 219 -28.45 -15.92 26.06
C TYR A 219 -29.63 -16.50 25.29
N HIS A 220 -29.35 -16.97 24.09
CA HIS A 220 -30.33 -17.61 23.22
C HIS A 220 -30.02 -19.10 23.14
N TYR A 221 -31.04 -19.93 23.33
CA TYR A 221 -30.85 -21.38 23.34
C TYR A 221 -31.71 -22.02 22.27
N ILE A 222 -31.09 -22.87 21.45
CA ILE A 222 -31.79 -23.70 20.49
C ILE A 222 -31.55 -25.15 20.86
N PHE A 223 -32.61 -25.94 20.92
CA PHE A 223 -32.52 -27.35 21.29
C PHE A 223 -32.96 -28.19 20.10
N THR A 224 -32.09 -29.11 19.68
CA THR A 224 -32.41 -29.98 18.57
C THR A 224 -33.25 -31.18 18.96
N THR A 225 -33.45 -31.41 20.26
CA THR A 225 -34.32 -32.48 20.69
C THR A 225 -35.77 -32.12 20.42
N LEU A 226 -36.61 -33.15 20.33
CA LEU A 226 -38.02 -32.97 20.04
C LEU A 226 -38.89 -33.06 21.28
N ASP A 227 -38.29 -33.01 22.47
CA ASP A 227 -39.02 -33.06 23.72
C ASP A 227 -38.72 -31.85 24.59
N LEU A 228 -38.57 -30.68 23.97
CA LEU A 228 -38.38 -29.45 24.74
C LEU A 228 -39.66 -29.04 25.46
N PHE A 229 -40.81 -29.36 24.87
CA PHE A 229 -42.11 -29.04 25.47
C PHE A 229 -42.48 -29.99 26.60
N ALA A 230 -41.72 -31.06 26.80
CA ALA A 230 -41.89 -31.94 27.95
C ALA A 230 -41.10 -31.46 29.17
N LEU A 231 -40.33 -30.39 29.04
CA LEU A 231 -39.53 -29.89 30.15
C LEU A 231 -40.40 -29.12 31.14
N ASP A 232 -39.96 -29.12 32.39
CA ASP A 232 -40.55 -28.25 33.41
C ASP A 232 -39.90 -26.87 33.28
N VAL A 233 -40.64 -25.91 32.73
CA VAL A 233 -40.09 -24.63 32.33
C VAL A 233 -40.51 -23.54 33.32
N GLU A 234 -41.15 -23.91 34.42
CA GLU A 234 -41.66 -22.94 35.39
C GLU A 234 -40.60 -22.07 36.09
N PRO A 235 -39.45 -22.55 36.55
CA PRO A 235 -38.43 -21.61 37.05
C PRO A 235 -37.59 -20.94 35.97
N TYR A 236 -37.96 -21.07 34.70
CA TYR A 236 -37.19 -20.47 33.61
C TYR A 236 -37.96 -19.40 32.86
N ARG A 237 -39.27 -19.30 33.04
CA ARG A 237 -40.12 -18.46 32.19
C ARG A 237 -40.28 -17.04 32.73
N TYR A 238 -39.32 -16.56 33.52
CA TYR A 238 -39.37 -15.18 33.99
C TYR A 238 -38.03 -14.46 33.94
N SER A 239 -36.93 -15.15 33.66
CA SER A 239 -35.64 -14.50 33.51
C SER A 239 -35.36 -14.12 32.06
N GLY A 240 -36.32 -14.32 31.17
CA GLY A 240 -36.22 -13.87 29.79
C GLY A 240 -35.18 -14.56 28.93
N VAL A 241 -35.04 -15.87 29.07
CA VAL A 241 -34.09 -16.63 28.26
C VAL A 241 -34.77 -17.01 26.96
N ASN A 242 -34.11 -16.72 25.84
CA ASN A 242 -34.65 -17.03 24.52
C ASN A 242 -34.46 -18.51 24.24
N MET A 243 -35.40 -19.32 24.71
CA MET A 243 -35.36 -20.76 24.47
C MET A 243 -36.25 -21.08 23.27
N THR A 244 -35.70 -21.82 22.32
CA THR A 244 -36.41 -22.15 21.09
C THR A 244 -36.13 -23.62 20.76
N GLY A 245 -37.16 -24.32 20.27
CA GLY A 245 -36.99 -25.71 19.93
C GLY A 245 -37.99 -26.13 18.86
N PHE A 246 -37.84 -27.36 18.42
CA PHE A 246 -38.71 -27.95 17.42
C PHE A 246 -39.64 -28.95 18.05
N ARG A 247 -40.85 -29.04 17.51
CA ARG A 247 -41.92 -29.86 18.06
C ARG A 247 -42.57 -30.60 16.90
N ILE A 248 -42.90 -31.88 17.10
CA ILE A 248 -43.53 -32.67 16.06
C ILE A 248 -44.76 -33.42 16.58
N LEU A 249 -44.88 -33.62 17.89
CA LEU A 249 -46.04 -34.27 18.46
C LEU A 249 -47.20 -33.28 18.51
N ASN A 250 -48.16 -33.45 17.60
CA ASN A 250 -49.21 -32.46 17.37
C ASN A 250 -50.12 -32.30 18.58
N THR A 251 -50.38 -31.06 18.95
CA THR A 251 -51.25 -30.74 20.06
C THR A 251 -52.44 -29.89 19.63
N GLU A 252 -52.51 -29.49 18.36
CA GLU A 252 -53.62 -28.67 17.90
C GLU A 252 -54.89 -29.48 17.76
N ASN A 253 -54.79 -30.71 17.28
CA ASN A 253 -55.96 -31.56 17.13
C ASN A 253 -56.42 -32.08 18.49
N THR A 254 -57.67 -32.52 18.53
CA THR A 254 -58.30 -32.90 19.79
C THR A 254 -58.17 -34.38 20.09
N GLN A 255 -58.23 -35.23 19.05
CA GLN A 255 -58.13 -36.66 19.25
C GLN A 255 -56.75 -37.08 19.72
N VAL A 256 -55.71 -36.38 19.25
CA VAL A 256 -54.36 -36.68 19.71
C VAL A 256 -54.19 -36.27 21.17
N SER A 257 -54.85 -35.18 21.59
CA SER A 257 -54.81 -34.78 23.01
C SER A 257 -55.59 -35.76 23.88
N SER A 258 -56.68 -36.32 23.34
CA SER A 258 -57.39 -37.39 24.05
C SER A 258 -56.53 -38.63 24.18
N ILE A 259 -55.73 -38.92 23.15
CA ILE A 259 -54.78 -40.04 23.19
C ILE A 259 -53.71 -39.79 24.26
N ILE A 260 -53.25 -38.53 24.37
CA ILE A 260 -52.29 -38.14 25.40
C ILE A 260 -52.89 -38.32 26.79
N GLU A 261 -54.16 -37.93 26.95
CA GLU A 261 -54.84 -38.11 28.24
C GLU A 261 -55.04 -39.59 28.59
N LYS A 262 -55.39 -40.41 27.60
CA LYS A 262 -55.56 -41.84 27.85
C LYS A 262 -54.25 -42.52 28.19
N TRP A 263 -53.17 -42.15 27.51
CA TRP A 263 -51.86 -42.69 27.83
C TRP A 263 -51.35 -42.16 29.17
N SER A 264 -51.78 -40.97 29.57
CA SER A 264 -51.45 -40.45 30.89
C SER A 264 -52.14 -41.24 31.98
N MET A 265 -53.45 -41.48 31.84
CA MET A 265 -54.16 -42.22 32.88
C MET A 265 -53.81 -43.71 32.87
N GLU A 266 -53.30 -44.23 31.76
CA GLU A 266 -52.69 -45.55 31.77
C GLU A 266 -51.24 -45.53 32.23
N ARG A 267 -50.62 -44.35 32.31
CA ARG A 267 -49.21 -44.23 32.65
C ARG A 267 -48.97 -43.85 34.11
N LEU A 268 -49.79 -42.95 34.68
CA LEU A 268 -49.58 -42.50 36.06
C LEU A 268 -49.89 -43.56 37.10
N GLN A 269 -50.52 -44.68 36.73
CA GLN A 269 -50.61 -45.80 37.66
C GLN A 269 -49.24 -46.41 37.90
N ALA A 270 -48.37 -46.40 36.90
CA ALA A 270 -46.96 -46.67 37.13
C ALA A 270 -46.29 -45.42 37.72
N PRO A 271 -45.44 -45.57 38.72
CA PRO A 271 -44.89 -44.40 39.41
C PRO A 271 -43.77 -43.75 38.62
N PRO A 272 -43.92 -42.47 38.25
CA PRO A 272 -42.82 -41.76 37.59
C PRO A 272 -41.92 -41.06 38.59
N LYS A 273 -40.91 -40.34 38.10
CA LYS A 273 -40.01 -39.58 38.96
C LYS A 273 -40.27 -38.09 38.77
N PRO A 274 -40.84 -37.40 39.76
CA PRO A 274 -41.05 -35.96 39.63
C PRO A 274 -39.88 -35.12 40.13
N ASP A 275 -38.71 -35.73 40.30
CA ASP A 275 -37.53 -35.07 40.84
C ASP A 275 -36.43 -34.97 39.79
N SER A 276 -36.80 -34.63 38.56
CA SER A 276 -35.81 -34.50 37.50
C SER A 276 -36.03 -33.26 36.63
N GLY A 277 -36.90 -32.35 37.05
CA GLY A 277 -37.19 -31.17 36.25
C GLY A 277 -37.95 -31.44 34.97
N LEU A 278 -38.84 -32.42 34.98
CA LEU A 278 -39.66 -32.74 33.82
C LEU A 278 -41.13 -32.73 34.22
N LEU A 279 -41.99 -32.62 33.22
CA LEU A 279 -43.43 -32.75 33.47
C LEU A 279 -43.76 -34.21 33.76
N ASP A 280 -44.51 -34.42 34.84
CA ASP A 280 -44.72 -35.76 35.38
C ASP A 280 -45.71 -36.55 34.53
N GLY A 281 -45.31 -37.75 34.12
CA GLY A 281 -46.16 -38.66 33.39
C GLY A 281 -46.55 -38.17 32.02
N PHE A 282 -45.57 -37.75 31.23
CA PHE A 282 -45.84 -37.08 29.97
C PHE A 282 -45.29 -37.87 28.79
N MET A 283 -45.96 -37.71 27.64
CA MET A 283 -45.63 -38.45 26.43
C MET A 283 -44.31 -37.98 25.84
N THR A 284 -43.44 -38.94 25.51
CA THR A 284 -42.22 -38.63 24.80
C THR A 284 -42.45 -38.79 23.30
N THR A 285 -41.44 -38.40 22.51
CA THR A 285 -41.55 -38.50 21.06
C THR A 285 -41.48 -39.94 20.59
N ASP A 286 -40.66 -40.77 21.23
CA ASP A 286 -40.42 -42.13 20.78
C ASP A 286 -41.65 -43.02 20.97
N ALA A 287 -42.40 -42.79 22.05
CA ALA A 287 -43.61 -43.56 22.29
C ALA A 287 -44.70 -43.22 21.28
N ALA A 288 -44.82 -41.94 20.92
CA ALA A 288 -45.74 -41.55 19.87
C ALA A 288 -45.31 -42.07 18.51
N LEU A 289 -43.99 -42.16 18.29
CA LEU A 289 -43.49 -42.75 17.05
C LEU A 289 -43.80 -44.25 17.00
N MET A 290 -43.75 -44.93 18.14
CA MET A 290 -44.14 -46.34 18.19
C MET A 290 -45.63 -46.52 17.93
N TYR A 291 -46.46 -45.60 18.46
CA TYR A 291 -47.90 -45.63 18.21
C TYR A 291 -48.20 -45.43 16.73
N ASP A 292 -47.53 -44.46 16.10
CA ASP A 292 -47.71 -44.24 14.68
C ASP A 292 -47.12 -45.37 13.84
N ALA A 293 -46.11 -46.06 14.37
CA ALA A 293 -45.56 -47.24 13.70
C ALA A 293 -46.57 -48.37 13.65
N VAL A 294 -47.25 -48.64 14.77
CA VAL A 294 -48.28 -49.68 14.80
C VAL A 294 -49.44 -49.30 13.89
N HIS A 295 -49.80 -48.02 13.88
CA HIS A 295 -50.87 -47.55 13.00
C HIS A 295 -50.50 -47.67 11.52
N VAL A 296 -49.25 -47.37 11.17
CA VAL A 296 -48.90 -47.40 9.75
C VAL A 296 -48.70 -48.85 9.27
N VAL A 297 -48.26 -49.77 10.13
CA VAL A 297 -48.21 -51.17 9.72
C VAL A 297 -49.63 -51.74 9.62
N SER A 298 -50.54 -51.28 10.49
CA SER A 298 -51.95 -51.70 10.40
C SER A 298 -52.61 -51.24 9.11
N VAL A 299 -52.40 -49.98 8.74
CA VAL A 299 -53.01 -49.52 7.48
C VAL A 299 -52.24 -50.02 6.26
N ALA A 300 -51.01 -50.51 6.43
CA ALA A 300 -50.36 -51.22 5.34
C ALA A 300 -50.95 -52.61 5.16
N VAL A 301 -51.20 -53.34 6.25
CA VAL A 301 -51.66 -54.72 6.12
C VAL A 301 -53.15 -54.78 5.84
N GLN A 302 -53.88 -53.68 6.04
CA GLN A 302 -55.30 -53.63 5.70
C GLN A 302 -55.56 -53.74 4.20
N GLN A 303 -54.59 -53.41 3.36
CA GLN A 303 -54.72 -53.57 1.91
C GLN A 303 -54.08 -54.85 1.41
N PHE A 304 -54.04 -55.88 2.25
CA PHE A 304 -53.44 -57.17 1.87
C PHE A 304 -54.14 -58.29 2.63
N PRO A 305 -55.34 -58.68 2.19
CA PRO A 305 -56.16 -59.60 2.99
C PRO A 305 -55.71 -61.06 2.95
N GLN A 306 -54.86 -61.45 1.99
CA GLN A 306 -54.39 -62.82 1.92
C GLN A 306 -53.12 -63.05 2.74
N MET A 307 -52.80 -62.15 3.66
CA MET A 307 -51.58 -62.23 4.43
C MET A 307 -51.65 -63.35 5.46
N THR A 308 -50.62 -64.19 5.48
CA THR A 308 -50.50 -65.24 6.48
C THR A 308 -49.07 -65.28 6.99
N VAL A 309 -48.91 -65.80 8.20
CA VAL A 309 -47.62 -65.83 8.89
C VAL A 309 -47.00 -67.19 8.66
N SER A 310 -45.76 -67.19 8.17
CA SER A 310 -44.99 -68.41 7.97
C SER A 310 -43.77 -68.39 8.87
N SER A 311 -43.60 -69.44 9.66
CA SER A 311 -42.45 -69.54 10.54
C SER A 311 -41.20 -69.87 9.72
N LEU A 312 -40.13 -69.12 9.95
CA LEU A 312 -38.90 -69.25 9.18
C LEU A 312 -37.74 -69.56 10.11
N GLN A 313 -36.74 -70.24 9.58
CA GLN A 313 -35.54 -70.60 10.32
C GLN A 313 -34.40 -69.69 9.87
N CYS A 314 -33.73 -69.07 10.83
CA CYS A 314 -32.62 -68.18 10.51
C CYS A 314 -31.31 -68.93 10.26
N ASN A 315 -31.28 -70.24 10.50
CA ASN A 315 -30.16 -71.05 10.04
C ASN A 315 -30.18 -71.25 8.53
N ARG A 316 -31.34 -71.12 7.90
CA ARG A 316 -31.47 -71.22 6.47
C ARG A 316 -31.76 -69.86 5.87
N HIS A 317 -31.49 -69.73 4.58
CA HIS A 317 -31.62 -68.45 3.88
C HIS A 317 -32.85 -68.41 2.99
N LYS A 318 -33.94 -69.04 3.40
CA LYS A 318 -35.16 -69.01 2.62
C LYS A 318 -35.86 -67.68 2.80
N PRO A 319 -36.10 -66.91 1.74
CA PRO A 319 -36.82 -65.64 1.89
C PRO A 319 -38.30 -65.88 2.16
N TRP A 320 -38.92 -64.89 2.79
CA TRP A 320 -40.35 -64.96 3.04
C TRP A 320 -41.12 -64.72 1.75
N ARG A 321 -42.22 -65.44 1.59
CA ARG A 321 -42.97 -65.41 0.34
C ARG A 321 -43.86 -64.18 0.22
N PHE A 322 -44.01 -63.40 1.28
CA PHE A 322 -44.78 -62.16 1.25
C PHE A 322 -43.94 -60.92 1.52
N GLY A 323 -42.61 -61.04 1.50
CA GLY A 323 -41.77 -59.95 1.98
C GLY A 323 -41.76 -58.75 1.05
N THR A 324 -41.54 -58.98 -0.24
CA THR A 324 -41.45 -57.88 -1.20
C THR A 324 -42.79 -57.20 -1.41
N ARG A 325 -43.87 -57.98 -1.42
CA ARG A 325 -45.21 -57.43 -1.57
C ARG A 325 -45.61 -56.57 -0.38
N PHE A 326 -45.37 -57.06 0.84
CA PHE A 326 -45.76 -56.30 2.02
C PHE A 326 -44.86 -55.09 2.22
N MET A 327 -43.60 -55.19 1.80
CA MET A 327 -42.72 -54.02 1.85
C MET A 327 -43.12 -52.98 0.82
N SER A 328 -43.57 -53.40 -0.37
CA SER A 328 -44.07 -52.44 -1.35
C SER A 328 -45.36 -51.79 -0.90
N LEU A 329 -46.22 -52.52 -0.17
CA LEU A 329 -47.39 -51.89 0.43
C LEU A 329 -47.00 -50.92 1.56
N ILE A 330 -46.01 -51.27 2.37
CA ILE A 330 -45.73 -50.44 3.54
C ILE A 330 -44.89 -49.21 3.17
N LYS A 331 -44.19 -49.23 2.05
CA LYS A 331 -43.38 -48.08 1.68
C LYS A 331 -44.16 -47.00 0.95
N GLU A 332 -45.46 -47.20 0.73
CA GLU A 332 -46.32 -46.25 0.04
C GLU A 332 -47.58 -46.02 0.83
N ALA A 333 -47.44 -45.78 2.13
CA ALA A 333 -48.58 -45.59 3.01
C ALA A 333 -48.73 -44.12 3.38
N HIS A 334 -49.97 -43.72 3.63
CA HIS A 334 -50.30 -42.37 4.07
C HIS A 334 -51.14 -42.46 5.33
N TRP A 335 -50.72 -41.77 6.38
CA TRP A 335 -51.45 -41.80 7.63
C TRP A 335 -51.20 -40.51 8.39
N GLU A 336 -52.23 -40.04 9.09
CA GLU A 336 -52.14 -38.85 9.93
C GLU A 336 -52.30 -39.31 11.38
N GLY A 337 -51.18 -39.70 11.99
CA GLY A 337 -51.16 -40.13 13.37
C GLY A 337 -50.84 -38.99 14.31
N LEU A 338 -50.24 -39.35 15.45
CA LEU A 338 -49.86 -38.33 16.43
C LEU A 338 -48.69 -37.48 15.93
N THR A 339 -47.78 -38.09 15.17
CA THR A 339 -46.65 -37.35 14.63
C THR A 339 -47.08 -36.39 13.53
N GLY A 340 -48.07 -36.79 12.74
CA GLY A 340 -48.56 -35.96 11.67
C GLY A 340 -48.68 -36.71 10.36
N ARG A 341 -48.45 -36.02 9.25
CA ARG A 341 -48.49 -36.66 7.94
C ARG A 341 -47.26 -37.55 7.77
N ILE A 342 -47.48 -38.85 7.66
CA ILE A 342 -46.39 -39.81 7.55
C ILE A 342 -46.18 -40.15 6.08
N THR A 343 -44.99 -39.88 5.58
CA THR A 343 -44.64 -40.18 4.20
C THR A 343 -43.22 -40.71 4.15
N PHE A 344 -43.04 -41.84 3.48
CA PHE A 344 -41.74 -42.46 3.35
C PHE A 344 -41.11 -42.08 2.02
N ASN A 345 -39.78 -41.96 2.02
CA ASN A 345 -39.04 -41.64 0.81
C ASN A 345 -38.65 -42.94 0.12
N LYS A 346 -39.04 -43.08 -1.15
CA LYS A 346 -38.86 -44.32 -1.88
C LYS A 346 -37.42 -44.58 -2.28
N THR A 347 -36.56 -43.56 -2.24
CA THR A 347 -35.18 -43.75 -2.64
C THR A 347 -34.39 -44.51 -1.58
N ASN A 348 -34.62 -44.21 -0.31
CA ASN A 348 -33.82 -44.77 0.77
C ASN A 348 -34.62 -45.46 1.87
N GLY A 349 -35.94 -45.29 1.90
CA GLY A 349 -36.75 -45.90 2.94
C GLY A 349 -36.86 -45.09 4.21
N LEU A 350 -36.22 -43.93 4.29
CA LEU A 350 -36.28 -43.10 5.48
C LEU A 350 -37.52 -42.20 5.41
N ARG A 351 -37.60 -41.25 6.33
CA ARG A 351 -38.69 -40.29 6.37
C ARG A 351 -38.09 -38.89 6.29
N THR A 352 -38.46 -38.14 5.25
CA THR A 352 -37.87 -36.83 5.03
C THR A 352 -38.90 -35.78 4.64
N ASP A 353 -40.19 -36.07 4.82
CA ASP A 353 -41.25 -35.10 4.55
C ASP A 353 -42.19 -35.11 5.74
N PHE A 354 -42.24 -34.01 6.48
CA PHE A 354 -43.02 -33.93 7.70
C PHE A 354 -43.35 -32.46 7.97
N ASP A 355 -43.90 -32.19 9.15
CA ASP A 355 -44.23 -30.84 9.58
C ASP A 355 -43.70 -30.63 10.99
N LEU A 356 -43.03 -29.50 11.21
CA LEU A 356 -42.51 -29.16 12.52
C LEU A 356 -43.09 -27.83 12.97
N ASP A 357 -43.29 -27.69 14.28
CA ASP A 357 -43.70 -26.45 14.90
C ASP A 357 -42.52 -25.86 15.64
N VAL A 358 -42.26 -24.58 15.42
CA VAL A 358 -41.17 -23.88 16.09
C VAL A 358 -41.74 -23.32 17.39
N ILE A 359 -41.44 -23.97 18.50
CA ILE A 359 -41.92 -23.50 19.78
C ILE A 359 -40.82 -22.67 20.44
N SER A 360 -41.24 -21.75 21.30
CA SER A 360 -40.29 -20.90 22.00
C SER A 360 -40.88 -20.45 23.32
N LEU A 361 -40.02 -19.98 24.21
CA LEU A 361 -40.41 -19.61 25.55
C LEU A 361 -40.99 -18.21 25.55
N LYS A 362 -42.30 -18.10 25.75
CA LYS A 362 -42.94 -16.82 25.98
C LYS A 362 -42.99 -16.58 27.49
N GLU A 363 -43.71 -15.56 27.93
CA GLU A 363 -43.85 -15.33 29.36
C GLU A 363 -44.84 -16.29 29.99
N GLU A 364 -45.77 -16.82 29.21
CA GLU A 364 -46.76 -17.77 29.69
C GLU A 364 -46.30 -19.21 29.57
N GLY A 365 -45.15 -19.46 28.97
CA GLY A 365 -44.68 -20.82 28.75
C GLY A 365 -44.14 -21.02 27.35
N LEU A 366 -44.39 -22.19 26.78
CA LEU A 366 -43.93 -22.52 25.44
C LEU A 366 -45.10 -22.46 24.47
N GLU A 367 -44.93 -21.69 23.40
CA GLU A 367 -45.99 -21.48 22.43
C GLU A 367 -45.42 -21.56 21.02
N LYS A 368 -46.27 -21.96 20.07
CA LYS A 368 -45.88 -22.07 18.68
C LYS A 368 -45.82 -20.68 18.05
N ILE A 369 -44.70 -20.37 17.40
CA ILE A 369 -44.55 -19.10 16.70
C ILE A 369 -44.19 -19.30 15.23
N GLY A 370 -44.55 -20.44 14.67
CA GLY A 370 -44.29 -20.70 13.27
C GLY A 370 -44.19 -22.18 13.00
N THR A 371 -44.15 -22.51 11.71
CA THR A 371 -44.08 -23.88 11.26
C THR A 371 -42.95 -24.04 10.25
N TRP A 372 -42.66 -25.29 9.92
CA TRP A 372 -41.60 -25.62 8.99
C TRP A 372 -41.92 -26.93 8.29
N ASP A 373 -41.55 -27.02 7.02
CA ASP A 373 -41.67 -28.23 6.22
C ASP A 373 -40.45 -28.29 5.31
N PRO A 374 -40.05 -29.48 4.87
CA PRO A 374 -38.93 -29.57 3.93
C PRO A 374 -39.25 -29.08 2.53
N ALA A 375 -40.52 -29.01 2.15
CA ALA A 375 -40.87 -28.58 0.80
C ALA A 375 -40.70 -27.08 0.63
N SER A 376 -41.45 -26.30 1.40
CA SER A 376 -41.30 -24.85 1.37
C SER A 376 -40.26 -24.44 2.40
N GLY A 377 -40.17 -23.15 2.69
CA GLY A 377 -39.22 -22.63 3.64
C GLY A 377 -39.80 -22.59 5.04
N LEU A 378 -39.20 -21.75 5.87
CA LEU A 378 -39.62 -21.55 7.25
C LEU A 378 -40.65 -20.42 7.26
N ASN A 379 -41.89 -20.75 7.63
CA ASN A 379 -42.99 -19.81 7.44
C ASN A 379 -42.92 -18.64 8.42
N MET A 380 -42.72 -18.95 9.72
CA MET A 380 -42.58 -17.98 10.81
C MET A 380 -43.79 -17.05 10.92
N THR A 381 -44.94 -17.66 11.23
CA THR A 381 -46.17 -16.90 11.40
C THR A 381 -46.08 -16.06 12.67
N GLU A 382 -46.00 -14.75 12.50
CA GLU A 382 -45.71 -13.82 13.59
C GLU A 382 -46.82 -12.78 13.70
N SER A 383 -47.20 -12.47 14.94
CA SER A 383 -48.15 -11.39 15.22
C SER A 383 -47.34 -10.10 15.31
N GLN A 384 -47.14 -9.46 14.16
CA GLN A 384 -46.30 -8.28 14.07
C GLN A 384 -47.07 -7.07 14.60
N LYS A 385 -46.78 -6.69 15.84
CA LYS A 385 -47.42 -5.56 16.49
C LYS A 385 -46.36 -4.52 16.87
N GLY A 386 -46.76 -3.25 16.81
CA GLY A 386 -45.88 -2.18 17.20
C GLY A 386 -45.74 -2.07 18.71
N LYS A 387 -44.77 -1.27 19.12
CA LYS A 387 -44.53 -1.05 20.55
C LYS A 387 -45.58 -0.11 21.11
N PRO A 388 -46.33 -0.49 22.14
CA PRO A 388 -47.33 0.40 22.72
C PRO A 388 -46.67 1.41 23.67
N ALA A 389 -47.52 2.21 24.32
CA ALA A 389 -47.06 3.20 25.27
C ALA A 389 -46.66 2.61 26.61
N ASN A 390 -46.94 1.32 26.86
CA ASN A 390 -46.58 0.67 28.11
C ASN A 390 -45.08 0.39 28.11
N ILE A 391 -44.33 1.41 28.51
CA ILE A 391 -42.87 1.31 28.64
C ILE A 391 -42.62 1.45 30.13
N THR A 392 -43.55 0.94 30.92
CA THR A 392 -43.50 0.91 32.37
C THR A 392 -42.59 -0.21 32.87
N ASP A 393 -42.74 -0.61 34.13
CA ASP A 393 -41.83 -1.56 34.76
C ASP A 393 -41.95 -2.97 34.19
N SER A 394 -41.50 -3.14 32.94
CA SER A 394 -41.39 -4.44 32.32
C SER A 394 -40.11 -5.16 32.69
N LEU A 395 -39.18 -4.46 33.35
CA LEU A 395 -37.94 -5.06 33.84
C LEU A 395 -38.00 -5.33 35.33
N SER A 396 -39.17 -5.74 35.83
CA SER A 396 -39.32 -6.07 37.24
C SER A 396 -38.56 -7.36 37.56
N ASN A 397 -38.30 -7.55 38.85
CA ASN A 397 -37.28 -8.46 39.42
C ASN A 397 -35.95 -8.05 38.79
N ARG A 398 -35.16 -9.00 38.27
CA ARG A 398 -33.95 -8.77 37.48
C ARG A 398 -32.90 -7.95 38.26
N SER A 399 -32.39 -8.59 39.31
CA SER A 399 -31.34 -8.00 40.12
C SER A 399 -30.08 -7.78 39.29
N LEU A 400 -29.51 -6.58 39.40
CA LEU A 400 -28.52 -6.13 38.44
C LEU A 400 -27.37 -5.46 39.18
N ILE A 401 -26.19 -5.50 38.56
CA ILE A 401 -24.97 -4.95 39.15
C ILE A 401 -24.64 -3.66 38.43
N VAL A 402 -24.55 -2.56 39.20
CA VAL A 402 -24.23 -1.24 38.67
C VAL A 402 -22.90 -0.82 39.26
N THR A 403 -21.97 -0.39 38.42
CA THR A 403 -20.64 -0.03 38.85
C THR A 403 -20.40 1.48 38.74
N THR A 404 -19.60 2.01 39.66
CA THR A 404 -19.32 3.44 39.74
C THR A 404 -17.85 3.66 40.06
N ILE A 405 -17.44 4.92 39.98
CA ILE A 405 -16.17 5.42 40.51
C ILE A 405 -16.50 6.61 41.39
N LEU A 406 -15.82 6.72 42.54
CA LEU A 406 -16.01 7.87 43.43
C LEU A 406 -15.48 9.14 42.78
N GLU A 407 -16.40 10.00 42.35
CA GLU A 407 -16.12 11.34 41.89
C GLU A 407 -16.69 12.33 42.89
N GLU A 408 -16.31 13.60 42.72
CA GLU A 408 -16.75 14.62 43.67
C GLU A 408 -18.22 15.05 43.48
N PRO A 409 -18.71 15.49 42.31
CA PRO A 409 -20.11 15.96 42.28
C PRO A 409 -21.16 14.93 41.85
N TYR A 410 -20.79 13.69 41.57
CA TYR A 410 -21.72 12.71 41.04
C TYR A 410 -22.12 11.64 42.05
N VAL A 411 -21.21 11.25 42.94
CA VAL A 411 -21.51 10.31 44.01
C VAL A 411 -20.93 10.87 45.30
N LEU A 412 -21.62 10.61 46.40
CA LEU A 412 -21.13 10.98 47.72
C LEU A 412 -21.72 10.05 48.76
N PHE A 413 -20.94 9.78 49.79
CA PHE A 413 -21.42 8.97 50.91
C PHE A 413 -22.45 9.77 51.72
N LYS A 414 -23.44 9.06 52.25
CA LYS A 414 -24.41 9.68 53.13
C LYS A 414 -23.75 9.98 54.47
N LYS A 415 -23.76 11.25 54.87
CA LYS A 415 -23.15 11.66 56.12
C LYS A 415 -24.09 11.30 57.27
N SER A 416 -23.78 10.20 57.94
CA SER A 416 -24.63 9.70 59.01
C SER A 416 -23.78 8.91 59.99
N ASP A 417 -24.34 8.66 61.17
CA ASP A 417 -23.63 7.93 62.21
C ASP A 417 -23.55 6.44 61.90
N LYS A 418 -24.59 5.87 61.29
CA LYS A 418 -24.65 4.44 61.00
C LYS A 418 -23.70 4.09 59.86
N PRO A 419 -23.16 2.87 59.86
CA PRO A 419 -22.37 2.40 58.71
C PRO A 419 -23.26 2.18 57.50
N LEU A 420 -22.85 2.72 56.36
CA LEU A 420 -23.69 2.71 55.17
C LEU A 420 -23.66 1.34 54.50
N TYR A 421 -24.84 0.85 54.14
CA TYR A 421 -24.99 -0.40 53.42
C TYR A 421 -25.90 -0.21 52.22
N GLY A 422 -25.57 -0.90 51.12
CA GLY A 422 -26.46 -0.93 49.97
C GLY A 422 -26.48 0.36 49.20
N ASN A 423 -27.65 0.70 48.65
CA ASN A 423 -27.84 1.90 47.85
C ASN A 423 -27.79 3.18 48.66
N ASP A 424 -27.84 3.10 49.99
CA ASP A 424 -27.58 4.23 50.86
C ASP A 424 -26.09 4.50 51.05
N ARG A 425 -25.22 3.65 50.48
CA ARG A 425 -23.79 3.91 50.52
C ARG A 425 -23.42 5.14 49.70
N PHE A 426 -24.06 5.33 48.55
CA PHE A 426 -23.70 6.39 47.63
C PHE A 426 -24.94 7.18 47.25
N GLU A 427 -24.80 8.50 47.18
CA GLU A 427 -25.88 9.40 46.77
C GLU A 427 -25.29 10.47 45.86
N GLY A 428 -26.13 10.98 44.96
CA GLY A 428 -25.67 12.00 44.05
C GLY A 428 -26.60 12.13 42.86
N TYR A 429 -26.09 12.81 41.83
CA TYR A 429 -26.90 13.12 40.65
C TYR A 429 -27.13 11.87 39.80
N CYS A 430 -26.08 11.10 39.56
CA CYS A 430 -26.24 9.85 38.83
C CYS A 430 -26.96 8.80 39.67
N ILE A 431 -26.82 8.88 40.99
CA ILE A 431 -27.61 8.03 41.88
C ILE A 431 -29.08 8.42 41.81
N ASP A 432 -29.36 9.72 41.67
CA ASP A 432 -30.73 10.17 41.45
C ASP A 432 -31.26 9.70 40.11
N LEU A 433 -30.40 9.64 39.09
CA LEU A 433 -30.79 9.07 37.80
C LEU A 433 -31.06 7.57 37.92
N LEU A 434 -30.30 6.89 38.78
CA LEU A 434 -30.56 5.48 39.06
C LEU A 434 -31.90 5.29 39.76
N ARG A 435 -32.23 6.18 40.70
CA ARG A 435 -33.55 6.13 41.35
C ARG A 435 -34.67 6.38 40.36
N GLU A 436 -34.49 7.33 39.46
CA GLU A 436 -35.52 7.60 38.45
C GLU A 436 -35.67 6.45 37.46
N LEU A 437 -34.56 5.83 37.07
CA LEU A 437 -34.62 4.68 36.18
C LEU A 437 -35.21 3.46 36.87
N SER A 438 -34.96 3.30 38.18
CA SER A 438 -35.57 2.20 38.91
C SER A 438 -37.07 2.42 39.12
N THR A 439 -37.50 3.67 39.27
CA THR A 439 -38.94 3.92 39.36
C THR A 439 -39.62 3.81 38.00
N ILE A 440 -38.89 4.06 36.91
CA ILE A 440 -39.50 3.99 35.59
C ILE A 440 -39.39 2.60 34.96
N LEU A 441 -38.53 1.72 35.48
CA LEU A 441 -38.35 0.39 34.90
C LEU A 441 -38.50 -0.75 35.88
N GLY A 442 -38.57 -0.48 37.18
CA GLY A 442 -38.89 -1.51 38.15
C GLY A 442 -37.78 -2.50 38.46
N PHE A 443 -36.57 -2.26 38.00
CA PHE A 443 -35.46 -3.17 38.24
C PHE A 443 -34.80 -2.87 39.58
N THR A 444 -34.39 -3.91 40.27
CA THR A 444 -33.62 -3.76 41.50
C THR A 444 -32.13 -3.79 41.16
N TYR A 445 -31.37 -2.96 41.87
CA TYR A 445 -29.99 -2.72 41.50
C TYR A 445 -29.12 -2.63 42.74
N GLU A 446 -27.84 -2.95 42.57
CA GLU A 446 -26.85 -2.92 43.64
C GLU A 446 -25.59 -2.24 43.12
N ILE A 447 -25.10 -1.26 43.85
CA ILE A 447 -23.92 -0.50 43.44
C ILE A 447 -22.69 -1.17 44.01
N ARG A 448 -21.73 -1.48 43.13
CA ARG A 448 -20.44 -2.03 43.53
C ARG A 448 -19.33 -1.16 42.98
N LEU A 449 -18.39 -0.79 43.85
CA LEU A 449 -17.24 -0.01 43.41
C LEU A 449 -16.27 -0.88 42.62
N VAL A 450 -15.72 -0.30 41.55
CA VAL A 450 -14.71 -0.99 40.77
C VAL A 450 -13.42 -1.06 41.59
N GLU A 451 -12.63 -2.12 41.34
CA GLU A 451 -11.51 -2.44 42.21
C GLU A 451 -10.32 -1.49 42.06
N ASP A 452 -10.14 -0.88 40.89
CA ASP A 452 -9.01 0.02 40.68
C ASP A 452 -9.38 1.49 40.84
N GLY A 453 -10.66 1.82 40.84
CA GLY A 453 -11.12 3.19 41.02
C GLY A 453 -10.77 4.14 39.91
N LYS A 454 -10.80 3.66 38.66
CA LYS A 454 -10.50 4.50 37.52
C LYS A 454 -11.45 4.15 36.38
N TYR A 455 -11.51 5.04 35.39
CA TYR A 455 -12.44 4.89 34.29
C TYR A 455 -11.89 3.94 33.24
N GLY A 456 -12.61 3.83 32.13
CA GLY A 456 -12.23 2.91 31.08
C GLY A 456 -11.12 3.42 30.20
N ALA A 457 -9.93 2.84 30.36
CA ALA A 457 -8.78 3.12 29.50
C ALA A 457 -8.18 1.79 29.08
N GLN A 458 -7.07 1.85 28.35
CA GLN A 458 -6.38 0.65 27.90
C GLN A 458 -4.89 0.87 27.93
N ASP A 459 -4.15 -0.24 28.00
CA ASP A 459 -2.70 -0.22 27.97
C ASP A 459 -2.22 -0.64 26.58
N ASP A 460 -1.29 0.12 26.02
CA ASP A 460 -0.77 -0.15 24.69
C ASP A 460 0.26 -1.28 24.67
N VAL A 461 0.75 -1.71 25.84
CA VAL A 461 1.75 -2.77 25.87
C VAL A 461 1.14 -4.13 25.58
N ASN A 462 -0.17 -4.30 25.80
CA ASN A 462 -0.83 -5.57 25.53
C ASN A 462 -2.15 -5.45 24.81
N GLY A 463 -2.73 -4.25 24.69
CA GLY A 463 -4.07 -4.09 24.16
C GLY A 463 -5.17 -4.36 25.16
N GLN A 464 -4.83 -4.64 26.42
CA GLN A 464 -5.82 -4.97 27.42
C GLN A 464 -6.41 -3.69 28.01
N TRP A 465 -7.73 -3.61 28.00
CA TRP A 465 -8.40 -2.50 28.64
C TRP A 465 -8.41 -2.70 30.16
N ASN A 466 -8.60 -1.60 30.88
CA ASN A 466 -8.72 -1.68 32.32
C ASN A 466 -9.63 -0.56 32.80
N GLY A 467 -10.25 -0.77 33.95
CA GLY A 467 -11.20 0.17 34.49
C GLY A 467 -12.63 -0.21 34.19
N MET A 468 -13.38 0.69 33.55
CA MET A 468 -14.78 0.44 33.27
C MET A 468 -14.96 -0.54 32.11
N VAL A 469 -14.11 -0.45 31.10
CA VAL A 469 -14.28 -1.24 29.89
C VAL A 469 -14.00 -2.73 30.16
N ARG A 470 -12.92 -3.01 30.91
CA ARG A 470 -12.61 -4.39 31.26
C ARG A 470 -13.66 -4.98 32.20
N GLU A 471 -14.17 -4.16 33.12
CA GLU A 471 -15.24 -4.59 34.01
C GLU A 471 -16.58 -4.74 33.29
N LEU A 472 -16.73 -4.14 32.11
CA LEU A 472 -17.98 -4.24 31.38
C LEU A 472 -17.96 -5.30 30.28
N ILE A 473 -16.79 -5.67 29.74
CA ILE A 473 -16.77 -6.67 28.69
C ILE A 473 -16.99 -8.06 29.25
N ASP A 474 -16.59 -8.30 30.50
CA ASP A 474 -16.70 -9.62 31.11
C ASP A 474 -18.03 -9.82 31.81
N HIS A 475 -18.94 -8.83 31.71
CA HIS A 475 -20.29 -8.85 32.30
C HIS A 475 -20.25 -9.01 33.80
N LYS A 476 -19.22 -8.45 34.44
CA LYS A 476 -19.17 -8.41 35.89
C LYS A 476 -20.23 -7.46 36.44
N ALA A 477 -20.40 -6.31 35.80
CA ALA A 477 -21.53 -5.44 36.02
C ALA A 477 -22.22 -5.17 34.69
N ASP A 478 -23.43 -4.63 34.74
CA ASP A 478 -24.21 -4.39 33.54
C ASP A 478 -24.33 -2.91 33.22
N LEU A 479 -24.84 -2.10 34.14
CA LEU A 479 -25.04 -0.68 33.90
C LEU A 479 -23.86 0.11 34.45
N ALA A 480 -23.32 1.01 33.62
CA ALA A 480 -22.25 1.91 34.03
C ALA A 480 -22.85 3.31 34.06
N VAL A 481 -23.35 3.70 35.23
CA VAL A 481 -23.95 5.02 35.41
C VAL A 481 -22.89 6.07 35.72
N ALA A 482 -21.63 5.65 35.87
CA ALA A 482 -20.54 6.58 36.11
C ALA A 482 -20.31 7.47 34.90
N PRO A 483 -20.01 8.76 35.10
CA PRO A 483 -19.97 9.71 33.97
C PRO A 483 -18.81 9.51 33.03
N LEU A 484 -18.97 8.52 32.16
CA LEU A 484 -18.03 8.25 31.08
C LEU A 484 -18.27 9.19 29.90
N ALA A 485 -17.22 9.41 29.11
CA ALA A 485 -17.32 10.22 27.91
C ALA A 485 -17.69 9.33 26.73
N ILE A 486 -18.50 9.88 25.82
CA ILE A 486 -18.89 9.17 24.60
C ILE A 486 -17.80 9.50 23.57
N THR A 487 -16.72 8.75 23.63
CA THR A 487 -15.61 8.92 22.70
C THR A 487 -15.85 8.02 21.49
N TYR A 488 -14.81 7.83 20.67
CA TYR A 488 -14.94 6.98 19.49
C TYR A 488 -14.57 5.54 19.78
N VAL A 489 -13.36 5.31 20.32
CA VAL A 489 -12.88 3.95 20.51
C VAL A 489 -13.61 3.23 21.64
N ARG A 490 -14.03 3.96 22.68
CA ARG A 490 -14.80 3.34 23.74
C ARG A 490 -16.22 3.05 23.30
N GLU A 491 -16.73 3.81 22.32
CA GLU A 491 -17.99 3.45 21.67
C GLU A 491 -17.81 2.23 20.78
N LYS A 492 -16.66 2.12 20.12
CA LYS A 492 -16.38 0.99 19.23
C LYS A 492 -16.24 -0.32 20.00
N VAL A 493 -15.62 -0.26 21.18
CA VAL A 493 -15.40 -1.48 21.95
C VAL A 493 -16.67 -1.89 22.69
N ILE A 494 -17.27 -0.96 23.43
CA ILE A 494 -18.38 -1.30 24.31
C ILE A 494 -19.54 -0.35 24.00
N ASP A 495 -20.75 -0.81 24.31
CA ASP A 495 -21.96 -0.10 23.90
C ASP A 495 -22.28 1.05 24.84
N PHE A 496 -22.73 2.16 24.27
CA PHE A 496 -23.19 3.31 25.05
C PHE A 496 -24.65 3.57 24.75
N SER A 497 -25.34 4.18 25.70
CA SER A 497 -26.68 4.66 25.46
C SER A 497 -26.62 6.04 24.82
N LYS A 498 -27.79 6.66 24.62
CA LYS A 498 -27.82 8.04 24.20
C LYS A 498 -27.35 8.93 25.35
N PRO A 499 -26.63 10.02 25.05
CA PRO A 499 -26.13 10.90 26.12
C PRO A 499 -27.28 11.69 26.73
N PHE A 500 -27.46 11.54 28.04
CA PHE A 500 -28.52 12.26 28.72
C PHE A 500 -28.21 13.75 28.87
N MET A 501 -26.93 14.12 28.82
CA MET A 501 -26.55 15.52 28.78
C MET A 501 -25.23 15.65 28.02
N THR A 502 -25.03 16.83 27.45
CA THR A 502 -23.85 17.14 26.67
C THR A 502 -23.03 18.22 27.37
N LEU A 503 -21.78 18.35 26.91
CA LEU A 503 -20.75 19.12 27.59
C LEU A 503 -19.58 19.29 26.62
N GLY A 504 -18.49 19.86 27.12
CA GLY A 504 -17.23 19.90 26.40
C GLY A 504 -16.09 20.00 27.39
N ILE A 505 -14.89 20.06 26.85
CA ILE A 505 -13.71 20.35 27.67
C ILE A 505 -13.45 21.84 27.60
N SER A 506 -12.91 22.39 28.67
CA SER A 506 -12.67 23.81 28.78
C SER A 506 -11.53 24.03 29.77
N ILE A 507 -11.15 25.28 29.96
CA ILE A 507 -9.93 25.63 30.68
C ILE A 507 -10.30 26.29 32.00
N LEU A 508 -9.79 25.73 33.09
CA LEU A 508 -9.98 26.24 34.44
C LEU A 508 -8.75 27.02 34.86
N TYR A 509 -8.97 28.19 35.46
CA TYR A 509 -7.87 29.11 35.77
C TYR A 509 -8.15 29.82 37.09
N ARG A 510 -7.09 30.31 37.70
CA ARG A 510 -7.21 31.16 38.87
C ARG A 510 -7.77 32.52 38.48
N LYS A 511 -8.62 33.09 39.33
CA LYS A 511 -9.14 34.43 39.11
C LYS A 511 -8.02 35.46 39.23
N PRO A 512 -7.75 36.25 38.18
CA PRO A 512 -6.63 37.23 38.23
C PRO A 512 -7.05 38.52 38.93
N ASN A 513 -7.19 38.44 40.25
CA ASN A 513 -7.62 39.58 41.07
C ASN A 513 -6.45 40.21 41.81
N GLY A 514 -5.28 40.28 41.18
CA GLY A 514 -4.12 40.88 41.82
C GLY A 514 -4.04 42.39 41.75
N THR A 515 -4.93 43.04 41.00
CA THR A 515 -4.91 44.48 40.82
C THR A 515 -6.04 45.10 41.62
N ASN A 516 -5.68 45.95 42.59
CA ASN A 516 -6.66 46.66 43.41
C ASN A 516 -6.02 47.90 44.03
N PRO A 517 -6.61 49.08 43.83
CA PRO A 517 -6.03 50.29 44.49
C PRO A 517 -6.30 50.33 45.98
N GLY A 518 -7.50 49.97 46.42
CA GLY A 518 -7.82 49.94 47.83
C GLY A 518 -7.98 51.34 48.42
N VAL A 519 -7.85 51.40 49.75
CA VAL A 519 -7.96 52.66 50.47
C VAL A 519 -6.67 53.44 50.29
N PHE A 520 -6.79 54.69 49.81
CA PHE A 520 -5.71 55.61 49.47
C PHE A 520 -4.71 54.97 48.51
N SER A 521 -3.51 54.65 49.02
CA SER A 521 -2.46 53.90 48.33
C SER A 521 -2.01 54.58 47.04
N PHE A 522 -1.83 55.90 47.10
CA PHE A 522 -1.28 56.64 45.98
C PHE A 522 0.25 56.76 46.05
N LEU A 523 0.89 55.97 46.91
CA LEU A 523 2.34 55.91 46.93
C LEU A 523 2.90 55.20 45.70
N ASN A 524 2.13 54.27 45.13
CA ASN A 524 2.58 53.49 43.99
C ASN A 524 2.62 54.29 42.67
N PRO A 525 1.65 55.17 42.33
CA PRO A 525 1.93 56.10 41.23
C PRO A 525 2.58 57.38 41.74
N LEU A 526 3.58 57.84 40.99
CA LEU A 526 4.39 59.04 41.29
C LEU A 526 5.06 58.91 42.66
N SER A 527 6.04 58.00 42.72
CA SER A 527 6.90 57.59 43.82
C SER A 527 7.39 58.78 44.66
N PRO A 528 7.49 58.63 45.99
CA PRO A 528 7.72 59.79 46.87
C PRO A 528 9.09 60.45 46.76
N ASP A 529 10.02 59.92 45.94
CA ASP A 529 11.22 60.69 45.59
C ASP A 529 10.85 61.94 44.80
N ILE A 530 9.93 61.80 43.84
CA ILE A 530 9.43 62.95 43.08
C ILE A 530 8.63 63.88 43.99
N TRP A 531 7.89 63.31 44.95
CA TRP A 531 7.09 64.11 45.87
C TRP A 531 7.97 64.91 46.82
N MET A 532 9.07 64.31 47.31
CA MET A 532 9.97 65.09 48.15
C MET A 532 10.81 66.06 47.32
N TYR A 533 11.03 65.77 46.04
CA TYR A 533 11.67 66.74 45.15
C TYR A 533 10.81 67.98 44.96
N VAL A 534 9.51 67.79 44.68
CA VAL A 534 8.65 68.95 44.50
C VAL A 534 8.32 69.63 45.83
N LEU A 535 8.39 68.90 46.95
CA LEU A 535 8.25 69.55 48.25
C LEU A 535 9.47 70.41 48.57
N LEU A 536 10.67 69.95 48.21
CA LEU A 536 11.87 70.78 48.36
C LEU A 536 11.85 71.98 47.41
N ALA A 537 11.29 71.82 46.22
CA ALA A 537 11.12 72.94 45.31
C ALA A 537 10.13 73.97 45.85
N TYR A 538 9.04 73.50 46.47
CA TYR A 538 8.08 74.41 47.10
C TYR A 538 8.70 75.11 48.31
N LEU A 539 9.55 74.40 49.07
CA LEU A 539 10.27 75.03 50.16
C LEU A 539 11.26 76.08 49.66
N GLY A 540 11.92 75.80 48.53
CA GLY A 540 12.83 76.77 47.94
C GLY A 540 12.13 78.02 47.43
N VAL A 541 10.98 77.85 46.77
CA VAL A 541 10.25 79.04 46.31
C VAL A 541 9.62 79.77 47.49
N SER A 542 9.31 79.05 48.59
CA SER A 542 8.80 79.70 49.79
C SER A 542 9.87 80.53 50.49
N VAL A 543 11.11 80.04 50.52
CA VAL A 543 12.17 80.82 51.16
C VAL A 543 12.67 81.94 50.24
N VAL A 544 12.49 81.81 48.92
CA VAL A 544 12.76 82.94 48.03
C VAL A 544 11.64 83.99 48.12
N LEU A 545 10.42 83.56 48.47
CA LEU A 545 9.24 84.41 48.50
C LEU A 545 9.32 85.55 49.53
N PHE A 546 10.21 85.45 50.52
CA PHE A 546 10.36 86.54 51.49
C PHE A 546 10.99 87.77 50.87
N VAL A 547 12.03 87.61 50.05
CA VAL A 547 12.70 88.76 49.46
C VAL A 547 12.03 89.26 48.20
N ILE A 548 11.06 88.53 47.66
CA ILE A 548 10.31 88.97 46.49
C ILE A 548 8.84 89.09 46.84
N LEU A 598 10.02 93.14 37.76
CA LEU A 598 10.92 92.47 36.83
C LEU A 598 11.40 91.14 37.40
N SER A 599 11.45 91.04 38.73
CA SER A 599 11.77 89.77 39.36
C SER A 599 10.55 88.84 39.39
N THR A 600 9.37 89.43 39.57
CA THR A 600 8.15 88.63 39.68
C THR A 600 7.78 87.96 38.36
N ARG A 601 8.03 88.62 37.23
CA ARG A 601 7.73 88.04 35.92
C ARG A 601 8.63 86.83 35.62
N ILE A 602 9.92 86.89 35.97
CA ILE A 602 10.78 85.76 35.66
C ILE A 602 10.62 84.65 36.68
N VAL A 603 10.27 84.98 37.94
CA VAL A 603 9.95 83.94 38.92
C VAL A 603 8.66 83.21 38.54
N GLY A 604 7.65 83.95 38.08
CA GLY A 604 6.44 83.33 37.57
C GLY A 604 6.66 82.51 36.32
N GLY A 605 7.57 82.99 35.44
CA GLY A 605 7.90 82.22 34.25
C GLY A 605 8.62 80.92 34.54
N ILE A 606 9.61 80.95 35.45
CA ILE A 606 10.34 79.72 35.78
C ILE A 606 9.46 78.76 36.55
N TRP A 607 8.54 79.28 37.38
CA TRP A 607 7.54 78.44 38.02
C TRP A 607 6.59 77.82 37.00
N TRP A 608 6.23 78.59 35.97
CA TRP A 608 5.35 78.10 34.90
C TRP A 608 5.98 76.95 34.14
N PHE A 609 7.20 77.12 33.63
CA PHE A 609 7.72 76.01 32.84
C PHE A 609 8.26 74.87 33.71
N PHE A 610 8.57 75.12 34.98
CA PHE A 610 8.91 74.03 35.90
C PHE A 610 7.69 73.14 36.15
N THR A 611 6.54 73.75 36.45
CA THR A 611 5.32 72.97 36.66
C THR A 611 4.85 72.30 35.37
N LEU A 612 5.02 72.97 34.22
CA LEU A 612 4.65 72.36 32.94
C LEU A 612 5.53 71.15 32.61
N ILE A 613 6.83 71.22 32.88
CA ILE A 613 7.71 70.08 32.65
C ILE A 613 7.39 68.92 33.61
N ILE A 614 7.10 69.25 34.88
CA ILE A 614 6.78 68.21 35.86
C ILE A 614 5.47 67.51 35.52
N ILE A 615 4.44 68.27 35.17
CA ILE A 615 3.15 67.70 34.84
C ILE A 615 3.19 66.98 33.50
N SER A 616 4.03 67.45 32.57
CA SER A 616 4.26 66.77 31.30
C SER A 616 4.89 65.40 31.51
N SER A 617 5.89 65.32 32.39
CA SER A 617 6.54 64.05 32.70
C SER A 617 5.59 63.11 33.42
N TYR A 618 4.77 63.64 34.33
CA TYR A 618 3.82 62.79 35.06
C TYR A 618 2.73 62.26 34.14
N THR A 619 2.24 63.09 33.21
CA THR A 619 1.24 62.62 32.26
C THR A 619 1.80 61.58 31.30
N ALA A 620 3.06 61.77 30.87
CA ALA A 620 3.71 60.78 30.02
C ALA A 620 3.92 59.45 30.73
N ASN A 621 4.34 59.51 32.00
CA ASN A 621 4.56 58.29 32.77
C ASN A 621 3.25 57.57 33.08
N LEU A 622 2.20 58.33 33.43
CA LEU A 622 0.92 57.72 33.73
C LEU A 622 0.25 57.16 32.48
N ALA A 623 0.42 57.83 31.34
CA ALA A 623 -0.11 57.31 30.08
C ALA A 623 0.62 56.04 29.65
N ALA A 624 1.95 56.00 29.86
CA ALA A 624 2.71 54.80 29.56
C ALA A 624 2.31 53.65 30.48
N PHE A 625 2.10 53.94 31.77
CA PHE A 625 1.67 52.92 32.73
C PHE A 625 0.28 52.38 32.40
N LEU A 626 -0.65 53.26 32.02
CA LEU A 626 -1.98 52.81 31.67
C LEU A 626 -2.01 52.05 30.35
N THR A 627 -1.18 52.43 29.38
CA THR A 627 -1.19 51.69 28.14
C THR A 627 -0.36 50.41 28.21
N VAL A 628 0.50 50.24 29.22
CA VAL A 628 1.13 48.94 29.38
C VAL A 628 0.28 48.03 30.27
N GLU A 629 -0.55 48.61 31.14
CA GLU A 629 -1.48 47.79 31.90
C GLU A 629 -2.65 47.36 31.02
N ARG A 630 -3.10 48.22 30.13
CA ARG A 630 -4.24 47.89 29.27
C ARG A 630 -3.86 46.95 28.13
N MET A 631 -2.60 46.97 27.69
CA MET A 631 -2.17 46.03 26.67
C MET A 631 -1.99 44.63 27.21
N GLU A 632 -1.87 44.47 28.53
CA GLU A 632 -1.82 43.16 29.14
C GLU A 632 -3.24 42.62 29.31
N SER A 633 -3.46 41.40 28.83
CA SER A 633 -4.77 40.78 28.87
C SER A 633 -4.66 39.39 29.46
N PRO A 634 -5.72 38.90 30.11
CA PRO A 634 -5.73 37.51 30.56
C PRO A 634 -5.86 36.57 29.36
N ILE A 635 -5.54 35.30 29.61
CA ILE A 635 -5.63 34.26 28.60
C ILE A 635 -7.10 34.00 28.32
N ASP A 636 -7.60 34.50 27.18
CA ASP A 636 -9.02 34.44 26.91
C ASP A 636 -9.46 33.05 26.47
N SER A 637 -8.65 32.37 25.65
CA SER A 637 -9.03 31.06 25.14
C SER A 637 -7.77 30.23 24.95
N ALA A 638 -7.92 29.13 24.20
CA ALA A 638 -6.82 28.18 24.03
C ALA A 638 -5.73 28.69 23.11
N ASP A 639 -6.04 29.67 22.25
CA ASP A 639 -5.02 30.19 21.34
C ASP A 639 -4.00 31.05 22.07
N ASP A 640 -4.46 31.84 23.04
CA ASP A 640 -3.54 32.64 23.87
C ASP A 640 -2.68 31.75 24.75
N LEU A 641 -3.25 30.64 25.23
CA LEU A 641 -2.46 29.64 25.95
C LEU A 641 -1.50 28.92 25.03
N ALA A 642 -1.84 28.79 23.75
CA ALA A 642 -0.92 28.21 22.78
C ALA A 642 0.21 29.17 22.44
N LYS A 643 -0.04 30.48 22.52
CA LYS A 643 1.02 31.45 22.27
C LYS A 643 2.05 31.46 23.41
N GLN A 644 1.61 31.23 24.64
CA GLN A 644 2.49 31.28 25.79
C GLN A 644 3.04 29.90 26.13
N THR A 645 4.03 29.89 27.03
CA THR A 645 4.48 28.66 27.65
C THR A 645 4.78 28.82 29.13
N LYS A 646 4.69 30.03 29.70
CA LYS A 646 5.08 30.24 31.09
C LYS A 646 4.04 29.69 32.05
N ILE A 647 2.76 29.94 31.78
CA ILE A 647 1.69 29.40 32.62
C ILE A 647 1.53 27.93 32.27
N GLU A 648 1.67 27.06 33.26
CA GLU A 648 1.58 25.63 33.03
C GLU A 648 0.15 25.22 32.75
N TYR A 649 0.00 24.20 31.92
CA TYR A 649 -1.32 23.73 31.55
C TYR A 649 -1.28 22.23 31.33
N GLY A 650 -2.46 21.62 31.40
CA GLY A 650 -2.56 20.19 31.20
C GLY A 650 -3.96 19.71 31.55
N ALA A 651 -4.08 18.39 31.66
CA ALA A 651 -5.36 17.75 31.92
C ALA A 651 -5.11 16.48 32.73
N VAL A 652 -6.18 15.70 32.95
CA VAL A 652 -6.03 14.40 33.57
C VAL A 652 -5.40 13.43 32.58
N GLU A 653 -4.63 12.48 33.10
CA GLU A 653 -3.91 11.53 32.26
C GLU A 653 -4.89 10.57 31.60
N ASP A 654 -4.79 10.47 30.26
CA ASP A 654 -5.69 9.77 29.35
C ASP A 654 -7.15 10.22 29.50
N GLY A 655 -8.09 9.43 28.97
CA GLY A 655 -9.49 9.78 29.05
C GLY A 655 -9.84 10.98 28.21
N ALA A 656 -9.85 10.82 26.88
CA ALA A 656 -9.93 11.89 25.87
C ALA A 656 -8.72 12.79 26.12
N THR A 657 -8.89 14.11 26.28
CA THR A 657 -7.87 15.11 26.58
C THR A 657 -6.69 15.05 25.62
N MET A 658 -5.55 14.53 26.07
CA MET A 658 -4.41 14.37 25.17
C MET A 658 -4.53 13.15 24.27
N THR A 659 -5.29 12.13 24.67
CA THR A 659 -5.61 11.07 23.73
C THR A 659 -6.66 11.52 22.74
N PHE A 660 -7.43 12.56 23.07
CA PHE A 660 -8.20 13.28 22.06
C PHE A 660 -7.29 14.15 21.19
N PHE A 661 -6.21 14.68 21.77
CA PHE A 661 -5.30 15.55 21.03
C PHE A 661 -4.48 14.77 20.02
N LYS A 662 -4.11 13.52 20.34
CA LYS A 662 -3.42 12.70 19.35
C LYS A 662 -4.35 12.23 18.25
N LYS A 663 -5.65 12.18 18.51
CA LYS A 663 -6.66 12.02 17.46
C LYS A 663 -7.21 13.37 17.02
N SER A 664 -6.30 14.30 16.70
CA SER A 664 -6.67 15.66 16.34
C SER A 664 -5.58 16.24 15.45
N LYS A 665 -5.98 16.73 14.29
CA LYS A 665 -5.04 17.26 13.31
C LYS A 665 -4.98 18.79 13.33
N ILE A 666 -5.57 19.42 14.33
CA ILE A 666 -5.45 20.87 14.49
C ILE A 666 -4.03 21.19 14.96
N SER A 667 -3.38 22.13 14.25
CA SER A 667 -1.96 22.42 14.48
C SER A 667 -1.71 23.03 15.85
N THR A 668 -2.64 23.87 16.33
CA THR A 668 -2.52 24.38 17.70
C THR A 668 -2.72 23.26 18.72
N TYR A 669 -3.67 22.37 18.47
CA TYR A 669 -3.84 21.22 19.35
C TYR A 669 -2.75 20.18 19.13
N ASP A 670 -2.13 20.16 17.96
CA ASP A 670 -0.91 19.35 17.78
C ASP A 670 0.23 19.90 18.62
N LYS A 671 0.32 21.24 18.74
CA LYS A 671 1.27 21.85 19.65
C LYS A 671 0.93 21.56 21.11
N MET A 672 -0.36 21.49 21.42
CA MET A 672 -0.81 21.08 22.75
C MET A 672 -0.38 19.64 23.06
N TRP A 673 -0.54 18.75 22.09
CA TRP A 673 -0.13 17.35 22.27
C TRP A 673 1.38 17.22 22.36
N ALA A 674 2.11 18.05 21.61
CA ALA A 674 3.57 18.06 21.71
C ALA A 674 4.04 18.60 23.05
N PHE A 675 3.30 19.56 23.62
CA PHE A 675 3.59 20.04 24.96
C PHE A 675 3.28 18.97 26.00
N MET A 676 2.19 18.22 25.79
CA MET A 676 1.83 17.15 26.72
C MET A 676 2.84 16.01 26.67
N SER A 677 3.40 15.73 25.49
CA SER A 677 4.47 14.74 25.38
C SER A 677 5.77 15.27 25.99
N SER A 678 6.07 16.55 25.77
CA SER A 678 7.31 17.12 26.26
C SER A 678 7.25 17.41 27.75
N ARG A 679 6.08 17.77 28.28
CA ARG A 679 6.00 18.11 29.69
C ARG A 679 5.10 17.05 30.32
N ARG A 680 5.46 15.79 30.06
CA ARG A 680 4.69 14.67 30.57
C ARG A 680 4.94 14.45 32.06
N GLN A 681 6.19 14.62 32.51
CA GLN A 681 6.57 14.12 33.82
C GLN A 681 6.13 15.02 34.97
N SER A 682 5.70 16.25 34.70
CA SER A 682 5.23 17.14 35.76
C SER A 682 3.71 17.22 35.81
N VAL A 683 3.07 17.62 34.71
CA VAL A 683 1.62 17.81 34.73
C VAL A 683 0.89 16.79 33.85
N LEU A 684 0.64 15.61 34.44
CA LEU A 684 -0.34 14.64 33.95
C LEU A 684 -1.04 13.97 35.12
N VAL A 685 -1.49 14.77 36.09
CA VAL A 685 -2.05 14.21 37.33
C VAL A 685 -3.40 13.56 37.04
N LYS A 686 -3.56 12.34 37.54
CA LYS A 686 -4.79 11.59 37.28
C LYS A 686 -5.93 12.09 38.14
N SER A 687 -5.65 12.55 39.35
CA SER A 687 -6.70 13.00 40.25
C SER A 687 -7.20 14.37 39.83
N ASN A 688 -8.52 14.55 39.91
CA ASN A 688 -9.10 15.88 39.68
C ASN A 688 -8.90 16.79 40.89
N GLU A 689 -8.56 16.23 42.05
CA GLU A 689 -8.33 17.05 43.23
C GLU A 689 -7.03 17.84 43.12
N GLU A 690 -5.93 17.18 42.74
CA GLU A 690 -4.66 17.88 42.62
C GLU A 690 -4.64 18.75 41.37
N GLY A 691 -5.40 18.36 40.33
CA GLY A 691 -5.57 19.24 39.19
C GLY A 691 -6.32 20.51 39.54
N ILE A 692 -7.25 20.43 40.48
CA ILE A 692 -7.80 21.64 41.09
C ILE A 692 -6.74 22.33 41.93
N GLN A 693 -6.01 21.56 42.74
CA GLN A 693 -5.10 22.10 43.75
C GLN A 693 -3.87 22.76 43.13
N ARG A 694 -3.48 22.34 41.93
CA ARG A 694 -2.34 22.98 41.26
C ARG A 694 -2.71 24.37 40.76
N VAL A 695 -3.98 24.61 40.45
CA VAL A 695 -4.42 25.94 40.07
C VAL A 695 -4.42 26.88 41.28
N LEU A 696 -4.80 26.36 42.45
CA LEU A 696 -4.83 27.18 43.66
C LEU A 696 -3.43 27.58 44.11
N THR A 697 -2.46 26.67 43.99
CA THR A 697 -1.10 26.97 44.43
C THR A 697 -0.29 27.62 43.32
N SER A 698 -0.11 26.91 42.20
CA SER A 698 0.73 27.38 41.12
C SER A 698 -0.10 28.12 40.08
N ASP A 699 0.59 28.78 39.15
CA ASP A 699 -0.06 29.44 38.02
C ASP A 699 -0.36 28.37 36.98
N TYR A 700 -1.47 27.67 37.19
CA TYR A 700 -1.81 26.50 36.41
C TYR A 700 -3.14 26.71 35.70
N ALA A 701 -3.24 26.18 34.49
CA ALA A 701 -4.51 26.04 33.78
C ALA A 701 -4.82 24.55 33.72
N PHE A 702 -6.08 24.19 33.86
CA PHE A 702 -6.42 22.78 33.93
C PHE A 702 -7.56 22.49 32.96
N LEU A 703 -7.32 21.58 32.02
CA LEU A 703 -8.30 21.26 30.98
C LEU A 703 -9.24 20.18 31.50
N MET A 704 -10.51 20.52 31.64
CA MET A 704 -11.43 19.67 32.39
C MET A 704 -12.85 19.91 31.91
N GLU A 705 -13.78 19.16 32.49
CA GLU A 705 -15.14 19.06 31.97
C GLU A 705 -15.92 20.32 32.28
N SER A 706 -16.69 20.78 31.29
CA SER A 706 -17.46 22.01 31.41
C SER A 706 -18.62 21.89 32.40
N THR A 707 -19.09 20.67 32.69
CA THR A 707 -20.13 20.51 33.70
C THR A 707 -19.59 20.79 35.09
N THR A 708 -18.44 20.22 35.42
CA THR A 708 -17.81 20.38 36.71
C THR A 708 -17.24 21.78 36.96
N ILE A 709 -17.12 22.61 35.90
CA ILE A 709 -16.85 24.03 36.05
C ILE A 709 -17.92 24.69 36.93
N GLU A 710 -19.18 24.33 36.69
CA GLU A 710 -20.30 24.85 37.48
C GLU A 710 -20.19 24.43 38.94
N PHE A 711 -19.78 23.19 39.20
CA PHE A 711 -19.64 22.71 40.57
C PHE A 711 -18.49 23.41 41.30
N VAL A 712 -17.32 23.51 40.65
CA VAL A 712 -16.18 24.14 41.31
C VAL A 712 -16.30 25.65 41.38
N THR A 713 -17.17 26.27 40.59
CA THR A 713 -17.42 27.70 40.74
C THR A 713 -18.53 27.99 41.72
N GLN A 714 -19.46 27.05 41.91
CA GLN A 714 -20.41 27.18 43.00
C GLN A 714 -19.74 26.97 44.34
N ARG A 715 -18.77 26.05 44.40
CA ARG A 715 -18.06 25.82 45.66
C ARG A 715 -17.02 26.92 45.92
N ASN A 716 -16.10 27.10 44.98
CA ASN A 716 -15.00 28.05 45.14
C ASN A 716 -15.24 29.26 44.26
N CYS A 717 -15.26 30.44 44.86
CA CYS A 717 -15.47 31.68 44.15
C CYS A 717 -14.18 32.36 43.72
N ASN A 718 -13.03 31.77 44.01
CA ASN A 718 -11.74 32.32 43.62
C ASN A 718 -11.25 31.75 42.29
N LEU A 719 -12.08 31.01 41.58
CA LEU A 719 -11.69 30.33 40.36
C LEU A 719 -12.55 30.82 39.20
N THR A 720 -12.04 30.67 37.98
CA THR A 720 -12.74 31.15 36.81
C THR A 720 -12.57 30.19 35.64
N GLN A 721 -13.47 30.32 34.68
CA GLN A 721 -13.45 29.55 33.45
C GLN A 721 -13.02 30.47 32.31
N ILE A 722 -12.07 30.03 31.50
CA ILE A 722 -11.65 30.80 30.34
C ILE A 722 -11.73 29.90 29.12
N GLY A 723 -11.99 30.53 27.98
CA GLY A 723 -12.24 29.79 26.75
C GLY A 723 -13.69 29.41 26.59
N GLY A 724 -14.05 29.06 25.36
CA GLY A 724 -15.40 28.62 25.07
C GLY A 724 -15.55 27.13 25.27
N LEU A 725 -16.03 26.43 24.25
CA LEU A 725 -16.15 24.99 24.27
C LEU A 725 -15.32 24.43 23.13
N ILE A 726 -14.45 23.47 23.44
CA ILE A 726 -13.53 22.95 22.44
C ILE A 726 -14.24 21.99 21.50
N ASP A 727 -14.79 20.91 22.04
CA ASP A 727 -15.52 19.94 21.25
C ASP A 727 -16.62 19.33 22.10
N SER A 728 -17.75 19.04 21.48
CA SER A 728 -18.93 18.59 22.20
C SER A 728 -18.86 17.09 22.45
N LYS A 729 -18.96 16.70 23.72
CA LYS A 729 -19.09 15.31 24.14
C LYS A 729 -20.32 15.18 25.02
N GLY A 730 -20.54 14.00 25.58
CA GLY A 730 -21.70 13.80 26.43
C GLY A 730 -21.45 12.74 27.47
N TYR A 731 -22.35 12.70 28.46
CA TYR A 731 -22.39 11.63 29.45
C TYR A 731 -23.55 10.70 29.12
N GLY A 732 -23.23 9.43 28.88
CA GLY A 732 -24.24 8.43 28.60
C GLY A 732 -24.16 7.26 29.57
N VAL A 733 -24.84 6.17 29.24
CA VAL A 733 -24.89 4.98 30.09
C VAL A 733 -24.12 3.86 29.38
N GLY A 734 -23.20 3.24 30.11
CA GLY A 734 -22.39 2.17 29.56
C GLY A 734 -23.05 0.82 29.75
N THR A 735 -23.17 0.07 28.65
CA THR A 735 -23.78 -1.25 28.60
C THR A 735 -22.85 -2.18 27.85
N PRO A 736 -22.94 -3.49 28.09
CA PRO A 736 -22.23 -4.45 27.24
C PRO A 736 -22.81 -4.49 25.83
N MET A 737 -22.02 -5.06 24.92
CA MET A 737 -22.41 -5.13 23.52
C MET A 737 -23.58 -6.08 23.33
N GLY A 738 -24.58 -5.63 22.57
CA GLY A 738 -25.80 -6.39 22.40
C GLY A 738 -26.64 -6.52 23.64
N SER A 739 -26.66 -5.50 24.49
CA SER A 739 -27.51 -5.54 25.67
C SER A 739 -28.95 -5.27 25.27
N PRO A 740 -29.89 -6.17 25.59
CA PRO A 740 -31.30 -5.92 25.22
C PRO A 740 -31.96 -4.86 26.06
N TYR A 741 -31.39 -4.50 27.22
CA TYR A 741 -31.98 -3.46 28.04
C TYR A 741 -31.74 -2.07 27.48
N ARG A 742 -30.70 -1.90 26.64
CA ARG A 742 -30.17 -0.58 26.31
C ARG A 742 -31.15 0.27 25.51
N ASP A 743 -31.95 -0.37 24.65
CA ASP A 743 -32.98 0.34 23.91
C ASP A 743 -34.05 0.88 24.85
N LYS A 744 -34.43 0.08 25.84
CA LYS A 744 -35.40 0.54 26.82
C LYS A 744 -34.80 1.60 27.74
N ILE A 745 -33.50 1.53 27.99
CA ILE A 745 -32.82 2.56 28.77
C ILE A 745 -32.83 3.90 28.03
N THR A 746 -32.50 3.90 26.73
CA THR A 746 -32.49 5.18 26.02
C THR A 746 -33.89 5.70 25.74
N ILE A 747 -34.89 4.81 25.62
CA ILE A 747 -36.28 5.26 25.58
C ILE A 747 -36.68 5.90 26.91
N ALA A 748 -36.23 5.33 28.03
CA ALA A 748 -36.49 5.94 29.33
C ALA A 748 -35.77 7.27 29.52
N ILE A 749 -34.55 7.40 28.98
CA ILE A 749 -33.81 8.66 29.04
C ILE A 749 -34.52 9.74 28.22
N LEU A 750 -35.01 9.38 27.02
CA LEU A 750 -35.77 10.33 26.22
C LEU A 750 -37.12 10.66 26.87
N GLN A 751 -37.70 9.70 27.59
CA GLN A 751 -38.94 9.95 28.33
C GLN A 751 -38.72 10.93 29.48
N LEU A 752 -37.60 10.77 30.20
CA LEU A 752 -37.24 11.71 31.26
C LEU A 752 -36.91 13.09 30.70
N GLN A 753 -36.26 13.13 29.53
CA GLN A 753 -35.95 14.40 28.89
C GLN A 753 -37.16 15.04 28.21
N GLU A 754 -38.25 14.29 28.06
CA GLU A 754 -39.47 14.87 27.48
C GLU A 754 -40.07 15.91 28.41
N GLU A 755 -40.10 15.65 29.72
CA GLU A 755 -40.61 16.61 30.69
C GLU A 755 -39.53 17.50 31.27
N GLY A 756 -38.28 17.34 30.84
CA GLY A 756 -37.18 18.09 31.44
C GLY A 756 -36.91 17.70 32.89
N LYS A 757 -36.92 16.40 33.18
CA LYS A 757 -36.74 15.92 34.55
C LYS A 757 -35.31 16.14 35.03
N LEU A 758 -34.35 16.15 34.12
CA LEU A 758 -32.93 16.20 34.49
C LEU A 758 -32.53 17.55 35.05
N HIS A 759 -33.14 18.63 34.57
CA HIS A 759 -32.70 19.98 34.87
C HIS A 759 -32.95 20.36 36.33
N MET A 760 -34.04 19.83 36.93
CA MET A 760 -34.38 20.24 38.28
C MET A 760 -33.42 19.68 39.32
N MET A 761 -33.06 18.39 39.22
CA MET A 761 -32.04 17.94 40.16
C MET A 761 -30.63 18.27 39.70
N LYS A 762 -30.43 18.67 38.44
CA LYS A 762 -29.16 19.27 38.04
C LYS A 762 -28.95 20.60 38.76
N GLU A 763 -29.98 21.43 38.81
CA GLU A 763 -29.87 22.69 39.55
C GLU A 763 -29.89 22.46 41.05
N LYS A 764 -30.53 21.38 41.50
CA LYS A 764 -30.54 21.09 42.93
C LYS A 764 -29.18 20.62 43.43
N TRP A 765 -28.54 19.71 42.69
CA TRP A 765 -27.26 19.17 43.10
C TRP A 765 -26.08 20.01 42.64
N TRP A 766 -26.30 21.00 41.77
CA TRP A 766 -25.21 21.72 41.15
C TRP A 766 -25.28 23.22 41.38
N ARG A 767 -26.31 23.73 42.04
CA ARG A 767 -26.42 25.13 42.43
C ARG A 767 -26.91 25.17 43.87
N GLY A 768 -25.96 25.20 44.80
CA GLY A 768 -26.28 25.21 46.22
C GLY A 768 -25.37 24.32 47.04
N VAL A 784 -11.11 52.55 39.53
CA VAL A 784 -11.32 53.99 39.59
C VAL A 784 -10.92 54.51 40.97
N GLN A 785 -10.51 53.61 41.86
CA GLN A 785 -10.12 53.99 43.20
C GLN A 785 -8.72 54.57 43.28
N ASN A 786 -7.94 54.49 42.20
CA ASN A 786 -6.63 55.15 42.17
C ASN A 786 -6.75 56.67 42.10
N ILE A 787 -7.88 57.17 41.60
CA ILE A 787 -8.14 58.61 41.53
C ILE A 787 -8.88 59.10 42.76
N GLY A 788 -9.52 58.19 43.52
CA GLY A 788 -10.40 58.57 44.60
C GLY A 788 -9.71 59.15 45.82
N GLY A 789 -8.40 58.99 45.94
CA GLY A 789 -7.68 59.55 47.07
C GLY A 789 -7.55 61.07 47.00
N ILE A 790 -7.49 61.62 45.78
CA ILE A 790 -7.30 63.06 45.63
C ILE A 790 -8.57 63.84 45.96
N PHE A 791 -9.74 63.19 45.93
CA PHE A 791 -10.96 63.83 46.43
C PHE A 791 -10.89 64.02 47.94
N ILE A 792 -10.38 63.02 48.65
CA ILE A 792 -10.16 63.11 50.09
C ILE A 792 -9.07 64.13 50.40
N VAL A 793 -8.06 64.22 49.52
CA VAL A 793 -6.99 65.22 49.67
C VAL A 793 -7.55 66.63 49.53
N LEU A 794 -8.40 66.86 48.53
CA LEU A 794 -9.02 68.18 48.34
C LEU A 794 -9.99 68.51 49.45
N ALA A 795 -10.71 67.51 49.97
CA ALA A 795 -11.61 67.73 51.10
C ALA A 795 -10.85 68.09 52.37
N ALA A 796 -9.70 67.42 52.60
CA ALA A 796 -8.86 67.74 53.74
C ALA A 796 -8.24 69.13 53.61
N GLY A 797 -7.84 69.52 52.40
CA GLY A 797 -7.34 70.86 52.19
C GLY A 797 -8.41 71.92 52.37
N LEU A 798 -9.64 71.63 51.94
CA LEU A 798 -10.75 72.55 52.11
C LEU A 798 -11.12 72.72 53.57
N VAL A 799 -11.13 71.63 54.35
CA VAL A 799 -11.46 71.75 55.77
C VAL A 799 -10.29 72.35 56.55
N LEU A 800 -9.06 72.22 56.05
CA LEU A 800 -7.93 72.92 56.65
C LEU A 800 -8.00 74.42 56.39
N SER A 801 -8.42 74.81 55.18
CA SER A 801 -8.63 76.22 54.88
C SER A 801 -9.78 76.81 55.68
N VAL A 802 -10.83 76.01 55.91
CA VAL A 802 -11.94 76.42 56.77
C VAL A 802 -11.46 76.62 58.21
N PHE A 803 -10.63 75.69 58.71
CA PHE A 803 -10.14 75.78 60.09
C PHE A 803 -9.17 76.94 60.28
N VAL A 804 -8.36 77.26 59.27
CA VAL A 804 -7.42 78.37 59.43
C VAL A 804 -8.11 79.71 59.12
N ALA A 805 -9.23 79.70 58.38
CA ALA A 805 -9.94 80.94 58.10
C ALA A 805 -10.71 81.44 59.31
N VAL A 806 -11.15 80.55 60.18
CA VAL A 806 -11.90 80.93 61.37
C VAL A 806 -11.01 80.86 62.61
N HIS B 1 2.08 -79.77 18.52
CA HIS B 1 0.79 -79.22 18.90
C HIS B 1 0.22 -78.35 17.78
N VAL B 2 -1.11 -78.21 17.77
CA VAL B 2 -1.81 -77.51 16.70
C VAL B 2 -2.71 -76.46 17.31
N LEU B 3 -2.94 -75.39 16.56
CA LEU B 3 -3.81 -74.29 17.01
C LEU B 3 -4.43 -73.62 15.79
N ARG B 4 -5.72 -73.39 15.83
CA ARG B 4 -6.47 -72.87 14.69
C ARG B 4 -6.99 -71.46 14.99
N PHE B 5 -6.83 -70.57 14.02
CA PHE B 5 -7.30 -69.20 14.13
C PHE B 5 -8.54 -69.01 13.27
N GLY B 6 -9.28 -67.95 13.57
CA GLY B 6 -10.47 -67.63 12.81
C GLY B 6 -10.25 -66.45 11.86
N GLY B 7 -10.28 -66.72 10.57
CA GLY B 7 -10.11 -65.68 9.58
C GLY B 7 -11.39 -65.37 8.84
N ILE B 8 -11.85 -64.12 8.94
CA ILE B 8 -13.04 -63.67 8.23
C ILE B 8 -12.60 -62.52 7.33
N PHE B 9 -12.83 -62.65 6.03
CA PHE B 9 -12.35 -61.69 5.05
C PHE B 9 -13.46 -61.37 4.07
N GLU B 10 -13.73 -60.08 3.89
CA GLU B 10 -14.69 -59.63 2.90
C GLU B 10 -14.06 -59.78 1.52
N TYR B 11 -14.40 -60.86 0.83
CA TYR B 11 -13.72 -61.21 -0.40
C TYR B 11 -14.21 -60.38 -1.57
N VAL B 12 -13.42 -60.40 -2.64
CA VAL B 12 -13.78 -59.80 -3.92
C VAL B 12 -13.99 -60.94 -4.91
N GLU B 13 -15.10 -60.87 -5.66
CA GLU B 13 -15.36 -61.86 -6.68
C GLU B 13 -14.33 -61.75 -7.80
N SER B 14 -13.81 -62.90 -8.23
CA SER B 14 -12.78 -63.10 -9.26
C SER B 14 -11.44 -62.46 -8.91
N GLY B 15 -10.43 -62.72 -9.75
CA GLY B 15 -9.08 -62.26 -9.50
C GLY B 15 -8.48 -62.97 -8.29
N PRO B 16 -7.53 -62.32 -7.63
CA PRO B 16 -7.04 -62.82 -6.36
C PRO B 16 -7.97 -62.38 -5.23
N MET B 17 -7.70 -62.89 -4.04
CA MET B 17 -8.44 -62.47 -2.86
C MET B 17 -7.81 -61.19 -2.30
N GLY B 18 -8.34 -60.70 -1.18
CA GLY B 18 -7.87 -59.45 -0.62
C GLY B 18 -6.49 -59.55 -0.02
N ALA B 19 -5.82 -58.40 0.02
CA ALA B 19 -4.42 -58.33 0.46
C ALA B 19 -4.25 -58.66 1.93
N GLU B 20 -5.30 -58.46 2.74
CA GLU B 20 -5.27 -58.90 4.13
C GLU B 20 -5.19 -60.42 4.23
N GLU B 21 -5.87 -61.12 3.33
CA GLU B 21 -5.80 -62.58 3.31
C GLU B 21 -4.42 -63.07 2.86
N LEU B 22 -3.81 -62.37 1.90
CA LEU B 22 -2.44 -62.68 1.48
C LEU B 22 -1.46 -62.46 2.61
N ALA B 23 -1.61 -61.35 3.35
CA ALA B 23 -0.75 -61.07 4.48
C ALA B 23 -0.96 -62.08 5.60
N PHE B 24 -2.21 -62.51 5.81
CA PHE B 24 -2.51 -63.50 6.82
C PHE B 24 -1.89 -64.86 6.51
N ARG B 25 -2.02 -65.31 5.26
CA ARG B 25 -1.45 -66.60 4.87
C ARG B 25 0.07 -66.57 4.84
N PHE B 26 0.65 -65.46 4.36
CA PHE B 26 2.10 -65.30 4.35
C PHE B 26 2.66 -65.22 5.76
N ALA B 27 1.92 -64.59 6.68
CA ALA B 27 2.37 -64.48 8.06
C ALA B 27 2.27 -65.82 8.77
N VAL B 28 1.22 -66.60 8.49
CA VAL B 28 1.09 -67.94 9.06
C VAL B 28 2.21 -68.84 8.55
N ASN B 29 2.57 -68.70 7.27
CA ASN B 29 3.70 -69.45 6.72
C ASN B 29 5.02 -69.03 7.37
N THR B 30 5.21 -67.74 7.65
CA THR B 30 6.44 -67.33 8.29
C THR B 30 6.48 -67.59 9.79
N ILE B 31 5.34 -67.90 10.42
CA ILE B 31 5.37 -68.41 11.79
C ILE B 31 5.58 -69.92 11.78
N ASN B 32 5.02 -70.61 10.79
CA ASN B 32 5.21 -72.06 10.67
C ASN B 32 6.63 -72.43 10.26
N ARG B 33 7.39 -71.50 9.68
CA ARG B 33 8.83 -71.61 9.54
C ARG B 33 9.49 -70.65 10.51
N ASN B 34 10.83 -70.61 10.48
CA ASN B 34 11.67 -69.63 11.19
C ASN B 34 11.42 -69.70 12.71
N ARG B 35 11.89 -70.79 13.30
CA ARG B 35 11.57 -71.11 14.69
C ARG B 35 12.22 -70.18 15.70
N THR B 36 11.82 -68.92 15.70
CA THR B 36 12.14 -67.98 16.77
C THR B 36 11.14 -68.10 17.92
N LEU B 37 9.88 -68.34 17.58
CA LEU B 37 8.83 -68.56 18.55
C LEU B 37 8.05 -69.80 18.17
N LEU B 38 7.25 -70.28 19.12
CA LEU B 38 6.37 -71.45 19.05
C LEU B 38 7.12 -72.71 18.64
N PRO B 39 7.97 -73.28 19.51
CA PRO B 39 8.71 -74.47 19.11
C PRO B 39 7.85 -75.73 19.08
N ASN B 40 7.01 -75.94 20.09
CA ASN B 40 6.26 -77.17 20.21
C ASN B 40 4.89 -77.11 19.55
N THR B 41 4.46 -75.94 19.07
CA THR B 41 3.11 -75.75 18.55
C THR B 41 3.17 -75.13 17.17
N THR B 42 2.46 -75.74 16.23
CA THR B 42 2.25 -75.16 14.91
C THR B 42 0.86 -74.52 14.85
N LEU B 43 0.69 -73.62 13.88
CA LEU B 43 -0.54 -72.85 13.74
C LEU B 43 -1.21 -73.18 12.41
N THR B 44 -2.49 -73.49 12.46
CA THR B 44 -3.33 -73.61 11.28
C THR B 44 -4.41 -72.53 11.33
N TYR B 45 -5.27 -72.52 10.33
CA TYR B 45 -6.26 -71.45 10.21
C TYR B 45 -7.45 -71.97 9.41
N ASP B 46 -8.44 -71.10 9.25
CA ASP B 46 -9.62 -71.39 8.44
C ASP B 46 -10.19 -70.05 7.98
N THR B 47 -10.12 -69.79 6.68
CA THR B 47 -10.57 -68.52 6.13
C THR B 47 -11.94 -68.67 5.50
N GLN B 48 -12.82 -67.70 5.76
CA GLN B 48 -14.14 -67.65 5.17
C GLN B 48 -14.26 -66.40 4.31
N LYS B 49 -15.10 -66.49 3.29
CA LYS B 49 -15.36 -65.38 2.37
C LYS B 49 -16.80 -64.94 2.58
N ILE B 50 -16.98 -63.76 3.16
CA ILE B 50 -18.30 -63.25 3.48
C ILE B 50 -18.67 -62.15 2.49
N ASN B 51 -19.94 -61.78 2.50
CA ASN B 51 -20.44 -60.73 1.62
C ASN B 51 -19.93 -59.37 2.06
N LEU B 52 -19.74 -58.49 1.07
CA LEU B 52 -19.33 -57.13 1.35
C LEU B 52 -20.49 -56.34 1.94
N TYR B 53 -20.23 -55.70 3.09
CA TYR B 53 -21.20 -54.90 3.86
C TYR B 53 -22.43 -55.74 4.26
N ASP B 54 -22.17 -56.75 5.09
CA ASP B 54 -23.24 -57.56 5.66
C ASP B 54 -22.77 -58.08 7.01
N SER B 55 -23.71 -58.23 7.95
CA SER B 55 -23.38 -58.70 9.28
C SER B 55 -24.03 -60.02 9.65
N PHE B 56 -25.17 -60.37 9.05
CA PHE B 56 -25.78 -61.66 9.31
C PHE B 56 -24.94 -62.80 8.75
N GLU B 57 -24.37 -62.60 7.57
CA GLU B 57 -23.45 -63.57 6.99
C GLU B 57 -22.17 -63.67 7.82
N ALA B 58 -21.73 -62.54 8.37
CA ALA B 58 -20.60 -62.53 9.29
C ALA B 58 -20.90 -63.30 10.56
N SER B 59 -22.13 -63.16 11.08
CA SER B 59 -22.54 -63.91 12.27
C SER B 59 -22.62 -65.40 11.99
N LYS B 60 -23.13 -65.76 10.80
CA LYS B 60 -23.21 -67.18 10.42
C LYS B 60 -21.83 -67.78 10.25
N LYS B 61 -20.90 -67.07 9.62
CA LYS B 61 -19.55 -67.59 9.46
C LYS B 61 -18.80 -67.63 10.78
N ALA B 62 -19.07 -66.68 11.69
CA ALA B 62 -18.46 -66.71 13.01
C ALA B 62 -18.97 -67.88 13.83
N CYS B 63 -20.27 -68.19 13.73
CA CYS B 63 -20.79 -69.36 14.41
C CYS B 63 -20.29 -70.67 13.79
N ASP B 64 -20.08 -70.69 12.48
CA ASP B 64 -19.49 -71.86 11.84
C ASP B 64 -18.05 -72.07 12.29
N GLN B 65 -17.30 -70.97 12.43
CA GLN B 65 -15.92 -71.06 12.90
C GLN B 65 -15.84 -71.44 14.37
N LEU B 66 -16.80 -70.97 15.17
CA LEU B 66 -16.81 -71.31 16.59
C LEU B 66 -17.27 -72.73 16.84
N SER B 67 -18.22 -73.23 16.04
CA SER B 67 -18.56 -74.65 16.10
C SER B 67 -17.43 -75.51 15.58
N LEU B 68 -16.67 -75.01 14.61
CA LEU B 68 -15.42 -75.66 14.22
C LEU B 68 -14.40 -75.57 15.33
N GLY B 69 -14.36 -74.45 16.04
CA GLY B 69 -13.40 -74.26 17.11
C GLY B 69 -12.17 -73.50 16.66
N VAL B 70 -12.02 -72.28 17.14
CA VAL B 70 -10.87 -71.43 16.82
C VAL B 70 -10.30 -70.87 18.11
N ALA B 71 -9.11 -70.28 17.99
CA ALA B 71 -8.47 -69.65 19.13
C ALA B 71 -8.84 -68.17 19.24
N ALA B 72 -8.84 -67.45 18.13
CA ALA B 72 -9.22 -66.04 18.12
C ALA B 72 -9.68 -65.67 16.72
N ILE B 73 -10.84 -65.04 16.62
CA ILE B 73 -11.37 -64.62 15.32
C ILE B 73 -10.71 -63.31 14.92
N PHE B 74 -10.12 -63.29 13.72
CA PHE B 74 -9.58 -62.06 13.14
C PHE B 74 -10.70 -61.43 12.33
N GLY B 75 -11.23 -60.31 12.82
CA GLY B 75 -12.47 -59.77 12.33
C GLY B 75 -12.33 -59.07 11.00
N PRO B 76 -13.49 -58.68 10.44
CA PRO B 76 -13.48 -58.00 9.13
C PRO B 76 -13.19 -56.51 9.25
N SER B 77 -13.28 -55.80 8.13
CA SER B 77 -12.95 -54.38 8.09
C SER B 77 -14.16 -53.46 8.18
N HIS B 78 -15.33 -53.91 7.73
CA HIS B 78 -16.52 -53.08 7.80
C HIS B 78 -17.02 -52.96 9.22
N SER B 79 -17.66 -51.83 9.53
CA SER B 79 -17.95 -51.46 10.91
C SER B 79 -19.07 -52.31 11.52
N SER B 80 -20.16 -52.51 10.78
CA SER B 80 -21.32 -53.23 11.31
C SER B 80 -21.02 -54.72 11.48
N SER B 81 -20.30 -55.30 10.52
CA SER B 81 -19.87 -56.68 10.63
C SER B 81 -18.91 -56.88 11.78
N ALA B 82 -18.01 -55.92 11.99
CA ALA B 82 -17.10 -55.98 13.14
C ALA B 82 -17.85 -55.84 14.45
N ASN B 83 -18.92 -55.04 14.47
CA ASN B 83 -19.77 -54.94 15.65
C ASN B 83 -20.46 -56.26 15.96
N ALA B 84 -20.97 -56.94 14.93
CA ALA B 84 -21.63 -58.22 15.14
C ALA B 84 -20.65 -59.30 15.60
N VAL B 85 -19.46 -59.35 14.98
CA VAL B 85 -18.45 -60.33 15.37
C VAL B 85 -17.92 -60.04 16.77
N GLN B 86 -17.81 -58.74 17.11
CA GLN B 86 -17.44 -58.34 18.46
C GLN B 86 -18.47 -58.77 19.48
N SER B 87 -19.76 -58.69 19.13
CA SER B 87 -20.83 -59.10 20.04
C SER B 87 -20.80 -60.61 20.27
N ILE B 88 -20.65 -61.41 19.21
CA ILE B 88 -20.70 -62.86 19.39
C ILE B 88 -19.45 -63.37 20.10
N CYS B 89 -18.28 -62.79 19.81
CA CYS B 89 -17.09 -63.25 20.51
C CYS B 89 -17.02 -62.73 21.94
N ASN B 90 -17.68 -61.60 22.23
CA ASN B 90 -17.81 -61.16 23.61
C ASN B 90 -18.71 -62.09 24.39
N ALA B 91 -19.82 -62.54 23.78
CA ALA B 91 -20.72 -63.44 24.47
C ALA B 91 -20.11 -64.83 24.65
N LEU B 92 -19.22 -65.24 23.76
CA LEU B 92 -18.52 -66.52 23.92
C LEU B 92 -17.14 -66.38 24.53
N GLY B 93 -16.67 -65.16 24.79
CA GLY B 93 -15.42 -64.99 25.49
C GLY B 93 -14.16 -65.22 24.67
N VAL B 94 -14.29 -65.44 23.38
CA VAL B 94 -13.14 -65.66 22.51
C VAL B 94 -12.49 -64.31 22.23
N PRO B 95 -11.17 -64.20 22.29
CA PRO B 95 -10.51 -62.93 21.97
C PRO B 95 -10.67 -62.54 20.51
N HIS B 96 -10.73 -61.24 20.29
CA HIS B 96 -10.99 -60.66 18.97
C HIS B 96 -9.90 -59.67 18.62
N ILE B 97 -9.50 -59.66 17.35
CA ILE B 97 -8.50 -58.73 16.84
C ILE B 97 -9.15 -57.92 15.72
N GLN B 98 -8.97 -56.60 15.77
CA GLN B 98 -9.41 -55.71 14.72
C GLN B 98 -8.19 -55.11 14.04
N THR B 99 -8.09 -55.29 12.72
CA THR B 99 -7.07 -54.62 11.94
C THR B 99 -7.56 -53.32 11.34
N ARG B 100 -8.84 -52.99 11.51
CA ARG B 100 -9.45 -51.81 10.93
C ARG B 100 -10.10 -50.99 12.04
N TRP B 101 -10.03 -49.68 11.90
CA TRP B 101 -10.72 -48.80 12.84
C TRP B 101 -12.22 -48.92 12.66
N LYS B 102 -12.94 -48.88 13.77
CA LYS B 102 -14.38 -48.88 13.80
C LYS B 102 -14.86 -47.77 14.71
N HIS B 103 -16.11 -47.38 14.54
CA HIS B 103 -16.71 -46.37 15.40
C HIS B 103 -16.99 -47.00 16.75
N GLN B 104 -16.28 -46.55 17.78
CA GLN B 104 -16.45 -47.11 19.12
C GLN B 104 -17.68 -46.49 19.76
N VAL B 105 -18.64 -47.34 20.12
CA VAL B 105 -19.77 -46.88 20.92
C VAL B 105 -19.29 -46.61 22.33
N SER B 106 -19.64 -45.44 22.86
CA SER B 106 -19.02 -44.95 24.09
C SER B 106 -19.48 -45.74 25.32
N ASP B 107 -20.74 -46.13 25.36
CA ASP B 107 -21.29 -46.84 26.51
C ASP B 107 -21.41 -48.34 26.29
N ASN B 108 -20.76 -48.88 25.26
CA ASN B 108 -20.64 -50.31 25.11
C ASN B 108 -19.75 -50.88 26.22
N LYS B 109 -20.11 -52.06 26.71
CA LYS B 109 -19.45 -52.62 27.89
C LYS B 109 -18.68 -53.88 27.55
N ASP B 110 -17.95 -53.87 26.44
CA ASP B 110 -17.18 -55.01 25.99
C ASP B 110 -15.73 -54.89 26.45
N SER B 111 -15.11 -56.04 26.72
CA SER B 111 -13.71 -56.08 27.09
C SER B 111 -12.96 -57.25 26.45
N PHE B 112 -13.51 -57.86 25.42
CA PHE B 112 -12.92 -59.04 24.78
C PHE B 112 -12.48 -58.75 23.35
N TYR B 113 -11.85 -57.60 23.15
CA TYR B 113 -11.42 -57.19 21.82
C TYR B 113 -10.26 -56.21 21.94
N VAL B 114 -9.39 -56.22 20.94
CA VAL B 114 -8.37 -55.21 20.78
C VAL B 114 -8.36 -54.79 19.32
N SER B 115 -7.80 -53.60 19.07
CA SER B 115 -7.68 -53.06 17.72
C SER B 115 -6.31 -52.44 17.59
N LEU B 116 -5.48 -52.99 16.72
CA LEU B 116 -4.11 -52.49 16.60
C LEU B 116 -4.01 -51.26 15.71
N TYR B 117 -5.09 -50.86 15.07
CA TYR B 117 -5.08 -49.62 14.29
C TYR B 117 -4.88 -48.43 15.23
N PRO B 118 -4.10 -47.43 14.83
CA PRO B 118 -3.86 -46.27 15.69
C PRO B 118 -5.14 -45.46 15.90
N ASP B 119 -5.28 -44.93 17.11
CA ASP B 119 -6.49 -44.20 17.46
C ASP B 119 -6.48 -42.83 16.78
N PHE B 120 -7.66 -42.42 16.30
CA PHE B 120 -7.78 -41.12 15.66
C PHE B 120 -7.86 -39.96 16.64
N SER B 121 -7.96 -40.21 17.95
CA SER B 121 -7.73 -39.14 18.91
C SER B 121 -6.26 -38.75 18.92
N SER B 122 -5.37 -39.74 18.99
CA SER B 122 -3.94 -39.46 18.96
C SER B 122 -3.50 -39.01 17.58
N LEU B 123 -4.11 -39.56 16.53
CA LEU B 123 -3.84 -39.09 15.17
C LEU B 123 -4.32 -37.66 14.97
N SER B 124 -5.47 -37.32 15.55
CA SER B 124 -6.00 -35.97 15.42
C SER B 124 -5.16 -34.96 16.18
N ARG B 125 -4.66 -35.35 17.35
CA ARG B 125 -3.75 -34.44 18.06
C ARG B 125 -2.38 -34.39 17.40
N ALA B 126 -1.98 -35.43 16.65
CA ALA B 126 -0.78 -35.33 15.84
C ALA B 126 -0.95 -34.35 14.70
N ILE B 127 -2.12 -34.37 14.05
CA ILE B 127 -2.45 -33.40 13.01
C ILE B 127 -2.52 -31.99 13.60
N LEU B 128 -3.04 -31.89 14.82
CA LEU B 128 -3.10 -30.60 15.52
C LEU B 128 -1.72 -30.07 15.86
N ASP B 129 -0.80 -30.96 16.26
CA ASP B 129 0.57 -30.54 16.52
C ASP B 129 1.27 -30.11 15.24
N LEU B 130 0.99 -30.80 14.13
CA LEU B 130 1.59 -30.44 12.85
C LEU B 130 1.05 -29.11 12.32
N VAL B 131 -0.24 -28.86 12.50
CA VAL B 131 -0.80 -27.60 12.02
C VAL B 131 -0.43 -26.46 12.98
N GLN B 132 -0.14 -26.77 14.23
CA GLN B 132 0.38 -25.74 15.13
C GLN B 132 1.83 -25.43 14.82
N PHE B 133 2.59 -26.42 14.34
CA PHE B 133 3.98 -26.17 13.95
C PHE B 133 4.07 -25.31 12.70
N PHE B 134 3.15 -25.50 11.76
CA PHE B 134 3.22 -24.77 10.50
C PHE B 134 2.65 -23.36 10.60
N LYS B 135 2.06 -22.99 11.75
CA LYS B 135 1.54 -21.66 12.05
C LYS B 135 0.47 -21.21 11.05
N TRP B 136 -0.61 -22.00 11.01
CA TRP B 136 -1.71 -21.71 10.10
C TRP B 136 -2.87 -21.09 10.87
N LYS B 137 -3.61 -20.23 10.19
CA LYS B 137 -4.80 -19.61 10.76
C LYS B 137 -6.07 -20.23 10.18
N THR B 138 -6.22 -20.23 8.87
CA THR B 138 -7.41 -20.75 8.21
C THR B 138 -7.05 -22.06 7.52
N VAL B 139 -7.76 -23.13 7.86
CA VAL B 139 -7.54 -24.42 7.23
C VAL B 139 -8.90 -24.96 6.78
N THR B 140 -8.88 -25.76 5.72
CA THR B 140 -10.07 -26.41 5.19
C THR B 140 -9.88 -27.92 5.27
N VAL B 141 -10.80 -28.58 5.95
CA VAL B 141 -10.77 -30.03 6.13
C VAL B 141 -11.79 -30.65 5.19
N VAL B 142 -11.33 -31.53 4.32
CA VAL B 142 -12.18 -32.17 3.32
C VAL B 142 -12.21 -33.66 3.63
N TYR B 143 -13.41 -34.18 3.87
CA TYR B 143 -13.59 -35.60 4.12
C TYR B 143 -14.44 -36.21 3.01
N ASP B 144 -14.65 -37.53 3.10
CA ASP B 144 -15.37 -38.28 2.08
C ASP B 144 -16.70 -38.82 2.58
N ASP B 145 -16.71 -39.53 3.70
CA ASP B 145 -17.93 -40.07 4.28
C ASP B 145 -18.04 -39.58 5.71
N SER B 146 -19.26 -39.63 6.25
CA SER B 146 -19.61 -38.92 7.47
C SER B 146 -18.90 -39.44 8.69
N THR B 147 -18.52 -40.74 8.69
CA THR B 147 -17.83 -41.34 9.82
C THR B 147 -16.43 -40.76 10.03
N GLY B 148 -15.84 -40.15 9.00
CA GLY B 148 -14.61 -39.40 9.16
C GLY B 148 -14.73 -38.20 10.07
N LEU B 149 -15.95 -37.65 10.22
CA LEU B 149 -16.19 -36.62 11.22
C LEU B 149 -16.02 -37.17 12.64
N ILE B 150 -16.26 -38.46 12.84
CA ILE B 150 -15.88 -39.10 14.09
C ILE B 150 -14.36 -39.17 14.21
N ARG B 151 -13.69 -39.41 13.09
CA ARG B 151 -12.24 -39.61 13.12
C ARG B 151 -11.46 -38.31 13.24
N LEU B 152 -12.11 -37.17 13.04
CA LEU B 152 -11.45 -35.89 13.17
C LEU B 152 -12.15 -35.04 14.23
N GLN B 153 -12.47 -35.67 15.36
CA GLN B 153 -13.23 -35.00 16.41
C GLN B 153 -12.41 -33.92 17.11
N GLU B 154 -11.12 -34.20 17.35
CA GLU B 154 -10.28 -33.22 18.03
C GLU B 154 -9.93 -32.05 17.11
N LEU B 155 -9.87 -32.28 15.81
CA LEU B 155 -9.67 -31.18 14.87
C LEU B 155 -10.86 -30.24 14.84
N ILE B 156 -12.07 -30.79 14.98
CA ILE B 156 -13.26 -29.96 15.06
C ILE B 156 -13.32 -29.22 16.39
N LYS B 157 -12.91 -29.89 17.47
CA LYS B 157 -12.96 -29.25 18.78
C LYS B 157 -11.81 -28.26 19.01
N ALA B 158 -10.75 -28.32 18.21
CA ALA B 158 -9.59 -27.45 18.35
C ALA B 158 -9.77 -25.94 18.12
N PRO B 159 -10.73 -25.44 17.33
CA PRO B 159 -11.02 -23.99 17.39
C PRO B 159 -11.52 -23.47 18.73
N SER B 160 -12.02 -24.33 19.62
CA SER B 160 -12.40 -23.87 20.95
C SER B 160 -11.22 -23.54 21.85
N ARG B 161 -10.00 -23.94 21.48
CA ARG B 161 -8.82 -23.67 22.29
C ARG B 161 -7.86 -22.67 21.67
N TYR B 162 -7.76 -22.60 20.35
CA TYR B 162 -6.83 -21.70 19.70
C TYR B 162 -7.59 -20.72 18.81
N ASN B 163 -6.83 -19.91 18.06
CA ASN B 163 -7.37 -18.92 17.15
C ASN B 163 -7.44 -19.44 15.72
N LEU B 164 -7.70 -20.73 15.55
CA LEU B 164 -7.58 -21.40 14.26
C LEU B 164 -8.93 -21.36 13.54
N ARG B 165 -8.98 -20.63 12.43
CA ARG B 165 -10.17 -20.65 11.59
C ARG B 165 -10.23 -21.96 10.81
N LEU B 166 -11.43 -22.52 10.70
CA LEU B 166 -11.57 -23.85 10.13
C LEU B 166 -12.87 -23.96 9.35
N LYS B 167 -12.76 -24.41 8.10
CA LYS B 167 -13.91 -24.72 7.27
C LYS B 167 -13.88 -26.20 6.94
N ILE B 168 -15.05 -26.79 6.69
CA ILE B 168 -15.18 -28.23 6.48
C ILE B 168 -16.03 -28.49 5.25
N ARG B 169 -15.53 -29.33 4.35
CA ARG B 169 -16.26 -29.75 3.16
C ARG B 169 -16.24 -31.26 3.02
N GLN B 170 -17.25 -31.77 2.31
CA GLN B 170 -17.46 -33.20 2.14
C GLN B 170 -17.37 -33.55 0.66
N LEU B 171 -16.54 -34.54 0.34
CA LEU B 171 -16.45 -35.02 -1.03
C LEU B 171 -17.74 -35.71 -1.45
N PRO B 172 -18.15 -35.60 -2.70
CA PRO B 172 -19.40 -36.24 -3.15
C PRO B 172 -19.24 -37.74 -3.28
N ALA B 173 -20.37 -38.40 -3.54
CA ALA B 173 -20.40 -39.85 -3.72
C ALA B 173 -19.65 -40.27 -4.98
N ASP B 174 -19.80 -39.51 -6.06
CA ASP B 174 -19.05 -39.76 -7.28
C ASP B 174 -17.61 -39.31 -7.08
N THR B 175 -16.66 -40.20 -7.34
CA THR B 175 -15.26 -39.91 -7.09
C THR B 175 -14.65 -38.96 -8.12
N LYS B 176 -15.27 -38.83 -9.30
CA LYS B 176 -14.75 -37.97 -10.35
C LYS B 176 -15.41 -36.60 -10.39
N ASP B 177 -16.33 -36.32 -9.47
CA ASP B 177 -17.04 -35.06 -9.45
C ASP B 177 -16.47 -34.06 -8.45
N ALA B 178 -15.16 -34.11 -8.23
CA ALA B 178 -14.53 -33.15 -7.32
C ALA B 178 -14.31 -31.79 -7.96
N LYS B 179 -14.47 -31.70 -9.28
CA LYS B 179 -14.26 -30.42 -9.98
C LYS B 179 -15.19 -29.28 -9.54
N PRO B 180 -16.49 -29.48 -9.25
CA PRO B 180 -17.21 -28.38 -8.56
C PRO B 180 -16.65 -28.05 -7.19
N LEU B 181 -16.22 -29.07 -6.44
CA LEU B 181 -15.69 -28.84 -5.10
C LEU B 181 -14.35 -28.13 -5.15
N LEU B 182 -13.46 -28.56 -6.05
CA LEU B 182 -12.18 -27.89 -6.19
C LEU B 182 -12.34 -26.52 -6.83
N LYS B 183 -13.36 -26.34 -7.67
CA LYS B 183 -13.68 -25.01 -8.20
C LYS B 183 -14.12 -24.07 -7.07
N GLU B 184 -14.95 -24.58 -6.16
CA GLU B 184 -15.38 -23.76 -5.02
C GLU B 184 -14.23 -23.46 -4.08
N MET B 185 -13.29 -24.40 -3.92
CA MET B 185 -12.15 -24.15 -3.05
C MET B 185 -11.17 -23.17 -3.70
N LYS B 186 -11.07 -23.20 -5.03
CA LYS B 186 -10.26 -22.21 -5.73
C LYS B 186 -10.91 -20.83 -5.68
N ARG B 187 -12.24 -20.77 -5.72
CA ARG B 187 -12.95 -19.50 -5.59
C ARG B 187 -12.82 -18.94 -4.18
N GLY B 188 -12.82 -19.81 -3.16
CA GLY B 188 -12.68 -19.36 -1.79
C GLY B 188 -11.28 -18.94 -1.43
N LYS B 189 -10.29 -19.34 -2.23
CA LYS B 189 -8.87 -18.97 -2.10
C LYS B 189 -8.29 -19.40 -0.75
N GLU B 190 -8.35 -20.71 -0.51
CA GLU B 190 -7.68 -21.31 0.64
C GLU B 190 -6.53 -22.18 0.14
N PHE B 191 -5.44 -22.18 0.90
CA PHE B 191 -4.20 -22.82 0.48
C PHE B 191 -3.70 -23.77 1.55
N HIS B 192 -4.61 -24.27 2.40
CA HIS B 192 -4.25 -25.09 3.55
C HIS B 192 -5.33 -26.15 3.69
N VAL B 193 -5.05 -27.34 3.16
CA VAL B 193 -6.06 -28.37 2.96
C VAL B 193 -5.64 -29.60 3.77
N ILE B 194 -6.58 -30.16 4.52
CA ILE B 194 -6.39 -31.44 5.20
C ILE B 194 -7.37 -32.43 4.59
N PHE B 195 -6.85 -33.42 3.90
CA PHE B 195 -7.67 -34.45 3.27
C PHE B 195 -7.80 -35.66 4.18
N ASP B 196 -9.01 -36.21 4.27
CA ASP B 196 -9.27 -37.41 5.06
C ASP B 196 -10.00 -38.42 4.18
N CYS B 197 -9.25 -39.33 3.57
CA CYS B 197 -9.81 -40.35 2.70
C CYS B 197 -8.81 -41.50 2.61
N SER B 198 -9.18 -42.51 1.82
CA SER B 198 -8.27 -43.60 1.53
C SER B 198 -7.21 -43.15 0.52
N HIS B 199 -6.19 -43.99 0.34
CA HIS B 199 -5.08 -43.64 -0.54
C HIS B 199 -5.50 -43.66 -2.01
N GLU B 200 -6.41 -44.56 -2.39
CA GLU B 200 -6.94 -44.57 -3.75
C GLU B 200 -7.77 -43.31 -4.02
N MET B 201 -8.60 -42.93 -3.05
CA MET B 201 -9.36 -41.69 -3.15
C MET B 201 -8.45 -40.48 -3.17
N ALA B 202 -7.37 -40.52 -2.40
CA ALA B 202 -6.41 -39.41 -2.39
C ALA B 202 -5.67 -39.31 -3.71
N ALA B 203 -5.37 -40.45 -4.35
CA ALA B 203 -4.73 -40.43 -5.66
C ALA B 203 -5.66 -39.87 -6.73
N GLY B 204 -6.94 -40.25 -6.67
CA GLY B 204 -7.91 -39.69 -7.60
C GLY B 204 -8.13 -38.20 -7.40
N ILE B 205 -8.17 -37.76 -6.14
CA ILE B 205 -8.31 -36.34 -5.82
C ILE B 205 -7.10 -35.55 -6.30
N LEU B 206 -5.90 -36.11 -6.10
CA LEU B 206 -4.67 -35.43 -6.52
C LEU B 206 -4.57 -35.34 -8.04
N LYS B 207 -5.00 -36.38 -8.75
CA LYS B 207 -4.98 -36.33 -10.21
C LYS B 207 -6.01 -35.33 -10.75
N GLN B 208 -7.19 -35.29 -10.14
CA GLN B 208 -8.19 -34.33 -10.58
C GLN B 208 -7.84 -32.90 -10.19
N ALA B 209 -7.04 -32.74 -9.13
CA ALA B 209 -6.54 -31.42 -8.79
C ALA B 209 -5.40 -30.99 -9.70
N LEU B 210 -4.63 -31.96 -10.20
CA LEU B 210 -3.65 -31.65 -11.23
C LEU B 210 -4.34 -31.24 -12.53
N ALA B 211 -5.45 -31.90 -12.86
CA ALA B 211 -6.24 -31.47 -14.01
C ALA B 211 -6.91 -30.13 -13.75
N MET B 212 -7.20 -29.81 -12.48
CA MET B 212 -7.69 -28.50 -12.10
C MET B 212 -6.60 -27.44 -12.13
N GLY B 213 -5.33 -27.86 -12.17
CA GLY B 213 -4.24 -26.91 -12.10
C GLY B 213 -4.15 -26.25 -10.74
N MET B 214 -4.41 -27.01 -9.68
CA MET B 214 -4.50 -26.44 -8.35
C MET B 214 -3.12 -26.22 -7.75
N MET B 215 -2.34 -27.30 -7.62
CA MET B 215 -1.16 -27.28 -6.76
C MET B 215 -0.02 -26.46 -7.35
N THR B 216 0.59 -25.65 -6.50
CA THR B 216 1.62 -24.67 -6.82
C THR B 216 2.58 -24.61 -5.64
N GLU B 217 3.35 -23.52 -5.57
CA GLU B 217 4.06 -23.21 -4.34
C GLU B 217 3.12 -22.74 -3.25
N TYR B 218 1.94 -22.21 -3.61
CA TYR B 218 1.05 -21.62 -2.62
C TYR B 218 0.33 -22.70 -1.80
N TYR B 219 -0.08 -23.77 -2.43
CA TYR B 219 -0.97 -24.73 -1.78
C TYR B 219 -0.19 -25.66 -0.87
N HIS B 220 -0.93 -26.31 0.04
CA HIS B 220 -0.33 -27.20 1.01
C HIS B 220 -1.38 -28.22 1.45
N TYR B 221 -1.02 -29.50 1.37
CA TYR B 221 -1.93 -30.59 1.65
C TYR B 221 -1.39 -31.45 2.76
N ILE B 222 -2.24 -31.81 3.70
CA ILE B 222 -1.92 -32.74 4.77
C ILE B 222 -2.89 -33.91 4.68
N PHE B 223 -2.35 -35.12 4.56
CA PHE B 223 -3.15 -36.31 4.39
C PHE B 223 -3.19 -37.11 5.69
N THR B 224 -4.39 -37.45 6.14
CA THR B 224 -4.54 -38.23 7.36
C THR B 224 -4.29 -39.72 7.16
N THR B 225 -4.24 -40.18 5.92
CA THR B 225 -4.00 -41.59 5.66
C THR B 225 -2.53 -41.93 5.93
N LEU B 226 -2.29 -43.20 6.24
CA LEU B 226 -0.96 -43.70 6.54
C LEU B 226 -0.34 -44.42 5.35
N ASP B 227 -0.91 -44.27 4.16
CA ASP B 227 -0.43 -44.98 2.99
C ASP B 227 0.10 -44.01 1.95
N LEU B 228 0.91 -43.04 2.39
CA LEU B 228 1.38 -42.00 1.48
C LEU B 228 2.45 -42.52 0.53
N PHE B 229 3.16 -43.58 0.90
CA PHE B 229 4.11 -44.17 -0.03
C PHE B 229 3.45 -44.98 -1.14
N ALA B 230 2.16 -45.28 -1.02
CA ALA B 230 1.47 -45.97 -2.11
C ALA B 230 1.28 -45.07 -3.32
N LEU B 231 1.21 -43.76 -3.10
CA LEU B 231 1.09 -42.83 -4.20
C LEU B 231 2.43 -42.68 -4.93
N ASP B 232 2.35 -42.26 -6.18
CA ASP B 232 3.52 -41.89 -6.95
C ASP B 232 3.62 -40.38 -7.03
N VAL B 233 4.80 -39.86 -6.72
CA VAL B 233 5.03 -38.43 -6.73
C VAL B 233 5.68 -37.96 -8.02
N GLU B 234 5.71 -38.80 -9.05
CA GLU B 234 6.31 -38.43 -10.33
C GLU B 234 5.63 -37.27 -11.06
N PRO B 235 4.30 -37.14 -11.16
CA PRO B 235 3.77 -35.91 -11.76
C PRO B 235 3.61 -34.74 -10.79
N TYR B 236 4.16 -34.82 -9.58
CA TYR B 236 4.01 -33.74 -8.62
C TYR B 236 5.31 -33.30 -7.97
N ARG B 237 6.45 -33.90 -8.33
CA ARG B 237 7.69 -33.62 -7.62
C ARG B 237 8.27 -32.27 -7.97
N TYR B 238 8.19 -31.87 -9.22
CA TYR B 238 8.86 -30.66 -9.70
C TYR B 238 7.97 -29.43 -9.65
N SER B 239 6.76 -29.54 -9.14
CA SER B 239 5.82 -28.43 -9.12
C SER B 239 5.91 -27.61 -7.84
N GLY B 240 6.84 -27.93 -6.95
CA GLY B 240 7.05 -27.16 -5.72
C GLY B 240 5.91 -27.22 -4.73
N VAL B 241 5.36 -28.41 -4.49
CA VAL B 241 4.18 -28.58 -3.66
C VAL B 241 4.63 -29.24 -2.36
N ASN B 242 3.96 -28.90 -1.27
CA ASN B 242 4.34 -29.37 0.07
C ASN B 242 3.35 -30.33 0.69
N MET B 243 3.00 -31.38 -0.07
CA MET B 243 2.25 -32.50 0.50
C MET B 243 3.00 -33.10 1.67
N THR B 244 2.27 -33.35 2.75
CA THR B 244 2.82 -33.79 4.02
C THR B 244 1.91 -34.86 4.58
N GLY B 245 2.50 -35.94 5.11
CA GLY B 245 1.71 -37.01 5.65
C GLY B 245 2.41 -37.69 6.80
N PHE B 246 1.77 -38.73 7.32
CA PHE B 246 2.31 -39.50 8.42
C PHE B 246 2.59 -40.93 7.97
N ARG B 247 3.56 -41.55 8.60
CA ARG B 247 3.90 -42.93 8.31
C ARG B 247 4.08 -43.69 9.61
N ILE B 248 3.81 -45.00 9.53
CA ILE B 248 4.03 -45.88 10.67
C ILE B 248 4.89 -47.09 10.31
N LEU B 249 4.98 -47.48 9.04
CA LEU B 249 5.82 -48.59 8.61
C LEU B 249 7.25 -48.10 8.54
N ASN B 250 8.06 -48.48 9.53
CA ASN B 250 9.45 -48.03 9.61
C ASN B 250 10.29 -48.78 8.59
N THR B 251 10.31 -48.26 7.36
CA THR B 251 11.08 -48.87 6.28
C THR B 251 12.59 -48.67 6.42
N GLU B 252 13.03 -47.85 7.38
CA GLU B 252 14.45 -47.70 7.65
C GLU B 252 15.06 -48.97 8.23
N ASN B 253 14.25 -49.78 8.92
CA ASN B 253 14.73 -51.06 9.44
C ASN B 253 14.95 -52.06 8.31
N THR B 254 15.99 -52.87 8.46
CA THR B 254 16.41 -53.79 7.40
C THR B 254 15.46 -54.98 7.28
N GLN B 255 15.02 -55.54 8.41
CA GLN B 255 14.13 -56.69 8.38
C GLN B 255 12.74 -56.29 7.89
N VAL B 256 12.35 -55.03 8.09
CA VAL B 256 11.11 -54.52 7.51
C VAL B 256 11.18 -54.54 5.99
N SER B 257 12.31 -54.09 5.42
CA SER B 257 12.50 -54.16 3.98
C SER B 257 12.65 -55.60 3.49
N SER B 258 13.14 -56.49 4.35
CA SER B 258 13.13 -57.92 4.03
C SER B 258 11.71 -58.46 3.91
N ILE B 259 10.81 -58.01 4.78
CA ILE B 259 9.39 -58.35 4.67
C ILE B 259 8.79 -57.73 3.40
N ILE B 260 9.24 -56.52 3.03
CA ILE B 260 8.79 -55.85 1.81
C ILE B 260 9.14 -56.68 0.57
N GLU B 261 10.39 -57.11 0.46
CA GLU B 261 10.76 -57.94 -0.68
C GLU B 261 10.21 -59.35 -0.58
N LYS B 262 9.89 -59.84 0.62
CA LYS B 262 9.24 -61.13 0.75
C LYS B 262 7.77 -61.07 0.37
N TRP B 263 7.15 -59.88 0.40
CA TRP B 263 5.78 -59.71 -0.04
C TRP B 263 5.68 -59.16 -1.46
N SER B 264 6.81 -58.75 -2.04
CA SER B 264 6.81 -58.14 -3.37
C SER B 264 6.36 -59.10 -4.47
N MET B 265 6.77 -60.37 -4.39
CA MET B 265 6.37 -61.32 -5.42
C MET B 265 4.89 -61.68 -5.33
N GLU B 266 4.34 -61.72 -4.12
CA GLU B 266 2.90 -61.93 -3.99
C GLU B 266 2.12 -60.68 -4.37
N ARG B 267 2.73 -59.50 -4.24
CA ARG B 267 2.11 -58.28 -4.74
C ARG B 267 2.06 -58.29 -6.27
N LEU B 268 3.17 -58.64 -6.92
CA LEU B 268 3.17 -58.69 -8.38
C LEU B 268 2.50 -59.93 -8.95
N GLN B 269 2.12 -60.89 -8.09
CA GLN B 269 1.20 -61.93 -8.52
C GLN B 269 -0.14 -61.33 -8.94
N ALA B 270 -0.65 -60.38 -8.17
CA ALA B 270 -1.81 -59.60 -8.57
C ALA B 270 -1.39 -58.56 -9.61
N PRO B 271 -2.19 -58.34 -10.65
CA PRO B 271 -1.84 -57.34 -11.65
C PRO B 271 -2.08 -55.93 -11.14
N PRO B 272 -1.17 -55.00 -11.43
CA PRO B 272 -1.35 -53.62 -10.98
C PRO B 272 -2.20 -52.81 -11.95
N LYS B 273 -2.59 -51.63 -11.50
CA LYS B 273 -3.37 -50.70 -12.32
C LYS B 273 -2.61 -49.40 -12.48
N PRO B 274 -2.02 -49.14 -13.66
CA PRO B 274 -1.26 -47.89 -13.83
C PRO B 274 -2.13 -46.65 -13.97
N ASP B 275 -3.42 -46.82 -14.31
CA ASP B 275 -4.32 -45.69 -14.42
C ASP B 275 -4.74 -45.15 -13.06
N SER B 276 -4.61 -45.95 -12.01
CA SER B 276 -5.02 -45.53 -10.67
C SER B 276 -4.06 -44.55 -10.03
N GLY B 277 -2.84 -44.43 -10.54
CA GLY B 277 -1.83 -43.60 -9.93
C GLY B 277 -1.38 -44.11 -8.57
N LEU B 278 -1.11 -45.42 -8.49
CA LEU B 278 -0.64 -46.04 -7.27
C LEU B 278 0.64 -46.81 -7.56
N LEU B 279 1.62 -46.69 -6.68
CA LEU B 279 2.88 -47.37 -6.85
C LEU B 279 2.73 -48.83 -6.47
N ASP B 280 2.94 -49.71 -7.44
CA ASP B 280 2.88 -51.14 -7.18
C ASP B 280 4.15 -51.62 -6.49
N GLY B 281 4.05 -52.77 -5.84
CA GLY B 281 5.17 -53.30 -5.09
C GLY B 281 5.31 -52.75 -3.69
N PHE B 282 4.24 -52.24 -3.10
CA PHE B 282 4.30 -51.65 -1.77
C PHE B 282 3.22 -52.23 -0.89
N MET B 283 3.52 -52.32 0.40
CA MET B 283 2.54 -52.80 1.38
C MET B 283 1.51 -51.74 1.66
N THR B 284 0.24 -52.11 1.56
CA THR B 284 -0.79 -51.30 2.18
C THR B 284 -0.70 -51.49 3.69
N THR B 285 -1.20 -50.49 4.43
CA THR B 285 -0.96 -50.48 5.86
C THR B 285 -1.80 -51.52 6.60
N ASP B 286 -2.96 -51.90 6.07
CA ASP B 286 -3.80 -52.87 6.78
C ASP B 286 -3.21 -54.28 6.70
N ALA B 287 -2.47 -54.57 5.64
CA ALA B 287 -1.74 -55.83 5.55
C ALA B 287 -0.64 -55.89 6.62
N ALA B 288 0.07 -54.79 6.83
CA ALA B 288 1.09 -54.74 7.88
C ALA B 288 0.47 -54.83 9.26
N LEU B 289 -0.69 -54.21 9.45
CA LEU B 289 -1.40 -54.34 10.72
C LEU B 289 -1.89 -55.77 10.95
N MET B 290 -2.33 -56.47 9.91
CA MET B 290 -2.72 -57.87 10.05
C MET B 290 -1.53 -58.75 10.39
N TYR B 291 -0.38 -58.47 9.75
CA TYR B 291 0.87 -59.18 10.03
C TYR B 291 1.28 -59.00 11.49
N ASP B 292 1.31 -57.75 11.96
CA ASP B 292 1.68 -57.48 13.34
C ASP B 292 0.64 -57.98 14.32
N ALA B 293 -0.62 -58.06 13.89
CA ALA B 293 -1.68 -58.57 14.75
C ALA B 293 -1.51 -60.06 15.01
N VAL B 294 -1.28 -60.84 13.96
CA VAL B 294 -1.08 -62.26 14.18
C VAL B 294 0.28 -62.53 14.82
N HIS B 295 1.25 -61.62 14.67
CA HIS B 295 2.52 -61.79 15.36
C HIS B 295 2.38 -61.53 16.86
N VAL B 296 1.59 -60.52 17.25
CA VAL B 296 1.43 -60.26 18.67
C VAL B 296 0.52 -61.31 19.31
N VAL B 297 -0.41 -61.89 18.52
CA VAL B 297 -1.17 -63.03 19.00
C VAL B 297 -0.27 -64.24 19.19
N SER B 298 0.70 -64.43 18.29
CA SER B 298 1.66 -65.53 18.41
C SER B 298 2.55 -65.39 19.64
N VAL B 299 3.05 -64.18 19.90
CA VAL B 299 3.92 -64.02 21.07
C VAL B 299 3.10 -64.04 22.36
N ALA B 300 1.79 -63.72 22.29
CA ALA B 300 0.95 -63.90 23.47
C ALA B 300 0.64 -65.36 23.74
N VAL B 301 0.39 -66.14 22.70
CA VAL B 301 0.00 -67.54 22.91
C VAL B 301 1.23 -68.40 23.17
N GLN B 302 2.43 -67.88 22.87
CA GLN B 302 3.66 -68.58 23.21
C GLN B 302 3.84 -68.69 24.72
N GLN B 303 3.41 -67.67 25.47
CA GLN B 303 3.52 -67.71 26.92
C GLN B 303 2.53 -68.67 27.58
N PHE B 304 1.43 -69.00 26.91
CA PHE B 304 0.44 -69.89 27.48
C PHE B 304 0.52 -71.26 26.83
N PRO B 305 1.02 -72.28 27.54
CA PRO B 305 1.22 -73.58 26.92
C PRO B 305 0.03 -74.54 26.98
N GLN B 306 -0.97 -74.26 27.80
CA GLN B 306 -2.11 -75.16 27.99
C GLN B 306 -3.31 -74.75 27.15
N MET B 307 -3.06 -74.23 25.96
CA MET B 307 -4.13 -73.74 25.08
C MET B 307 -4.80 -74.92 24.40
N THR B 308 -6.00 -75.26 24.86
CA THR B 308 -6.83 -76.27 24.21
C THR B 308 -8.05 -75.60 23.62
N VAL B 309 -8.31 -75.86 22.35
CA VAL B 309 -9.40 -75.22 21.62
C VAL B 309 -10.64 -76.08 21.77
N SER B 310 -11.71 -75.49 22.30
CA SER B 310 -12.98 -76.18 22.49
C SER B 310 -13.99 -75.70 21.44
N SER B 311 -14.73 -76.65 20.87
CA SER B 311 -15.74 -76.33 19.87
C SER B 311 -16.95 -75.76 20.59
N LEU B 312 -16.99 -74.44 20.71
CA LEU B 312 -18.06 -73.77 21.42
C LEU B 312 -19.33 -73.70 20.57
N GLN B 313 -20.44 -73.37 21.22
CA GLN B 313 -21.75 -73.37 20.59
C GLN B 313 -22.37 -71.99 20.70
N CYS B 314 -22.89 -71.50 19.56
CA CYS B 314 -23.56 -70.20 19.56
C CYS B 314 -24.93 -70.29 20.23
N ASN B 315 -25.61 -71.43 20.08
CA ASN B 315 -26.96 -71.57 20.63
C ASN B 315 -26.97 -71.64 22.15
N ARG B 316 -25.85 -72.00 22.77
CA ARG B 316 -25.72 -71.97 24.21
C ARG B 316 -24.84 -70.79 24.63
N HIS B 317 -24.87 -70.48 25.92
CA HIS B 317 -24.14 -69.35 26.47
C HIS B 317 -23.02 -69.82 27.38
N LYS B 318 -22.31 -70.87 26.97
CA LYS B 318 -21.20 -71.38 27.74
C LYS B 318 -19.92 -70.71 27.25
N PRO B 319 -19.29 -69.86 28.05
CA PRO B 319 -18.08 -69.17 27.59
C PRO B 319 -16.87 -70.10 27.60
N TRP B 320 -15.83 -69.67 26.91
CA TRP B 320 -14.58 -70.40 26.90
C TRP B 320 -13.90 -70.31 28.25
N ARG B 321 -13.38 -71.43 28.73
CA ARG B 321 -12.73 -71.48 30.04
C ARG B 321 -11.34 -70.87 30.03
N PHE B 322 -10.76 -70.59 28.88
CA PHE B 322 -9.45 -69.98 28.78
C PHE B 322 -9.47 -68.57 28.21
N GLY B 323 -10.66 -68.05 27.89
CA GLY B 323 -10.73 -66.78 27.18
C GLY B 323 -10.30 -65.58 27.99
N THR B 324 -10.63 -65.56 29.28
CA THR B 324 -10.29 -64.43 30.13
C THR B 324 -8.79 -64.33 30.37
N ARG B 325 -8.16 -65.46 30.66
CA ARG B 325 -6.72 -65.50 30.86
C ARG B 325 -5.97 -65.18 29.57
N PHE B 326 -6.47 -65.68 28.43
CA PHE B 326 -5.83 -65.40 27.15
C PHE B 326 -5.96 -63.93 26.76
N MET B 327 -7.13 -63.32 27.02
CA MET B 327 -7.29 -61.90 26.74
C MET B 327 -6.44 -61.04 27.66
N SER B 328 -6.37 -61.39 28.94
CA SER B 328 -5.53 -60.69 29.88
C SER B 328 -4.04 -60.96 29.69
N LEU B 329 -3.69 -61.94 28.86
CA LEU B 329 -2.31 -62.10 28.41
C LEU B 329 -2.04 -61.40 27.09
N ILE B 330 -3.03 -61.30 26.21
CA ILE B 330 -2.88 -60.59 24.95
C ILE B 330 -2.71 -59.10 25.19
N LYS B 331 -3.48 -58.53 26.12
CA LYS B 331 -3.60 -57.06 26.25
C LYS B 331 -2.32 -56.36 26.79
N GLU B 332 -1.12 -56.94 26.89
CA GLU B 332 0.03 -56.20 27.38
C GLU B 332 1.33 -56.57 26.67
N ALA B 333 1.28 -57.39 25.63
CA ALA B 333 2.50 -57.89 25.00
C ALA B 333 3.19 -56.79 24.20
N HIS B 334 4.48 -56.60 24.46
CA HIS B 334 5.26 -55.55 23.80
C HIS B 334 6.05 -56.14 22.65
N TRP B 335 5.31 -56.61 21.65
CA TRP B 335 5.93 -57.17 20.46
C TRP B 335 6.38 -56.05 19.53
N GLU B 336 7.58 -56.19 18.99
CA GLU B 336 8.12 -55.24 18.03
C GLU B 336 7.81 -55.73 16.61
N GLY B 337 7.01 -54.96 15.88
CA GLY B 337 6.61 -55.37 14.55
C GLY B 337 6.91 -54.36 13.47
N LEU B 338 6.23 -54.47 12.33
CA LEU B 338 6.45 -53.55 11.23
C LEU B 338 5.92 -52.16 11.49
N THR B 339 5.02 -52.00 12.45
CA THR B 339 4.48 -50.70 12.82
C THR B 339 5.14 -50.15 14.07
N GLY B 340 6.42 -50.42 14.25
CA GLY B 340 7.09 -50.03 15.46
C GLY B 340 6.71 -50.94 16.62
N ARG B 341 6.92 -50.42 17.83
CA ARG B 341 6.51 -51.14 19.02
C ARG B 341 4.99 -51.13 19.14
N ILE B 342 4.46 -52.18 19.76
CA ILE B 342 3.02 -52.34 19.92
C ILE B 342 2.71 -52.38 21.41
N THR B 343 1.91 -51.42 21.86
CA THR B 343 1.41 -51.38 23.22
C THR B 343 -0.09 -51.16 23.19
N PHE B 344 -0.78 -51.67 24.20
CA PHE B 344 -2.22 -51.53 24.30
C PHE B 344 -2.58 -50.74 25.55
N ASN B 345 -3.52 -49.83 25.41
CA ASN B 345 -4.07 -49.13 26.56
C ASN B 345 -4.91 -50.10 27.36
N LYS B 346 -4.60 -50.23 28.65
CA LYS B 346 -5.27 -51.24 29.48
C LYS B 346 -6.68 -50.83 29.87
N THR B 347 -7.06 -49.57 29.66
CA THR B 347 -8.41 -49.13 30.00
C THR B 347 -9.44 -49.66 28.99
N ASN B 348 -9.09 -49.64 27.71
CA ASN B 348 -10.05 -49.98 26.67
C ASN B 348 -9.53 -50.95 25.62
N GLY B 349 -8.25 -51.28 25.61
CA GLY B 349 -7.74 -52.22 24.63
C GLY B 349 -7.46 -51.64 23.27
N LEU B 350 -7.44 -50.32 23.14
CA LEU B 350 -7.16 -49.66 21.86
C LEU B 350 -5.73 -49.18 21.84
N ARG B 351 -5.10 -49.27 20.67
CA ARG B 351 -3.71 -48.86 20.52
C ARG B 351 -3.64 -47.34 20.49
N THR B 352 -3.07 -46.75 21.54
CA THR B 352 -2.95 -45.30 21.65
C THR B 352 -1.53 -44.83 21.80
N ASP B 353 -0.54 -45.72 21.79
CA ASP B 353 0.86 -45.35 21.88
C ASP B 353 1.61 -45.96 20.71
N PHE B 354 2.28 -45.13 19.93
CA PHE B 354 2.97 -45.56 18.72
C PHE B 354 4.02 -44.51 18.38
N ASP B 355 4.82 -44.79 17.34
CA ASP B 355 5.88 -43.90 16.90
C ASP B 355 5.69 -43.62 15.41
N LEU B 356 4.91 -42.59 15.10
CA LEU B 356 4.80 -42.13 13.72
C LEU B 356 6.04 -41.36 13.32
N ASP B 357 6.23 -41.21 12.02
CA ASP B 357 7.19 -40.24 11.51
C ASP B 357 6.56 -39.46 10.36
N VAL B 358 6.77 -38.17 10.38
CA VAL B 358 6.16 -37.28 9.40
C VAL B 358 7.03 -37.25 8.14
N ILE B 359 6.39 -37.31 6.98
CA ILE B 359 7.07 -37.30 5.71
C ILE B 359 6.55 -36.15 4.88
N SER B 360 7.41 -35.63 4.01
CA SER B 360 7.07 -34.48 3.18
C SER B 360 7.59 -34.71 1.77
N LEU B 361 6.94 -34.04 0.82
CA LEU B 361 7.34 -34.12 -0.58
C LEU B 361 8.46 -33.11 -0.83
N LYS B 362 9.66 -33.63 -1.12
CA LYS B 362 10.78 -32.81 -1.51
C LYS B 362 10.96 -32.88 -3.02
N GLU B 363 12.06 -32.30 -3.52
CA GLU B 363 12.36 -32.35 -4.94
C GLU B 363 12.93 -33.70 -5.37
N GLU B 364 13.32 -34.54 -4.42
CA GLU B 364 13.83 -35.88 -4.72
C GLU B 364 12.82 -36.98 -4.40
N GLY B 365 11.69 -36.63 -3.82
CA GLY B 365 10.66 -37.59 -3.49
C GLY B 365 10.10 -37.32 -2.12
N LEU B 366 9.55 -38.37 -1.52
CA LEU B 366 8.97 -38.29 -0.19
C LEU B 366 10.03 -38.66 0.85
N GLU B 367 10.38 -37.70 1.70
CA GLU B 367 11.44 -37.88 2.68
C GLU B 367 10.91 -37.69 4.09
N LYS B 368 11.49 -38.44 5.03
CA LYS B 368 11.17 -38.28 6.43
C LYS B 368 11.79 -37.00 6.96
N ILE B 369 10.98 -36.16 7.60
CA ILE B 369 11.44 -34.87 8.11
C ILE B 369 11.29 -34.76 9.63
N GLY B 370 10.87 -35.81 10.32
CA GLY B 370 10.73 -35.72 11.76
C GLY B 370 10.09 -36.97 12.32
N THR B 371 9.56 -36.84 13.53
CA THR B 371 9.03 -37.97 14.28
C THR B 371 8.01 -37.45 15.28
N TRP B 372 6.82 -38.04 15.29
CA TRP B 372 5.80 -37.69 16.26
C TRP B 372 5.69 -38.78 17.32
N ASP B 373 5.44 -38.37 18.56
CA ASP B 373 5.24 -39.27 19.68
C ASP B 373 4.13 -38.71 20.56
N PRO B 374 3.41 -39.57 21.28
CA PRO B 374 2.39 -39.03 22.21
C PRO B 374 2.99 -38.34 23.41
N ALA B 375 4.05 -38.89 23.99
CA ALA B 375 4.67 -38.27 25.15
C ALA B 375 5.68 -37.20 24.77
N SER B 376 6.48 -37.44 23.73
CA SER B 376 7.54 -36.52 23.37
C SER B 376 7.06 -35.38 22.47
N GLY B 377 5.78 -35.36 22.09
CA GLY B 377 5.27 -34.29 21.26
C GLY B 377 5.69 -34.42 19.81
N LEU B 378 6.53 -33.50 19.34
CA LEU B 378 6.91 -33.47 17.93
C LEU B 378 8.34 -32.93 17.83
N ASN B 379 9.32 -33.82 17.79
CA ASN B 379 10.69 -33.45 17.49
C ASN B 379 10.96 -33.70 16.02
N MET B 380 11.68 -32.76 15.39
CA MET B 380 11.96 -32.92 13.97
C MET B 380 13.31 -32.28 13.66
N THR B 381 13.94 -32.76 12.59
CA THR B 381 15.25 -32.28 12.22
C THR B 381 15.21 -30.88 11.62
N GLU B 382 14.06 -30.43 11.14
CA GLU B 382 13.95 -29.07 10.63
C GLU B 382 13.93 -28.04 11.76
N SER B 383 13.27 -28.38 12.87
CA SER B 383 13.27 -27.50 14.03
C SER B 383 14.63 -27.48 14.71
N GLN B 384 15.40 -28.57 14.59
CA GLN B 384 16.74 -28.66 15.14
C GLN B 384 17.81 -28.34 14.10
N LYS B 385 17.44 -27.57 13.05
CA LYS B 385 18.43 -27.17 12.06
C LYS B 385 19.37 -26.11 12.62
N GLY B 386 18.81 -25.02 13.13
CA GLY B 386 19.61 -23.98 13.74
C GLY B 386 19.67 -24.09 15.25
N LYS B 387 20.75 -24.66 15.75
CA LYS B 387 20.98 -24.84 17.19
C LYS B 387 22.36 -24.30 17.53
N PRO B 388 22.50 -22.99 17.69
CA PRO B 388 23.81 -22.41 17.96
C PRO B 388 24.13 -22.38 19.45
N ALA B 389 25.36 -21.95 19.75
CA ALA B 389 25.80 -21.74 21.13
C ALA B 389 25.52 -20.28 21.49
N ASN B 390 24.28 -20.04 21.88
CA ASN B 390 23.82 -18.69 22.20
C ASN B 390 24.11 -18.28 23.65
N ILE B 391 24.77 -19.15 24.42
CA ILE B 391 25.15 -18.81 25.78
C ILE B 391 26.25 -17.75 25.77
N THR B 392 26.28 -16.92 26.80
CA THR B 392 27.24 -15.82 26.90
C THR B 392 28.50 -16.35 27.55
N ASP B 393 29.51 -16.67 26.73
CA ASP B 393 30.79 -17.17 27.19
C ASP B 393 31.84 -16.08 27.05
N SER B 394 33.08 -16.42 27.45
CA SER B 394 34.26 -15.55 27.40
C SER B 394 34.06 -14.24 28.17
N LEU B 395 33.40 -14.34 29.31
CA LEU B 395 33.14 -13.18 30.16
C LEU B 395 34.28 -13.04 31.17
N SER B 396 34.09 -12.11 32.13
CA SER B 396 35.03 -11.80 33.23
C SER B 396 36.41 -11.40 32.71
N ASN B 397 36.44 -10.66 31.59
CA ASN B 397 37.71 -10.13 31.09
C ASN B 397 38.21 -9.00 31.97
N ARG B 398 37.30 -8.08 32.37
CA ARG B 398 37.54 -6.98 33.31
C ARG B 398 38.64 -6.04 32.82
N SER B 399 38.67 -5.78 31.53
CA SER B 399 39.62 -4.86 30.90
C SER B 399 38.91 -3.94 29.93
N LEU B 400 37.80 -3.36 30.37
CA LEU B 400 37.01 -2.48 29.53
C LEU B 400 37.68 -1.12 29.38
N ILE B 401 37.60 -0.57 28.18
CA ILE B 401 38.24 0.70 27.85
C ILE B 401 37.24 1.84 28.06
N VAL B 402 37.68 2.87 28.78
CA VAL B 402 36.86 4.05 29.07
C VAL B 402 37.40 5.21 28.26
N THR B 403 36.54 5.83 27.46
CA THR B 403 36.91 7.01 26.69
C THR B 403 35.92 8.11 27.00
N THR B 404 36.43 9.27 27.42
CA THR B 404 35.58 10.38 27.82
C THR B 404 36.29 11.68 27.51
N ILE B 405 35.63 12.57 26.76
CA ILE B 405 36.16 13.89 26.45
C ILE B 405 36.04 14.80 27.68
N LEU B 406 36.67 15.97 27.62
CA LEU B 406 36.51 16.99 28.66
C LEU B 406 35.12 17.59 28.54
N GLU B 407 34.14 16.87 29.12
CA GLU B 407 32.73 17.24 28.95
C GLU B 407 32.38 18.48 29.75
N GLU B 408 32.81 18.53 31.01
CA GLU B 408 32.42 19.62 31.89
C GLU B 408 33.67 20.10 32.62
N PRO B 409 33.73 21.40 33.05
CA PRO B 409 35.01 22.00 33.42
C PRO B 409 35.75 21.50 34.67
N TYR B 410 35.32 20.41 35.31
CA TYR B 410 36.23 19.73 36.23
C TYR B 410 36.46 18.27 35.87
N VAL B 411 36.17 17.89 34.62
CA VAL B 411 36.70 16.66 34.03
C VAL B 411 37.83 17.10 33.09
N LEU B 412 39.05 17.07 33.61
CA LEU B 412 40.26 17.41 32.85
C LEU B 412 41.43 16.77 33.60
N PHE B 413 42.64 17.08 33.16
CA PHE B 413 43.85 16.57 33.81
C PHE B 413 43.98 17.16 35.21
N LYS B 414 44.43 16.33 36.15
CA LYS B 414 44.54 16.74 37.55
C LYS B 414 45.71 17.70 37.73
N LYS B 415 45.53 18.65 38.64
CA LYS B 415 46.54 19.68 38.91
C LYS B 415 47.66 19.04 39.74
N SER B 416 48.61 18.42 39.05
CA SER B 416 49.76 17.80 39.69
C SER B 416 51.00 18.08 38.86
N ASP B 417 52.11 18.35 39.56
CA ASP B 417 53.37 18.57 38.86
C ASP B 417 53.91 17.26 38.28
N LYS B 418 53.77 16.17 39.01
CA LYS B 418 54.15 14.85 38.49
C LYS B 418 53.10 14.37 37.49
N PRO B 419 53.53 13.82 36.34
CA PRO B 419 52.55 13.24 35.39
C PRO B 419 51.95 11.94 35.90
N LEU B 420 50.99 12.05 36.81
CA LEU B 420 50.33 10.89 37.41
C LEU B 420 49.12 10.54 36.55
N TYR B 421 49.34 9.67 35.57
CA TYR B 421 48.31 9.27 34.63
C TYR B 421 48.03 7.78 34.77
N GLY B 422 47.13 7.28 33.92
CA GLY B 422 46.71 5.90 33.99
C GLY B 422 45.24 5.77 34.35
N ASN B 423 44.95 5.11 35.47
CA ASN B 423 43.58 5.06 35.96
C ASN B 423 43.15 6.39 36.57
N ASP B 424 44.10 7.20 37.02
CA ASP B 424 43.83 8.54 37.56
C ASP B 424 44.42 9.62 36.65
N ARG B 425 44.26 9.43 35.33
CA ARG B 425 44.75 10.42 34.37
C ARG B 425 43.94 11.71 34.46
N PHE B 426 42.63 11.59 34.64
CA PHE B 426 41.76 12.74 34.80
C PHE B 426 41.25 12.82 36.24
N GLU B 427 40.64 13.96 36.56
CA GLU B 427 40.02 14.17 37.86
C GLU B 427 38.55 14.52 37.64
N GLY B 428 37.77 14.42 38.72
CA GLY B 428 36.41 14.91 38.69
C GLY B 428 35.43 13.91 39.25
N TYR B 429 34.14 14.21 39.04
CA TYR B 429 33.06 13.35 39.51
C TYR B 429 32.99 12.05 38.73
N CYS B 430 33.46 12.07 37.48
CA CYS B 430 33.49 10.84 36.67
C CYS B 430 34.49 9.85 37.25
N ILE B 431 35.60 10.34 37.80
CA ILE B 431 36.56 9.46 38.47
C ILE B 431 35.99 8.96 39.80
N ASP B 432 35.14 9.76 40.47
CA ASP B 432 34.46 9.30 41.67
C ASP B 432 33.48 8.18 41.36
N LEU B 433 32.72 8.32 40.27
CA LEU B 433 31.83 7.25 39.83
C LEU B 433 32.60 6.03 39.33
N LEU B 434 33.76 6.25 38.70
CA LEU B 434 34.59 5.14 38.25
C LEU B 434 35.20 4.39 39.43
N ARG B 435 35.56 5.09 40.50
CA ARG B 435 35.97 4.44 41.74
C ARG B 435 34.79 3.71 42.40
N GLU B 436 33.58 4.25 42.26
CA GLU B 436 32.40 3.55 42.77
C GLU B 436 32.15 2.24 42.04
N LEU B 437 32.25 2.24 40.71
CA LEU B 437 32.16 0.99 39.96
C LEU B 437 33.39 0.10 40.18
N SER B 438 34.53 0.67 40.56
CA SER B 438 35.67 -0.14 40.96
C SER B 438 35.38 -0.89 42.26
N THR B 439 34.68 -0.23 43.19
CA THR B 439 34.22 -0.93 44.39
C THR B 439 33.13 -1.94 44.07
N ILE B 440 32.28 -1.63 43.08
CA ILE B 440 31.26 -2.57 42.65
C ILE B 440 31.85 -3.74 41.89
N LEU B 441 32.67 -3.47 40.88
CA LEU B 441 33.11 -4.49 39.94
C LEU B 441 34.59 -4.83 40.11
N GLY B 442 35.46 -3.84 40.06
CA GLY B 442 36.89 -4.10 40.11
C GLY B 442 37.54 -4.34 38.76
N PHE B 443 36.87 -3.98 37.68
CA PHE B 443 37.44 -4.13 36.35
C PHE B 443 38.57 -3.12 36.13
N THR B 444 39.56 -3.53 35.34
CA THR B 444 40.66 -2.64 35.01
C THR B 444 40.25 -1.74 33.86
N TYR B 445 40.71 -0.48 33.91
CA TYR B 445 40.34 0.50 32.91
C TYR B 445 41.51 1.42 32.64
N GLU B 446 41.49 2.02 31.46
CA GLU B 446 42.31 3.18 31.17
C GLU B 446 41.39 4.27 30.65
N ILE B 447 41.74 5.51 30.91
CA ILE B 447 40.94 6.67 30.53
C ILE B 447 41.76 7.55 29.61
N ARG B 448 41.11 8.08 28.58
CA ARG B 448 41.77 8.86 27.53
C ARG B 448 40.73 9.74 26.85
N LEU B 449 41.11 10.30 25.71
CA LEU B 449 40.24 11.15 24.91
C LEU B 449 40.02 10.49 23.55
N VAL B 450 38.83 10.73 22.99
CA VAL B 450 38.57 10.26 21.63
C VAL B 450 39.32 11.15 20.64
N GLU B 451 39.55 10.61 19.43
CA GLU B 451 40.50 11.20 18.48
C GLU B 451 40.01 12.54 17.92
N ASP B 452 38.71 12.71 17.68
CA ASP B 452 38.21 14.00 17.26
C ASP B 452 37.84 14.91 18.43
N GLY B 453 37.87 14.39 19.66
CA GLY B 453 37.63 15.17 20.85
C GLY B 453 36.22 15.71 20.99
N LYS B 454 35.22 14.98 20.51
CA LYS B 454 33.87 15.51 20.46
C LYS B 454 32.85 14.39 20.51
N TYR B 455 31.65 14.73 21.00
CA TYR B 455 30.50 13.82 20.98
C TYR B 455 29.72 14.11 19.69
N GLY B 456 30.28 13.63 18.57
CA GLY B 456 29.77 13.97 17.26
C GLY B 456 28.49 13.24 16.91
N ALA B 457 27.96 13.60 15.74
CA ALA B 457 26.73 13.02 15.22
C ALA B 457 26.89 12.85 13.72
N GLN B 458 25.78 12.62 13.03
CA GLN B 458 25.81 12.35 11.60
C GLN B 458 25.71 13.65 10.80
N ASP B 459 26.10 13.56 9.54
CA ASP B 459 25.93 14.64 8.58
C ASP B 459 25.04 14.14 7.44
N ASP B 460 24.38 15.09 6.77
CA ASP B 460 23.42 14.75 5.73
C ASP B 460 24.07 14.30 4.43
N VAL B 461 25.39 14.44 4.28
CA VAL B 461 26.06 14.04 3.05
C VAL B 461 26.52 12.58 3.08
N ASN B 462 26.62 11.97 4.26
CA ASN B 462 27.09 10.58 4.35
C ASN B 462 26.11 9.73 5.14
N GLY B 463 25.48 10.32 6.16
CA GLY B 463 24.62 9.57 7.06
C GLY B 463 25.33 8.78 8.12
N GLN B 464 26.66 8.88 8.21
CA GLN B 464 27.43 8.15 9.20
C GLN B 464 27.66 9.03 10.42
N TRP B 465 27.34 8.49 11.59
CA TRP B 465 27.53 9.23 12.84
C TRP B 465 29.01 9.36 13.16
N ASN B 466 29.35 10.39 13.92
CA ASN B 466 30.72 10.69 14.29
C ASN B 466 30.86 10.66 15.80
N GLY B 467 32.09 10.88 16.27
CA GLY B 467 32.32 11.09 17.69
C GLY B 467 32.24 9.80 18.48
N MET B 468 31.58 9.88 19.64
CA MET B 468 31.46 8.74 20.52
C MET B 468 30.46 7.72 19.99
N VAL B 469 29.50 8.16 19.18
CA VAL B 469 28.58 7.22 18.55
C VAL B 469 29.32 6.36 17.52
N ARG B 470 30.24 6.99 16.78
CA ARG B 470 31.11 6.23 15.87
C ARG B 470 32.10 5.37 16.64
N GLU B 471 32.64 5.88 17.75
CA GLU B 471 33.71 5.19 18.46
C GLU B 471 33.19 3.97 19.22
N LEU B 472 32.01 4.08 19.83
CA LEU B 472 31.49 3.00 20.66
C LEU B 472 30.70 1.96 19.86
N ILE B 473 30.76 2.01 18.53
CA ILE B 473 30.24 0.94 17.69
C ILE B 473 31.30 0.32 16.80
N ASP B 474 32.50 0.90 16.71
CA ASP B 474 33.50 0.47 15.73
C ASP B 474 34.85 0.27 16.41
N HIS B 475 35.15 -0.98 16.74
CA HIS B 475 36.47 -1.54 17.02
C HIS B 475 37.15 -1.03 18.29
N LYS B 476 36.57 -0.09 19.02
CA LYS B 476 37.16 0.39 20.27
C LYS B 476 36.49 -0.26 21.47
N ALA B 477 35.17 -0.10 21.59
CA ALA B 477 34.37 -0.79 22.58
C ALA B 477 32.96 -0.89 22.01
N ASP B 478 32.62 -2.08 21.48
CA ASP B 478 31.33 -2.26 20.83
C ASP B 478 30.15 -2.17 21.80
N LEU B 479 30.40 -2.36 23.09
CA LEU B 479 29.43 -2.05 24.13
C LEU B 479 29.59 -0.57 24.49
N ALA B 480 28.51 0.19 24.34
CA ALA B 480 28.55 1.65 24.46
C ALA B 480 28.63 2.04 25.92
N VAL B 481 29.82 2.37 26.40
CA VAL B 481 30.04 2.83 27.77
C VAL B 481 30.66 4.22 27.68
N ALA B 482 29.86 5.25 27.92
CA ALA B 482 30.32 6.63 27.92
C ALA B 482 29.35 7.49 28.71
N PRO B 483 29.83 8.41 29.55
CA PRO B 483 28.92 9.37 30.20
C PRO B 483 28.41 10.40 29.19
N LEU B 484 27.09 10.51 29.09
CA LEU B 484 26.50 11.24 27.98
C LEU B 484 25.15 11.83 28.39
N ALA B 485 24.72 12.83 27.64
CA ALA B 485 23.34 13.30 27.71
C ALA B 485 22.52 12.58 26.65
N ILE B 486 21.24 12.36 26.95
CA ILE B 486 20.41 11.50 26.11
C ILE B 486 19.90 12.29 24.91
N THR B 487 20.19 11.78 23.72
CA THR B 487 19.57 12.22 22.47
C THR B 487 18.85 11.02 21.86
N TYR B 488 18.38 11.20 20.62
CA TYR B 488 17.65 10.14 19.93
C TYR B 488 18.59 9.00 19.53
N VAL B 489 19.82 9.31 19.14
CA VAL B 489 20.73 8.27 18.69
C VAL B 489 21.40 7.56 19.87
N ARG B 490 21.67 8.27 20.97
CA ARG B 490 22.37 7.67 22.11
C ARG B 490 21.45 6.86 23.01
N GLU B 491 20.14 7.01 22.88
CA GLU B 491 19.18 6.22 23.65
C GLU B 491 18.83 4.91 22.99
N LYS B 492 19.32 4.66 21.77
CA LYS B 492 18.89 3.50 20.99
C LYS B 492 20.00 2.51 20.67
N VAL B 493 21.27 2.86 20.89
CA VAL B 493 22.38 1.98 20.52
C VAL B 493 23.04 1.45 21.79
N ILE B 494 23.13 0.11 21.86
CA ILE B 494 23.65 -0.71 22.97
C ILE B 494 23.05 -0.29 24.30
N ASP B 495 21.71 -0.27 24.36
CA ASP B 495 20.89 -0.05 25.56
C ASP B 495 21.14 1.31 26.20
N PHE B 496 20.58 1.53 27.40
CA PHE B 496 20.90 2.67 28.24
C PHE B 496 20.53 2.30 29.67
N SER B 497 21.38 2.65 30.61
CA SER B 497 21.14 2.38 32.03
C SER B 497 20.26 3.48 32.62
N LYS B 498 20.16 3.51 33.94
CA LYS B 498 19.41 4.60 34.58
C LYS B 498 20.24 5.88 34.54
N PRO B 499 19.67 7.00 34.11
CA PRO B 499 20.41 8.27 34.17
C PRO B 499 20.55 8.79 35.58
N PHE B 500 21.78 8.78 36.09
CA PHE B 500 22.04 9.17 37.47
C PHE B 500 21.86 10.67 37.68
N MET B 501 22.14 11.46 36.65
CA MET B 501 22.08 12.91 36.73
C MET B 501 20.94 13.42 35.84
N THR B 502 20.07 14.24 36.42
CA THR B 502 19.01 14.89 35.66
C THR B 502 19.34 16.37 35.48
N LEU B 503 18.93 16.92 34.35
CA LEU B 503 19.27 18.28 33.99
C LEU B 503 18.25 18.81 32.98
N GLY B 504 18.22 20.14 32.85
CA GLY B 504 17.36 20.77 31.87
C GLY B 504 18.03 22.01 31.31
N ILE B 505 17.53 22.43 30.16
CA ILE B 505 18.08 23.59 29.46
C ILE B 505 17.36 24.84 29.94
N SER B 506 18.13 25.78 30.48
CA SER B 506 17.61 27.08 30.88
C SER B 506 18.58 28.15 30.39
N ILE B 507 18.22 29.41 30.62
CA ILE B 507 18.89 30.55 30.00
C ILE B 507 19.79 31.20 31.05
N LEU B 508 21.05 31.42 30.69
CA LEU B 508 21.98 32.19 31.52
C LEU B 508 22.14 33.57 30.90
N TYR B 509 22.19 34.59 31.77
CA TYR B 509 22.36 35.96 31.30
C TYR B 509 23.11 36.76 32.34
N ARG B 510 23.74 37.84 31.89
CA ARG B 510 24.46 38.73 32.79
C ARG B 510 23.48 39.53 33.65
N LYS B 511 23.85 39.76 34.90
CA LYS B 511 23.08 40.65 35.77
C LYS B 511 23.20 42.08 35.25
N PRO B 512 22.09 42.78 35.01
CA PRO B 512 22.17 44.11 34.41
C PRO B 512 22.59 45.17 35.40
N ASN B 513 23.57 45.99 35.01
CA ASN B 513 24.06 47.10 35.82
C ASN B 513 24.01 48.42 35.05
N GLY B 514 23.19 48.49 34.01
CA GLY B 514 23.13 49.69 33.19
C GLY B 514 22.32 50.82 33.80
N THR B 515 22.97 51.96 33.99
CA THR B 515 22.31 53.16 34.50
C THR B 515 22.63 54.33 33.59
N ASN B 516 21.75 55.33 33.60
CA ASN B 516 21.89 56.50 32.73
C ASN B 516 21.80 57.76 33.59
N PRO B 517 22.92 58.19 34.20
CA PRO B 517 22.91 59.44 34.96
C PRO B 517 23.15 60.65 34.07
N GLY B 518 23.22 61.84 34.67
CA GLY B 518 23.44 63.06 33.92
C GLY B 518 22.16 63.70 33.44
N VAL B 519 22.34 64.83 32.76
CA VAL B 519 21.20 65.61 32.26
C VAL B 519 20.78 65.09 30.89
N PHE B 520 19.48 64.84 30.74
CA PHE B 520 18.94 64.41 29.45
C PHE B 520 17.58 65.04 29.16
N SER B 521 17.11 65.98 29.98
CA SER B 521 15.89 66.71 29.67
C SER B 521 16.11 67.78 28.60
N PHE B 522 17.36 68.16 28.35
CA PHE B 522 17.72 69.02 27.24
C PHE B 522 18.39 68.26 26.10
N LEU B 523 18.76 67.00 26.33
CA LEU B 523 19.42 66.15 25.34
C LEU B 523 18.52 64.97 24.96
N ASN B 524 17.24 65.26 24.74
CA ASN B 524 16.26 64.25 24.41
C ASN B 524 16.47 63.72 22.98
N PRO B 525 15.87 62.58 22.64
CA PRO B 525 15.81 62.16 21.22
C PRO B 525 15.02 63.10 20.30
N LEU B 526 14.25 64.04 20.85
CA LEU B 526 13.73 65.15 20.06
C LEU B 526 14.87 66.00 19.53
N SER B 527 14.64 66.61 18.37
CA SER B 527 15.72 67.27 17.64
C SER B 527 16.15 68.56 18.34
N PRO B 528 17.43 68.93 18.27
CA PRO B 528 17.86 70.23 18.83
C PRO B 528 17.44 71.42 17.99
N ASP B 529 16.93 71.20 16.77
CA ASP B 529 16.43 72.29 15.95
C ASP B 529 15.20 72.93 16.59
N ILE B 530 14.29 72.13 17.15
CA ILE B 530 13.16 72.72 17.86
C ILE B 530 13.61 73.28 19.21
N TRP B 531 14.72 72.77 19.77
CA TRP B 531 15.27 73.33 21.00
C TRP B 531 15.81 74.74 20.79
N MET B 532 16.47 74.98 19.65
CA MET B 532 16.88 76.35 19.36
C MET B 532 15.75 77.18 18.75
N TYR B 533 14.71 76.54 18.21
CA TYR B 533 13.53 77.28 17.78
C TYR B 533 12.74 77.80 18.98
N VAL B 534 12.82 77.11 20.12
CA VAL B 534 12.25 77.61 21.37
C VAL B 534 12.93 78.92 21.78
N LEU B 535 14.26 78.97 21.69
CA LEU B 535 14.99 80.19 22.01
C LEU B 535 14.77 81.27 20.96
N LEU B 536 14.56 80.89 19.70
CA LEU B 536 14.21 81.85 18.66
C LEU B 536 12.84 82.46 18.91
N ALA B 537 11.88 81.66 19.37
CA ALA B 537 10.57 82.18 19.77
C ALA B 537 10.67 83.07 21.01
N TYR B 538 11.58 82.73 21.92
CA TYR B 538 11.83 83.60 23.07
C TYR B 538 12.40 84.94 22.65
N LEU B 539 13.32 84.94 21.68
CA LEU B 539 13.86 86.18 21.13
C LEU B 539 12.79 86.99 20.42
N GLY B 540 11.89 86.30 19.71
CA GLY B 540 10.78 87.00 19.04
C GLY B 540 9.80 87.62 20.01
N VAL B 541 9.43 86.90 21.07
CA VAL B 541 8.48 87.47 22.02
C VAL B 541 9.16 88.54 22.87
N SER B 542 10.48 88.46 23.06
CA SER B 542 11.21 89.52 23.74
C SER B 542 11.30 90.78 22.89
N VAL B 543 11.47 90.63 21.58
CA VAL B 543 11.60 91.83 20.75
C VAL B 543 10.23 92.43 20.44
N VAL B 544 9.14 91.65 20.51
CA VAL B 544 7.83 92.25 20.28
C VAL B 544 7.22 92.77 21.59
N LEU B 545 7.62 92.24 22.74
CA LEU B 545 7.03 92.65 24.00
C LEU B 545 7.69 93.88 24.61
N PHE B 546 8.80 94.35 24.05
CA PHE B 546 9.49 95.54 24.56
C PHE B 546 9.46 96.71 23.58
N VAL B 547 8.55 96.68 22.61
CA VAL B 547 8.39 97.80 21.69
C VAL B 547 7.01 98.42 21.74
N ILE B 548 6.01 97.76 22.32
CA ILE B 548 4.66 98.31 22.39
C ILE B 548 4.33 98.70 23.83
N LEU B 598 -4.68 96.15 23.75
CA LEU B 598 -5.84 95.28 23.62
C LEU B 598 -5.53 94.07 22.75
N SER B 599 -5.11 94.32 21.51
CA SER B 599 -4.83 93.24 20.58
C SER B 599 -3.53 92.52 20.92
N THR B 600 -2.57 93.23 21.52
CA THR B 600 -1.28 92.62 21.84
C THR B 600 -1.40 91.61 22.97
N ARG B 601 -2.37 91.80 23.88
CA ARG B 601 -2.65 90.78 24.90
C ARG B 601 -3.21 89.51 24.27
N ILE B 602 -4.05 89.67 23.24
CA ILE B 602 -4.56 88.51 22.50
C ILE B 602 -3.43 87.84 21.73
N VAL B 603 -2.48 88.63 21.21
CA VAL B 603 -1.30 88.08 20.53
C VAL B 603 -0.42 87.30 21.51
N GLY B 604 -0.27 87.80 22.74
CA GLY B 604 0.40 87.06 23.78
C GLY B 604 -0.32 85.78 24.17
N GLY B 605 -1.65 85.81 24.15
CA GLY B 605 -2.41 84.57 24.34
C GLY B 605 -2.22 83.57 23.21
N ILE B 606 -2.11 84.09 21.97
CA ILE B 606 -1.81 83.25 20.79
C ILE B 606 -0.47 82.56 20.98
N TRP B 607 0.54 83.32 21.41
CA TRP B 607 1.86 82.74 21.70
C TRP B 607 1.82 81.77 22.86
N TRP B 608 0.96 82.03 23.86
CA TRP B 608 0.84 81.15 25.02
C TRP B 608 0.26 79.79 24.64
N PHE B 609 -0.84 79.77 23.88
CA PHE B 609 -1.30 78.42 23.52
C PHE B 609 -0.51 77.84 22.35
N PHE B 610 0.28 78.64 21.62
CA PHE B 610 1.25 78.05 20.70
C PHE B 610 2.35 77.30 21.45
N THR B 611 2.79 77.86 22.57
CA THR B 611 3.70 77.14 23.45
C THR B 611 3.03 75.91 24.05
N LEU B 612 1.72 75.99 24.31
CA LEU B 612 0.98 74.81 24.74
C LEU B 612 0.93 73.73 23.65
N ILE B 613 0.82 74.13 22.38
CA ILE B 613 0.85 73.17 21.27
C ILE B 613 2.23 72.51 21.15
N ILE B 614 3.30 73.30 21.31
CA ILE B 614 4.63 72.70 21.20
C ILE B 614 4.93 71.81 22.41
N ILE B 615 4.38 72.13 23.59
CA ILE B 615 4.56 71.21 24.70
C ILE B 615 3.61 70.01 24.59
N SER B 616 2.50 70.14 23.86
CA SER B 616 1.68 68.98 23.53
C SER B 616 2.42 68.01 22.62
N SER B 617 3.16 68.55 21.64
CA SER B 617 3.99 67.72 20.79
C SER B 617 5.13 67.07 21.58
N TYR B 618 5.69 67.81 22.55
CA TYR B 618 6.72 67.24 23.41
C TYR B 618 6.17 66.10 24.27
N THR B 619 4.96 66.26 24.82
CA THR B 619 4.35 65.19 25.61
C THR B 619 4.03 63.98 24.74
N ALA B 620 3.60 64.20 23.50
CA ALA B 620 3.32 63.10 22.58
C ALA B 620 4.58 62.30 22.27
N ASN B 621 5.67 63.00 21.95
CA ASN B 621 6.93 62.32 21.64
C ASN B 621 7.52 61.63 22.87
N LEU B 622 7.42 62.27 24.04
CA LEU B 622 7.94 61.69 25.27
C LEU B 622 7.13 60.47 25.70
N ALA B 623 5.81 60.52 25.53
CA ALA B 623 4.96 59.37 25.88
C ALA B 623 5.19 58.21 24.94
N ALA B 624 5.41 58.50 23.64
CA ALA B 624 5.71 57.42 22.70
C ALA B 624 7.06 56.79 22.97
N PHE B 625 8.08 57.61 23.29
CA PHE B 625 9.39 57.07 23.63
C PHE B 625 9.34 56.28 24.94
N LEU B 626 8.54 56.75 25.90
CA LEU B 626 8.43 56.05 27.17
C LEU B 626 7.66 54.74 27.04
N THR B 627 6.66 54.67 26.15
CA THR B 627 5.97 53.41 25.96
C THR B 627 6.73 52.46 25.03
N VAL B 628 7.68 52.97 24.24
CA VAL B 628 8.67 52.07 23.64
C VAL B 628 9.59 51.53 24.73
N GLU B 629 9.97 52.38 25.68
CA GLU B 629 10.76 51.95 26.83
C GLU B 629 10.01 51.00 27.76
N ARG B 630 8.67 50.99 27.71
CA ARG B 630 7.90 49.99 28.44
C ARG B 630 8.08 48.61 27.82
N MET B 631 8.38 48.54 26.52
CA MET B 631 8.81 47.29 25.90
C MET B 631 10.29 47.06 26.17
N GLU B 632 10.85 46.03 25.53
CA GLU B 632 12.18 45.48 25.82
C GLU B 632 12.31 45.15 27.31
N SER B 633 11.45 44.24 27.75
CA SER B 633 11.32 43.88 29.15
C SER B 633 12.53 43.08 29.63
N PRO B 634 12.73 42.98 30.95
CA PRO B 634 13.67 41.97 31.47
C PRO B 634 13.26 40.57 31.03
N ILE B 635 14.27 39.76 30.72
CA ILE B 635 14.11 38.59 29.87
C ILE B 635 14.02 37.31 30.71
N ASP B 636 13.50 37.44 31.94
CA ASP B 636 13.36 36.31 32.85
C ASP B 636 12.39 35.24 32.35
N SER B 637 11.50 35.57 31.42
CA SER B 637 10.68 34.56 30.76
C SER B 637 11.38 34.00 29.53
N ALA B 638 11.12 32.73 29.25
CA ALA B 638 11.63 32.13 28.02
C ALA B 638 10.89 32.64 26.80
N ASP B 639 9.64 33.07 26.98
CA ASP B 639 8.90 33.71 25.90
C ASP B 639 9.43 35.09 25.56
N ASP B 640 10.18 35.71 26.48
CA ASP B 640 10.78 37.02 26.19
C ASP B 640 11.88 36.91 25.14
N LEU B 641 12.54 35.76 25.05
CA LEU B 641 13.50 35.53 23.98
C LEU B 641 12.80 35.43 22.63
N ALA B 642 11.59 34.87 22.60
CA ALA B 642 10.80 34.88 21.38
C ALA B 642 10.20 36.25 21.10
N LYS B 643 10.02 37.07 22.13
CA LYS B 643 9.46 38.41 21.93
C LYS B 643 10.46 39.35 21.27
N GLN B 644 11.71 39.33 21.70
CA GLN B 644 12.71 40.23 21.16
C GLN B 644 13.55 39.53 20.09
N THR B 645 14.26 40.35 19.31
CA THR B 645 15.22 39.86 18.34
C THR B 645 16.57 40.57 18.45
N LYS B 646 16.72 41.49 19.39
CA LYS B 646 17.96 42.26 19.51
C LYS B 646 19.06 41.45 20.18
N ILE B 647 18.78 40.93 21.37
CA ILE B 647 19.77 40.13 22.11
C ILE B 647 19.80 38.75 21.46
N GLU B 648 20.76 38.54 20.57
CA GLU B 648 20.88 37.26 19.87
C GLU B 648 21.47 36.20 20.79
N TYR B 649 21.37 34.95 20.35
CA TYR B 649 21.77 33.82 21.19
C TYR B 649 22.29 32.70 20.32
N GLY B 650 23.06 31.81 20.95
CA GLY B 650 23.58 30.63 20.30
C GLY B 650 23.68 29.50 21.30
N ALA B 651 24.13 28.35 20.82
CA ALA B 651 24.27 27.18 21.67
C ALA B 651 25.34 26.27 21.10
N VAL B 652 25.83 25.38 21.96
CA VAL B 652 26.71 24.29 21.52
C VAL B 652 25.89 23.33 20.67
N GLU B 653 26.52 22.77 19.61
CA GLU B 653 25.90 22.01 18.52
C GLU B 653 25.34 20.62 18.93
N ASP B 654 25.19 20.29 20.22
CA ASP B 654 24.57 19.04 20.63
C ASP B 654 23.12 18.96 20.18
N GLY B 655 22.65 17.73 19.94
CA GLY B 655 21.29 17.49 19.51
C GLY B 655 20.24 17.78 20.57
N ALA B 656 20.65 17.80 21.84
CA ALA B 656 19.74 18.27 22.89
C ALA B 656 19.49 19.77 22.78
N THR B 657 20.45 20.52 22.22
CA THR B 657 20.30 21.95 22.02
C THR B 657 19.91 22.32 20.59
N MET B 658 20.12 21.44 19.62
CA MET B 658 19.86 21.74 18.23
C MET B 658 18.75 20.88 17.65
N THR B 659 18.87 19.56 17.73
CA THR B 659 17.87 18.67 17.15
C THR B 659 16.59 18.68 17.98
N PHE B 660 16.73 18.69 19.31
CA PHE B 660 15.58 18.80 20.20
C PHE B 660 14.86 20.14 20.05
N PHE B 661 15.61 21.21 19.78
CA PHE B 661 14.98 22.48 19.49
C PHE B 661 14.36 22.51 18.09
N LYS B 662 14.90 21.70 17.18
CA LYS B 662 14.35 21.63 15.82
C LYS B 662 13.00 20.92 15.80
N LYS B 663 12.95 19.70 16.34
CA LYS B 663 11.70 18.96 16.46
C LYS B 663 11.06 19.32 17.81
N SER B 664 10.09 18.50 18.27
CA SER B 664 9.38 18.66 19.55
C SER B 664 8.67 20.01 19.61
N LYS B 665 7.62 20.09 18.78
CA LYS B 665 7.07 21.36 18.30
C LYS B 665 6.41 22.19 19.39
N ILE B 666 7.18 23.11 19.96
CA ILE B 666 6.69 24.18 20.81
C ILE B 666 6.93 25.48 20.08
N SER B 667 5.96 26.40 20.16
CA SER B 667 5.96 27.61 19.34
C SER B 667 7.13 28.54 19.68
N THR B 668 7.41 28.71 20.97
CA THR B 668 8.61 29.48 21.33
C THR B 668 9.89 28.71 21.01
N TYR B 669 9.84 27.37 21.04
CA TYR B 669 10.99 26.60 20.61
C TYR B 669 11.09 26.56 19.10
N ASP B 670 9.96 26.70 18.39
CA ASP B 670 10.01 26.94 16.96
C ASP B 670 10.67 28.27 16.63
N LYS B 671 10.39 29.29 17.44
CA LYS B 671 11.05 30.59 17.28
C LYS B 671 12.55 30.49 17.58
N MET B 672 12.91 29.70 18.60
CA MET B 672 14.31 29.46 18.93
C MET B 672 15.05 28.76 17.79
N TRP B 673 14.42 27.73 17.21
CA TRP B 673 15.02 27.02 16.09
C TRP B 673 15.09 27.88 14.84
N ALA B 674 14.08 28.73 14.62
CA ALA B 674 14.08 29.64 13.49
C ALA B 674 15.20 30.67 13.60
N PHE B 675 15.41 31.23 14.79
CA PHE B 675 16.50 32.19 14.95
C PHE B 675 17.86 31.52 14.96
N MET B 676 17.94 30.26 15.39
CA MET B 676 19.23 29.56 15.37
C MET B 676 19.61 29.15 13.95
N SER B 677 18.66 28.61 13.18
CA SER B 677 18.96 28.16 11.83
C SER B 677 19.06 29.32 10.85
N SER B 678 18.28 30.38 11.05
CA SER B 678 18.39 31.55 10.18
C SER B 678 19.67 32.34 10.44
N ARG B 679 20.22 32.24 11.64
CA ARG B 679 21.49 32.87 11.99
C ARG B 679 22.56 31.82 12.28
N ARG B 680 22.56 30.73 11.50
CA ARG B 680 23.54 29.68 11.66
C ARG B 680 24.92 30.06 11.12
N GLN B 681 25.01 31.14 10.35
CA GLN B 681 26.29 31.60 9.83
C GLN B 681 26.78 32.89 10.48
N SER B 682 25.86 33.73 10.98
CA SER B 682 26.25 35.00 11.57
C SER B 682 26.85 34.80 12.95
N VAL B 683 26.07 34.28 13.89
CA VAL B 683 26.54 34.04 15.26
C VAL B 683 26.30 32.57 15.61
N LEU B 684 27.36 31.89 16.05
CA LEU B 684 27.31 30.49 16.46
C LEU B 684 28.53 30.22 17.32
N VAL B 685 28.36 29.32 18.29
CA VAL B 685 29.46 28.86 19.13
C VAL B 685 29.51 27.34 19.06
N LYS B 686 30.72 26.80 19.17
CA LYS B 686 30.94 25.37 19.04
C LYS B 686 31.20 24.69 20.38
N SER B 687 32.07 25.26 21.20
CA SER B 687 32.40 24.69 22.51
C SER B 687 31.76 25.52 23.61
N ASN B 688 31.95 25.04 24.85
CA ASN B 688 31.31 25.68 26.00
C ASN B 688 31.98 26.99 26.39
N GLU B 689 33.30 27.11 26.18
CA GLU B 689 34.03 28.25 26.74
C GLU B 689 33.77 29.53 25.96
N GLU B 690 33.78 29.47 24.63
CA GLU B 690 33.47 30.67 23.86
C GLU B 690 31.99 30.96 23.82
N GLY B 691 31.14 29.98 24.17
CA GLY B 691 29.74 30.25 24.35
C GLY B 691 29.45 31.13 25.56
N ILE B 692 30.17 30.89 26.66
CA ILE B 692 29.90 31.65 27.87
C ILE B 692 30.73 32.94 27.93
N GLN B 693 31.90 32.98 27.27
CA GLN B 693 32.70 34.20 27.29
C GLN B 693 32.13 35.29 26.39
N ARG B 694 31.24 34.94 25.47
CA ARG B 694 30.50 35.96 24.74
C ARG B 694 29.54 36.70 25.67
N VAL B 695 28.99 35.99 26.67
CA VAL B 695 28.16 36.64 27.69
C VAL B 695 29.01 37.51 28.61
N LEU B 696 30.23 37.06 28.94
CA LEU B 696 31.11 37.86 29.78
C LEU B 696 31.72 39.06 29.05
N THR B 697 31.67 39.10 27.73
CA THR B 697 32.20 40.24 26.97
C THR B 697 31.12 41.18 26.46
N SER B 698 30.00 40.66 25.99
CA SER B 698 28.91 41.48 25.46
C SER B 698 27.59 41.02 26.07
N ASP B 699 26.55 41.83 25.89
CA ASP B 699 25.22 41.48 26.38
C ASP B 699 24.62 40.38 25.50
N TYR B 700 24.96 39.14 25.81
CA TYR B 700 24.68 38.01 24.95
C TYR B 700 23.77 37.02 25.66
N ALA B 701 22.64 36.69 25.04
CA ALA B 701 21.77 35.65 25.56
C ALA B 701 22.39 34.29 25.29
N PHE B 702 22.19 33.35 26.22
CA PHE B 702 22.75 32.03 26.08
C PHE B 702 21.90 31.03 26.85
N LEU B 703 21.76 29.83 26.27
CA LEU B 703 20.99 28.76 26.89
C LEU B 703 21.83 27.49 26.90
N MET B 704 21.87 26.82 28.06
CA MET B 704 22.67 25.62 28.27
C MET B 704 22.08 24.91 29.49
N GLU B 705 22.65 23.75 29.85
CA GLU B 705 22.17 22.95 30.95
C GLU B 705 22.44 23.62 32.29
N SER B 706 21.86 23.04 33.35
CA SER B 706 21.85 23.67 34.67
C SER B 706 23.23 23.66 35.32
N THR B 707 24.07 22.69 34.99
CA THR B 707 25.40 22.60 35.59
C THR B 707 26.30 23.74 35.13
N THR B 708 26.20 24.11 33.85
CA THR B 708 26.99 25.22 33.33
C THR B 708 26.54 26.55 33.90
N ILE B 709 25.23 26.72 34.12
CA ILE B 709 24.71 27.92 34.75
C ILE B 709 25.13 27.97 36.22
N GLU B 710 25.18 26.81 36.88
CA GLU B 710 25.71 26.72 38.24
C GLU B 710 27.18 27.10 38.29
N PHE B 711 27.96 26.70 37.29
CA PHE B 711 29.36 27.07 37.20
C PHE B 711 29.54 28.57 36.99
N VAL B 712 28.82 29.15 36.03
CA VAL B 712 28.99 30.57 35.75
C VAL B 712 28.34 31.47 36.78
N THR B 713 27.48 30.94 37.65
CA THR B 713 27.03 31.70 38.81
C THR B 713 27.93 31.51 40.02
N GLN B 714 28.64 30.38 40.11
CA GLN B 714 29.61 30.21 41.18
C GLN B 714 30.86 31.05 40.94
N ARG B 715 31.36 31.07 39.70
CA ARG B 715 32.55 31.85 39.41
C ARG B 715 32.25 33.35 39.40
N ASN B 716 31.16 33.75 38.76
CA ASN B 716 30.79 35.16 38.64
C ASN B 716 29.44 35.39 39.28
N CYS B 717 29.36 36.35 40.19
CA CYS B 717 28.10 36.73 40.79
C CYS B 717 27.28 37.67 39.91
N ASN B 718 27.86 38.14 38.80
CA ASN B 718 27.18 39.04 37.88
C ASN B 718 26.45 38.28 36.76
N LEU B 719 26.26 36.97 36.92
CA LEU B 719 25.50 36.16 35.99
C LEU B 719 24.20 35.73 36.66
N THR B 720 23.14 35.61 35.87
CA THR B 720 21.80 35.33 36.38
C THR B 720 21.24 34.07 35.73
N GLN B 721 20.32 33.42 36.43
CA GLN B 721 19.66 32.21 35.97
C GLN B 721 18.24 32.56 35.54
N ILE B 722 17.89 32.17 34.32
CA ILE B 722 16.58 32.46 33.74
C ILE B 722 15.97 31.15 33.25
N GLY B 723 14.76 30.85 33.72
CA GLY B 723 14.06 29.65 33.32
C GLY B 723 14.41 28.45 34.18
N GLY B 724 13.65 27.38 33.97
CA GLY B 724 13.84 26.16 34.74
C GLY B 724 14.21 24.97 33.88
N LEU B 725 13.87 23.77 34.36
CA LEU B 725 14.20 22.54 33.65
C LEU B 725 13.01 22.17 32.77
N ILE B 726 13.05 22.61 31.52
CA ILE B 726 11.97 22.31 30.59
C ILE B 726 12.08 20.88 30.10
N ASP B 727 13.21 20.52 29.51
CA ASP B 727 13.43 19.18 29.02
C ASP B 727 13.99 18.29 30.12
N SER B 728 13.49 17.06 30.18
CA SER B 728 13.94 16.09 31.18
C SER B 728 15.11 15.28 30.62
N LYS B 729 16.20 15.99 30.34
CA LYS B 729 17.41 15.37 29.80
C LYS B 729 18.17 14.71 30.95
N GLY B 730 18.18 13.39 30.97
CA GLY B 730 18.89 12.66 32.00
C GLY B 730 20.28 12.27 31.58
N TYR B 731 21.30 12.84 32.22
CA TYR B 731 22.67 12.47 31.95
C TYR B 731 22.95 11.09 32.54
N GLY B 732 23.53 10.20 31.74
CA GLY B 732 23.79 8.86 32.21
C GLY B 732 24.73 8.14 31.27
N VAL B 733 25.03 6.89 31.62
CA VAL B 733 25.93 6.04 30.86
C VAL B 733 25.12 4.91 30.27
N GLY B 734 25.31 4.66 28.97
CA GLY B 734 24.77 3.44 28.38
C GLY B 734 25.48 2.22 28.91
N THR B 735 24.79 1.08 28.86
CA THR B 735 25.32 -0.09 29.53
C THR B 735 25.42 -1.27 28.58
N PRO B 736 26.40 -2.15 28.79
CA PRO B 736 26.47 -3.39 28.02
C PRO B 736 25.33 -4.33 28.35
N MET B 737 25.04 -5.23 27.41
CA MET B 737 24.09 -6.30 27.67
C MET B 737 24.74 -7.33 28.59
N GLY B 738 24.01 -7.72 29.64
CA GLY B 738 24.56 -8.61 30.63
C GLY B 738 25.48 -7.96 31.64
N SER B 739 25.56 -6.63 31.65
CA SER B 739 26.44 -5.95 32.57
C SER B 739 25.85 -5.96 33.99
N PRO B 740 26.70 -6.06 35.01
CA PRO B 740 26.16 -5.99 36.39
C PRO B 740 25.71 -4.60 36.78
N TYR B 741 26.36 -3.55 36.29
CA TYR B 741 25.92 -2.20 36.65
C TYR B 741 24.70 -1.75 35.86
N ARG B 742 24.26 -2.53 34.87
CA ARG B 742 22.96 -2.31 34.24
C ARG B 742 21.82 -2.42 35.24
N ASP B 743 21.91 -3.40 36.15
CA ASP B 743 20.97 -3.48 37.26
C ASP B 743 21.45 -2.72 38.49
N LYS B 744 22.76 -2.57 38.68
CA LYS B 744 23.22 -1.94 39.90
C LYS B 744 23.31 -0.42 39.80
N ILE B 745 22.97 0.17 38.65
CA ILE B 745 22.64 1.59 38.60
C ILE B 745 21.30 1.83 39.29
N THR B 746 20.43 0.81 39.35
CA THR B 746 19.13 0.91 39.97
C THR B 746 19.06 0.30 41.36
N ILE B 747 19.93 -0.65 41.68
CA ILE B 747 19.90 -1.28 43.00
C ILE B 747 21.11 -0.92 43.87
N ALA B 748 22.21 -0.45 43.30
CA ALA B 748 23.39 -0.11 44.10
C ALA B 748 23.81 1.34 43.95
N ILE B 749 23.93 1.85 42.72
CA ILE B 749 24.29 3.25 42.54
C ILE B 749 23.09 4.14 42.89
N LEU B 750 21.87 3.65 42.68
CA LEU B 750 20.70 4.33 43.21
C LEU B 750 20.67 4.28 44.74
N GLN B 751 21.25 3.25 45.34
CA GLN B 751 21.43 3.24 46.79
C GLN B 751 22.46 4.26 47.23
N LEU B 752 23.48 4.52 46.39
CA LEU B 752 24.40 5.63 46.66
C LEU B 752 23.70 6.98 46.55
N GLN B 753 22.75 7.09 45.62
CA GLN B 753 21.94 8.31 45.51
C GLN B 753 21.05 8.50 46.73
N GLU B 754 20.44 7.40 47.21
CA GLU B 754 19.58 7.46 48.39
C GLU B 754 20.39 7.78 49.65
N GLU B 755 21.58 7.19 49.79
CA GLU B 755 22.41 7.45 50.95
C GLU B 755 23.24 8.71 50.82
N GLY B 756 23.26 9.34 49.65
CA GLY B 756 23.87 10.63 49.48
C GLY B 756 25.24 10.66 48.84
N LYS B 757 25.71 9.55 48.29
CA LYS B 757 27.04 9.54 47.67
C LYS B 757 27.05 10.10 46.26
N LEU B 758 25.90 10.29 45.64
CA LEU B 758 25.86 10.79 44.27
C LEU B 758 25.65 12.30 44.20
N HIS B 759 24.74 12.84 45.00
CA HIS B 759 24.47 14.27 44.98
C HIS B 759 25.42 15.08 45.83
N MET B 760 26.35 14.43 46.54
CA MET B 760 27.39 15.15 47.27
C MET B 760 28.44 15.75 46.36
N MET B 761 28.53 15.30 45.10
CA MET B 761 29.46 15.90 44.15
C MET B 761 29.05 17.32 43.78
N LYS B 762 27.75 17.63 43.84
CA LYS B 762 27.32 19.00 43.72
C LYS B 762 27.66 19.82 44.96
N GLU B 763 27.86 19.17 46.10
CA GLU B 763 28.21 19.84 47.35
C GLU B 763 29.67 19.68 47.72
N LYS B 764 30.52 19.20 46.80
CA LYS B 764 31.94 19.08 47.07
C LYS B 764 32.84 19.62 45.97
N TRP B 765 32.31 19.92 44.77
CA TRP B 765 33.15 20.31 43.65
C TRP B 765 33.09 21.80 43.37
N TRP B 766 31.89 22.37 43.24
CA TRP B 766 31.80 23.80 42.98
C TRP B 766 30.87 24.49 43.98
N ARG B 767 29.88 23.75 44.49
CA ARG B 767 28.87 24.19 45.46
C ARG B 767 28.09 25.40 44.96
N GLY B 768 28.33 26.57 45.55
CA GLY B 768 27.64 27.78 45.16
C GLY B 768 28.20 29.03 45.82
N VAL B 784 14.88 61.90 39.61
CA VAL B 784 16.15 61.34 39.14
C VAL B 784 16.30 61.54 37.64
N GLN B 785 17.57 61.56 37.19
CA GLN B 785 17.97 61.69 35.79
C GLN B 785 17.45 62.97 35.15
N ASN B 786 16.31 62.87 34.47
CA ASN B 786 15.68 64.05 33.87
C ASN B 786 15.17 65.01 34.94
N ILE B 787 14.58 64.47 36.02
CA ILE B 787 14.00 65.29 37.08
C ILE B 787 15.10 66.00 37.85
N GLY B 788 16.24 65.32 38.09
CA GLY B 788 17.36 65.98 38.73
C GLY B 788 18.00 67.06 37.88
N GLY B 789 18.05 66.84 36.57
CA GLY B 789 18.53 67.88 35.67
C GLY B 789 17.61 69.08 35.61
N ILE B 790 16.30 68.85 35.66
CA ILE B 790 15.32 69.93 35.71
C ILE B 790 15.44 70.69 37.04
N PHE B 791 15.73 69.97 38.12
CA PHE B 791 15.99 70.60 39.43
C PHE B 791 17.26 71.44 39.40
N ILE B 792 18.30 70.97 38.70
CA ILE B 792 19.54 71.72 38.55
C ILE B 792 19.31 73.00 37.74
N VAL B 793 18.52 72.90 36.66
CA VAL B 793 18.17 74.06 35.85
C VAL B 793 17.31 75.05 36.64
N LEU B 794 16.40 74.54 37.47
CA LEU B 794 15.58 75.38 38.34
C LEU B 794 16.42 76.12 39.38
N ALA B 795 17.41 75.43 39.97
CA ALA B 795 18.29 76.06 40.94
C ALA B 795 19.18 77.11 40.29
N ALA B 796 19.65 76.84 39.06
CA ALA B 796 20.45 77.83 38.33
C ALA B 796 19.63 79.05 37.95
N GLY B 797 18.37 78.85 37.54
CA GLY B 797 17.48 79.97 37.30
C GLY B 797 17.12 80.75 38.55
N LEU B 798 17.03 80.05 39.69
CA LEU B 798 16.82 80.73 40.97
C LEU B 798 18.03 81.60 41.34
N VAL B 799 19.24 81.08 41.09
CA VAL B 799 20.46 81.84 41.31
C VAL B 799 20.52 83.06 40.39
N LEU B 800 20.10 82.88 39.14
CA LEU B 800 20.04 83.99 38.19
C LEU B 800 18.99 85.03 38.60
N SER B 801 17.87 84.58 39.18
CA SER B 801 16.86 85.53 39.65
C SER B 801 17.32 86.28 40.90
N VAL B 802 18.10 85.64 41.76
CA VAL B 802 18.73 86.34 42.89
C VAL B 802 19.73 87.37 42.38
N PHE B 803 20.49 87.02 41.34
CA PHE B 803 21.41 87.97 40.71
C PHE B 803 20.67 89.13 40.05
N VAL B 804 19.47 88.88 39.51
CA VAL B 804 18.62 89.94 38.99
C VAL B 804 18.14 90.84 40.12
N ALA B 805 17.74 90.25 41.26
CA ALA B 805 17.16 90.99 42.38
C ALA B 805 18.16 91.86 43.12
N VAL B 806 19.46 91.68 42.91
CA VAL B 806 20.46 92.55 43.53
C VAL B 806 20.47 93.92 42.85
N HIS C 1 56.53 -35.66 -58.53
CA HIS C 1 55.13 -35.95 -58.21
C HIS C 1 54.26 -34.71 -58.37
N VAL C 2 53.07 -34.91 -58.92
CA VAL C 2 52.13 -33.82 -59.17
C VAL C 2 50.89 -34.05 -58.30
N LEU C 3 50.22 -32.96 -57.94
CA LEU C 3 48.99 -33.03 -57.16
C LEU C 3 48.13 -31.83 -57.52
N ARG C 4 46.91 -32.10 -57.98
CA ARG C 4 46.02 -31.07 -58.49
C ARG C 4 45.06 -30.63 -57.38
N PHE C 5 45.24 -29.41 -56.90
CA PHE C 5 44.22 -28.78 -56.08
C PHE C 5 43.24 -28.06 -56.98
N GLY C 6 42.19 -27.51 -56.39
CA GLY C 6 41.20 -26.80 -57.16
C GLY C 6 40.33 -25.95 -56.25
N GLY C 7 39.75 -24.90 -56.83
CA GLY C 7 38.95 -23.98 -56.07
C GLY C 7 37.80 -23.46 -56.90
N ILE C 8 36.83 -22.89 -56.19
CA ILE C 8 35.66 -22.28 -56.80
C ILE C 8 35.59 -20.85 -56.30
N PHE C 9 35.60 -19.89 -57.22
CA PHE C 9 35.58 -18.48 -56.88
C PHE C 9 34.50 -17.80 -57.70
N GLU C 10 33.97 -16.71 -57.18
CA GLU C 10 32.82 -16.06 -57.78
C GLU C 10 33.27 -15.10 -58.87
N TYR C 11 32.64 -15.20 -60.04
CA TYR C 11 33.11 -14.56 -61.25
C TYR C 11 32.86 -13.06 -61.21
N VAL C 12 33.87 -12.29 -61.60
CA VAL C 12 33.76 -10.84 -61.76
C VAL C 12 33.77 -10.56 -63.26
N GLU C 13 32.67 -9.98 -63.75
CA GLU C 13 32.51 -9.78 -65.19
C GLU C 13 33.33 -8.63 -65.74
N SER C 14 33.82 -7.73 -64.88
CA SER C 14 34.56 -6.56 -65.33
C SER C 14 35.59 -6.21 -64.27
N GLY C 15 36.87 -6.34 -64.61
CA GLY C 15 37.93 -5.96 -63.71
C GLY C 15 38.94 -7.08 -63.50
N PRO C 16 39.74 -6.95 -62.43
CA PRO C 16 40.77 -7.96 -62.19
C PRO C 16 40.24 -9.18 -61.46
N MET C 17 41.14 -10.08 -61.07
CA MET C 17 40.77 -11.26 -60.31
C MET C 17 40.35 -10.86 -58.89
N GLY C 18 39.53 -11.71 -58.28
CA GLY C 18 39.11 -11.50 -56.92
C GLY C 18 40.24 -11.73 -55.93
N ALA C 19 40.01 -11.26 -54.70
CA ALA C 19 41.06 -11.34 -53.67
C ALA C 19 41.30 -12.76 -53.22
N GLU C 20 40.24 -13.58 -53.16
CA GLU C 20 40.38 -14.96 -52.71
C GLU C 20 41.13 -15.81 -53.74
N GLU C 21 40.82 -15.62 -55.02
CA GLU C 21 41.52 -16.36 -56.07
C GLU C 21 42.98 -15.91 -56.18
N LEU C 22 43.23 -14.61 -55.99
CA LEU C 22 44.60 -14.10 -56.01
C LEU C 22 45.39 -14.62 -54.82
N ALA C 23 44.76 -14.72 -53.65
CA ALA C 23 45.42 -15.31 -52.50
C ALA C 23 45.67 -16.80 -52.68
N PHE C 24 44.76 -17.49 -53.36
CA PHE C 24 44.94 -18.91 -53.67
C PHE C 24 46.13 -19.13 -54.59
N ARG C 25 46.22 -18.32 -55.65
CA ARG C 25 47.36 -18.42 -56.58
C ARG C 25 48.66 -17.99 -55.90
N PHE C 26 48.59 -16.99 -55.02
CA PHE C 26 49.76 -16.53 -54.29
C PHE C 26 50.28 -17.61 -53.35
N ALA C 27 49.37 -18.30 -52.65
CA ALA C 27 49.77 -19.38 -51.75
C ALA C 27 50.34 -20.56 -52.53
N VAL C 28 49.75 -20.89 -53.68
CA VAL C 28 50.24 -22.00 -54.50
C VAL C 28 51.63 -21.70 -55.05
N ASN C 29 51.84 -20.48 -55.55
CA ASN C 29 53.14 -20.11 -56.09
C ASN C 29 54.19 -19.94 -54.99
N THR C 30 53.78 -19.47 -53.81
CA THR C 30 54.72 -19.33 -52.70
C THR C 30 55.16 -20.68 -52.17
N ILE C 31 54.25 -21.64 -52.09
CA ILE C 31 54.65 -22.97 -51.62
C ILE C 31 55.32 -23.76 -52.72
N ASN C 32 55.15 -23.39 -53.99
CA ASN C 32 55.95 -23.99 -55.04
C ASN C 32 57.37 -23.44 -55.02
N ARG C 33 57.53 -22.16 -54.70
CA ARG C 33 58.87 -21.59 -54.58
C ARG C 33 59.55 -22.06 -53.31
N ASN C 34 58.80 -22.26 -52.22
CA ASN C 34 59.38 -22.79 -51.00
C ASN C 34 59.67 -24.27 -51.15
N ARG C 35 60.75 -24.73 -50.51
CA ARG C 35 61.18 -26.11 -50.61
C ARG C 35 61.03 -26.85 -49.29
N THR C 36 60.93 -26.13 -48.16
CA THR C 36 60.84 -26.72 -46.84
C THR C 36 59.57 -27.54 -46.67
N LEU C 37 58.44 -27.02 -47.14
CA LEU C 37 57.18 -27.75 -47.14
C LEU C 37 56.97 -28.39 -48.50
N LEU C 38 56.47 -29.63 -48.50
CA LEU C 38 56.22 -30.50 -49.64
C LEU C 38 57.47 -30.66 -50.51
N PRO C 39 58.48 -31.41 -50.04
CA PRO C 39 59.78 -31.41 -50.75
C PRO C 39 59.80 -32.30 -51.99
N ASN C 40 58.92 -33.29 -52.07
CA ASN C 40 58.98 -34.28 -53.14
C ASN C 40 57.75 -34.25 -54.05
N THR C 41 56.90 -33.24 -53.95
CA THR C 41 55.70 -33.17 -54.76
C THR C 41 55.49 -31.76 -55.27
N THR C 42 55.34 -31.62 -56.58
CA THR C 42 54.99 -30.33 -57.17
C THR C 42 53.48 -30.12 -57.07
N LEU C 43 53.08 -28.95 -56.59
CA LEU C 43 51.68 -28.64 -56.37
C LEU C 43 51.16 -27.77 -57.50
N THR C 44 50.00 -28.12 -58.04
CA THR C 44 49.35 -27.35 -59.09
C THR C 44 47.88 -27.15 -58.74
N TYR C 45 47.18 -26.41 -59.60
CA TYR C 45 45.84 -25.94 -59.28
C TYR C 45 45.08 -25.66 -60.56
N ASP C 46 43.77 -25.49 -60.42
CA ASP C 46 42.93 -24.93 -61.47
C ASP C 46 41.75 -24.24 -60.81
N THR C 47 41.28 -23.17 -61.44
CA THR C 47 40.22 -22.35 -60.88
C THR C 47 39.00 -22.37 -61.79
N GLN C 48 37.83 -22.29 -61.18
CA GLN C 48 36.57 -22.18 -61.90
C GLN C 48 35.83 -20.95 -61.40
N LYS C 49 35.24 -20.20 -62.32
CA LYS C 49 34.52 -18.98 -62.00
C LYS C 49 33.02 -19.24 -62.08
N ILE C 50 32.31 -18.98 -60.99
CA ILE C 50 30.88 -19.24 -60.90
C ILE C 50 30.14 -17.93 -60.66
N ASN C 51 28.83 -17.98 -60.87
CA ASN C 51 28.00 -16.80 -60.74
C ASN C 51 27.62 -16.57 -59.27
N LEU C 52 26.69 -15.65 -59.05
CA LEU C 52 26.27 -15.26 -57.71
C LEU C 52 24.98 -16.00 -57.36
N TYR C 53 25.04 -16.80 -56.29
CA TYR C 53 23.91 -17.56 -55.74
C TYR C 53 23.29 -18.51 -56.76
N ASP C 54 24.12 -19.14 -57.57
CA ASP C 54 23.66 -20.17 -58.50
C ASP C 54 24.31 -21.48 -58.06
N SER C 55 23.66 -22.17 -57.12
CA SER C 55 24.21 -23.41 -56.61
C SER C 55 24.09 -24.55 -57.60
N PHE C 56 23.17 -24.45 -58.57
CA PHE C 56 23.19 -25.38 -59.69
C PHE C 56 24.44 -25.18 -60.54
N GLU C 57 24.81 -23.93 -60.80
CA GLU C 57 26.03 -23.65 -61.57
C GLU C 57 27.27 -24.07 -60.80
N ALA C 58 27.27 -23.85 -59.48
CA ALA C 58 28.37 -24.29 -58.64
C ALA C 58 28.45 -25.81 -58.58
N SER C 59 27.28 -26.49 -58.57
CA SER C 59 27.27 -27.94 -58.58
C SER C 59 27.75 -28.50 -59.90
N LYS C 60 27.39 -27.85 -61.01
CA LYS C 60 27.87 -28.28 -62.32
C LYS C 60 29.37 -28.06 -62.46
N LYS C 61 29.88 -26.93 -61.96
CA LYS C 61 31.31 -26.67 -61.98
C LYS C 61 32.06 -27.64 -61.08
N ALA C 62 31.48 -27.98 -59.92
CA ALA C 62 32.10 -28.97 -59.05
C ALA C 62 32.07 -30.37 -59.66
N CYS C 63 31.01 -30.69 -60.41
CA CYS C 63 30.94 -31.98 -61.10
C CYS C 63 31.99 -32.08 -62.20
N ASP C 64 32.17 -31.01 -62.98
CA ASP C 64 33.21 -30.99 -64.00
C ASP C 64 34.61 -30.99 -63.38
N GLN C 65 34.76 -30.33 -62.23
CA GLN C 65 36.04 -30.29 -61.53
C GLN C 65 36.41 -31.66 -60.95
N LEU C 66 35.41 -32.38 -60.43
CA LEU C 66 35.67 -33.72 -59.93
C LEU C 66 35.86 -34.72 -61.06
N SER C 67 35.22 -34.48 -62.21
CA SER C 67 35.50 -35.29 -63.39
C SER C 67 36.90 -35.03 -63.92
N LEU C 68 37.42 -33.82 -63.73
CA LEU C 68 38.81 -33.55 -64.05
C LEU C 68 39.75 -34.22 -63.05
N GLY C 69 39.28 -34.44 -61.82
CA GLY C 69 40.13 -35.03 -60.80
C GLY C 69 40.81 -33.98 -59.96
N VAL C 70 40.54 -33.99 -58.65
CA VAL C 70 41.06 -32.98 -57.74
C VAL C 70 41.12 -33.59 -56.35
N ALA C 71 42.17 -33.25 -55.59
CA ALA C 71 42.33 -33.77 -54.24
C ALA C 71 41.32 -33.15 -53.29
N ALA C 72 41.39 -31.84 -53.11
CA ALA C 72 40.48 -31.12 -52.24
C ALA C 72 40.02 -29.85 -52.94
N ILE C 73 38.84 -29.39 -52.55
CA ILE C 73 38.22 -28.23 -53.19
C ILE C 73 38.08 -27.11 -52.17
N PHE C 74 38.30 -25.89 -52.64
CA PHE C 74 38.12 -24.68 -51.84
C PHE C 74 36.82 -24.04 -52.31
N GLY C 75 35.82 -24.04 -51.43
CA GLY C 75 34.47 -23.71 -51.84
C GLY C 75 34.25 -22.22 -51.97
N PRO C 76 33.02 -21.85 -52.30
CA PRO C 76 32.68 -20.44 -52.50
C PRO C 76 32.47 -19.73 -51.16
N SER C 77 32.05 -18.48 -51.25
CA SER C 77 31.89 -17.62 -50.09
C SER C 77 30.45 -17.17 -49.90
N HIS C 78 29.49 -18.04 -50.24
CA HIS C 78 28.08 -17.75 -50.02
C HIS C 78 27.38 -19.03 -49.60
N SER C 79 26.33 -18.87 -48.80
CA SER C 79 25.83 -19.96 -47.96
C SER C 79 25.19 -21.10 -48.76
N SER C 80 24.36 -20.76 -49.75
CA SER C 80 23.64 -21.78 -50.51
C SER C 80 24.59 -22.60 -51.38
N SER C 81 25.51 -21.92 -52.07
CA SER C 81 26.47 -22.61 -52.92
C SER C 81 27.47 -23.42 -52.10
N ALA C 82 27.84 -22.91 -50.92
CA ALA C 82 28.71 -23.69 -50.04
C ALA C 82 28.01 -24.92 -49.49
N ASN C 83 26.70 -24.81 -49.21
CA ASN C 83 25.94 -25.97 -48.76
C ASN C 83 25.82 -27.02 -49.86
N ALA C 84 25.61 -26.57 -51.10
CA ALA C 84 25.52 -27.51 -52.22
C ALA C 84 26.86 -28.20 -52.48
N VAL C 85 27.97 -27.45 -52.45
CA VAL C 85 29.29 -28.02 -52.67
C VAL C 85 29.68 -28.94 -51.52
N GLN C 86 29.26 -28.59 -50.30
CA GLN C 86 29.50 -29.45 -49.14
C GLN C 86 28.73 -30.76 -49.24
N SER C 87 27.50 -30.72 -49.74
CA SER C 87 26.74 -31.96 -49.98
C SER C 87 27.39 -32.82 -51.04
N ILE C 88 27.87 -32.18 -52.14
CA ILE C 88 28.54 -32.90 -53.24
C ILE C 88 29.78 -33.61 -52.73
N CYS C 89 30.63 -32.88 -52.00
CA CYS C 89 31.89 -33.44 -51.55
C CYS C 89 31.72 -34.43 -50.41
N ASN C 90 30.73 -34.23 -49.53
CA ASN C 90 30.49 -35.20 -48.48
C ASN C 90 29.88 -36.48 -49.01
N ALA C 91 29.13 -36.40 -50.12
CA ALA C 91 28.69 -37.61 -50.78
C ALA C 91 29.84 -38.31 -51.48
N LEU C 92 30.73 -37.56 -52.13
CA LEU C 92 31.80 -38.15 -52.90
C LEU C 92 33.09 -38.32 -52.11
N GLY C 93 33.07 -38.01 -50.81
CA GLY C 93 34.24 -38.21 -49.96
C GLY C 93 35.43 -37.31 -50.27
N VAL C 94 35.17 -36.05 -50.60
CA VAL C 94 36.21 -35.10 -50.97
C VAL C 94 36.26 -34.04 -49.87
N PRO C 95 37.45 -33.58 -49.45
CA PRO C 95 37.51 -32.55 -48.42
C PRO C 95 37.01 -31.19 -48.91
N HIS C 96 36.25 -30.53 -48.06
CA HIS C 96 35.78 -29.17 -48.28
C HIS C 96 36.51 -28.23 -47.34
N ILE C 97 37.09 -27.18 -47.89
CA ILE C 97 37.84 -26.21 -47.10
C ILE C 97 37.12 -24.88 -47.25
N GLN C 98 36.21 -24.59 -46.33
CA GLN C 98 35.46 -23.34 -46.37
C GLN C 98 36.25 -22.24 -45.67
N THR C 99 36.08 -21.02 -46.16
CA THR C 99 36.72 -19.85 -45.57
C THR C 99 35.73 -18.82 -45.07
N ARG C 100 34.66 -18.56 -45.80
CA ARG C 100 33.60 -17.71 -45.31
C ARG C 100 32.67 -18.51 -44.41
N TRP C 101 32.19 -17.87 -43.35
CA TRP C 101 31.23 -18.51 -42.46
C TRP C 101 29.90 -18.70 -43.18
N LYS C 102 29.33 -19.89 -43.01
CA LYS C 102 27.99 -20.17 -43.49
C LYS C 102 27.12 -20.55 -42.30
N HIS C 103 25.81 -20.42 -42.48
CA HIS C 103 24.89 -20.85 -41.45
C HIS C 103 24.86 -22.36 -41.38
N GLN C 104 24.99 -22.91 -40.17
CA GLN C 104 25.06 -24.35 -39.97
C GLN C 104 23.69 -24.89 -39.59
N VAL C 105 23.19 -25.79 -40.41
CA VAL C 105 21.92 -26.46 -40.13
C VAL C 105 22.17 -27.56 -39.11
N SER C 106 21.28 -27.67 -38.12
CA SER C 106 21.54 -28.49 -36.94
C SER C 106 21.53 -29.99 -37.26
N ASP C 107 20.52 -30.46 -37.99
CA ASP C 107 20.39 -31.90 -38.20
C ASP C 107 21.25 -32.43 -39.33
N ASN C 108 21.99 -31.56 -40.03
CA ASN C 108 22.86 -32.00 -41.11
C ASN C 108 24.04 -32.77 -40.55
N LYS C 109 24.20 -34.01 -40.97
CA LYS C 109 25.25 -34.88 -40.47
C LYS C 109 26.36 -35.09 -41.50
N ASP C 110 26.63 -34.09 -42.31
CA ASP C 110 27.80 -34.12 -43.17
C ASP C 110 29.06 -33.99 -42.32
N SER C 111 30.09 -34.73 -42.70
CA SER C 111 31.30 -34.79 -41.89
C SER C 111 32.57 -34.56 -42.70
N PHE C 112 32.47 -34.14 -43.95
CA PHE C 112 33.65 -33.90 -44.78
C PHE C 112 33.68 -32.42 -45.16
N TYR C 113 34.14 -31.60 -44.22
CA TYR C 113 34.27 -30.15 -44.37
C TYR C 113 34.98 -29.60 -43.15
N VAL C 114 35.76 -28.53 -43.36
CA VAL C 114 36.23 -27.67 -42.29
C VAL C 114 35.96 -26.24 -42.70
N SER C 115 35.95 -25.34 -41.71
CA SER C 115 35.75 -23.92 -41.97
C SER C 115 36.71 -23.15 -41.06
N LEU C 116 37.57 -22.35 -41.67
CA LEU C 116 38.58 -21.64 -40.91
C LEU C 116 38.13 -20.29 -40.40
N TYR C 117 36.92 -19.86 -40.73
CA TYR C 117 36.37 -18.68 -40.10
C TYR C 117 36.07 -19.00 -38.64
N PRO C 118 36.34 -18.08 -37.72
CA PRO C 118 36.02 -18.32 -36.31
C PRO C 118 34.52 -18.41 -36.08
N ASP C 119 34.12 -19.35 -35.23
CA ASP C 119 32.71 -19.58 -34.97
C ASP C 119 32.13 -18.44 -34.16
N PHE C 120 30.93 -18.02 -34.55
CA PHE C 120 30.31 -16.85 -33.93
C PHE C 120 29.76 -17.11 -32.54
N SER C 121 29.74 -18.36 -32.07
CA SER C 121 29.53 -18.60 -30.64
C SER C 121 30.69 -18.01 -29.84
N SER C 122 31.92 -18.29 -30.28
CA SER C 122 33.10 -17.76 -29.60
C SER C 122 33.24 -16.26 -29.81
N LEU C 123 32.91 -15.77 -31.01
CA LEU C 123 32.97 -14.34 -31.27
C LEU C 123 31.92 -13.58 -30.49
N SER C 124 30.71 -14.15 -30.36
CA SER C 124 29.66 -13.50 -29.58
C SER C 124 29.97 -13.55 -28.10
N ARG C 125 30.63 -14.61 -27.62
CA ARG C 125 31.11 -14.62 -26.24
C ARG C 125 32.20 -13.60 -26.01
N ALA C 126 33.06 -13.36 -27.02
CA ALA C 126 34.06 -12.31 -26.92
C ALA C 126 33.43 -10.92 -26.87
N ILE C 127 32.39 -10.70 -27.67
CA ILE C 127 31.68 -9.43 -27.67
C ILE C 127 30.97 -9.21 -26.34
N LEU C 128 30.38 -10.27 -25.79
CA LEU C 128 29.74 -10.21 -24.48
C LEU C 128 30.75 -9.95 -23.37
N ASP C 129 31.94 -10.54 -23.47
CA ASP C 129 32.99 -10.28 -22.50
C ASP C 129 33.48 -8.84 -22.57
N LEU C 130 33.57 -8.29 -23.78
CA LEU C 130 33.93 -6.88 -23.95
C LEU C 130 32.87 -5.95 -23.38
N VAL C 131 31.59 -6.31 -23.56
CA VAL C 131 30.49 -5.51 -23.03
C VAL C 131 30.49 -5.55 -21.50
N GLN C 132 30.70 -6.73 -20.92
CA GLN C 132 30.76 -6.86 -19.46
C GLN C 132 32.02 -6.20 -18.90
N PHE C 133 33.08 -6.09 -19.69
CA PHE C 133 34.23 -5.28 -19.29
C PHE C 133 33.87 -3.81 -19.28
N PHE C 134 33.15 -3.34 -20.30
CA PHE C 134 32.78 -1.93 -20.38
C PHE C 134 31.62 -1.57 -19.45
N LYS C 135 30.94 -2.59 -18.88
CA LYS C 135 29.87 -2.43 -17.89
C LYS C 135 28.71 -1.59 -18.42
N TRP C 136 28.30 -1.88 -19.65
CA TRP C 136 27.20 -1.15 -20.25
C TRP C 136 25.87 -1.60 -19.68
N LYS C 137 24.85 -0.76 -19.89
CA LYS C 137 23.48 -1.08 -19.53
C LYS C 137 22.53 -1.00 -20.70
N THR C 138 22.71 -0.04 -21.59
CA THR C 138 21.88 0.14 -22.77
C THR C 138 22.77 0.00 -24.00
N VAL C 139 22.46 -0.97 -24.85
CA VAL C 139 23.25 -1.22 -26.06
C VAL C 139 22.30 -1.39 -27.23
N THR C 140 22.63 -0.78 -28.37
CA THR C 140 21.86 -0.91 -29.59
C THR C 140 22.70 -1.64 -30.63
N VAL C 141 22.14 -2.69 -31.19
CA VAL C 141 22.83 -3.55 -32.14
C VAL C 141 22.21 -3.34 -33.50
N VAL C 142 23.03 -2.94 -34.47
CA VAL C 142 22.58 -2.68 -35.83
C VAL C 142 23.19 -3.74 -36.74
N TYR C 143 22.33 -4.49 -37.42
CA TYR C 143 22.76 -5.51 -38.36
C TYR C 143 22.28 -5.14 -39.77
N ASP C 144 22.62 -5.99 -40.74
CA ASP C 144 22.30 -5.70 -42.13
C ASP C 144 21.55 -6.85 -42.79
N ASP C 145 21.83 -8.08 -42.34
CA ASP C 145 21.25 -9.28 -42.94
C ASP C 145 20.67 -10.16 -41.84
N SER C 146 19.59 -10.87 -42.18
CA SER C 146 18.90 -11.72 -41.22
C SER C 146 19.74 -12.91 -40.77
N THR C 147 20.77 -13.29 -41.54
CA THR C 147 21.74 -14.27 -41.07
C THR C 147 22.66 -13.70 -40.00
N GLY C 148 22.70 -12.38 -39.82
CA GLY C 148 23.51 -11.78 -38.78
C GLY C 148 23.01 -12.04 -37.37
N LEU C 149 21.72 -12.34 -37.22
CA LEU C 149 21.19 -12.66 -35.90
C LEU C 149 21.65 -14.04 -35.44
N ILE C 150 21.98 -14.93 -36.38
CA ILE C 150 22.69 -16.15 -36.04
C ILE C 150 24.07 -15.83 -35.48
N ARG C 151 24.73 -14.85 -36.09
CA ARG C 151 26.07 -14.46 -35.71
C ARG C 151 26.12 -13.65 -34.41
N LEU C 152 24.96 -13.28 -33.85
CA LEU C 152 24.92 -12.50 -32.62
C LEU C 152 23.87 -13.03 -31.66
N GLN C 153 23.59 -14.33 -31.69
CA GLN C 153 22.49 -14.88 -30.90
C GLN C 153 22.81 -14.94 -29.41
N GLU C 154 24.11 -15.09 -29.07
CA GLU C 154 24.48 -15.15 -27.65
C GLU C 154 24.32 -13.79 -26.98
N LEU C 155 24.54 -12.71 -27.73
CA LEU C 155 24.27 -11.37 -27.20
C LEU C 155 22.78 -11.17 -26.93
N ILE C 156 21.93 -11.71 -27.79
CA ILE C 156 20.49 -11.59 -27.59
C ILE C 156 20.04 -12.47 -26.43
N LYS C 157 20.66 -13.63 -26.23
CA LYS C 157 20.34 -14.45 -25.08
C LYS C 157 20.95 -13.95 -23.78
N ALA C 158 21.92 -13.03 -23.86
CA ALA C 158 22.57 -12.52 -22.66
C ALA C 158 21.71 -11.72 -21.67
N PRO C 159 20.61 -11.01 -22.03
CA PRO C 159 19.73 -10.47 -20.98
C PRO C 159 19.03 -11.49 -20.11
N SER C 160 19.00 -12.77 -20.49
CA SER C 160 18.44 -13.79 -19.61
C SER C 160 19.30 -14.03 -18.38
N ARG C 161 20.60 -13.70 -18.44
CA ARG C 161 21.49 -13.91 -17.31
C ARG C 161 22.00 -12.62 -16.69
N TYR C 162 21.95 -11.49 -17.40
CA TYR C 162 22.44 -10.22 -16.89
C TYR C 162 21.34 -9.18 -16.90
N ASN C 163 21.65 -8.02 -16.33
CA ASN C 163 20.75 -6.87 -16.35
C ASN C 163 21.07 -5.93 -17.51
N LEU C 164 21.12 -6.47 -18.71
CA LEU C 164 21.50 -5.71 -19.90
C LEU C 164 20.26 -5.39 -20.72
N ARG C 165 20.12 -4.14 -21.11
CA ARG C 165 19.01 -3.68 -21.94
C ARG C 165 19.54 -3.40 -23.34
N LEU C 166 18.85 -3.93 -24.35
CA LEU C 166 19.31 -3.80 -25.73
C LEU C 166 18.15 -3.48 -26.65
N LYS C 167 18.46 -2.71 -27.69
CA LYS C 167 17.59 -2.50 -28.83
C LYS C 167 18.28 -3.05 -30.06
N ILE C 168 17.49 -3.46 -31.05
CA ILE C 168 18.01 -4.13 -32.23
C ILE C 168 17.40 -3.48 -33.46
N ARG C 169 18.25 -3.06 -34.40
CA ARG C 169 17.79 -2.40 -35.61
C ARG C 169 18.54 -2.96 -36.82
N GLN C 170 17.90 -2.84 -37.97
CA GLN C 170 18.39 -3.40 -39.22
C GLN C 170 18.66 -2.29 -40.22
N LEU C 171 19.81 -2.39 -40.89
CA LEU C 171 20.12 -1.49 -41.99
C LEU C 171 19.14 -1.71 -43.14
N PRO C 172 18.82 -0.66 -43.89
CA PRO C 172 17.89 -0.81 -45.02
C PRO C 172 18.53 -1.55 -46.19
N ALA C 173 17.69 -1.90 -47.16
CA ALA C 173 18.17 -2.58 -48.36
C ALA C 173 19.06 -1.69 -49.21
N ASP C 174 18.83 -0.38 -49.19
CA ASP C 174 19.75 0.56 -49.81
C ASP C 174 20.90 0.85 -48.85
N THR C 175 22.13 0.83 -49.37
CA THR C 175 23.29 1.07 -48.53
C THR C 175 23.42 2.54 -48.16
N LYS C 176 22.87 3.44 -48.98
CA LYS C 176 22.97 4.87 -48.75
C LYS C 176 21.83 5.41 -47.91
N ASP C 177 20.90 4.56 -47.48
CA ASP C 177 19.75 4.98 -46.70
C ASP C 177 19.98 4.86 -45.19
N ALA C 178 21.22 5.01 -44.75
CA ALA C 178 21.53 4.90 -43.33
C ALA C 178 21.16 6.14 -42.53
N LYS C 179 20.88 7.25 -43.20
CA LYS C 179 20.54 8.49 -42.51
C LYS C 179 19.27 8.45 -41.65
N PRO C 180 18.15 7.82 -42.05
CA PRO C 180 17.06 7.62 -41.06
C PRO C 180 17.45 6.75 -39.88
N LEU C 181 18.34 5.78 -40.07
CA LEU C 181 18.78 4.95 -38.95
C LEU C 181 19.64 5.75 -37.98
N LEU C 182 20.53 6.60 -38.50
CA LEU C 182 21.32 7.45 -37.62
C LEU C 182 20.47 8.54 -36.97
N LYS C 183 19.42 8.99 -37.66
CA LYS C 183 18.46 9.89 -37.03
C LYS C 183 17.72 9.21 -35.89
N GLU C 184 17.38 7.93 -36.06
CA GLU C 184 16.75 7.18 -34.97
C GLU C 184 17.73 6.90 -33.84
N MET C 185 19.02 6.79 -34.16
CA MET C 185 20.05 6.77 -33.11
C MET C 185 20.08 8.09 -32.35
N LYS C 186 19.86 9.20 -33.05
CA LYS C 186 19.81 10.50 -32.40
C LYS C 186 18.56 10.67 -31.55
N ARG C 187 17.44 10.05 -31.95
CA ARG C 187 16.18 10.23 -31.24
C ARG C 187 16.19 9.56 -29.87
N GLY C 188 16.62 8.29 -29.82
CA GLY C 188 16.58 7.56 -28.58
C GLY C 188 17.73 7.81 -27.63
N LYS C 189 18.73 8.59 -28.09
CA LYS C 189 19.92 8.98 -27.32
C LYS C 189 20.72 7.77 -26.82
N GLU C 190 20.81 6.74 -27.65
CA GLU C 190 21.66 5.61 -27.33
C GLU C 190 23.11 5.95 -27.65
N PHE C 191 24.02 5.43 -26.84
CA PHE C 191 25.43 5.80 -26.92
C PHE C 191 26.37 4.62 -27.12
N HIS C 192 25.85 3.40 -27.14
CA HIS C 192 26.69 2.21 -27.24
C HIS C 192 26.14 1.34 -28.38
N VAL C 193 26.74 1.49 -29.56
CA VAL C 193 26.25 0.84 -30.78
C VAL C 193 27.21 -0.28 -31.15
N ILE C 194 26.65 -1.44 -31.42
CA ILE C 194 27.39 -2.60 -31.91
C ILE C 194 26.97 -2.85 -33.35
N PHE C 195 27.91 -2.75 -34.27
CA PHE C 195 27.63 -2.90 -35.69
C PHE C 195 28.01 -4.29 -36.17
N ASP C 196 27.16 -4.89 -36.99
CA ASP C 196 27.43 -6.19 -37.61
C ASP C 196 27.24 -6.01 -39.11
N CYS C 197 28.33 -5.70 -39.81
CA CYS C 197 28.31 -5.49 -41.25
C CYS C 197 29.73 -5.68 -41.77
N SER C 198 29.87 -5.57 -43.09
CA SER C 198 31.18 -5.64 -43.72
C SER C 198 31.95 -4.34 -43.48
N HIS C 199 33.23 -4.37 -43.82
CA HIS C 199 34.08 -3.19 -43.61
C HIS C 199 33.75 -2.07 -44.59
N GLU C 200 33.30 -2.41 -45.80
CA GLU C 200 32.82 -1.38 -46.72
C GLU C 200 31.52 -0.75 -46.21
N MET C 201 30.63 -1.57 -45.67
CA MET C 201 29.41 -1.06 -45.07
C MET C 201 29.71 -0.24 -43.81
N ALA C 202 30.74 -0.63 -43.06
CA ALA C 202 31.16 0.15 -41.90
C ALA C 202 31.75 1.49 -42.32
N ALA C 203 32.48 1.51 -43.45
CA ALA C 203 33.00 2.75 -43.99
C ALA C 203 31.88 3.68 -44.45
N GLY C 204 30.84 3.11 -45.08
CA GLY C 204 29.68 3.92 -45.46
C GLY C 204 28.92 4.44 -44.27
N ILE C 205 28.81 3.61 -43.21
CA ILE C 205 28.16 4.02 -41.97
C ILE C 205 28.91 5.18 -41.30
N LEU C 206 30.24 5.08 -41.23
CA LEU C 206 31.02 6.14 -40.61
C LEU C 206 31.05 7.40 -41.46
N LYS C 207 31.05 7.25 -42.78
CA LYS C 207 31.00 8.40 -43.68
C LYS C 207 29.67 9.14 -43.57
N GLN C 208 28.57 8.40 -43.44
CA GLN C 208 27.29 9.06 -43.18
C GLN C 208 27.19 9.59 -41.76
N ALA C 209 27.95 9.02 -40.83
CA ALA C 209 27.85 9.42 -39.43
C ALA C 209 28.60 10.71 -39.15
N LEU C 210 29.77 10.91 -39.78
CA LEU C 210 30.53 12.14 -39.55
C LEU C 210 29.82 13.34 -40.15
N ALA C 211 29.06 13.16 -41.23
CA ALA C 211 28.41 14.27 -41.89
C ALA C 211 27.24 14.84 -41.09
N MET C 212 26.72 14.08 -40.11
CA MET C 212 25.63 14.55 -39.27
C MET C 212 26.07 14.75 -37.82
N GLY C 213 27.38 14.78 -37.57
CA GLY C 213 27.86 15.11 -36.24
C GLY C 213 27.75 14.01 -35.21
N MET C 214 27.82 12.75 -35.62
CA MET C 214 27.80 11.66 -34.65
C MET C 214 29.14 11.51 -33.93
N MET C 215 30.23 11.91 -34.58
CA MET C 215 31.58 11.68 -34.08
C MET C 215 31.90 12.64 -32.93
N THR C 216 31.40 12.31 -31.75
CA THR C 216 31.73 13.04 -30.53
C THR C 216 32.41 12.10 -29.55
N GLU C 217 32.61 12.58 -28.33
CA GLU C 217 33.07 11.74 -27.23
C GLU C 217 31.94 10.94 -26.59
N TYR C 218 30.69 11.26 -26.92
CA TYR C 218 29.55 10.63 -26.27
C TYR C 218 29.29 9.22 -26.76
N TYR C 219 29.88 8.79 -27.86
CA TYR C 219 29.46 7.58 -28.55
C TYR C 219 30.58 6.56 -28.57
N HIS C 220 30.26 5.34 -28.16
CA HIS C 220 31.18 4.21 -28.17
C HIS C 220 30.75 3.24 -29.25
N TYR C 221 31.70 2.78 -30.06
CA TYR C 221 31.42 1.89 -31.17
C TYR C 221 32.16 0.57 -30.98
N ILE C 222 31.44 -0.53 -31.17
CA ILE C 222 32.04 -1.86 -31.21
C ILE C 222 31.73 -2.44 -32.58
N PHE C 223 32.76 -2.82 -33.31
CA PHE C 223 32.62 -3.43 -34.62
C PHE C 223 32.99 -4.90 -34.51
N THR C 224 32.06 -5.78 -34.87
CA THR C 224 32.31 -7.21 -34.77
C THR C 224 32.99 -7.79 -35.99
N THR C 225 33.19 -7.00 -37.04
CA THR C 225 33.94 -7.47 -38.19
C THR C 225 35.42 -7.59 -37.85
N LEU C 226 36.11 -8.43 -38.61
CA LEU C 226 37.49 -8.80 -38.29
C LEU C 226 38.51 -8.07 -39.15
N ASP C 227 38.13 -6.95 -39.76
CA ASP C 227 39.04 -6.21 -40.63
C ASP C 227 38.91 -4.71 -40.37
N LEU C 228 38.88 -4.33 -39.09
CA LEU C 228 38.77 -2.92 -38.76
C LEU C 228 40.07 -2.17 -38.97
N PHE C 229 41.21 -2.88 -39.05
CA PHE C 229 42.47 -2.19 -39.25
C PHE C 229 42.62 -1.72 -40.69
N ALA C 230 41.88 -2.33 -41.63
CA ALA C 230 41.89 -1.87 -43.02
C ALA C 230 41.13 -0.56 -43.19
N LEU C 231 40.31 -0.17 -42.22
CA LEU C 231 39.53 1.05 -42.32
C LEU C 231 40.42 2.27 -42.11
N ASP C 232 40.28 3.26 -42.99
CA ASP C 232 41.04 4.50 -42.86
C ASP C 232 40.41 5.38 -41.80
N VAL C 233 41.20 5.76 -40.79
CA VAL C 233 40.70 6.46 -39.62
C VAL C 233 41.30 7.85 -39.47
N GLU C 234 41.85 8.41 -40.55
CA GLU C 234 42.49 9.72 -40.46
C GLU C 234 41.52 10.89 -40.25
N PRO C 235 40.30 10.93 -40.80
CA PRO C 235 39.33 11.90 -40.27
C PRO C 235 38.89 11.61 -38.85
N TYR C 236 39.00 10.36 -38.40
CA TYR C 236 38.50 9.95 -37.10
C TYR C 236 39.60 9.93 -36.05
N ARG C 237 40.83 10.29 -36.44
CA ARG C 237 41.99 10.11 -35.56
C ARG C 237 42.00 11.11 -34.42
N TYR C 238 41.35 12.26 -34.58
CA TYR C 238 41.40 13.32 -33.59
C TYR C 238 40.01 13.80 -33.17
N SER C 239 38.94 13.15 -33.64
CA SER C 239 37.61 13.50 -33.19
C SER C 239 37.31 12.99 -31.79
N GLY C 240 38.06 12.01 -31.31
CA GLY C 240 37.85 11.46 -29.98
C GLY C 240 36.59 10.63 -29.91
N VAL C 241 36.54 9.53 -30.64
CA VAL C 241 35.42 8.59 -30.62
C VAL C 241 35.95 7.24 -30.17
N ASN C 242 35.25 6.64 -29.20
CA ASN C 242 35.64 5.31 -28.75
C ASN C 242 35.27 4.25 -29.76
N MET C 243 36.22 3.89 -30.63
CA MET C 243 36.01 2.84 -31.60
C MET C 243 36.80 1.62 -31.17
N THR C 244 36.12 0.48 -31.07
CA THR C 244 36.73 -0.75 -30.57
C THR C 244 36.39 -1.88 -31.52
N GLY C 245 37.37 -2.72 -31.83
CA GLY C 245 37.16 -3.81 -32.75
C GLY C 245 38.06 -4.98 -32.44
N PHE C 246 37.95 -6.01 -33.27
CA PHE C 246 38.73 -7.23 -33.10
C PHE C 246 39.64 -7.44 -34.29
N ARG C 247 40.81 -8.03 -34.02
CA ARG C 247 41.79 -8.31 -35.07
C ARG C 247 42.31 -9.73 -34.85
N ILE C 248 42.21 -10.56 -35.88
CA ILE C 248 42.71 -11.92 -35.78
C ILE C 248 44.05 -11.97 -36.52
N LEU C 249 44.19 -11.13 -37.55
CA LEU C 249 45.43 -11.05 -38.32
C LEU C 249 46.46 -10.31 -37.51
N ASN C 250 47.51 -11.02 -37.07
CA ASN C 250 48.55 -10.37 -36.29
C ASN C 250 49.46 -9.55 -37.20
N THR C 251 50.21 -8.65 -36.58
CA THR C 251 51.03 -7.71 -37.33
C THR C 251 52.46 -7.73 -36.80
N GLU C 252 52.62 -8.08 -35.52
CA GLU C 252 53.91 -8.02 -34.87
C GLU C 252 54.87 -9.11 -35.33
N ASN C 253 54.37 -10.18 -35.93
CA ASN C 253 55.25 -11.22 -36.45
C ASN C 253 55.91 -10.74 -37.74
N THR C 254 57.23 -10.92 -37.81
CA THR C 254 57.99 -10.41 -38.95
C THR C 254 57.75 -11.24 -40.20
N GLN C 255 57.57 -12.56 -40.06
CA GLN C 255 57.25 -13.39 -41.21
C GLN C 255 55.86 -13.07 -41.78
N VAL C 256 54.89 -12.86 -40.88
CA VAL C 256 53.55 -12.47 -41.28
C VAL C 256 53.57 -11.11 -41.97
N SER C 257 54.33 -10.16 -41.41
CA SER C 257 54.44 -8.82 -41.99
C SER C 257 55.14 -8.86 -43.36
N SER C 258 56.18 -9.69 -43.49
CA SER C 258 56.85 -9.83 -44.78
C SER C 258 55.94 -10.47 -45.82
N ILE C 259 55.07 -11.38 -45.39
CA ILE C 259 54.02 -11.91 -46.26
C ILE C 259 53.05 -10.80 -46.67
N ILE C 260 52.79 -9.84 -45.77
CA ILE C 260 51.87 -8.73 -46.08
C ILE C 260 52.45 -7.82 -47.17
N GLU C 261 53.72 -7.40 -47.05
CA GLU C 261 54.25 -6.65 -48.20
C GLU C 261 54.58 -7.52 -49.42
N LYS C 262 54.74 -8.83 -49.27
CA LYS C 262 54.82 -9.69 -50.46
C LYS C 262 53.50 -9.69 -51.22
N TRP C 263 52.39 -9.64 -50.49
CA TRP C 263 51.09 -9.46 -51.13
C TRP C 263 50.97 -8.06 -51.73
N SER C 264 51.47 -7.04 -51.02
CA SER C 264 51.31 -5.66 -51.48
C SER C 264 52.14 -5.38 -52.72
N MET C 265 53.23 -6.13 -52.93
CA MET C 265 53.90 -6.09 -54.23
C MET C 265 53.00 -6.67 -55.32
N GLU C 266 52.22 -7.70 -54.98
CA GLU C 266 51.37 -8.40 -55.94
C GLU C 266 49.96 -7.82 -56.03
N ARG C 267 49.68 -6.72 -55.34
CA ARG C 267 48.34 -6.17 -55.29
C ARG C 267 48.15 -4.91 -56.13
N LEU C 268 49.18 -4.07 -56.26
CA LEU C 268 49.02 -2.77 -56.91
C LEU C 268 48.93 -2.85 -58.42
N GLN C 269 49.14 -4.01 -59.04
CA GLN C 269 48.81 -4.15 -60.45
C GLN C 269 47.31 -4.12 -60.67
N ALA C 270 46.54 -4.66 -59.74
CA ALA C 270 45.09 -4.48 -59.75
C ALA C 270 44.74 -3.08 -59.22
N PRO C 271 43.74 -2.41 -59.79
CA PRO C 271 43.39 -1.06 -59.33
C PRO C 271 42.68 -1.12 -57.98
N PRO C 272 42.94 -0.13 -57.12
CA PRO C 272 42.29 -0.12 -55.79
C PRO C 272 40.90 0.48 -55.81
N LYS C 273 40.30 0.65 -54.64
CA LYS C 273 39.00 1.29 -54.48
C LYS C 273 39.19 2.52 -53.60
N PRO C 274 39.45 3.69 -54.19
CA PRO C 274 39.65 4.89 -53.37
C PRO C 274 38.36 5.55 -52.90
N ASP C 275 37.23 5.27 -53.56
CA ASP C 275 35.97 5.89 -53.20
C ASP C 275 35.36 5.31 -51.92
N SER C 276 35.73 4.10 -51.55
CA SER C 276 35.12 3.45 -50.40
C SER C 276 35.63 4.02 -49.08
N GLY C 277 36.85 4.56 -49.07
CA GLY C 277 37.46 4.98 -47.82
C GLY C 277 38.26 3.92 -47.12
N LEU C 278 38.66 2.87 -47.82
CA LEU C 278 39.52 1.83 -47.28
C LEU C 278 40.96 2.11 -47.69
N LEU C 279 41.90 1.92 -46.77
CA LEU C 279 43.29 2.16 -47.08
C LEU C 279 43.84 1.04 -47.94
N ASP C 280 44.62 1.41 -48.96
CA ASP C 280 45.11 0.45 -49.92
C ASP C 280 46.26 -0.39 -49.34
N GLY C 281 46.41 -1.59 -49.90
CA GLY C 281 47.56 -2.42 -49.61
C GLY C 281 47.43 -3.31 -48.39
N PHE C 282 46.23 -3.48 -47.84
CA PHE C 282 46.04 -4.31 -46.67
C PHE C 282 45.19 -5.54 -46.98
N MET C 283 45.61 -6.67 -46.41
CA MET C 283 44.90 -7.94 -46.53
C MET C 283 43.55 -7.91 -45.84
N THR C 284 42.51 -8.31 -46.57
CA THR C 284 41.26 -8.64 -45.92
C THR C 284 41.40 -9.98 -45.20
N THR C 285 40.42 -10.27 -44.34
CA THR C 285 40.52 -11.44 -43.47
C THR C 285 40.35 -12.74 -44.25
N ASP C 286 39.45 -12.75 -45.24
CA ASP C 286 39.14 -14.00 -45.94
C ASP C 286 40.27 -14.43 -46.86
N ALA C 287 41.03 -13.49 -47.43
CA ALA C 287 42.15 -13.86 -48.29
C ALA C 287 43.30 -14.45 -47.47
N ALA C 288 43.53 -13.90 -46.27
CA ALA C 288 44.50 -14.49 -45.36
C ALA C 288 44.03 -15.84 -44.85
N LEU C 289 42.71 -16.00 -44.68
CA LEU C 289 42.14 -17.29 -44.35
C LEU C 289 42.36 -18.31 -45.46
N MET C 290 42.25 -17.87 -46.72
CA MET C 290 42.52 -18.76 -47.85
C MET C 290 44.00 -19.15 -47.91
N TYR C 291 44.89 -18.20 -47.62
CA TYR C 291 46.33 -18.48 -47.56
C TYR C 291 46.64 -19.52 -46.49
N ASP C 292 46.07 -19.33 -45.30
CA ASP C 292 46.26 -20.29 -44.21
C ASP C 292 45.57 -21.62 -44.51
N ALA C 293 44.51 -21.59 -45.31
CA ALA C 293 43.82 -22.82 -45.69
C ALA C 293 44.69 -23.68 -46.60
N VAL C 294 45.30 -23.05 -47.60
CA VAL C 294 46.21 -23.75 -48.49
C VAL C 294 47.42 -24.28 -47.72
N HIS C 295 47.91 -23.49 -46.76
CA HIS C 295 49.04 -23.93 -45.93
C HIS C 295 48.68 -25.14 -45.06
N VAL C 296 47.52 -25.11 -44.40
CA VAL C 296 47.18 -26.19 -43.49
C VAL C 296 46.78 -27.46 -44.25
N VAL C 297 46.22 -27.32 -45.45
CA VAL C 297 45.92 -28.48 -46.27
C VAL C 297 47.22 -29.11 -46.78
N SER C 298 48.21 -28.28 -47.13
CA SER C 298 49.50 -28.83 -47.55
C SER C 298 50.25 -29.50 -46.39
N VAL C 299 50.10 -28.98 -45.17
CA VAL C 299 50.68 -29.66 -43.99
C VAL C 299 50.01 -31.01 -43.78
N ALA C 300 48.69 -31.08 -43.98
CA ALA C 300 48.02 -32.38 -43.86
C ALA C 300 48.37 -33.33 -45.01
N VAL C 301 48.71 -32.79 -46.18
CA VAL C 301 49.24 -33.62 -47.27
C VAL C 301 50.63 -34.15 -46.90
N GLN C 302 51.42 -33.35 -46.17
CA GLN C 302 52.80 -33.71 -45.83
C GLN C 302 52.89 -34.96 -44.95
N GLN C 303 51.88 -35.20 -44.11
CA GLN C 303 51.85 -36.43 -43.33
C GLN C 303 51.38 -37.63 -44.12
N PHE C 304 50.89 -37.45 -45.34
CA PHE C 304 50.33 -38.54 -46.15
C PHE C 304 51.15 -38.68 -47.42
N PRO C 305 52.07 -39.63 -47.49
CA PRO C 305 52.99 -39.67 -48.64
C PRO C 305 52.49 -40.50 -49.82
N GLN C 306 51.21 -40.85 -49.84
CA GLN C 306 50.70 -41.78 -50.85
C GLN C 306 49.52 -41.23 -51.63
N MET C 307 49.66 -40.04 -52.22
CA MET C 307 48.54 -39.36 -52.88
C MET C 307 48.08 -40.10 -54.12
N THR C 308 46.82 -39.86 -54.49
CA THR C 308 46.31 -40.24 -55.79
C THR C 308 45.27 -39.22 -56.20
N VAL C 309 45.00 -39.16 -57.50
CA VAL C 309 43.98 -38.29 -58.06
C VAL C 309 43.05 -39.18 -58.88
N SER C 310 41.80 -39.28 -58.45
CA SER C 310 40.80 -40.12 -59.10
C SER C 310 39.73 -39.25 -59.71
N SER C 311 39.40 -39.51 -60.96
CA SER C 311 38.37 -38.75 -61.67
C SER C 311 37.02 -39.35 -61.33
N LEU C 312 36.42 -38.86 -60.26
CA LEU C 312 35.11 -39.34 -59.86
C LEU C 312 34.02 -38.74 -60.73
N GLN C 313 32.82 -39.29 -60.62
CA GLN C 313 31.68 -38.84 -61.40
C GLN C 313 30.53 -38.53 -60.46
N CYS C 314 29.69 -37.57 -60.87
CA CYS C 314 28.55 -37.20 -60.05
C CYS C 314 27.42 -38.22 -60.17
N ASN C 315 27.25 -38.84 -61.34
CA ASN C 315 26.23 -39.86 -61.49
C ASN C 315 26.63 -41.20 -60.88
N ARG C 316 27.91 -41.39 -60.56
CA ARG C 316 28.40 -42.60 -59.94
C ARG C 316 28.61 -42.34 -58.45
N HIS C 317 27.89 -43.07 -57.62
CA HIS C 317 27.75 -42.71 -56.21
C HIS C 317 28.92 -43.23 -55.36
N LYS C 318 29.82 -44.04 -55.93
CA LYS C 318 30.89 -44.69 -55.17
C LYS C 318 31.93 -43.66 -54.74
N PRO C 319 32.27 -43.59 -53.46
CA PRO C 319 33.11 -42.50 -52.96
C PRO C 319 34.59 -42.74 -53.27
N TRP C 320 35.39 -41.73 -52.91
CA TRP C 320 36.83 -41.82 -53.05
C TRP C 320 37.41 -42.79 -52.03
N ARG C 321 38.48 -43.47 -52.43
CA ARG C 321 39.09 -44.48 -51.57
C ARG C 321 40.04 -43.88 -50.55
N PHE C 322 40.39 -42.61 -50.68
CA PHE C 322 41.21 -41.89 -49.71
C PHE C 322 40.43 -40.77 -49.02
N GLY C 323 39.17 -41.02 -48.68
CA GLY C 323 38.38 -40.00 -48.04
C GLY C 323 38.66 -39.87 -46.55
N THR C 324 38.54 -40.99 -45.82
CA THR C 324 38.50 -40.95 -44.37
C THR C 324 39.86 -40.63 -43.77
N ARG C 325 40.92 -41.26 -44.30
CA ARG C 325 42.27 -41.04 -43.80
C ARG C 325 42.73 -39.61 -44.04
N PHE C 326 42.45 -39.09 -45.25
CA PHE C 326 42.82 -37.71 -45.57
C PHE C 326 41.98 -36.71 -44.77
N MET C 327 40.71 -37.00 -44.52
CA MET C 327 39.88 -36.11 -43.73
C MET C 327 40.32 -36.08 -42.26
N SER C 328 40.70 -37.25 -41.72
CA SER C 328 41.24 -37.29 -40.37
C SER C 328 42.59 -36.61 -40.28
N LEU C 329 43.36 -36.60 -41.37
CA LEU C 329 44.61 -35.84 -41.37
C LEU C 329 44.38 -34.35 -41.53
N ILE C 330 43.31 -33.94 -42.23
CA ILE C 330 42.91 -32.54 -42.24
C ILE C 330 42.51 -32.07 -40.85
N LYS C 331 41.65 -32.83 -40.18
CA LYS C 331 41.13 -32.39 -38.88
C LYS C 331 42.01 -32.87 -37.74
N GLU C 332 43.32 -32.68 -37.87
CA GLU C 332 44.27 -32.97 -36.81
C GLU C 332 45.30 -31.87 -36.61
N ALA C 333 45.76 -31.25 -37.68
CA ALA C 333 47.03 -30.53 -37.67
C ALA C 333 46.90 -29.13 -37.08
N HIS C 334 47.77 -28.81 -36.13
CA HIS C 334 47.97 -27.43 -35.71
C HIS C 334 48.89 -26.74 -36.70
N TRP C 335 48.65 -25.46 -36.94
CA TRP C 335 49.54 -24.71 -37.82
C TRP C 335 49.59 -23.26 -37.40
N GLU C 336 50.80 -22.70 -37.36
CA GLU C 336 50.98 -21.29 -37.08
C GLU C 336 50.99 -20.54 -38.41
N GLY C 337 49.90 -19.83 -38.69
CA GLY C 337 49.80 -19.06 -39.92
C GLY C 337 49.48 -17.60 -39.67
N LEU C 338 48.92 -16.94 -40.70
CA LEU C 338 48.62 -15.52 -40.63
C LEU C 338 47.51 -15.20 -39.63
N THR C 339 46.64 -16.16 -39.34
CA THR C 339 45.66 -16.00 -38.28
C THR C 339 46.14 -16.61 -36.96
N GLY C 340 47.45 -16.71 -36.76
CA GLY C 340 47.98 -17.25 -35.53
C GLY C 340 47.88 -18.76 -35.46
N ARG C 341 47.52 -19.28 -34.29
CA ARG C 341 47.40 -20.71 -34.10
C ARG C 341 46.12 -21.21 -34.73
N ILE C 342 46.23 -22.26 -35.53
CA ILE C 342 45.09 -22.87 -36.22
C ILE C 342 44.96 -24.30 -35.73
N THR C 343 43.81 -24.61 -35.15
CA THR C 343 43.45 -25.96 -34.73
C THR C 343 42.00 -26.19 -35.14
N PHE C 344 41.42 -27.29 -34.68
CA PHE C 344 40.05 -27.62 -35.03
C PHE C 344 39.33 -28.19 -33.82
N ASN C 345 38.00 -28.09 -33.86
CA ASN C 345 37.17 -28.57 -32.76
C ASN C 345 37.13 -30.10 -32.71
N LYS C 346 37.27 -30.74 -33.87
CA LYS C 346 37.34 -32.20 -34.06
C LYS C 346 36.07 -32.92 -33.59
N THR C 347 34.96 -32.22 -33.50
CA THR C 347 33.66 -32.83 -33.26
C THR C 347 32.65 -32.41 -34.31
N ASN C 348 32.66 -31.14 -34.71
CA ASN C 348 31.86 -30.67 -35.82
C ASN C 348 32.71 -30.11 -36.96
N GLY C 349 34.03 -30.13 -36.82
CA GLY C 349 34.90 -29.65 -37.87
C GLY C 349 35.04 -28.16 -37.97
N LEU C 350 34.56 -27.40 -36.97
CA LEU C 350 34.61 -25.96 -37.02
C LEU C 350 35.93 -25.47 -36.42
N ARG C 351 36.05 -24.16 -36.27
CA ARG C 351 37.20 -23.55 -35.61
C ARG C 351 36.73 -22.88 -34.34
N THR C 352 37.23 -23.34 -33.20
CA THR C 352 36.77 -22.87 -31.90
C THR C 352 37.88 -22.22 -31.09
N ASP C 353 39.06 -22.82 -31.03
CA ASP C 353 40.17 -22.27 -30.27
C ASP C 353 41.03 -21.40 -31.17
N PHE C 354 41.13 -20.12 -30.83
CA PHE C 354 41.95 -19.18 -31.57
C PHE C 354 42.41 -18.10 -30.59
N ASP C 355 42.85 -16.96 -31.11
CA ASP C 355 43.20 -15.84 -30.26
C ASP C 355 42.94 -14.55 -31.03
N LEU C 356 42.41 -13.55 -30.34
CA LEU C 356 42.13 -12.27 -30.95
C LEU C 356 42.86 -11.17 -30.20
N ASP C 357 43.16 -10.09 -30.90
CA ASP C 357 43.67 -8.88 -30.29
C ASP C 357 42.59 -7.83 -30.39
N VAL C 358 42.13 -7.33 -29.25
CA VAL C 358 41.14 -6.26 -29.26
C VAL C 358 41.89 -4.93 -29.46
N ILE C 359 41.39 -4.11 -30.36
CA ILE C 359 42.06 -2.89 -30.74
C ILE C 359 41.11 -1.72 -30.55
N SER C 360 41.67 -0.56 -30.24
CA SER C 360 40.89 0.64 -30.00
C SER C 360 41.52 1.81 -30.74
N LEU C 361 40.68 2.78 -31.06
CA LEU C 361 41.12 3.98 -31.76
C LEU C 361 41.80 4.91 -30.76
N LYS C 362 43.12 5.01 -30.84
CA LYS C 362 43.86 6.00 -30.08
C LYS C 362 44.04 7.24 -30.94
N GLU C 363 44.74 8.24 -30.38
CA GLU C 363 45.02 9.44 -31.15
C GLU C 363 46.12 9.22 -32.18
N GLU C 364 46.91 8.16 -32.02
CA GLU C 364 47.93 7.78 -32.99
C GLU C 364 47.42 6.75 -33.99
N GLY C 365 46.21 6.25 -33.83
CA GLY C 365 45.67 5.23 -34.71
C GLY C 365 45.14 4.04 -33.96
N LEU C 366 45.11 2.88 -34.61
CA LEU C 366 44.64 1.65 -33.98
C LEU C 366 45.81 0.97 -33.28
N GLU C 367 45.61 0.62 -32.00
CA GLU C 367 46.63 -0.03 -31.22
C GLU C 367 45.99 -1.16 -30.41
N LYS C 368 46.77 -2.21 -30.18
CA LYS C 368 46.30 -3.36 -29.43
C LYS C 368 46.23 -3.02 -27.94
N ILE C 369 45.08 -3.28 -27.33
CA ILE C 369 44.89 -3.00 -25.91
C ILE C 369 44.68 -4.25 -25.07
N GLY C 370 44.52 -5.41 -25.69
CA GLY C 370 44.33 -6.63 -24.92
C GLY C 370 44.15 -7.82 -25.83
N THR C 371 44.12 -8.99 -25.22
CA THR C 371 44.06 -10.27 -25.93
C THR C 371 42.87 -11.06 -25.44
N TRP C 372 42.11 -11.63 -26.37
CA TRP C 372 41.00 -12.51 -26.04
C TRP C 372 41.34 -13.94 -26.43
N ASP C 373 41.03 -14.87 -25.52
CA ASP C 373 41.21 -16.30 -25.68
C ASP C 373 39.92 -16.98 -25.24
N PRO C 374 39.57 -18.13 -25.84
CA PRO C 374 38.43 -18.91 -25.32
C PRO C 374 38.61 -19.41 -23.91
N ALA C 375 39.84 -19.70 -23.49
CA ALA C 375 40.09 -20.18 -22.14
C ALA C 375 40.41 -19.05 -21.18
N SER C 376 41.30 -18.14 -21.58
CA SER C 376 41.76 -17.08 -20.69
C SER C 376 40.77 -15.93 -20.57
N GLY C 377 39.72 -15.90 -21.39
CA GLY C 377 38.77 -14.82 -21.33
C GLY C 377 39.30 -13.53 -21.94
N LEU C 378 39.36 -12.46 -21.15
CA LEU C 378 39.66 -11.12 -21.62
C LEU C 378 40.85 -10.56 -20.86
N ASN C 379 41.94 -11.31 -20.84
CA ASN C 379 43.18 -10.84 -20.24
C ASN C 379 43.74 -9.65 -21.01
N MET C 380 43.64 -8.46 -20.43
CA MET C 380 44.04 -7.23 -21.09
C MET C 380 45.40 -6.79 -20.59
N THR C 381 45.82 -5.60 -21.01
CA THR C 381 47.06 -4.99 -20.59
C THR C 381 46.76 -3.65 -19.94
N GLU C 382 47.43 -3.37 -18.82
CA GLU C 382 47.22 -2.12 -18.10
C GLU C 382 48.05 -1.03 -18.77
N SER C 383 47.39 -0.26 -19.63
CA SER C 383 48.04 0.83 -20.35
C SER C 383 47.66 2.20 -19.80
N GLN C 384 47.09 2.25 -18.60
CA GLN C 384 46.67 3.51 -18.01
C GLN C 384 47.89 4.29 -17.51
N LYS C 385 47.97 5.56 -17.91
CA LYS C 385 49.05 6.46 -17.50
C LYS C 385 48.40 7.70 -16.90
N GLY C 386 48.40 7.77 -15.56
CA GLY C 386 47.83 8.91 -14.87
C GLY C 386 48.67 10.16 -15.03
N LYS C 387 48.18 11.11 -15.82
CA LYS C 387 48.91 12.34 -16.11
C LYS C 387 47.98 13.54 -16.04
N PRO C 388 47.88 14.18 -14.87
CA PRO C 388 47.16 15.46 -14.80
C PRO C 388 47.98 16.58 -15.44
N ALA C 389 47.88 16.70 -16.76
CA ALA C 389 48.75 17.59 -17.52
C ALA C 389 48.26 19.04 -17.42
N ASN C 390 48.81 19.90 -18.27
CA ASN C 390 48.45 21.32 -18.26
C ASN C 390 47.03 21.57 -18.72
N ILE C 391 46.48 20.67 -19.55
CA ILE C 391 45.14 20.69 -20.14
C ILE C 391 45.01 22.01 -20.90
N THR C 392 45.73 22.11 -22.02
CA THR C 392 45.75 23.32 -22.81
C THR C 392 45.21 23.13 -24.22
N ASP C 393 45.20 21.91 -24.75
CA ASP C 393 44.64 21.63 -26.06
C ASP C 393 43.86 20.32 -26.05
N SER C 394 43.30 19.95 -24.88
CA SER C 394 42.56 18.70 -24.76
C SER C 394 41.22 18.75 -25.49
N LEU C 395 40.69 19.94 -25.75
CA LEU C 395 39.45 20.11 -26.49
C LEU C 395 39.66 20.93 -27.76
N SER C 396 40.88 20.95 -28.29
CA SER C 396 41.30 21.95 -29.26
C SER C 396 40.59 21.78 -30.61
N ASN C 397 40.51 20.54 -31.11
CA ASN C 397 39.82 20.32 -32.37
C ASN C 397 38.33 20.10 -32.19
N ARG C 398 37.89 19.84 -30.96
CA ARG C 398 36.49 19.53 -30.69
C ARG C 398 35.72 20.84 -30.55
N SER C 399 35.12 21.27 -31.67
CA SER C 399 34.25 22.43 -31.65
C SER C 399 32.97 22.10 -30.89
N LEU C 400 32.51 23.06 -30.09
CA LEU C 400 31.41 22.81 -29.17
C LEU C 400 30.38 23.92 -29.31
N ILE C 401 29.13 23.57 -29.04
CA ILE C 401 28.02 24.51 -29.08
C ILE C 401 27.55 24.76 -27.66
N VAL C 402 27.54 26.02 -27.25
CA VAL C 402 27.05 26.45 -25.96
C VAL C 402 25.70 27.12 -26.15
N THR C 403 24.86 26.99 -25.14
CA THR C 403 23.57 27.67 -25.14
C THR C 403 23.47 28.55 -23.90
N THR C 404 22.62 29.56 -24.00
CA THR C 404 22.48 30.55 -22.94
C THR C 404 21.10 31.19 -23.02
N ILE C 405 20.85 32.10 -22.08
CA ILE C 405 19.61 32.86 -22.03
C ILE C 405 20.00 34.29 -21.69
N LEU C 406 19.08 35.22 -21.96
CA LEU C 406 19.32 36.62 -21.60
C LEU C 406 19.29 36.80 -20.09
N GLU C 407 20.34 37.42 -19.57
CA GLU C 407 20.38 37.92 -18.21
C GLU C 407 21.11 39.25 -18.20
N GLU C 408 20.91 40.01 -17.12
CA GLU C 408 21.42 41.39 -17.09
C GLU C 408 22.94 41.48 -16.95
N PRO C 409 23.61 40.88 -15.90
CA PRO C 409 25.06 41.12 -15.82
C PRO C 409 25.89 40.10 -16.59
N TYR C 410 25.25 39.34 -17.49
CA TYR C 410 25.92 38.32 -18.27
C TYR C 410 25.77 38.50 -19.76
N VAL C 411 24.63 38.96 -20.24
CA VAL C 411 24.36 39.13 -21.66
C VAL C 411 24.07 40.61 -21.90
N LEU C 412 24.83 41.22 -22.81
CA LEU C 412 24.68 42.64 -23.12
C LEU C 412 24.31 42.92 -24.57
N PHE C 413 24.31 41.91 -25.43
CA PHE C 413 23.87 41.95 -26.84
C PHE C 413 24.65 42.92 -27.72
N LYS C 414 25.84 43.36 -27.29
CA LYS C 414 26.81 44.13 -28.08
C LYS C 414 26.20 45.44 -28.59
N LYS C 415 25.94 46.34 -27.64
CA LYS C 415 25.24 47.58 -27.94
C LYS C 415 26.12 48.52 -28.76
N SER C 416 25.96 48.45 -30.08
CA SER C 416 26.74 49.26 -31.00
C SER C 416 25.93 49.45 -32.28
N ASP C 417 26.47 50.27 -33.18
CA ASP C 417 25.76 50.58 -34.43
C ASP C 417 25.76 49.39 -35.38
N LYS C 418 26.91 48.74 -35.55
CA LYS C 418 27.02 47.64 -36.49
C LYS C 418 26.59 46.34 -35.82
N PRO C 419 25.58 45.64 -36.33
CA PRO C 419 25.18 44.35 -35.76
C PRO C 419 26.18 43.26 -36.15
N LEU C 420 26.93 42.78 -35.16
CA LEU C 420 27.91 41.74 -35.39
C LEU C 420 27.23 40.38 -35.54
N TYR C 421 28.01 39.39 -35.98
CA TYR C 421 27.50 38.04 -36.18
C TYR C 421 28.51 37.04 -35.62
N GLY C 422 28.04 36.13 -34.78
CA GLY C 422 28.87 35.07 -34.22
C GLY C 422 28.97 35.18 -32.72
N ASN C 423 30.16 34.87 -32.19
CA ASN C 423 30.41 34.93 -30.76
C ASN C 423 30.69 36.34 -30.26
N ASP C 424 30.88 37.30 -31.17
CA ASP C 424 31.09 38.69 -30.79
C ASP C 424 29.79 39.42 -30.50
N ARG C 425 28.64 38.77 -30.67
CA ARG C 425 27.35 39.39 -30.41
C ARG C 425 27.05 39.56 -28.93
N PHE C 426 27.80 38.93 -28.04
CA PHE C 426 27.50 38.96 -26.61
C PHE C 426 28.76 39.27 -25.81
N GLU C 427 28.56 39.86 -24.64
CA GLU C 427 29.63 40.14 -23.69
C GLU C 427 29.03 40.22 -22.31
N GLY C 428 29.87 40.08 -21.31
CA GLY C 428 29.43 40.09 -19.93
C GLY C 428 30.36 39.25 -19.08
N TYR C 429 29.85 38.87 -17.91
CA TYR C 429 30.62 38.04 -17.00
C TYR C 429 30.78 36.62 -17.54
N CYS C 430 29.68 36.01 -17.99
CA CYS C 430 29.72 34.63 -18.44
C CYS C 430 30.37 34.48 -19.81
N ILE C 431 30.24 35.49 -20.67
CA ILE C 431 30.88 35.43 -21.99
C ILE C 431 32.40 35.55 -21.86
N ASP C 432 32.85 36.43 -20.95
CA ASP C 432 34.28 36.52 -20.68
C ASP C 432 34.79 35.29 -19.95
N LEU C 433 33.95 34.67 -19.13
CA LEU C 433 34.28 33.37 -18.53
C LEU C 433 34.41 32.30 -19.61
N LEU C 434 33.54 32.34 -20.62
CA LEU C 434 33.61 31.41 -21.73
C LEU C 434 34.89 31.57 -22.54
N ARG C 435 35.27 32.82 -22.85
CA ARG C 435 36.48 32.99 -23.62
C ARG C 435 37.74 32.75 -22.79
N GLU C 436 37.67 32.95 -21.46
CA GLU C 436 38.77 32.55 -20.60
C GLU C 436 38.92 31.03 -20.56
N LEU C 437 37.79 30.31 -20.49
CA LEU C 437 37.85 28.85 -20.52
C LEU C 437 38.25 28.31 -21.89
N SER C 438 37.93 29.05 -22.96
CA SER C 438 38.41 28.68 -24.28
C SER C 438 39.88 28.97 -24.45
N THR C 439 40.40 30.00 -23.78
CA THR C 439 41.85 30.22 -23.74
C THR C 439 42.54 29.11 -22.96
N ILE C 440 41.92 28.65 -21.87
CA ILE C 440 42.50 27.60 -21.04
C ILE C 440 42.48 26.26 -21.78
N LEU C 441 41.35 25.90 -22.38
CA LEU C 441 41.17 24.56 -22.93
C LEU C 441 41.51 24.46 -24.42
N GLY C 442 41.32 25.53 -25.19
CA GLY C 442 41.56 25.50 -26.61
C GLY C 442 40.35 25.24 -27.47
N PHE C 443 39.17 25.08 -26.89
CA PHE C 443 38.01 24.73 -27.68
C PHE C 443 37.37 25.98 -28.30
N THR C 444 36.47 25.74 -29.24
CA THR C 444 35.73 26.80 -29.93
C THR C 444 34.25 26.62 -29.64
N TYR C 445 33.57 27.72 -29.32
CA TYR C 445 32.17 27.68 -28.93
C TYR C 445 31.32 28.41 -29.94
N GLU C 446 30.13 27.87 -30.20
CA GLU C 446 29.10 28.55 -30.95
C GLU C 446 27.93 28.81 -30.01
N ILE C 447 27.54 30.07 -29.87
CA ILE C 447 26.59 30.49 -28.84
C ILE C 447 25.20 30.53 -29.44
N ARG C 448 24.24 29.91 -28.73
CA ARG C 448 22.86 29.88 -29.17
C ARG C 448 21.94 30.18 -27.99
N LEU C 449 20.90 30.97 -28.24
CA LEU C 449 19.90 31.23 -27.22
C LEU C 449 18.90 30.08 -27.17
N VAL C 450 18.18 29.99 -26.06
CA VAL C 450 17.10 29.04 -25.90
C VAL C 450 15.81 29.72 -26.36
N GLU C 451 15.15 29.14 -27.36
CA GLU C 451 13.91 29.72 -27.86
C GLU C 451 12.75 29.51 -26.91
N ASP C 452 12.84 28.53 -26.01
CA ASP C 452 11.81 28.36 -24.99
C ASP C 452 11.86 29.49 -23.95
N GLY C 453 13.05 29.98 -23.64
CA GLY C 453 13.21 31.03 -22.65
C GLY C 453 12.91 30.59 -21.23
N LYS C 454 13.27 29.37 -20.87
CA LYS C 454 13.07 28.84 -19.53
C LYS C 454 14.38 28.30 -19.01
N TYR C 455 14.41 28.00 -17.71
CA TYR C 455 15.57 27.41 -17.07
C TYR C 455 15.41 25.91 -16.82
N GLY C 456 14.23 25.50 -16.37
CA GLY C 456 13.98 24.11 -16.03
C GLY C 456 12.86 23.99 -15.03
N ALA C 457 11.94 23.06 -15.27
CA ALA C 457 10.77 22.89 -14.42
C ALA C 457 10.35 21.43 -14.47
N GLN C 458 9.41 21.08 -13.58
CA GLN C 458 8.95 19.72 -13.40
C GLN C 458 7.43 19.70 -13.60
N ASP C 459 7.02 20.22 -14.76
CA ASP C 459 5.64 20.23 -15.20
C ASP C 459 5.07 18.82 -15.24
N ASP C 460 4.10 18.55 -14.36
CA ASP C 460 3.66 17.20 -14.07
C ASP C 460 2.61 16.69 -15.05
N VAL C 461 2.25 17.47 -16.07
CA VAL C 461 1.36 16.96 -17.11
C VAL C 461 2.05 15.90 -17.95
N ASN C 462 3.38 15.99 -18.09
CA ASN C 462 4.15 14.97 -18.78
C ASN C 462 5.46 14.62 -18.09
N GLY C 463 5.83 15.33 -17.02
CA GLY C 463 7.11 15.11 -16.39
C GLY C 463 8.30 15.55 -17.23
N GLN C 464 8.09 16.51 -18.13
CA GLN C 464 9.10 16.90 -19.10
C GLN C 464 9.70 18.24 -18.72
N TRP C 465 11.02 18.33 -18.76
CA TRP C 465 11.72 19.56 -18.45
C TRP C 465 11.63 20.52 -19.64
N ASN C 466 11.92 21.79 -19.36
CA ASN C 466 11.77 22.86 -20.32
C ASN C 466 12.98 23.78 -20.29
N GLY C 467 13.21 24.48 -21.40
CA GLY C 467 14.26 25.48 -21.47
C GLY C 467 15.66 24.92 -21.63
N MET C 468 16.54 25.24 -20.67
CA MET C 468 17.93 24.82 -20.77
C MET C 468 18.07 23.32 -20.60
N VAL C 469 17.31 22.73 -19.67
CA VAL C 469 17.38 21.29 -19.43
C VAL C 469 16.81 20.51 -20.61
N ARG C 470 15.76 21.05 -21.24
CA ARG C 470 15.19 20.41 -22.42
C ARG C 470 16.16 20.42 -23.60
N GLU C 471 16.93 21.49 -23.76
CA GLU C 471 17.98 21.52 -24.76
C GLU C 471 19.24 20.78 -24.33
N LEU C 472 19.35 20.42 -23.05
CA LEU C 472 20.53 19.74 -22.57
C LEU C 472 20.38 18.23 -22.55
N ILE C 473 19.15 17.72 -22.43
CA ILE C 473 18.94 16.28 -22.42
C ILE C 473 19.18 15.70 -23.81
N ASP C 474 18.66 16.36 -24.85
CA ASP C 474 18.78 15.86 -26.21
C ASP C 474 20.08 16.24 -26.89
N HIS C 475 20.98 16.93 -26.17
CA HIS C 475 22.32 17.34 -26.63
C HIS C 475 22.25 18.22 -27.87
N LYS C 476 21.31 19.18 -27.87
CA LYS C 476 21.36 20.26 -28.86
C LYS C 476 22.59 21.12 -28.65
N ALA C 477 22.92 21.40 -27.39
CA ALA C 477 24.14 22.08 -27.01
C ALA C 477 24.77 21.32 -25.85
N ASP C 478 26.08 21.45 -25.71
CA ASP C 478 26.80 20.67 -24.70
C ASP C 478 26.98 21.43 -23.40
N LEU C 479 27.64 22.58 -23.45
CA LEU C 479 27.93 23.37 -22.25
C LEU C 479 26.87 24.45 -22.13
N ALA C 480 25.83 24.17 -21.35
CA ALA C 480 24.76 25.14 -21.12
C ALA C 480 25.26 26.17 -20.13
N VAL C 481 25.94 27.19 -20.65
CA VAL C 481 26.43 28.27 -19.79
C VAL C 481 25.26 29.16 -19.39
N ALA C 482 25.17 29.43 -18.09
CA ALA C 482 23.99 30.08 -17.50
C ALA C 482 24.36 30.56 -16.12
N PRO C 483 23.54 31.42 -15.51
CA PRO C 483 23.61 31.58 -14.05
C PRO C 483 22.74 30.58 -13.30
N LEU C 484 22.40 29.47 -13.96
CA LEU C 484 21.51 28.46 -13.41
C LEU C 484 22.09 27.82 -12.15
N ALA C 485 21.28 27.77 -11.10
CA ALA C 485 21.73 27.33 -9.79
C ALA C 485 21.76 25.81 -9.71
N ILE C 486 22.69 25.30 -8.90
CA ILE C 486 22.85 23.86 -8.70
C ILE C 486 21.76 23.43 -7.72
N THR C 487 20.67 22.89 -8.24
CA THR C 487 19.50 22.52 -7.46
C THR C 487 19.38 21.00 -7.44
N TYR C 488 18.87 20.48 -6.31
CA TYR C 488 18.79 19.03 -6.09
C TYR C 488 17.88 18.34 -7.10
N VAL C 489 16.78 19.00 -7.48
CA VAL C 489 15.90 18.43 -8.49
C VAL C 489 16.53 18.47 -9.87
N ARG C 490 17.52 19.33 -10.09
CA ARG C 490 18.25 19.37 -11.35
C ARG C 490 19.57 18.61 -11.29
N GLU C 491 20.01 18.21 -10.10
CA GLU C 491 21.24 17.42 -9.98
C GLU C 491 21.03 16.00 -10.49
N LYS C 492 19.83 15.45 -10.32
CA LYS C 492 19.56 14.09 -10.76
C LYS C 492 19.42 13.99 -12.27
N VAL C 493 18.90 15.03 -12.92
CA VAL C 493 18.60 14.94 -14.34
C VAL C 493 19.84 15.27 -15.18
N ILE C 494 20.54 16.36 -14.84
CA ILE C 494 21.73 16.78 -15.56
C ILE C 494 22.87 16.94 -14.56
N ASP C 495 24.09 16.94 -15.10
CA ASP C 495 25.28 17.09 -14.28
C ASP C 495 25.68 18.55 -14.16
N PHE C 496 26.52 18.84 -13.18
CA PHE C 496 26.98 20.20 -12.91
C PHE C 496 28.46 20.20 -12.60
N SER C 497 29.09 21.34 -12.83
CA SER C 497 30.48 21.56 -12.48
C SER C 497 30.56 22.09 -11.04
N LYS C 498 31.74 22.58 -10.65
CA LYS C 498 31.88 23.21 -9.35
C LYS C 498 31.20 24.58 -9.33
N PRO C 499 30.76 25.04 -8.17
CA PRO C 499 30.29 26.42 -8.06
C PRO C 499 31.41 27.43 -8.23
N PHE C 500 31.39 28.20 -9.32
CA PHE C 500 32.36 29.29 -9.42
C PHE C 500 31.97 30.46 -8.53
N MET C 501 30.69 30.59 -8.20
CA MET C 501 30.24 31.56 -7.21
C MET C 501 29.13 30.95 -6.36
N THR C 502 29.06 31.41 -5.11
CA THR C 502 28.08 30.94 -4.15
C THR C 502 27.14 32.08 -3.78
N LEU C 503 25.88 31.74 -3.55
CA LEU C 503 24.80 32.71 -3.42
C LEU C 503 23.84 32.21 -2.35
N GLY C 504 22.82 33.00 -2.09
CA GLY C 504 21.72 32.60 -1.20
C GLY C 504 20.43 33.10 -1.77
N ILE C 505 19.52 33.52 -0.89
CA ILE C 505 18.31 34.22 -1.30
C ILE C 505 18.22 35.49 -0.47
N SER C 506 18.16 36.64 -1.14
CA SER C 506 18.08 37.92 -0.47
C SER C 506 16.69 38.51 -0.62
N ILE C 507 16.50 39.65 0.04
CA ILE C 507 15.24 40.38 0.05
C ILE C 507 15.53 41.78 -0.46
N LEU C 508 14.74 42.26 -1.40
CA LEU C 508 14.95 43.58 -1.98
C LEU C 508 13.80 44.50 -1.61
N TYR C 509 14.11 45.72 -1.16
CA TYR C 509 13.07 46.72 -0.94
C TYR C 509 13.68 48.09 -1.20
N ARG C 510 12.86 49.13 -1.09
CA ARG C 510 13.34 50.50 -1.20
C ARG C 510 14.22 50.85 0.00
N LYS C 511 15.11 51.81 -0.21
CA LYS C 511 15.85 52.38 0.90
C LYS C 511 14.90 53.15 1.81
N PRO C 512 15.08 53.07 3.14
CA PRO C 512 14.10 53.68 4.06
C PRO C 512 14.15 55.20 4.10
N ASN C 513 13.72 55.83 3.01
CA ASN C 513 13.57 57.29 2.93
C ASN C 513 12.26 57.55 2.21
N GLY C 514 11.17 57.58 2.99
CA GLY C 514 9.86 57.84 2.44
C GLY C 514 9.08 58.80 3.31
N THR C 515 9.80 59.67 4.00
CA THR C 515 9.16 60.66 4.87
C THR C 515 8.47 61.74 4.05
N ASN C 516 7.26 62.10 4.47
CA ASN C 516 6.45 63.12 3.81
C ASN C 516 6.07 64.17 4.84
N PRO C 517 6.95 65.16 5.10
CA PRO C 517 6.60 66.23 6.06
C PRO C 517 5.62 67.20 5.43
N GLY C 518 4.36 67.12 5.85
CA GLY C 518 3.32 67.93 5.27
C GLY C 518 2.66 68.88 6.25
N VAL C 519 2.07 69.96 5.73
CA VAL C 519 1.32 70.88 6.57
C VAL C 519 0.04 70.22 7.06
N PHE C 520 -0.65 69.49 6.18
CA PHE C 520 -1.86 68.78 6.56
C PHE C 520 -1.59 67.45 7.25
N SER C 521 -0.33 67.00 7.30
CA SER C 521 -0.01 65.69 7.84
C SER C 521 -0.10 65.67 9.36
N PHE C 522 0.46 66.69 10.01
CA PHE C 522 0.57 66.69 11.47
C PHE C 522 -0.22 67.79 12.16
N LEU C 523 -0.47 68.92 11.48
CA LEU C 523 -1.24 69.98 12.11
C LEU C 523 -2.71 69.62 12.21
N ASN C 524 -3.27 69.03 11.15
CA ASN C 524 -4.64 68.52 11.14
C ASN C 524 -4.60 67.06 10.70
N PRO C 525 -4.24 66.14 11.61
CA PRO C 525 -4.20 64.72 11.21
C PRO C 525 -5.59 64.11 11.00
N LEU C 526 -6.62 64.67 11.63
CA LEU C 526 -7.99 64.26 11.39
C LEU C 526 -8.59 65.14 10.30
N SER C 527 -9.90 65.06 10.13
CA SER C 527 -10.60 65.97 9.24
C SER C 527 -10.59 67.38 9.80
N PRO C 528 -10.48 68.41 8.97
CA PRO C 528 -10.46 69.80 9.46
C PRO C 528 -11.82 70.37 9.82
N ASP C 529 -12.89 69.55 9.79
CA ASP C 529 -14.21 70.03 10.21
C ASP C 529 -14.24 70.33 11.70
N ILE C 530 -13.52 69.54 12.50
CA ILE C 530 -13.41 69.80 13.93
C ILE C 530 -12.64 71.10 14.18
N TRP C 531 -11.61 71.36 13.36
CA TRP C 531 -10.85 72.61 13.45
C TRP C 531 -11.73 73.82 13.08
N MET C 532 -12.54 73.69 12.02
CA MET C 532 -13.46 74.76 11.65
C MET C 532 -14.52 74.99 12.73
N TYR C 533 -15.00 73.90 13.34
CA TYR C 533 -15.98 74.00 14.42
C TYR C 533 -15.39 74.67 15.66
N VAL C 534 -14.15 74.36 16.01
CA VAL C 534 -13.59 74.97 17.21
C VAL C 534 -13.17 76.43 16.96
N LEU C 535 -12.79 76.79 15.72
CA LEU C 535 -12.55 78.20 15.43
C LEU C 535 -13.85 79.02 15.40
N LEU C 536 -14.94 78.45 14.87
CA LEU C 536 -16.21 79.19 14.93
C LEU C 536 -16.76 79.23 16.35
N ALA C 537 -16.43 78.22 17.18
CA ALA C 537 -16.81 78.26 18.59
C ALA C 537 -16.02 79.33 19.34
N TYR C 538 -14.74 79.51 19.00
CA TYR C 538 -13.96 80.59 19.58
C TYR C 538 -14.49 81.95 19.17
N LEU C 539 -14.89 82.10 17.90
CA LEU C 539 -15.49 83.35 17.42
C LEU C 539 -16.83 83.61 18.12
N GLY C 540 -17.63 82.56 18.31
CA GLY C 540 -18.90 82.70 19.00
C GLY C 540 -18.76 83.08 20.46
N VAL C 541 -17.82 82.45 21.17
CA VAL C 541 -17.63 82.80 22.57
C VAL C 541 -16.98 84.17 22.72
N SER C 542 -16.19 84.60 21.71
CA SER C 542 -15.60 85.93 21.75
C SER C 542 -16.65 87.01 21.51
N VAL C 543 -17.61 86.77 20.62
CA VAL C 543 -18.67 87.76 20.44
C VAL C 543 -19.75 87.66 21.51
N VAL C 544 -19.82 86.54 22.24
CA VAL C 544 -20.72 86.46 23.39
C VAL C 544 -20.15 87.25 24.57
N LEU C 545 -18.85 87.07 24.88
CA LEU C 545 -18.28 87.72 26.06
C LEU C 545 -18.10 89.23 25.87
N PHE C 546 -18.10 89.72 24.64
CA PHE C 546 -18.13 91.16 24.42
C PHE C 546 -19.49 91.75 24.79
N VAL C 547 -20.56 90.99 24.53
CA VAL C 547 -21.90 91.46 24.89
C VAL C 547 -22.20 91.15 26.36
N ILE C 548 -21.95 89.91 26.78
CA ILE C 548 -22.18 89.51 28.16
C ILE C 548 -21.13 90.10 29.08
N LEU C 598 -19.53 88.88 36.94
CA LEU C 598 -18.98 87.59 37.35
C LEU C 598 -19.25 86.55 36.26
N SER C 599 -20.27 86.84 35.43
CA SER C 599 -20.62 85.94 34.33
C SER C 599 -19.56 85.93 33.24
N THR C 600 -18.87 87.06 33.05
CA THR C 600 -17.74 87.09 32.10
C THR C 600 -16.61 86.19 32.56
N ARG C 601 -16.37 86.14 33.88
CA ARG C 601 -15.36 85.25 34.45
C ARG C 601 -15.73 83.79 34.24
N ILE C 602 -17.01 83.43 34.42
CA ILE C 602 -17.37 82.03 34.28
C ILE C 602 -17.45 81.61 32.81
N VAL C 603 -17.76 82.53 31.88
CA VAL C 603 -17.72 82.12 30.48
C VAL C 603 -16.28 82.07 29.97
N GLY C 604 -15.39 82.90 30.51
CA GLY C 604 -13.97 82.75 30.20
C GLY C 604 -13.39 81.47 30.77
N GLY C 605 -13.84 81.09 31.97
CA GLY C 605 -13.41 79.82 32.54
C GLY C 605 -13.93 78.62 31.79
N ILE C 606 -15.18 78.68 31.31
CA ILE C 606 -15.69 77.54 30.55
C ILE C 606 -15.10 77.51 29.14
N TRP C 607 -14.68 78.66 28.59
CA TRP C 607 -13.98 78.65 27.31
C TRP C 607 -12.57 78.11 27.46
N TRP C 608 -11.90 78.46 28.57
CA TRP C 608 -10.59 77.90 28.87
C TRP C 608 -10.67 76.39 29.13
N PHE C 609 -11.72 75.94 29.81
CA PHE C 609 -11.94 74.52 30.03
C PHE C 609 -12.24 73.78 28.72
N PHE C 610 -12.98 74.44 27.81
CA PHE C 610 -13.26 73.85 26.50
C PHE C 610 -11.99 73.72 25.67
N THR C 611 -11.14 74.75 25.68
CA THR C 611 -9.87 74.67 24.95
C THR C 611 -8.92 73.68 25.60
N LEU C 612 -9.00 73.51 26.93
CA LEU C 612 -8.24 72.48 27.61
C LEU C 612 -8.69 71.08 27.19
N ILE C 613 -10.00 70.88 27.04
CA ILE C 613 -10.53 69.60 26.56
C ILE C 613 -10.12 69.35 25.12
N ILE C 614 -10.14 70.40 24.29
CA ILE C 614 -9.73 70.29 22.88
C ILE C 614 -8.25 69.94 22.77
N ILE C 615 -7.39 70.61 23.54
CA ILE C 615 -5.97 70.31 23.49
C ILE C 615 -5.65 68.99 24.17
N SER C 616 -6.50 68.52 25.08
CA SER C 616 -6.35 67.19 25.67
C SER C 616 -6.62 66.10 24.64
N SER C 617 -7.70 66.27 23.86
CA SER C 617 -8.00 65.34 22.78
C SER C 617 -6.93 65.39 21.70
N TYR C 618 -6.38 66.58 21.45
CA TYR C 618 -5.31 66.75 20.47
C TYR C 618 -4.04 66.03 20.90
N THR C 619 -3.63 66.20 22.16
CA THR C 619 -2.40 65.56 22.61
C THR C 619 -2.58 64.06 22.77
N ALA C 620 -3.79 63.59 23.07
CA ALA C 620 -4.03 62.15 23.14
C ALA C 620 -4.00 61.52 21.74
N ASN C 621 -4.62 62.18 20.76
CA ASN C 621 -4.62 61.69 19.38
C ASN C 621 -3.22 61.69 18.79
N LEU C 622 -2.46 62.77 19.03
CA LEU C 622 -1.10 62.85 18.49
C LEU C 622 -0.16 61.88 19.20
N ALA C 623 -0.37 61.66 20.51
CA ALA C 623 0.45 60.69 21.24
C ALA C 623 0.18 59.28 20.75
N ALA C 624 -1.09 58.93 20.53
CA ALA C 624 -1.43 57.60 20.03
C ALA C 624 -0.92 57.40 18.60
N PHE C 625 -1.03 58.44 17.77
CA PHE C 625 -0.58 58.35 16.39
C PHE C 625 0.93 58.19 16.30
N LEU C 626 1.68 59.01 17.04
CA LEU C 626 3.13 58.94 16.95
C LEU C 626 3.66 57.73 17.71
N THR C 627 2.86 57.19 18.64
CA THR C 627 3.18 55.91 19.26
C THR C 627 3.06 54.78 18.24
N VAL C 628 1.95 54.74 17.50
CA VAL C 628 1.72 53.65 16.55
C VAL C 628 2.69 53.72 15.38
N GLU C 629 3.02 54.93 14.92
CA GLU C 629 4.08 55.08 13.93
C GLU C 629 5.45 54.77 14.54
N ARG C 630 5.60 54.96 15.85
CA ARG C 630 6.85 54.58 16.51
C ARG C 630 6.85 53.08 16.82
N MET C 631 5.67 52.47 16.93
CA MET C 631 5.61 51.03 17.19
C MET C 631 6.03 50.22 15.97
N GLU C 632 5.86 50.79 14.78
CA GLU C 632 6.29 50.11 13.56
C GLU C 632 7.81 50.09 13.46
N SER C 633 8.34 49.02 12.87
CA SER C 633 9.77 48.83 12.74
C SER C 633 10.12 48.53 11.29
N PRO C 634 11.31 48.94 10.84
CA PRO C 634 11.75 48.55 9.50
C PRO C 634 12.07 47.06 9.43
N ILE C 635 12.06 46.55 8.20
CA ILE C 635 12.26 45.12 7.97
C ILE C 635 13.73 44.77 8.19
N ASP C 636 13.97 43.67 8.91
CA ASP C 636 15.32 43.25 9.27
C ASP C 636 15.71 41.91 8.68
N SER C 637 14.83 40.92 8.72
CA SER C 637 15.13 39.60 8.17
C SER C 637 13.83 38.96 7.70
N ALA C 638 13.92 37.68 7.32
CA ALA C 638 12.77 36.99 6.75
C ALA C 638 11.72 36.63 7.79
N ASP C 639 12.13 36.51 9.07
CA ASP C 639 11.18 36.18 10.13
C ASP C 639 10.25 37.35 10.43
N ASP C 640 10.71 38.58 10.21
CA ASP C 640 9.86 39.74 10.43
C ASP C 640 8.80 39.87 9.36
N LEU C 641 9.11 39.53 8.12
CA LEU C 641 8.10 39.49 7.07
C LEU C 641 7.31 38.19 7.07
N ALA C 642 7.75 37.19 7.83
CA ALA C 642 6.97 35.96 7.97
C ALA C 642 5.67 36.22 8.71
N LYS C 643 5.70 37.04 9.75
CA LYS C 643 4.49 37.44 10.46
C LYS C 643 3.81 38.64 9.82
N GLN C 644 4.51 39.39 8.98
CA GLN C 644 3.94 40.58 8.36
C GLN C 644 3.07 40.20 7.16
N THR C 645 2.01 40.98 6.95
CA THR C 645 1.12 40.74 5.83
C THR C 645 0.71 41.98 5.05
N LYS C 646 0.92 43.19 5.59
CA LYS C 646 0.52 44.39 4.86
C LYS C 646 1.46 44.73 3.72
N ILE C 647 2.71 44.26 3.77
CA ILE C 647 3.64 44.40 2.67
C ILE C 647 3.71 43.04 1.98
N GLU C 648 3.19 42.98 0.76
CA GLU C 648 3.26 41.73 0.00
C GLU C 648 4.68 41.49 -0.49
N TYR C 649 5.00 40.23 -0.71
CA TYR C 649 6.35 39.86 -1.13
C TYR C 649 6.26 38.62 -2.00
N GLY C 650 7.23 38.49 -2.90
CA GLY C 650 7.26 37.34 -3.78
C GLY C 650 8.58 37.25 -4.52
N ALA C 651 8.63 36.32 -5.46
CA ALA C 651 9.87 36.01 -6.16
C ALA C 651 9.53 35.63 -7.60
N VAL C 652 10.50 35.03 -8.29
CA VAL C 652 10.33 34.59 -9.66
C VAL C 652 9.37 33.39 -9.70
N GLU C 653 8.50 33.38 -10.72
CA GLU C 653 7.51 32.34 -10.99
C GLU C 653 8.09 30.93 -11.03
N ASP C 654 9.06 30.70 -11.91
CA ASP C 654 9.71 29.41 -12.06
C ASP C 654 11.20 29.60 -11.89
N GLY C 655 11.77 28.90 -10.91
CA GLY C 655 13.20 29.01 -10.66
C GLY C 655 13.59 28.19 -9.45
N ALA C 656 14.86 28.35 -9.06
CA ALA C 656 15.35 27.68 -7.87
C ALA C 656 14.92 28.40 -6.59
N THR C 657 14.37 29.61 -6.69
CA THR C 657 13.93 30.33 -5.51
C THR C 657 12.65 29.74 -4.93
N MET C 658 11.94 28.94 -5.73
CA MET C 658 10.76 28.24 -5.22
C MET C 658 11.14 27.19 -4.19
N THR C 659 12.22 26.45 -4.45
CA THR C 659 12.52 25.22 -3.73
C THR C 659 12.99 25.46 -2.31
N PHE C 660 13.30 26.71 -1.95
CA PHE C 660 13.58 27.03 -0.56
C PHE C 660 12.34 26.88 0.31
N PHE C 661 11.19 27.30 -0.19
CA PHE C 661 9.95 27.14 0.58
C PHE C 661 9.10 25.98 0.11
N LYS C 662 9.47 25.30 -0.97
CA LYS C 662 8.84 24.01 -1.27
C LYS C 662 9.20 22.98 -0.23
N LYS C 663 10.49 22.84 0.07
CA LYS C 663 10.98 21.94 1.10
C LYS C 663 11.75 22.77 2.12
N SER C 664 11.30 22.71 3.38
CA SER C 664 11.94 23.49 4.43
C SER C 664 11.64 22.84 5.77
N LYS C 665 12.49 23.12 6.75
CA LYS C 665 12.33 22.61 8.10
C LYS C 665 11.93 23.69 9.10
N ILE C 666 11.64 24.90 8.63
CA ILE C 666 11.16 26.00 9.46
C ILE C 666 9.77 26.38 8.97
N SER C 667 8.83 26.53 9.91
CA SER C 667 7.45 26.86 9.58
C SER C 667 7.28 28.28 9.06
N THR C 668 8.27 29.15 9.27
CA THR C 668 8.22 30.49 8.68
C THR C 668 8.34 30.42 7.16
N TYR C 669 9.19 29.52 6.65
CA TYR C 669 9.27 29.33 5.21
C TYR C 669 8.00 28.68 4.67
N ASP C 670 7.32 27.87 5.49
CA ASP C 670 5.99 27.39 5.14
C ASP C 670 4.98 28.52 5.12
N LYS C 671 5.15 29.52 5.98
CA LYS C 671 4.28 30.70 5.93
C LYS C 671 4.54 31.54 4.69
N MET C 672 5.80 31.64 4.27
CA MET C 672 6.09 32.26 2.96
C MET C 672 5.55 31.44 1.80
N TRP C 673 5.53 30.10 1.91
CA TRP C 673 4.88 29.29 0.89
C TRP C 673 3.38 29.51 0.85
N ALA C 674 2.77 29.69 2.02
CA ALA C 674 1.36 30.06 2.10
C ALA C 674 1.11 31.43 1.50
N PHE C 675 2.06 32.36 1.69
CA PHE C 675 1.99 33.68 1.08
C PHE C 675 2.10 33.61 -0.44
N MET C 676 2.94 32.71 -0.96
CA MET C 676 3.01 32.53 -2.41
C MET C 676 1.74 31.89 -2.95
N SER C 677 1.20 30.90 -2.23
CA SER C 677 0.03 30.18 -2.71
C SER C 677 -1.22 31.04 -2.64
N SER C 678 -1.31 31.95 -1.67
CA SER C 678 -2.45 32.85 -1.60
C SER C 678 -2.36 33.94 -2.67
N ARG C 679 -1.15 34.28 -3.10
CA ARG C 679 -0.95 35.33 -4.08
C ARG C 679 -0.26 34.78 -5.31
N ARG C 680 -0.74 33.63 -5.81
CA ARG C 680 -0.14 32.95 -6.95
C ARG C 680 -0.33 33.72 -8.26
N GLN C 681 -1.27 34.66 -8.31
CA GLN C 681 -1.40 35.56 -9.45
C GLN C 681 -1.07 37.00 -9.09
N SER C 682 -0.60 37.25 -7.87
CA SER C 682 -0.32 38.61 -7.42
C SER C 682 1.18 38.84 -7.21
N VAL C 683 1.83 38.03 -6.37
CA VAL C 683 3.25 38.22 -6.11
C VAL C 683 4.14 37.34 -6.96
N LEU C 684 3.58 36.45 -7.77
CA LEU C 684 4.36 35.54 -8.59
C LEU C 684 4.75 36.24 -9.89
N VAL C 685 6.06 36.36 -10.14
CA VAL C 685 6.61 37.24 -11.16
C VAL C 685 7.28 36.40 -12.23
N LYS C 686 6.92 36.64 -13.49
CA LYS C 686 7.47 35.85 -14.59
C LYS C 686 8.93 36.15 -14.86
N SER C 687 9.35 37.40 -14.66
CA SER C 687 10.68 37.86 -15.06
C SER C 687 11.46 38.37 -13.86
N ASN C 688 12.56 39.06 -14.13
CA ASN C 688 13.33 39.73 -13.09
C ASN C 688 13.02 41.22 -13.04
N GLU C 689 13.00 41.88 -14.20
CA GLU C 689 12.85 43.33 -14.22
C GLU C 689 11.42 43.78 -13.97
N GLU C 690 10.42 42.92 -14.17
CA GLU C 690 9.07 43.30 -13.79
C GLU C 690 8.94 43.26 -12.27
N GLY C 691 9.66 42.34 -11.62
CA GLY C 691 9.82 42.40 -10.18
C GLY C 691 10.57 43.62 -9.71
N ILE C 692 11.53 44.11 -10.51
CA ILE C 692 12.22 45.36 -10.22
C ILE C 692 11.26 46.53 -10.28
N GLN C 693 10.38 46.56 -11.29
CA GLN C 693 9.38 47.62 -11.34
C GLN C 693 8.33 47.49 -10.24
N ARG C 694 8.05 46.25 -9.81
CA ARG C 694 7.06 46.04 -8.76
C ARG C 694 7.61 46.44 -7.39
N VAL C 695 8.89 46.19 -7.13
CA VAL C 695 9.50 46.67 -5.90
C VAL C 695 9.77 48.18 -5.98
N LEU C 696 9.90 48.72 -7.19
CA LEU C 696 10.06 50.16 -7.35
C LEU C 696 8.76 50.92 -7.15
N THR C 697 7.62 50.33 -7.52
CA THR C 697 6.35 51.06 -7.52
C THR C 697 5.50 50.77 -6.29
N SER C 698 5.14 49.50 -6.07
CA SER C 698 4.15 49.17 -5.06
C SER C 698 4.78 48.84 -3.73
N ASP C 699 3.94 48.49 -2.75
CA ASP C 699 4.38 48.05 -1.43
C ASP C 699 4.68 46.54 -1.48
N TYR C 700 5.74 46.22 -2.20
CA TYR C 700 6.05 44.84 -2.57
C TYR C 700 7.52 44.59 -2.38
N ALA C 701 7.87 43.40 -1.93
CA ALA C 701 9.26 42.99 -1.68
C ALA C 701 9.61 41.84 -2.60
N PHE C 702 10.62 42.03 -3.44
CA PHE C 702 11.07 41.02 -4.37
C PHE C 702 12.25 40.23 -3.82
N LEU C 703 12.30 38.94 -4.15
CA LEU C 703 13.37 38.05 -3.72
C LEU C 703 14.21 37.66 -4.93
N MET C 704 15.44 38.16 -4.97
CA MET C 704 16.47 37.68 -5.89
C MET C 704 17.55 36.95 -5.12
N GLU C 705 18.54 36.42 -5.84
CA GLU C 705 19.37 35.41 -5.17
C GLU C 705 20.49 36.02 -4.34
N SER C 706 21.59 36.45 -4.97
CA SER C 706 22.55 37.31 -4.29
C SER C 706 23.16 38.35 -5.23
N THR C 707 23.45 37.94 -6.46
CA THR C 707 24.32 38.73 -7.33
C THR C 707 23.58 39.82 -8.09
N THR C 708 22.34 39.56 -8.50
CA THR C 708 21.53 40.61 -9.08
C THR C 708 21.13 41.64 -8.04
N ILE C 709 21.02 41.21 -6.77
CA ILE C 709 20.86 42.15 -5.65
C ILE C 709 22.06 43.07 -5.55
N GLU C 710 23.28 42.51 -5.67
CA GLU C 710 24.50 43.30 -5.65
C GLU C 710 24.56 44.25 -6.84
N PHE C 711 24.10 43.78 -8.01
CA PHE C 711 24.11 44.62 -9.21
C PHE C 711 23.13 45.77 -9.11
N VAL C 712 21.92 45.54 -8.58
CA VAL C 712 20.97 46.64 -8.49
C VAL C 712 21.24 47.54 -7.29
N THR C 713 21.96 47.07 -6.27
CA THR C 713 22.36 47.99 -5.20
C THR C 713 23.58 48.81 -5.58
N GLN C 714 24.46 48.25 -6.41
CA GLN C 714 25.56 49.05 -6.94
C GLN C 714 25.07 50.01 -8.02
N ARG C 715 24.01 49.64 -8.73
CA ARG C 715 23.47 50.46 -9.81
C ARG C 715 22.48 51.50 -9.29
N ASN C 716 21.40 51.04 -8.66
CA ASN C 716 20.34 51.92 -8.19
C ASN C 716 20.55 52.26 -6.73
N CYS C 717 20.48 53.55 -6.40
CA CYS C 717 20.66 54.03 -5.04
C CYS C 717 19.34 54.27 -4.34
N ASN C 718 18.24 53.77 -4.88
CA ASN C 718 16.94 53.82 -4.23
C ASN C 718 16.51 52.47 -3.69
N LEU C 719 17.34 51.44 -3.83
CA LEU C 719 17.01 50.08 -3.45
C LEU C 719 18.06 49.57 -2.45
N THR C 720 17.67 48.60 -1.65
CA THR C 720 18.56 48.03 -0.65
C THR C 720 18.17 46.59 -0.36
N GLN C 721 19.13 45.86 0.20
CA GLN C 721 18.96 44.47 0.59
C GLN C 721 18.60 44.38 2.07
N ILE C 722 18.04 43.23 2.44
CA ILE C 722 17.53 43.00 3.79
C ILE C 722 18.11 41.68 4.29
N GLY C 723 18.80 41.73 5.42
CA GLY C 723 19.34 40.54 6.02
C GLY C 723 20.55 39.99 5.26
N GLY C 724 20.88 38.75 5.59
CA GLY C 724 22.01 38.08 4.99
C GLY C 724 21.58 36.99 4.01
N LEU C 725 22.58 36.23 3.57
CA LEU C 725 22.34 35.13 2.64
C LEU C 725 21.74 33.97 3.41
N ILE C 726 20.53 33.54 3.02
CA ILE C 726 19.82 32.50 3.75
C ILE C 726 20.02 31.11 3.18
N ASP C 727 20.80 30.97 2.11
CA ASP C 727 21.12 29.66 1.56
C ASP C 727 22.52 29.75 0.96
N SER C 728 22.96 28.65 0.34
CA SER C 728 24.30 28.55 -0.23
C SER C 728 24.27 27.89 -1.60
N LYS C 729 23.38 28.38 -2.48
CA LYS C 729 23.27 27.83 -3.83
C LYS C 729 24.50 28.17 -4.65
N GLY C 730 25.05 27.17 -5.34
CA GLY C 730 26.18 27.40 -6.21
C GLY C 730 25.75 27.64 -7.65
N TYR C 731 26.61 28.31 -8.41
CA TYR C 731 26.37 28.55 -9.82
C TYR C 731 27.37 27.75 -10.64
N GLY C 732 26.87 26.88 -11.51
CA GLY C 732 27.73 26.07 -12.34
C GLY C 732 27.19 25.98 -13.75
N VAL C 733 28.09 25.64 -14.68
CA VAL C 733 27.72 25.49 -16.07
C VAL C 733 26.95 24.20 -16.26
N GLY C 734 26.03 24.19 -17.22
CA GLY C 734 25.17 23.05 -17.45
C GLY C 734 25.81 22.04 -18.36
N THR C 735 25.86 20.79 -17.90
CA THR C 735 26.36 19.65 -18.66
C THR C 735 25.33 18.53 -18.61
N PRO C 736 25.21 17.75 -19.69
CA PRO C 736 24.25 16.64 -19.70
C PRO C 736 24.72 15.44 -18.89
N MET C 737 23.97 14.33 -18.98
CA MET C 737 24.38 13.09 -18.37
C MET C 737 25.62 12.52 -19.05
N GLY C 738 26.42 11.80 -18.27
CA GLY C 738 27.68 11.27 -18.75
C GLY C 738 28.76 12.33 -18.72
N SER C 739 28.76 13.22 -19.73
CA SER C 739 29.53 14.45 -19.82
C SER C 739 31.02 14.27 -19.59
N PRO C 740 31.77 13.77 -20.58
CA PRO C 740 33.23 13.64 -20.41
C PRO C 740 33.96 14.97 -20.27
N TYR C 741 33.39 16.06 -20.77
CA TYR C 741 34.01 17.37 -20.62
C TYR C 741 33.77 17.99 -19.24
N ARG C 742 32.86 17.41 -18.44
CA ARG C 742 32.54 17.99 -17.14
C ARG C 742 33.70 17.84 -16.17
N ASP C 743 34.41 16.70 -16.22
CA ASP C 743 35.55 16.52 -15.33
C ASP C 743 36.72 17.40 -15.72
N LYS C 744 36.86 17.72 -17.01
CA LYS C 744 37.90 18.64 -17.42
C LYS C 744 37.55 20.08 -17.06
N ILE C 745 36.27 20.47 -17.24
CA ILE C 745 35.86 21.82 -16.91
C ILE C 745 35.79 22.04 -15.40
N THR C 746 35.67 20.96 -14.62
CA THR C 746 35.75 21.04 -13.16
C THR C 746 37.12 21.51 -12.70
N ILE C 747 38.18 20.84 -13.18
CA ILE C 747 39.52 21.25 -12.81
C ILE C 747 39.93 22.52 -13.54
N ALA C 748 39.27 22.85 -14.67
CA ALA C 748 39.53 24.12 -15.34
C ALA C 748 39.03 25.30 -14.52
N ILE C 749 37.80 25.23 -14.00
CA ILE C 749 37.30 26.33 -13.18
C ILE C 749 37.93 26.31 -11.79
N LEU C 750 38.40 25.15 -11.31
CA LEU C 750 39.17 25.14 -10.07
C LEU C 750 40.53 25.80 -10.26
N GLN C 751 41.13 25.62 -11.44
CA GLN C 751 42.36 26.34 -11.78
C GLN C 751 42.11 27.83 -11.92
N LEU C 752 40.95 28.20 -12.48
CA LEU C 752 40.64 29.61 -12.69
C LEU C 752 40.38 30.34 -11.38
N GLN C 753 39.59 29.74 -10.49
CA GLN C 753 39.30 30.39 -9.21
C GLN C 753 40.39 30.15 -8.18
N GLU C 754 41.28 29.18 -8.39
CA GLU C 754 42.38 28.95 -7.45
C GLU C 754 43.47 29.99 -7.62
N GLU C 755 43.71 30.42 -8.85
CA GLU C 755 44.69 31.46 -9.12
C GLU C 755 44.18 32.86 -8.80
N GLY C 756 42.89 33.00 -8.51
CA GLY C 756 42.34 34.29 -8.15
C GLY C 756 41.98 35.18 -9.31
N LYS C 757 42.00 34.66 -10.54
CA LYS C 757 41.59 35.45 -11.70
C LYS C 757 40.10 35.77 -11.67
N LEU C 758 39.30 34.84 -11.13
CA LEU C 758 37.86 35.06 -11.00
C LEU C 758 37.55 36.17 -9.99
N HIS C 759 38.43 36.38 -9.00
CA HIS C 759 38.18 37.33 -7.94
C HIS C 759 38.15 38.77 -8.45
N MET C 760 39.18 39.20 -9.18
CA MET C 760 39.14 40.53 -9.78
C MET C 760 38.44 40.51 -11.13
N MET C 761 38.17 39.34 -11.68
CA MET C 761 37.30 39.23 -12.85
C MET C 761 35.85 39.57 -12.49
N LYS C 762 35.47 39.33 -11.22
CA LYS C 762 34.11 39.59 -10.75
C LYS C 762 33.77 41.08 -10.81
N GLU C 763 34.70 41.96 -10.41
CA GLU C 763 34.38 43.38 -10.29
C GLU C 763 34.33 44.12 -11.62
N LYS C 764 34.55 43.45 -12.75
CA LYS C 764 34.44 44.12 -14.04
C LYS C 764 33.00 44.25 -14.51
N TRP C 765 32.05 43.59 -13.84
CA TRP C 765 30.63 43.72 -14.16
C TRP C 765 29.77 43.85 -12.90
N TRP C 766 30.37 44.13 -11.75
CA TRP C 766 29.64 44.42 -10.52
C TRP C 766 30.22 45.66 -9.85
N ARG C 767 30.43 46.70 -10.65
CA ARG C 767 30.96 47.98 -10.16
C ARG C 767 30.06 49.09 -10.67
N GLY C 768 29.27 49.67 -9.77
CA GLY C 768 28.37 50.75 -10.13
C GLY C 768 27.15 50.30 -10.91
N VAL C 784 11.00 67.41 11.23
CA VAL C 784 10.49 68.55 11.97
C VAL C 784 10.79 69.85 11.24
N GLN C 785 11.18 69.72 9.96
CA GLN C 785 11.50 70.90 9.16
C GLN C 785 10.24 71.69 8.81
N ASN C 786 9.13 70.99 8.52
CA ASN C 786 7.89 71.68 8.21
C ASN C 786 7.27 72.29 9.46
N ILE C 787 7.55 71.72 10.64
CA ILE C 787 7.15 72.32 11.90
C ILE C 787 7.85 73.66 12.10
N GLY C 788 9.15 73.71 11.80
CA GLY C 788 9.87 74.97 11.86
C GLY C 788 9.43 75.96 10.79
N GLY C 789 9.04 75.45 9.62
CA GLY C 789 8.52 76.33 8.57
C GLY C 789 7.19 76.97 8.94
N ILE C 790 6.27 76.18 9.49
CA ILE C 790 5.01 76.77 9.96
C ILE C 790 5.22 77.60 11.22
N PHE C 791 6.29 77.34 11.99
CA PHE C 791 6.62 78.17 13.14
C PHE C 791 7.12 79.55 12.71
N ILE C 792 7.98 79.62 11.68
CA ILE C 792 8.45 80.93 11.25
C ILE C 792 7.38 81.66 10.44
N VAL C 793 6.47 80.92 9.77
CA VAL C 793 5.31 81.57 9.13
C VAL C 793 4.37 82.14 10.19
N LEU C 794 4.18 81.44 11.31
CA LEU C 794 3.38 81.97 12.40
C LEU C 794 4.07 83.14 13.10
N ALA C 795 5.41 83.15 13.14
CA ALA C 795 6.13 84.30 13.68
C ALA C 795 5.98 85.53 12.79
N ALA C 796 6.03 85.33 11.47
CA ALA C 796 5.79 86.43 10.54
C ALA C 796 4.35 86.92 10.61
N GLY C 797 3.40 85.99 10.84
CA GLY C 797 2.03 86.38 11.09
C GLY C 797 1.85 87.16 12.38
N LEU C 798 2.62 86.82 13.41
CA LEU C 798 2.64 87.60 14.65
C LEU C 798 3.17 89.02 14.41
N VAL C 799 4.22 89.13 13.59
CA VAL C 799 4.77 90.43 13.23
C VAL C 799 3.74 91.27 12.46
N LEU C 800 3.02 90.64 11.52
CA LEU C 800 1.96 91.33 10.81
C LEU C 800 0.78 91.69 11.72
N SER C 801 0.48 90.82 12.70
CA SER C 801 -0.63 91.07 13.61
C SER C 801 -0.35 92.24 14.55
N VAL C 802 0.91 92.38 14.99
CA VAL C 802 1.25 93.58 15.76
C VAL C 802 1.53 94.77 14.86
N PHE C 803 1.69 94.55 13.55
CA PHE C 803 1.70 95.64 12.59
C PHE C 803 0.30 96.15 12.25
N VAL C 804 -0.75 95.35 12.54
CA VAL C 804 -2.12 95.80 12.32
C VAL C 804 -2.47 96.97 13.25
N ALA C 805 -2.09 96.88 14.53
CA ALA C 805 -2.47 97.87 15.53
C ALA C 805 -1.47 99.02 15.62
N VAL C 806 -0.73 99.31 14.56
CA VAL C 806 0.22 100.42 14.57
C VAL C 806 -0.54 101.74 14.41
N HIS D 1 -5.37 -34.16 -72.16
CA HIS D 1 -4.03 -34.73 -72.20
C HIS D 1 -3.66 -35.34 -70.86
N VAL D 2 -2.40 -35.79 -70.77
CA VAL D 2 -1.85 -36.36 -69.54
C VAL D 2 -0.74 -35.43 -69.09
N LEU D 3 -0.83 -34.97 -67.84
CA LEU D 3 0.10 -34.00 -67.29
C LEU D 3 0.79 -34.58 -66.07
N ARG D 4 2.11 -34.45 -66.00
CA ARG D 4 2.90 -35.05 -64.95
C ARG D 4 3.45 -33.98 -64.02
N PHE D 5 3.36 -34.21 -62.72
CA PHE D 5 3.91 -33.33 -61.71
C PHE D 5 5.01 -34.05 -60.95
N GLY D 6 6.12 -33.37 -60.74
CA GLY D 6 7.21 -33.95 -59.96
C GLY D 6 6.90 -33.98 -58.48
N GLY D 7 7.61 -34.84 -57.77
CA GLY D 7 7.45 -34.94 -56.34
C GLY D 7 8.70 -35.39 -55.63
N ILE D 8 9.14 -34.63 -54.64
CA ILE D 8 10.30 -34.97 -53.83
C ILE D 8 9.87 -34.91 -52.38
N PHE D 9 9.97 -36.04 -51.68
CA PHE D 9 9.45 -36.16 -50.33
C PHE D 9 10.43 -36.93 -49.48
N GLU D 10 10.81 -36.34 -48.34
CA GLU D 10 11.61 -37.06 -47.37
C GLU D 10 10.74 -38.10 -46.66
N TYR D 11 11.28 -39.30 -46.51
CA TYR D 11 10.47 -40.48 -46.24
C TYR D 11 11.02 -41.25 -45.04
N VAL D 12 10.14 -42.06 -44.45
CA VAL D 12 10.38 -42.66 -43.15
C VAL D 12 11.46 -43.74 -43.24
N GLU D 13 11.42 -44.54 -44.34
CA GLU D 13 12.31 -45.64 -44.75
C GLU D 13 12.06 -46.91 -43.92
N SER D 14 11.30 -46.80 -42.83
CA SER D 14 10.99 -47.96 -41.99
C SER D 14 9.70 -47.66 -41.24
N GLY D 15 8.59 -48.23 -41.71
CA GLY D 15 7.34 -48.11 -41.01
C GLY D 15 6.24 -47.46 -41.82
N PRO D 16 5.68 -46.37 -41.31
CA PRO D 16 4.48 -45.78 -41.91
C PRO D 16 4.80 -44.97 -43.15
N MET D 17 3.77 -44.28 -43.65
CA MET D 17 3.84 -43.56 -44.90
C MET D 17 3.84 -42.05 -44.62
N GLY D 18 4.59 -41.31 -45.42
CA GLY D 18 4.74 -39.88 -45.18
C GLY D 18 3.47 -39.10 -45.51
N ALA D 19 3.11 -38.17 -44.62
CA ALA D 19 1.82 -37.51 -44.72
C ALA D 19 1.77 -36.48 -45.84
N GLU D 20 2.92 -35.91 -46.22
CA GLU D 20 2.95 -34.90 -47.27
C GLU D 20 2.61 -35.49 -48.63
N GLU D 21 3.25 -36.60 -48.98
CA GLU D 21 2.93 -37.22 -50.26
C GLU D 21 1.63 -37.99 -50.21
N LEU D 22 1.15 -38.35 -49.01
CA LEU D 22 -0.23 -38.84 -48.88
C LEU D 22 -1.22 -37.74 -49.22
N ALA D 23 -0.95 -36.50 -48.78
CA ALA D 23 -1.79 -35.37 -49.15
C ALA D 23 -1.69 -35.07 -50.64
N PHE D 24 -0.49 -35.26 -51.21
CA PHE D 24 -0.29 -35.09 -52.65
C PHE D 24 -1.10 -36.10 -53.46
N ARG D 25 -1.07 -37.37 -53.04
CA ARG D 25 -1.81 -38.43 -53.71
C ARG D 25 -3.31 -38.24 -53.56
N PHE D 26 -3.76 -37.82 -52.37
CA PHE D 26 -5.17 -37.56 -52.15
C PHE D 26 -5.65 -36.38 -52.97
N ALA D 27 -4.80 -35.35 -53.12
CA ALA D 27 -5.15 -34.18 -53.92
C ALA D 27 -5.26 -34.50 -55.39
N VAL D 28 -4.31 -35.29 -55.93
CA VAL D 28 -4.41 -35.62 -57.35
C VAL D 28 -5.52 -36.61 -57.61
N ASN D 29 -5.87 -37.45 -56.62
CA ASN D 29 -7.00 -38.35 -56.78
C ASN D 29 -8.33 -37.60 -56.77
N THR D 30 -8.48 -36.63 -55.86
CA THR D 30 -9.73 -35.89 -55.82
C THR D 30 -9.80 -34.82 -56.90
N ILE D 31 -8.70 -34.48 -57.57
CA ILE D 31 -8.79 -33.61 -58.72
C ILE D 31 -8.91 -34.41 -60.02
N ASN D 32 -8.58 -35.70 -60.00
CA ASN D 32 -8.86 -36.53 -61.16
C ASN D 32 -10.30 -37.05 -61.16
N ARG D 33 -10.85 -37.33 -59.98
CA ARG D 33 -12.22 -37.82 -59.90
C ARG D 33 -13.22 -36.71 -60.16
N ASN D 34 -12.97 -35.51 -59.64
CA ASN D 34 -13.86 -34.38 -59.87
C ASN D 34 -13.61 -33.84 -61.27
N ARG D 35 -14.63 -33.91 -62.12
CA ARG D 35 -14.52 -33.47 -63.50
C ARG D 35 -15.02 -32.05 -63.72
N THR D 36 -15.37 -31.35 -62.65
CA THR D 36 -15.74 -29.94 -62.77
C THR D 36 -14.53 -29.06 -63.08
N LEU D 37 -13.34 -29.50 -62.72
CA LEU D 37 -12.10 -28.81 -63.02
C LEU D 37 -11.23 -29.69 -63.90
N LEU D 38 -10.64 -29.09 -64.93
CA LEU D 38 -9.85 -29.73 -66.00
C LEU D 38 -10.62 -30.86 -66.66
N PRO D 39 -11.61 -30.55 -67.51
CA PRO D 39 -12.41 -31.63 -68.10
C PRO D 39 -11.68 -32.42 -69.16
N ASN D 40 -10.85 -31.77 -69.96
CA ASN D 40 -10.20 -32.41 -71.10
C ASN D 40 -8.79 -32.90 -70.80
N THR D 41 -8.32 -32.79 -69.56
CA THR D 41 -6.95 -33.15 -69.25
C THR D 41 -6.89 -33.75 -67.84
N THR D 42 -6.38 -34.97 -67.74
CA THR D 42 -6.11 -35.59 -66.46
C THR D 42 -4.66 -35.33 -66.04
N LEU D 43 -4.38 -35.61 -64.77
CA LEU D 43 -3.07 -35.35 -64.18
C LEU D 43 -2.48 -36.63 -63.61
N THR D 44 -1.20 -36.85 -63.85
CA THR D 44 -0.44 -37.92 -63.23
C THR D 44 0.73 -37.31 -62.45
N TYR D 45 1.52 -38.18 -61.83
CA TYR D 45 2.58 -37.72 -60.94
C TYR D 45 3.69 -38.75 -60.91
N ASP D 46 4.80 -38.35 -60.28
CA ASP D 46 5.93 -39.25 -60.06
C ASP D 46 6.68 -38.73 -58.84
N THR D 47 6.58 -39.46 -57.73
CA THR D 47 7.17 -39.03 -56.47
C THR D 47 8.53 -39.69 -56.29
N GLN D 48 9.53 -38.90 -55.95
CA GLN D 48 10.84 -39.39 -55.56
C GLN D 48 10.96 -39.35 -54.03
N LYS D 49 11.75 -40.26 -53.50
CA LYS D 49 11.92 -40.39 -52.06
C LYS D 49 13.39 -40.15 -51.72
N ILE D 50 13.68 -39.04 -51.07
CA ILE D 50 15.05 -38.67 -50.75
C ILE D 50 15.26 -38.76 -49.25
N ASN D 51 16.53 -38.84 -48.86
CA ASN D 51 16.90 -38.84 -47.46
C ASN D 51 16.74 -37.44 -46.87
N LEU D 52 16.71 -37.40 -45.54
CA LEU D 52 16.61 -36.14 -44.83
C LEU D 52 17.90 -35.33 -45.00
N TYR D 53 17.73 -33.99 -44.97
CA TYR D 53 18.80 -32.96 -44.94
C TYR D 53 19.86 -33.12 -46.03
N ASP D 54 19.50 -33.73 -47.16
CA ASP D 54 20.44 -33.98 -48.25
C ASP D 54 19.98 -33.21 -49.48
N SER D 55 20.91 -32.50 -50.12
CA SER D 55 20.58 -31.71 -51.29
C SER D 55 21.15 -32.28 -52.58
N PHE D 56 22.27 -33.01 -52.50
CA PHE D 56 22.81 -33.67 -53.68
C PHE D 56 21.89 -34.78 -54.16
N GLU D 57 21.34 -35.55 -53.22
CA GLU D 57 20.37 -36.58 -53.55
C GLU D 57 19.11 -35.97 -54.13
N ALA D 58 18.68 -34.82 -53.57
CA ALA D 58 17.57 -34.07 -54.14
C ALA D 58 17.91 -33.51 -55.51
N SER D 59 19.18 -33.12 -55.72
CA SER D 59 19.59 -32.65 -57.04
C SER D 59 19.55 -33.77 -58.07
N LYS D 60 19.97 -34.98 -57.68
CA LYS D 60 19.93 -36.12 -58.58
C LYS D 60 18.49 -36.53 -58.88
N LYS D 61 17.62 -36.49 -57.88
CA LYS D 61 16.22 -36.84 -58.11
C LYS D 61 15.50 -35.78 -58.94
N ALA D 62 15.87 -34.50 -58.77
CA ALA D 62 15.33 -33.46 -59.62
C ALA D 62 15.84 -33.57 -61.05
N CYS D 63 17.09 -34.01 -61.22
CA CYS D 63 17.62 -34.28 -62.55
C CYS D 63 16.88 -35.45 -63.20
N ASP D 64 16.53 -36.46 -62.41
CA ASP D 64 15.73 -37.57 -62.94
C ASP D 64 14.33 -37.12 -63.31
N GLN D 65 13.74 -36.22 -62.52
CA GLN D 65 12.41 -35.69 -62.83
C GLN D 65 12.43 -34.84 -64.09
N LEU D 66 13.49 -34.07 -64.30
CA LEU D 66 13.61 -33.30 -65.54
C LEU D 66 13.95 -34.18 -66.74
N SER D 67 14.67 -35.28 -66.52
CA SER D 67 14.91 -36.23 -67.60
C SER D 67 13.63 -36.93 -68.00
N LEU D 68 12.78 -37.28 -67.03
CA LEU D 68 11.43 -37.73 -67.35
C LEU D 68 10.59 -36.59 -67.91
N GLY D 69 10.81 -35.38 -67.41
CA GLY D 69 10.04 -34.24 -67.84
C GLY D 69 8.77 -34.10 -67.03
N VAL D 70 8.58 -32.96 -66.38
CA VAL D 70 7.39 -32.65 -65.61
C VAL D 70 6.92 -31.25 -65.99
N ALA D 71 5.85 -30.81 -65.33
CA ALA D 71 5.34 -29.46 -65.49
C ALA D 71 5.61 -28.57 -64.29
N ALA D 72 5.40 -29.08 -63.08
CA ALA D 72 5.69 -28.35 -61.86
C ALA D 72 6.33 -29.31 -60.87
N ILE D 73 7.11 -28.76 -59.95
CA ILE D 73 7.83 -29.54 -58.96
C ILE D 73 7.37 -29.09 -57.58
N PHE D 74 6.87 -30.03 -56.78
CA PHE D 74 6.53 -29.78 -55.39
C PHE D 74 7.74 -30.19 -54.55
N GLY D 75 8.48 -29.20 -54.08
CA GLY D 75 9.79 -29.45 -53.52
C GLY D 75 9.73 -29.97 -52.10
N PRO D 76 10.91 -30.17 -51.52
CA PRO D 76 10.98 -30.75 -50.17
C PRO D 76 10.69 -29.74 -49.06
N SER D 77 10.88 -30.16 -47.82
CA SER D 77 10.54 -29.34 -46.67
C SER D 77 11.73 -28.55 -46.14
N HIS D 78 12.87 -29.21 -45.94
CA HIS D 78 14.03 -28.58 -45.32
C HIS D 78 14.68 -27.57 -46.25
N SER D 79 15.21 -26.49 -45.65
CA SER D 79 15.70 -25.35 -46.41
C SER D 79 16.98 -25.68 -47.16
N SER D 80 17.85 -26.50 -46.56
CA SER D 80 19.13 -26.85 -47.16
C SER D 80 18.97 -27.69 -48.42
N SER D 81 17.86 -28.41 -48.55
CA SER D 81 17.58 -29.14 -49.78
C SER D 81 16.71 -28.32 -50.73
N ALA D 82 15.79 -27.53 -50.18
CA ALA D 82 14.88 -26.75 -51.02
C ALA D 82 15.61 -25.63 -51.75
N ASN D 83 16.68 -25.10 -51.17
CA ASN D 83 17.48 -24.08 -51.85
C ASN D 83 18.16 -24.67 -53.09
N ALA D 84 18.71 -25.87 -52.98
CA ALA D 84 19.34 -26.50 -54.13
C ALA D 84 18.31 -26.92 -55.16
N VAL D 85 17.13 -27.37 -54.72
CA VAL D 85 16.06 -27.73 -55.65
C VAL D 85 15.56 -26.50 -56.40
N GLN D 86 15.45 -25.37 -55.70
CA GLN D 86 15.04 -24.12 -56.34
C GLN D 86 16.10 -23.61 -57.30
N SER D 87 17.38 -23.78 -56.97
CA SER D 87 18.43 -23.36 -57.88
C SER D 87 18.53 -24.27 -59.11
N ILE D 88 18.21 -25.56 -58.95
CA ILE D 88 18.06 -26.45 -60.11
C ILE D 88 16.90 -25.98 -60.97
N CYS D 89 15.76 -25.72 -60.34
CA CYS D 89 14.51 -25.52 -61.04
C CYS D 89 14.41 -24.14 -61.67
N ASN D 90 15.19 -23.17 -61.18
CA ASN D 90 15.16 -21.83 -61.76
C ASN D 90 15.89 -21.76 -63.09
N ALA D 91 16.93 -22.57 -63.26
CA ALA D 91 17.74 -22.49 -64.48
C ALA D 91 17.02 -23.06 -65.69
N LEU D 92 16.15 -24.05 -65.48
CA LEU D 92 15.49 -24.74 -66.57
C LEU D 92 14.08 -24.22 -66.84
N GLY D 93 13.63 -23.20 -66.12
CA GLY D 93 12.38 -22.55 -66.41
C GLY D 93 11.15 -23.22 -65.84
N VAL D 94 11.30 -24.35 -65.17
CA VAL D 94 10.16 -25.04 -64.55
C VAL D 94 9.72 -24.25 -63.33
N PRO D 95 8.43 -24.20 -63.00
CA PRO D 95 8.02 -23.64 -61.71
C PRO D 95 8.40 -24.55 -60.55
N HIS D 96 8.67 -23.92 -59.42
CA HIS D 96 8.96 -24.62 -58.18
C HIS D 96 7.91 -24.22 -57.14
N ILE D 97 7.37 -25.21 -56.44
CA ILE D 97 6.36 -25.00 -55.43
C ILE D 97 6.96 -25.39 -54.08
N GLN D 98 6.83 -24.53 -53.10
CA GLN D 98 7.30 -24.82 -51.75
C GLN D 98 6.12 -24.80 -50.79
N THR D 99 6.13 -25.73 -49.84
CA THR D 99 5.07 -25.80 -48.84
C THR D 99 5.58 -25.52 -47.43
N ARG D 100 6.87 -25.29 -47.26
CA ARG D 100 7.45 -24.99 -45.96
C ARG D 100 8.25 -23.71 -46.06
N TRP D 101 8.32 -22.99 -44.94
CA TRP D 101 9.07 -21.75 -44.91
C TRP D 101 10.56 -22.01 -44.95
N LYS D 102 11.28 -21.18 -45.68
CA LYS D 102 12.73 -21.12 -45.64
C LYS D 102 13.14 -19.66 -45.61
N HIS D 103 14.32 -19.40 -45.08
CA HIS D 103 14.85 -18.04 -45.19
C HIS D 103 15.43 -17.85 -46.58
N GLN D 104 15.34 -16.61 -47.07
CA GLN D 104 15.85 -16.27 -48.38
C GLN D 104 17.02 -15.30 -48.24
N VAL D 105 18.04 -15.52 -49.07
CA VAL D 105 19.12 -14.55 -49.17
C VAL D 105 18.59 -13.28 -49.82
N SER D 106 18.99 -12.12 -49.30
CA SER D 106 18.40 -10.84 -49.66
C SER D 106 18.67 -10.44 -51.11
N ASP D 107 19.72 -10.98 -51.72
CA ASP D 107 20.03 -10.70 -53.12
C ASP D 107 20.07 -11.99 -53.94
N ASN D 108 19.13 -12.89 -53.68
CA ASN D 108 18.95 -14.08 -54.50
C ASN D 108 18.07 -13.73 -55.69
N LYS D 109 18.62 -13.84 -56.90
CA LYS D 109 17.97 -13.35 -58.09
C LYS D 109 17.10 -14.39 -58.77
N ASP D 110 16.93 -15.56 -58.17
CA ASP D 110 16.04 -16.57 -58.73
C ASP D 110 14.59 -16.15 -58.54
N SER D 111 13.80 -16.25 -59.60
CA SER D 111 12.40 -15.82 -59.56
C SER D 111 11.45 -16.88 -60.11
N PHE D 112 11.84 -18.16 -60.06
CA PHE D 112 10.99 -19.20 -60.60
C PHE D 112 10.48 -20.12 -59.51
N TYR D 113 10.04 -19.54 -58.40
CA TYR D 113 9.56 -20.30 -57.25
C TYR D 113 8.44 -19.52 -56.59
N VAL D 114 7.45 -20.26 -56.06
CA VAL D 114 6.46 -19.69 -55.17
C VAL D 114 6.33 -20.60 -53.96
N SER D 115 5.82 -20.02 -52.87
CA SER D 115 5.63 -20.75 -51.63
C SER D 115 4.29 -20.37 -51.02
N LEU D 116 3.51 -21.37 -50.62
CA LEU D 116 2.21 -21.10 -50.04
C LEU D 116 2.23 -21.01 -48.53
N TYR D 117 3.40 -21.16 -47.90
CA TYR D 117 3.48 -20.95 -46.47
C TYR D 117 3.28 -19.47 -46.16
N PRO D 118 2.54 -19.14 -45.10
CA PRO D 118 2.37 -17.73 -44.74
C PRO D 118 3.68 -17.13 -44.27
N ASP D 119 4.05 -15.99 -44.84
CA ASP D 119 5.34 -15.39 -44.59
C ASP D 119 5.39 -14.82 -43.18
N PHE D 120 6.53 -15.02 -42.51
CA PHE D 120 6.62 -14.75 -41.10
C PHE D 120 6.79 -13.28 -40.76
N SER D 121 6.99 -12.41 -41.76
CA SER D 121 6.90 -10.98 -41.49
C SER D 121 5.46 -10.59 -41.15
N SER D 122 4.50 -11.05 -41.95
CA SER D 122 3.09 -10.76 -41.68
C SER D 122 2.60 -11.49 -40.44
N LEU D 123 3.08 -12.72 -40.23
CA LEU D 123 2.71 -13.47 -39.04
C LEU D 123 3.31 -12.86 -37.78
N SER D 124 4.54 -12.34 -37.88
CA SER D 124 5.14 -11.65 -36.75
C SER D 124 4.45 -10.32 -36.49
N ARG D 125 3.96 -9.65 -37.53
CA ARG D 125 3.14 -8.46 -37.34
C ARG D 125 1.84 -8.78 -36.62
N ALA D 126 1.22 -9.92 -36.98
CA ALA D 126 0.02 -10.38 -36.29
C ALA D 126 0.30 -10.71 -34.83
N ILE D 127 1.44 -11.34 -34.56
CA ILE D 127 1.84 -11.68 -33.19
C ILE D 127 2.09 -10.42 -32.37
N LEU D 128 2.77 -9.43 -32.97
CA LEU D 128 3.03 -8.17 -32.29
C LEU D 128 1.76 -7.38 -32.03
N ASP D 129 0.80 -7.43 -32.97
CA ASP D 129 -0.47 -6.77 -32.76
C ASP D 129 -1.30 -7.45 -31.68
N LEU D 130 -1.21 -8.79 -31.60
CA LEU D 130 -1.89 -9.52 -30.54
C LEU D 130 -1.27 -9.22 -29.18
N VAL D 131 0.05 -9.06 -29.13
CA VAL D 131 0.72 -8.68 -27.90
C VAL D 131 0.33 -7.25 -27.49
N GLN D 132 0.26 -6.35 -28.46
CA GLN D 132 -0.13 -4.97 -28.20
C GLN D 132 -1.59 -4.85 -27.79
N PHE D 133 -2.43 -5.81 -28.20
CA PHE D 133 -3.81 -5.82 -27.70
C PHE D 133 -3.86 -6.18 -26.22
N PHE D 134 -3.00 -7.09 -25.77
CA PHE D 134 -3.07 -7.60 -24.41
C PHE D 134 -2.39 -6.70 -23.39
N LYS D 135 -1.84 -5.55 -23.83
CA LYS D 135 -1.22 -4.53 -22.97
C LYS D 135 -0.05 -5.09 -22.17
N TRP D 136 0.74 -5.95 -22.79
CA TRP D 136 1.88 -6.54 -22.11
C TRP D 136 3.04 -5.56 -22.05
N LYS D 137 3.93 -5.79 -21.10
CA LYS D 137 5.16 -5.02 -20.97
C LYS D 137 6.40 -5.89 -21.03
N THR D 138 6.40 -7.04 -20.37
CA THR D 138 7.52 -7.96 -20.36
C THR D 138 7.08 -9.28 -20.95
N VAL D 139 7.78 -9.74 -21.98
CA VAL D 139 7.43 -10.97 -22.68
C VAL D 139 8.72 -11.76 -22.91
N THR D 140 8.59 -13.09 -22.89
CA THR D 140 9.72 -13.98 -23.09
C THR D 140 9.47 -14.81 -24.33
N VAL D 141 10.34 -14.66 -25.32
CA VAL D 141 10.26 -15.42 -26.56
C VAL D 141 11.17 -16.64 -26.44
N VAL D 142 10.59 -17.82 -26.53
CA VAL D 142 11.32 -19.07 -26.42
C VAL D 142 11.27 -19.77 -27.76
N TYR D 143 12.45 -20.00 -28.34
CA TYR D 143 12.55 -20.69 -29.62
C TYR D 143 13.32 -21.99 -29.42
N ASP D 144 13.36 -22.80 -30.49
CA ASP D 144 13.97 -24.13 -30.44
C ASP D 144 15.26 -24.21 -31.24
N ASP D 145 15.24 -23.84 -32.52
CA ASP D 145 16.44 -23.81 -33.34
C ASP D 145 16.68 -22.37 -33.78
N SER D 146 17.95 -22.07 -34.10
CA SER D 146 18.41 -20.69 -34.21
C SER D 146 17.79 -19.96 -35.40
N THR D 147 17.30 -20.71 -36.41
CA THR D 147 16.62 -20.14 -37.56
C THR D 147 15.33 -19.41 -37.20
N GLY D 148 14.76 -19.71 -36.02
CA GLY D 148 13.63 -18.96 -35.51
C GLY D 148 13.92 -17.49 -35.28
N LEU D 149 15.19 -17.15 -35.06
CA LEU D 149 15.55 -15.74 -34.97
C LEU D 149 15.38 -15.01 -36.29
N ILE D 150 15.52 -15.71 -37.42
CA ILE D 150 15.10 -15.13 -38.70
C ILE D 150 13.58 -15.04 -38.73
N ARG D 151 12.92 -16.06 -38.17
CA ARG D 151 11.47 -16.20 -38.25
C ARG D 151 10.73 -15.12 -37.46
N LEU D 152 11.33 -14.62 -36.38
CA LEU D 152 10.66 -13.69 -35.50
C LEU D 152 11.40 -12.36 -35.38
N GLN D 153 12.11 -11.94 -36.45
CA GLN D 153 12.94 -10.74 -36.35
C GLN D 153 12.12 -9.47 -36.27
N GLU D 154 10.89 -9.48 -36.81
CA GLU D 154 10.01 -8.34 -36.65
C GLU D 154 9.50 -8.21 -35.22
N LEU D 155 9.47 -9.32 -34.49
CA LEU D 155 9.16 -9.26 -33.06
C LEU D 155 10.35 -8.78 -32.24
N ILE D 156 11.57 -9.13 -32.66
CA ILE D 156 12.77 -8.67 -31.95
C ILE D 156 12.99 -7.19 -32.19
N LYS D 157 12.61 -6.67 -33.36
CA LYS D 157 12.79 -5.26 -33.65
C LYS D 157 11.78 -4.34 -32.94
N ALA D 158 10.79 -4.91 -32.26
CA ALA D 158 9.72 -4.16 -31.58
C ALA D 158 10.12 -3.27 -30.39
N PRO D 159 11.24 -3.50 -29.67
CA PRO D 159 11.73 -2.42 -28.79
C PRO D 159 12.08 -1.11 -29.49
N SER D 160 12.50 -1.15 -30.76
CA SER D 160 12.67 0.10 -31.51
C SER D 160 11.32 0.74 -31.83
N ARG D 161 10.26 -0.07 -31.89
CA ARG D 161 8.88 0.38 -31.96
C ARG D 161 8.37 0.75 -30.57
N TYR D 162 7.03 0.73 -30.41
CA TYR D 162 6.37 1.03 -29.14
C TYR D 162 6.87 0.14 -28.01
N ASN D 163 6.77 0.66 -26.79
CA ASN D 163 7.57 0.20 -25.66
C ASN D 163 7.20 -1.21 -25.22
N LEU D 164 8.22 -2.05 -25.09
CA LEU D 164 8.06 -3.47 -24.77
C LEU D 164 9.41 -4.01 -24.34
N ARG D 165 9.42 -4.78 -23.26
CA ARG D 165 10.62 -5.46 -22.80
C ARG D 165 10.49 -6.95 -23.10
N LEU D 166 11.55 -7.55 -23.64
CA LEU D 166 11.50 -8.95 -24.02
C LEU D 166 12.82 -9.64 -23.69
N LYS D 167 12.71 -10.86 -23.18
CA LYS D 167 13.85 -11.72 -22.96
C LYS D 167 13.72 -12.95 -23.86
N ILE D 168 14.84 -13.38 -24.43
CA ILE D 168 14.84 -14.40 -25.47
C ILE D 168 15.62 -15.60 -24.98
N ARG D 169 14.97 -16.78 -25.02
CA ARG D 169 15.57 -18.02 -24.56
C ARG D 169 15.45 -19.09 -25.63
N GLN D 170 16.39 -20.04 -25.58
CA GLN D 170 16.50 -21.10 -26.58
C GLN D 170 16.31 -22.44 -25.90
N LEU D 171 15.44 -23.28 -26.47
CA LEU D 171 15.27 -24.63 -25.99
C LEU D 171 16.54 -25.45 -26.26
N PRO D 172 16.83 -26.43 -25.40
CA PRO D 172 18.04 -27.25 -25.61
C PRO D 172 17.96 -28.21 -26.79
N ALA D 173 19.01 -29.00 -26.98
CA ALA D 173 19.11 -29.87 -28.15
C ALA D 173 18.09 -31.00 -28.11
N ASP D 174 17.88 -31.61 -26.95
CA ASP D 174 16.85 -32.63 -26.80
C ASP D 174 15.53 -31.98 -26.44
N THR D 175 14.54 -32.79 -26.10
CA THR D 175 13.22 -32.30 -25.74
C THR D 175 12.92 -32.41 -24.25
N LYS D 176 13.62 -33.28 -23.53
CA LYS D 176 13.36 -33.50 -22.12
C LYS D 176 14.19 -32.62 -21.21
N ASP D 177 14.96 -31.68 -21.76
CA ASP D 177 15.79 -30.78 -20.98
C ASP D 177 15.07 -29.46 -20.70
N ALA D 178 13.73 -29.49 -20.70
CA ALA D 178 12.95 -28.29 -20.44
C ALA D 178 12.87 -27.96 -18.96
N LYS D 179 13.13 -28.92 -18.09
CA LYS D 179 13.05 -28.70 -16.65
C LYS D 179 14.04 -27.66 -16.09
N PRO D 180 15.30 -27.55 -16.54
CA PRO D 180 16.08 -26.38 -16.08
C PRO D 180 15.56 -25.06 -16.57
N LEU D 181 15.17 -24.98 -17.85
CA LEU D 181 14.77 -23.71 -18.47
C LEU D 181 13.51 -23.16 -17.84
N LEU D 182 12.52 -24.03 -17.58
CA LEU D 182 11.34 -23.62 -16.85
C LEU D 182 11.67 -23.25 -15.41
N LYS D 183 12.71 -23.86 -14.84
CA LYS D 183 13.19 -23.44 -13.53
C LYS D 183 13.77 -22.03 -13.59
N GLU D 184 14.31 -21.63 -14.73
CA GLU D 184 14.67 -20.23 -14.92
C GLU D 184 13.44 -19.38 -15.22
N MET D 185 12.39 -19.98 -15.78
CA MET D 185 11.20 -19.22 -16.13
C MET D 185 10.37 -18.88 -14.91
N LYS D 186 10.23 -19.85 -13.99
CA LYS D 186 9.44 -19.61 -12.78
C LYS D 186 10.13 -18.65 -11.83
N ARG D 187 11.46 -18.71 -11.77
CA ARG D 187 12.21 -17.82 -10.88
C ARG D 187 12.19 -16.38 -11.39
N GLY D 188 12.09 -16.18 -12.69
CA GLY D 188 12.05 -14.86 -13.26
C GLY D 188 10.70 -14.18 -13.22
N LYS D 189 9.66 -14.89 -12.76
CA LYS D 189 8.27 -14.41 -12.67
C LYS D 189 7.74 -13.92 -14.01
N GLU D 190 8.04 -14.67 -15.07
CA GLU D 190 7.67 -14.30 -16.43
C GLU D 190 6.43 -15.09 -16.82
N PHE D 191 5.29 -14.42 -16.84
CA PHE D 191 4.01 -15.07 -17.10
C PHE D 191 3.49 -14.81 -18.51
N HIS D 192 4.31 -14.26 -19.39
CA HIS D 192 3.91 -13.98 -20.77
C HIS D 192 4.97 -14.60 -21.69
N VAL D 193 4.67 -15.78 -22.21
CA VAL D 193 5.62 -16.58 -22.98
C VAL D 193 5.11 -16.72 -24.39
N ILE D 194 5.98 -16.49 -25.36
CA ILE D 194 5.68 -16.74 -26.77
C ILE D 194 6.56 -17.90 -27.21
N PHE D 195 5.92 -19.02 -27.55
CA PHE D 195 6.64 -20.21 -27.98
C PHE D 195 6.71 -20.24 -29.50
N ASP D 196 7.89 -20.55 -30.03
CA ASP D 196 8.06 -20.72 -31.47
C ASP D 196 8.72 -22.07 -31.73
N CYS D 197 7.90 -23.08 -32.02
CA CYS D 197 8.39 -24.42 -32.30
C CYS D 197 7.32 -25.16 -33.09
N SER D 198 7.57 -26.43 -33.35
CA SER D 198 6.57 -27.28 -33.97
C SER D 198 5.53 -27.69 -32.94
N HIS D 199 4.44 -28.29 -33.43
CA HIS D 199 3.34 -28.67 -32.54
C HIS D 199 3.70 -29.85 -31.66
N GLU D 200 4.61 -30.73 -32.13
CA GLU D 200 5.11 -31.80 -31.28
C GLU D 200 5.93 -31.26 -30.12
N MET D 201 6.80 -30.28 -30.41
CA MET D 201 7.53 -29.60 -29.36
C MET D 201 6.61 -28.77 -28.49
N ALA D 202 5.50 -28.27 -29.05
CA ALA D 202 4.50 -27.58 -28.25
C ALA D 202 3.82 -28.53 -27.25
N ALA D 203 3.51 -29.75 -27.69
CA ALA D 203 2.93 -30.74 -26.78
C ALA D 203 3.93 -31.16 -25.71
N GLY D 204 5.20 -31.31 -26.10
CA GLY D 204 6.23 -31.64 -25.13
C GLY D 204 6.46 -30.55 -24.10
N ILE D 205 6.50 -29.28 -24.55
CA ILE D 205 6.71 -28.18 -23.63
C ILE D 205 5.45 -27.94 -22.79
N LEU D 206 4.27 -28.32 -23.28
CA LEU D 206 3.07 -28.18 -22.47
C LEU D 206 3.02 -29.24 -21.38
N LYS D 207 3.45 -30.47 -21.69
CA LYS D 207 3.53 -31.51 -20.67
C LYS D 207 4.59 -31.18 -19.63
N GLN D 208 5.73 -30.63 -20.07
CA GLN D 208 6.75 -30.21 -19.13
C GLN D 208 6.32 -29.02 -18.29
N ALA D 209 5.50 -28.13 -18.86
CA ALA D 209 4.97 -27.02 -18.09
C ALA D 209 3.93 -27.46 -17.08
N LEU D 210 3.13 -28.48 -17.44
CA LEU D 210 2.20 -29.05 -16.48
C LEU D 210 2.93 -29.75 -15.35
N ALA D 211 4.03 -30.45 -15.66
CA ALA D 211 4.81 -31.09 -14.61
C ALA D 211 5.58 -30.08 -13.76
N MET D 212 5.85 -28.89 -14.28
CA MET D 212 6.54 -27.86 -13.53
C MET D 212 5.60 -26.91 -12.81
N GLY D 213 4.31 -27.15 -12.87
CA GLY D 213 3.35 -26.27 -12.23
C GLY D 213 3.21 -24.90 -12.87
N MET D 214 3.31 -24.84 -14.19
CA MET D 214 3.09 -23.59 -14.92
C MET D 214 1.63 -23.37 -15.27
N MET D 215 0.76 -24.31 -14.98
CA MET D 215 -0.61 -24.26 -15.47
C MET D 215 -1.52 -23.59 -14.44
N THR D 216 -1.24 -22.32 -14.21
CA THR D 216 -2.01 -21.50 -13.27
C THR D 216 -2.86 -20.51 -14.04
N GLU D 217 -3.55 -19.64 -13.31
CA GLU D 217 -4.26 -18.54 -13.94
C GLU D 217 -3.36 -17.37 -14.28
N TYR D 218 -2.14 -17.34 -13.73
CA TYR D 218 -1.24 -16.22 -13.98
C TYR D 218 -0.61 -16.30 -15.36
N TYR D 219 -0.32 -17.51 -15.84
CA TYR D 219 0.49 -17.67 -17.03
C TYR D 219 -0.36 -17.54 -18.28
N HIS D 220 0.19 -16.85 -19.27
CA HIS D 220 -0.43 -16.66 -20.58
C HIS D 220 0.54 -17.15 -21.64
N TYR D 221 0.05 -17.95 -22.58
CA TYR D 221 0.91 -18.54 -23.60
C TYR D 221 0.41 -18.18 -24.98
N ILE D 222 1.35 -17.84 -25.86
CA ILE D 222 1.08 -17.53 -27.26
C ILE D 222 1.93 -18.45 -28.12
N PHE D 223 1.30 -19.16 -29.04
CA PHE D 223 2.00 -20.11 -29.91
C PHE D 223 2.04 -19.57 -31.32
N THR D 224 3.24 -19.50 -31.91
CA THR D 224 3.37 -19.06 -33.29
C THR D 224 3.07 -20.17 -34.29
N THR D 225 2.99 -21.42 -33.84
CA THR D 225 2.66 -22.50 -34.75
C THR D 225 1.18 -22.44 -35.14
N LEU D 226 0.88 -23.03 -36.29
CA LEU D 226 -0.46 -22.97 -36.87
C LEU D 226 -1.24 -24.26 -36.67
N ASP D 227 -0.78 -25.12 -35.77
CA ASP D 227 -1.43 -26.41 -35.57
C ASP D 227 -1.92 -26.54 -34.13
N LEU D 228 -2.61 -25.51 -33.63
CA LEU D 228 -3.00 -25.52 -32.23
C LEU D 228 -4.16 -26.48 -31.96
N PHE D 229 -5.00 -26.77 -32.95
CA PHE D 229 -6.01 -27.82 -32.79
C PHE D 229 -5.42 -29.22 -32.76
N ALA D 230 -4.18 -29.40 -33.21
CA ALA D 230 -3.55 -30.71 -33.11
C ALA D 230 -3.17 -31.07 -31.69
N LEU D 231 -3.06 -30.08 -30.80
CA LEU D 231 -2.72 -30.35 -29.42
C LEU D 231 -3.91 -30.94 -28.67
N ASP D 232 -3.59 -31.65 -27.58
CA ASP D 232 -4.62 -32.21 -26.72
C ASP D 232 -5.18 -31.10 -25.84
N VAL D 233 -6.48 -30.85 -25.96
CA VAL D 233 -7.13 -29.77 -25.23
C VAL D 233 -7.56 -30.20 -23.83
N GLU D 234 -7.50 -31.50 -23.54
CA GLU D 234 -8.13 -32.01 -22.32
C GLU D 234 -7.39 -31.66 -21.02
N PRO D 235 -6.10 -31.98 -20.82
CA PRO D 235 -5.54 -31.83 -19.46
C PRO D 235 -5.19 -30.41 -19.06
N TYR D 236 -5.52 -29.39 -19.85
CA TYR D 236 -5.21 -28.01 -19.50
C TYR D 236 -6.42 -27.09 -19.53
N ARG D 237 -7.57 -27.55 -20.01
CA ARG D 237 -8.71 -26.65 -20.19
C ARG D 237 -9.42 -26.31 -18.89
N TYR D 238 -9.17 -27.05 -17.80
CA TYR D 238 -9.71 -26.71 -16.50
C TYR D 238 -8.72 -25.97 -15.63
N SER D 239 -7.50 -25.74 -16.11
CA SER D 239 -6.47 -25.12 -15.28
C SER D 239 -6.58 -23.61 -15.23
N GLY D 240 -7.45 -23.00 -16.04
CA GLY D 240 -7.57 -21.56 -16.05
C GLY D 240 -6.44 -20.83 -16.72
N VAL D 241 -5.69 -21.50 -17.59
CA VAL D 241 -4.61 -20.85 -18.33
C VAL D 241 -5.20 -20.06 -19.48
N ASN D 242 -4.38 -19.24 -20.12
CA ASN D 242 -4.78 -18.48 -21.29
C ASN D 242 -3.82 -18.84 -22.42
N MET D 243 -4.20 -19.83 -23.21
CA MET D 243 -3.45 -20.20 -24.41
C MET D 243 -4.11 -19.52 -25.61
N THR D 244 -3.28 -18.90 -26.45
CA THR D 244 -3.77 -18.14 -27.60
C THR D 244 -2.93 -18.50 -28.80
N GLY D 245 -3.58 -18.72 -29.94
CA GLY D 245 -2.84 -19.10 -31.13
C GLY D 245 -3.50 -18.61 -32.39
N PHE D 246 -2.88 -18.93 -33.51
CA PHE D 246 -3.37 -18.55 -34.82
C PHE D 246 -3.67 -19.80 -35.64
N ARG D 247 -4.67 -19.68 -36.52
CA ARG D 247 -5.06 -20.80 -37.36
C ARG D 247 -5.45 -20.29 -38.74
N ILE D 248 -4.83 -20.86 -39.78
CA ILE D 248 -5.16 -20.46 -41.13
C ILE D 248 -6.10 -21.51 -41.71
N LEU D 249 -5.96 -22.75 -41.25
CA LEU D 249 -6.82 -23.84 -41.71
C LEU D 249 -8.20 -23.71 -41.09
N ASN D 250 -9.08 -22.97 -41.75
CA ASN D 250 -10.43 -22.78 -41.23
C ASN D 250 -11.27 -24.05 -41.38
N THR D 251 -12.10 -24.31 -40.37
CA THR D 251 -13.01 -25.45 -40.38
C THR D 251 -14.47 -25.01 -40.38
N GLU D 252 -14.73 -23.73 -40.61
CA GLU D 252 -16.08 -23.21 -40.52
C GLU D 252 -16.92 -23.59 -41.75
N ASN D 253 -16.29 -23.63 -42.93
CA ASN D 253 -17.02 -23.99 -44.13
C ASN D 253 -17.30 -25.49 -44.17
N THR D 254 -18.35 -25.86 -44.91
CA THR D 254 -18.76 -27.24 -44.97
C THR D 254 -17.83 -28.07 -45.85
N GLN D 255 -17.34 -27.47 -46.95
CA GLN D 255 -16.55 -28.21 -47.93
C GLN D 255 -15.17 -28.57 -47.38
N VAL D 256 -14.55 -27.66 -46.63
CA VAL D 256 -13.24 -27.95 -46.04
C VAL D 256 -13.37 -29.02 -44.94
N SER D 257 -14.47 -29.02 -44.19
CA SER D 257 -14.70 -30.06 -43.19
C SER D 257 -14.97 -31.41 -43.84
N SER D 258 -15.66 -31.40 -44.98
CA SER D 258 -15.89 -32.64 -45.73
C SER D 258 -14.58 -33.18 -46.30
N ILE D 259 -13.71 -32.29 -46.78
CA ILE D 259 -12.41 -32.71 -47.29
C ILE D 259 -11.52 -33.24 -46.17
N ILE D 260 -11.62 -32.62 -44.98
CA ILE D 260 -10.90 -33.09 -43.80
C ILE D 260 -11.38 -34.48 -43.39
N GLU D 261 -12.70 -34.71 -43.41
CA GLU D 261 -13.25 -36.02 -43.09
C GLU D 261 -12.87 -37.07 -44.15
N LYS D 262 -12.82 -36.66 -45.42
CA LYS D 262 -12.40 -37.57 -46.48
C LYS D 262 -10.92 -37.91 -46.38
N TRP D 263 -10.12 -36.99 -45.86
CA TRP D 263 -8.75 -37.33 -45.51
C TRP D 263 -8.69 -38.28 -44.33
N SER D 264 -9.55 -38.04 -43.34
CA SER D 264 -9.46 -38.77 -42.07
C SER D 264 -9.96 -40.20 -42.19
N MET D 265 -10.88 -40.47 -43.11
CA MET D 265 -11.37 -41.83 -43.26
C MET D 265 -10.34 -42.77 -43.89
N GLU D 266 -9.37 -42.23 -44.63
CA GLU D 266 -8.24 -42.99 -45.13
C GLU D 266 -6.95 -42.51 -44.49
N ARG D 267 -7.00 -42.22 -43.19
CA ARG D 267 -5.85 -41.80 -42.42
C ARG D 267 -5.44 -42.80 -41.34
N LEU D 268 -6.41 -43.53 -40.79
CA LEU D 268 -6.19 -44.39 -39.62
C LEU D 268 -5.49 -45.71 -39.94
N GLN D 269 -4.95 -45.88 -41.14
CA GLN D 269 -4.11 -47.05 -41.42
C GLN D 269 -2.80 -46.99 -40.65
N ALA D 270 -2.25 -45.79 -40.45
CA ALA D 270 -1.06 -45.59 -39.63
C ALA D 270 -1.46 -45.48 -38.16
N PRO D 271 -0.88 -46.29 -37.28
CA PRO D 271 -1.22 -46.17 -35.85
C PRO D 271 -0.65 -44.92 -35.25
N PRO D 272 -1.35 -44.30 -34.31
CA PRO D 272 -0.89 -43.05 -33.71
C PRO D 272 -0.08 -43.29 -32.44
N LYS D 273 0.48 -42.19 -31.91
CA LYS D 273 1.21 -42.24 -30.65
C LYS D 273 0.27 -41.87 -29.52
N PRO D 274 0.06 -42.74 -28.53
CA PRO D 274 -0.93 -42.45 -27.48
C PRO D 274 -0.44 -41.47 -26.43
N ASP D 275 0.87 -41.41 -26.22
CA ASP D 275 1.46 -40.57 -25.18
C ASP D 275 2.09 -39.29 -25.73
N SER D 276 1.84 -38.97 -27.00
CA SER D 276 2.39 -37.76 -27.59
C SER D 276 1.58 -36.51 -27.24
N GLY D 277 0.39 -36.68 -26.66
CA GLY D 277 -0.46 -35.54 -26.35
C GLY D 277 -1.00 -34.82 -27.57
N LEU D 278 -1.31 -35.56 -28.63
CA LEU D 278 -1.77 -34.96 -29.87
C LEU D 278 -3.11 -35.58 -30.27
N LEU D 279 -4.01 -34.74 -30.76
CA LEU D 279 -5.30 -35.20 -31.26
C LEU D 279 -5.08 -35.88 -32.60
N ASP D 280 -5.11 -37.21 -32.59
CA ASP D 280 -4.85 -37.99 -33.78
C ASP D 280 -6.03 -37.92 -34.75
N GLY D 281 -5.75 -38.27 -36.00
CA GLY D 281 -6.75 -38.16 -37.06
C GLY D 281 -7.11 -36.73 -37.40
N PHE D 282 -6.12 -35.84 -37.42
CA PHE D 282 -6.36 -34.44 -37.70
C PHE D 282 -5.46 -33.96 -38.82
N MET D 283 -5.95 -33.02 -39.60
CA MET D 283 -5.20 -32.47 -40.73
C MET D 283 -4.13 -31.50 -40.23
N THR D 284 -2.91 -31.68 -40.70
CA THR D 284 -1.87 -30.71 -40.41
C THR D 284 -1.99 -29.52 -41.35
N THR D 285 -1.27 -28.44 -41.02
CA THR D 285 -1.23 -27.28 -41.89
C THR D 285 -0.42 -27.58 -43.16
N ASP D 286 0.61 -28.42 -43.04
CA ASP D 286 1.45 -28.76 -44.17
C ASP D 286 0.70 -29.55 -45.24
N ALA D 287 -0.15 -30.48 -44.81
CA ALA D 287 -0.96 -31.26 -45.75
C ALA D 287 -1.97 -30.38 -46.48
N ALA D 288 -2.58 -29.44 -45.75
CA ALA D 288 -3.53 -28.50 -46.37
C ALA D 288 -2.82 -27.56 -47.34
N LEU D 289 -1.59 -27.17 -47.02
CA LEU D 289 -0.83 -26.33 -47.93
C LEU D 289 -0.43 -27.08 -49.19
N MET D 290 -0.12 -28.38 -49.06
CA MET D 290 0.16 -29.20 -50.23
C MET D 290 -1.08 -29.38 -51.10
N TYR D 291 -2.24 -29.59 -50.47
CA TYR D 291 -3.51 -29.71 -51.17
C TYR D 291 -3.85 -28.44 -51.92
N ASP D 292 -3.69 -27.29 -51.27
CA ASP D 292 -3.99 -26.02 -51.93
C ASP D 292 -2.96 -25.67 -52.98
N ALA D 293 -1.71 -26.14 -52.82
CA ALA D 293 -0.71 -25.97 -53.87
C ALA D 293 -1.07 -26.74 -55.13
N VAL D 294 -1.57 -27.97 -54.94
CA VAL D 294 -2.04 -28.78 -56.07
C VAL D 294 -3.23 -28.10 -56.76
N HIS D 295 -4.16 -27.55 -55.96
CA HIS D 295 -5.33 -26.90 -56.54
C HIS D 295 -4.96 -25.59 -57.27
N VAL D 296 -4.01 -24.83 -56.73
CA VAL D 296 -3.58 -23.59 -57.37
C VAL D 296 -2.83 -23.87 -58.67
N VAL D 297 -1.97 -24.90 -58.65
CA VAL D 297 -1.26 -25.31 -59.87
C VAL D 297 -2.25 -25.81 -60.92
N SER D 298 -3.29 -26.53 -60.48
CA SER D 298 -4.32 -27.03 -61.39
C SER D 298 -5.12 -25.89 -62.02
N VAL D 299 -5.55 -24.91 -61.23
CA VAL D 299 -6.33 -23.81 -61.79
C VAL D 299 -5.46 -22.88 -62.63
N ALA D 300 -4.14 -22.89 -62.41
CA ALA D 300 -3.25 -22.21 -63.35
C ALA D 300 -3.08 -22.99 -64.64
N VAL D 301 -3.12 -24.33 -64.56
CA VAL D 301 -3.07 -25.16 -65.76
C VAL D 301 -4.31 -24.97 -66.62
N GLN D 302 -5.47 -24.76 -65.97
CA GLN D 302 -6.75 -24.65 -66.68
C GLN D 302 -6.81 -23.46 -67.63
N GLN D 303 -6.03 -22.42 -67.38
CA GLN D 303 -5.96 -21.29 -68.28
C GLN D 303 -4.88 -21.46 -69.36
N PHE D 304 -4.15 -22.57 -69.35
CA PHE D 304 -3.11 -22.85 -70.34
C PHE D 304 -3.49 -24.07 -71.14
N PRO D 305 -4.04 -23.92 -72.35
CA PRO D 305 -4.38 -25.10 -73.14
C PRO D 305 -3.20 -25.78 -73.81
N GLN D 306 -2.06 -25.10 -73.93
CA GLN D 306 -0.90 -25.63 -74.65
C GLN D 306 0.14 -26.23 -73.71
N MET D 307 -0.30 -26.85 -72.62
CA MET D 307 0.61 -27.44 -71.64
C MET D 307 1.15 -28.75 -72.19
N THR D 308 2.37 -28.70 -72.72
CA THR D 308 3.04 -29.88 -73.24
C THR D 308 4.26 -30.21 -72.38
N VAL D 309 4.31 -31.44 -71.89
CA VAL D 309 5.45 -31.88 -71.08
C VAL D 309 6.63 -32.16 -72.00
N SER D 310 7.76 -31.53 -71.72
CA SER D 310 8.99 -31.76 -72.46
C SER D 310 10.05 -32.33 -71.53
N SER D 311 10.89 -33.20 -72.10
CA SER D 311 12.01 -33.76 -71.36
C SER D 311 13.23 -32.86 -71.50
N LEU D 312 13.90 -32.61 -70.40
CA LEU D 312 15.04 -31.69 -70.36
C LEU D 312 16.25 -32.41 -69.79
N GLN D 313 17.41 -31.78 -69.95
CA GLN D 313 18.68 -32.31 -69.48
C GLN D 313 19.29 -31.35 -68.47
N CYS D 314 19.86 -31.90 -67.40
CA CYS D 314 20.53 -31.07 -66.41
C CYS D 314 21.84 -30.50 -66.93
N ASN D 315 22.53 -31.25 -67.79
CA ASN D 315 23.83 -30.81 -68.29
C ASN D 315 23.73 -29.71 -69.33
N ARG D 316 22.55 -29.48 -69.88
CA ARG D 316 22.33 -28.41 -70.85
C ARG D 316 21.45 -27.34 -70.23
N HIS D 317 21.72 -26.09 -70.60
CA HIS D 317 21.00 -24.95 -70.05
C HIS D 317 19.80 -24.54 -70.89
N LYS D 318 19.19 -25.48 -71.60
CA LYS D 318 18.02 -25.18 -72.40
C LYS D 318 16.81 -25.02 -71.50
N PRO D 319 16.17 -23.86 -71.47
CA PRO D 319 15.01 -23.67 -70.60
C PRO D 319 13.76 -24.31 -71.20
N TRP D 320 12.76 -24.48 -70.35
CA TRP D 320 11.49 -25.01 -70.82
C TRP D 320 10.76 -23.93 -71.60
N ARG D 321 9.90 -24.37 -72.54
CA ARG D 321 9.43 -23.50 -73.59
C ARG D 321 8.44 -22.45 -73.09
N PHE D 322 7.59 -22.80 -72.12
CA PHE D 322 6.50 -21.93 -71.73
C PHE D 322 6.58 -21.54 -70.26
N GLY D 323 7.79 -21.43 -69.70
CA GLY D 323 7.93 -21.23 -68.26
C GLY D 323 7.46 -19.86 -67.79
N THR D 324 7.79 -18.81 -68.55
CA THR D 324 7.44 -17.45 -68.15
C THR D 324 5.94 -17.22 -68.21
N ARG D 325 5.29 -17.70 -69.28
CA ARG D 325 3.85 -17.53 -69.42
C ARG D 325 3.09 -18.37 -68.40
N PHE D 326 3.60 -19.58 -68.11
CA PHE D 326 2.95 -20.43 -67.13
C PHE D 326 3.07 -19.86 -65.72
N MET D 327 4.22 -19.26 -65.39
CA MET D 327 4.33 -18.62 -64.09
C MET D 327 3.53 -17.32 -64.02
N SER D 328 3.40 -16.61 -65.14
CA SER D 328 2.51 -15.46 -65.18
C SER D 328 1.06 -15.87 -64.97
N LEU D 329 0.68 -17.05 -65.44
CA LEU D 329 -0.64 -17.58 -65.12
C LEU D 329 -0.72 -18.07 -63.67
N ILE D 330 0.40 -18.52 -63.11
CA ILE D 330 0.42 -19.02 -61.74
C ILE D 330 0.21 -17.87 -60.74
N LYS D 331 0.92 -16.77 -60.94
CA LYS D 331 1.15 -15.80 -59.88
C LYS D 331 -0.03 -14.87 -59.60
N GLU D 332 -1.23 -15.13 -60.12
CA GLU D 332 -2.39 -14.36 -59.71
C GLU D 332 -3.63 -15.22 -59.54
N ALA D 333 -3.45 -16.51 -59.26
CA ALA D 333 -4.57 -17.42 -59.09
C ALA D 333 -5.23 -17.17 -57.75
N HIS D 334 -6.45 -16.65 -57.78
CA HIS D 334 -7.20 -16.35 -56.56
C HIS D 334 -8.14 -17.51 -56.20
N TRP D 335 -7.55 -18.68 -56.03
CA TRP D 335 -8.32 -19.87 -55.69
C TRP D 335 -8.58 -19.92 -54.19
N GLU D 336 -9.81 -20.28 -53.83
CA GLU D 336 -10.18 -20.47 -52.43
C GLU D 336 -9.99 -21.94 -52.08
N GLY D 337 -8.94 -22.24 -51.33
CA GLY D 337 -8.63 -23.59 -50.91
C GLY D 337 -9.01 -23.85 -49.48
N LEU D 338 -8.32 -24.81 -48.85
CA LEU D 338 -8.57 -25.13 -47.45
C LEU D 338 -8.06 -24.05 -46.52
N THR D 339 -7.07 -23.27 -46.95
CA THR D 339 -6.51 -22.19 -46.14
C THR D 339 -7.15 -20.85 -46.46
N GLY D 340 -8.42 -20.85 -46.87
CA GLY D 340 -9.11 -19.62 -47.17
C GLY D 340 -8.70 -19.05 -48.52
N ARG D 341 -8.70 -17.73 -48.60
CA ARG D 341 -8.34 -17.03 -49.83
C ARG D 341 -6.84 -17.10 -50.04
N ILE D 342 -6.43 -17.55 -51.22
CA ILE D 342 -5.02 -17.73 -51.55
C ILE D 342 -4.67 -16.76 -52.67
N THR D 343 -3.70 -15.90 -52.42
CA THR D 343 -3.15 -15.02 -53.43
C THR D 343 -1.64 -15.03 -53.28
N PHE D 344 -0.96 -14.35 -54.20
CA PHE D 344 0.50 -14.31 -54.18
C PHE D 344 0.96 -12.87 -54.35
N ASN D 345 2.04 -12.52 -53.66
CA ASN D 345 2.66 -11.22 -53.83
C ASN D 345 3.40 -11.20 -55.16
N LYS D 346 3.16 -10.16 -55.96
CA LYS D 346 3.79 -10.05 -57.27
C LYS D 346 5.24 -9.61 -57.19
N THR D 347 5.67 -9.07 -56.04
CA THR D 347 7.03 -8.56 -55.91
C THR D 347 8.04 -9.70 -55.74
N ASN D 348 7.77 -10.60 -54.80
CA ASN D 348 8.73 -11.63 -54.44
C ASN D 348 8.19 -13.05 -54.58
N GLY D 349 6.93 -13.22 -54.96
CA GLY D 349 6.40 -14.55 -55.16
C GLY D 349 5.98 -15.28 -53.92
N LEU D 350 6.06 -14.66 -52.75
CA LEU D 350 5.66 -15.29 -51.51
C LEU D 350 4.17 -15.07 -51.27
N ARG D 351 3.68 -15.51 -50.12
CA ARG D 351 2.29 -15.35 -49.74
C ARG D 351 2.24 -14.46 -48.51
N THR D 352 1.77 -13.23 -48.68
CA THR D 352 1.75 -12.25 -47.60
C THR D 352 0.35 -11.74 -47.28
N ASP D 353 -0.68 -12.23 -47.95
CA ASP D 353 -2.06 -11.82 -47.68
C ASP D 353 -2.87 -13.06 -47.37
N PHE D 354 -3.33 -13.18 -46.13
CA PHE D 354 -4.03 -14.36 -45.68
C PHE D 354 -4.89 -14.00 -44.48
N ASP D 355 -6.06 -14.61 -44.41
CA ASP D 355 -7.01 -14.35 -43.33
C ASP D 355 -6.81 -15.42 -42.25
N LEU D 356 -6.46 -14.98 -41.05
CA LEU D 356 -6.21 -15.89 -39.94
C LEU D 356 -7.34 -15.81 -38.94
N ASP D 357 -7.55 -16.90 -38.21
CA ASP D 357 -8.45 -16.93 -37.08
C ASP D 357 -7.60 -17.01 -35.81
N VAL D 358 -7.66 -15.98 -35.00
CA VAL D 358 -7.01 -16.04 -33.69
C VAL D 358 -7.94 -16.74 -32.71
N ILE D 359 -7.42 -17.77 -32.06
CA ILE D 359 -8.19 -18.68 -31.23
C ILE D 359 -7.60 -18.66 -29.84
N SER D 360 -8.41 -19.07 -28.86
CA SER D 360 -7.98 -19.05 -27.48
C SER D 360 -8.62 -20.22 -26.75
N LEU D 361 -8.06 -20.51 -25.57
CA LEU D 361 -8.52 -21.64 -24.77
C LEU D 361 -9.53 -21.17 -23.74
N LYS D 362 -10.68 -21.85 -23.70
CA LYS D 362 -11.68 -21.65 -22.67
C LYS D 362 -11.91 -22.97 -21.95
N GLU D 363 -12.89 -22.99 -21.05
CA GLU D 363 -13.15 -24.18 -20.25
C GLU D 363 -13.80 -25.28 -21.09
N GLU D 364 -14.57 -24.90 -22.11
CA GLU D 364 -15.18 -25.88 -22.99
C GLU D 364 -14.22 -26.38 -24.07
N GLY D 365 -13.07 -25.74 -24.24
CA GLY D 365 -12.09 -26.15 -25.21
C GLY D 365 -11.60 -24.95 -26.00
N LEU D 366 -11.02 -25.23 -27.17
CA LEU D 366 -10.49 -24.19 -28.04
C LEU D 366 -11.56 -23.75 -29.02
N GLU D 367 -11.64 -22.43 -29.22
CA GLU D 367 -12.62 -21.89 -30.15
C GLU D 367 -12.09 -20.59 -30.74
N LYS D 368 -12.67 -20.18 -31.85
CA LYS D 368 -12.26 -18.96 -32.54
C LYS D 368 -12.78 -17.74 -31.79
N ILE D 369 -11.88 -16.82 -31.47
CA ILE D 369 -12.25 -15.58 -30.80
C ILE D 369 -12.05 -14.35 -31.67
N GLY D 370 -11.39 -14.46 -32.82
CA GLY D 370 -11.30 -13.30 -33.67
C GLY D 370 -10.66 -13.61 -35.01
N THR D 371 -10.61 -12.58 -35.86
CA THR D 371 -10.07 -12.70 -37.21
C THR D 371 -8.99 -11.64 -37.41
N TRP D 372 -7.84 -12.06 -37.92
CA TRP D 372 -6.77 -11.15 -38.28
C TRP D 372 -6.61 -11.10 -39.79
N ASP D 373 -6.30 -9.91 -40.29
CA ASP D 373 -6.12 -9.67 -41.70
C ASP D 373 -5.02 -8.63 -41.89
N PRO D 374 -4.14 -8.80 -42.90
CA PRO D 374 -3.07 -7.80 -43.10
C PRO D 374 -3.49 -6.60 -43.93
N ALA D 375 -4.69 -6.08 -43.68
CA ALA D 375 -5.09 -4.76 -44.11
C ALA D 375 -5.86 -3.99 -43.05
N SER D 376 -6.48 -4.66 -42.09
CA SER D 376 -7.21 -4.02 -41.02
C SER D 376 -6.76 -4.46 -39.64
N GLY D 377 -5.80 -5.38 -39.55
CA GLY D 377 -5.32 -5.86 -38.28
C GLY D 377 -6.28 -6.83 -37.61
N LEU D 378 -6.73 -6.48 -36.40
CA LEU D 378 -7.59 -7.35 -35.63
C LEU D 378 -9.06 -7.02 -35.86
N ASN D 379 -9.90 -8.04 -35.71
CA ASN D 379 -11.34 -7.86 -35.61
C ASN D 379 -11.85 -9.04 -34.78
N MET D 380 -12.03 -8.83 -33.49
CA MET D 380 -12.40 -9.91 -32.60
C MET D 380 -13.74 -9.61 -31.95
N THR D 381 -14.41 -10.67 -31.52
CA THR D 381 -15.73 -10.53 -30.91
C THR D 381 -15.66 -9.90 -29.52
N GLU D 382 -14.54 -10.07 -28.83
CA GLU D 382 -14.33 -9.39 -27.57
C GLU D 382 -14.10 -7.90 -27.82
N SER D 383 -14.62 -7.07 -26.89
CA SER D 383 -14.63 -5.61 -26.97
C SER D 383 -15.30 -5.10 -28.24
N GLN D 384 -16.32 -5.83 -28.71
CA GLN D 384 -17.04 -5.49 -29.93
C GLN D 384 -18.55 -5.66 -29.79
N LYS D 385 -19.04 -6.35 -28.76
CA LYS D 385 -20.47 -6.56 -28.59
C LYS D 385 -21.21 -5.30 -28.15
N GLY D 386 -20.49 -4.30 -27.64
CA GLY D 386 -21.12 -3.03 -27.37
C GLY D 386 -21.06 -2.13 -28.58
N LYS D 387 -22.14 -2.11 -29.36
CA LYS D 387 -22.25 -1.29 -30.56
C LYS D 387 -23.61 -0.61 -30.53
N PRO D 388 -23.77 0.47 -29.77
CA PRO D 388 -25.08 1.11 -29.67
C PRO D 388 -25.42 1.92 -30.92
N ALA D 389 -26.73 1.98 -31.19
CA ALA D 389 -27.23 2.74 -32.33
C ALA D 389 -27.28 4.24 -32.08
N ASN D 390 -27.21 4.66 -30.80
CA ASN D 390 -27.22 6.06 -30.35
C ASN D 390 -28.47 6.80 -30.85
N ILE D 391 -29.62 6.13 -30.81
CA ILE D 391 -30.88 6.80 -31.13
C ILE D 391 -31.26 7.77 -30.02
N THR D 392 -30.90 7.44 -28.77
CA THR D 392 -31.13 8.36 -27.66
C THR D 392 -30.16 9.54 -27.72
N ASP D 393 -28.96 9.32 -28.26
CA ASP D 393 -28.00 10.41 -28.43
C ASP D 393 -28.37 11.34 -29.57
N SER D 394 -29.18 10.88 -30.52
CA SER D 394 -29.67 11.69 -31.62
C SER D 394 -31.02 12.33 -31.34
N LEU D 395 -31.32 12.62 -30.07
CA LEU D 395 -32.61 13.18 -29.71
C LEU D 395 -32.69 14.65 -30.11
N SER D 396 -33.65 14.96 -30.98
CA SER D 396 -33.90 16.33 -31.43
C SER D 396 -35.29 16.80 -31.03
N ASN D 397 -35.82 16.31 -29.91
CA ASN D 397 -37.12 16.75 -29.43
C ASN D 397 -37.07 18.18 -28.90
N ARG D 398 -35.91 18.58 -28.36
CA ARG D 398 -35.68 19.83 -27.64
C ARG D 398 -36.69 20.07 -26.52
N SER D 399 -37.02 19.01 -25.76
CA SER D 399 -37.88 19.17 -24.60
C SER D 399 -37.17 19.95 -23.50
N LEU D 400 -36.02 19.44 -23.06
CA LEU D 400 -35.03 20.12 -22.21
C LEU D 400 -35.63 20.58 -20.88
N ILE D 401 -36.12 19.62 -20.10
CA ILE D 401 -36.89 19.94 -18.90
C ILE D 401 -35.95 20.45 -17.79
N VAL D 402 -36.38 21.53 -17.14
CA VAL D 402 -35.59 22.15 -16.08
C VAL D 402 -36.03 21.56 -14.75
N THR D 403 -35.08 20.98 -14.02
CA THR D 403 -35.31 20.51 -12.66
C THR D 403 -34.06 20.81 -11.87
N THR D 404 -34.10 21.86 -11.05
CA THR D 404 -32.94 22.27 -10.28
C THR D 404 -33.29 22.37 -8.80
N ILE D 405 -32.39 22.94 -8.02
CA ILE D 405 -32.55 23.03 -6.57
C ILE D 405 -33.17 24.39 -6.26
N LEU D 406 -33.96 24.44 -5.18
CA LEU D 406 -34.49 25.71 -4.72
C LEU D 406 -33.36 26.48 -4.06
N GLU D 407 -32.59 27.21 -4.86
CA GLU D 407 -31.42 27.95 -4.40
C GLU D 407 -31.70 29.43 -4.66
N GLU D 408 -31.77 30.22 -3.60
CA GLU D 408 -32.06 31.65 -3.64
C GLU D 408 -31.07 32.49 -4.47
N PRO D 409 -29.75 32.22 -4.51
CA PRO D 409 -28.94 32.82 -5.56
C PRO D 409 -29.35 32.35 -6.95
N TYR D 410 -29.39 33.33 -7.88
CA TYR D 410 -29.54 33.21 -9.34
C TYR D 410 -30.94 32.79 -9.81
N VAL D 411 -31.81 32.39 -8.88
CA VAL D 411 -33.19 32.04 -9.19
C VAL D 411 -33.97 32.11 -7.87
N LEU D 412 -35.27 32.35 -7.96
CA LEU D 412 -36.14 32.42 -6.80
C LEU D 412 -37.57 32.15 -7.25
N PHE D 413 -38.39 31.70 -6.29
CA PHE D 413 -39.83 31.63 -6.51
C PHE D 413 -40.40 33.03 -6.36
N LYS D 414 -40.96 33.57 -7.43
CA LYS D 414 -41.53 34.91 -7.34
C LYS D 414 -42.87 34.86 -6.60
N LYS D 415 -43.25 36.01 -6.05
CA LYS D 415 -44.39 36.10 -5.14
C LYS D 415 -45.50 36.92 -5.80
N SER D 416 -46.71 36.35 -5.80
CA SER D 416 -47.89 37.03 -6.31
C SER D 416 -49.11 36.45 -5.61
N ASP D 417 -50.21 37.19 -5.65
CA ASP D 417 -51.44 36.73 -5.02
C ASP D 417 -52.06 35.56 -5.77
N LYS D 418 -52.10 35.65 -7.10
CA LYS D 418 -52.62 34.55 -7.90
C LYS D 418 -51.59 33.43 -8.00
N PRO D 419 -52.03 32.17 -8.02
CA PRO D 419 -51.08 31.07 -8.23
C PRO D 419 -50.58 30.99 -9.67
N LEU D 420 -49.34 31.41 -9.90
CA LEU D 420 -48.76 31.40 -11.24
C LEU D 420 -48.38 29.98 -11.61
N TYR D 421 -49.14 29.38 -12.52
CA TYR D 421 -48.87 28.03 -12.97
C TYR D 421 -47.68 28.00 -13.92
N GLY D 422 -47.13 26.80 -14.09
CA GLY D 422 -46.07 26.60 -15.06
C GLY D 422 -44.73 27.18 -14.61
N ASN D 423 -43.99 27.69 -15.58
CA ASN D 423 -42.64 28.20 -15.37
C ASN D 423 -42.60 29.72 -15.19
N ASP D 424 -43.76 30.35 -15.03
CA ASP D 424 -43.84 31.80 -14.86
C ASP D 424 -43.84 32.23 -13.41
N ARG D 425 -43.64 31.29 -12.48
CA ARG D 425 -43.63 31.59 -11.04
C ARG D 425 -42.22 31.75 -10.50
N PHE D 426 -41.29 32.25 -11.32
CA PHE D 426 -39.90 32.37 -10.91
C PHE D 426 -39.35 33.73 -11.33
N GLU D 427 -38.27 34.12 -10.65
CA GLU D 427 -37.45 35.27 -11.03
C GLU D 427 -35.99 34.88 -10.87
N GLY D 428 -35.09 35.78 -11.25
CA GLY D 428 -33.67 35.56 -11.09
C GLY D 428 -32.97 35.44 -12.43
N TYR D 429 -31.66 35.21 -12.34
CA TYR D 429 -30.82 35.14 -13.54
C TYR D 429 -31.08 33.87 -14.35
N CYS D 430 -31.41 32.77 -13.66
CA CYS D 430 -31.50 31.46 -14.31
C CYS D 430 -32.64 31.40 -15.33
N ILE D 431 -33.77 32.02 -15.01
CA ILE D 431 -34.85 32.09 -16.00
C ILE D 431 -34.47 33.04 -17.13
N ASP D 432 -33.69 34.10 -16.84
CA ASP D 432 -33.22 35.00 -17.88
C ASP D 432 -32.20 34.30 -18.79
N LEU D 433 -31.34 33.48 -18.20
CA LEU D 433 -30.38 32.70 -18.99
C LEU D 433 -31.09 31.68 -19.87
N LEU D 434 -32.14 31.01 -19.35
CA LEU D 434 -32.80 30.02 -20.19
C LEU D 434 -33.70 30.66 -21.25
N ARG D 435 -34.28 31.84 -21.01
CA ARG D 435 -34.99 32.49 -22.10
C ARG D 435 -34.01 33.06 -23.13
N GLU D 436 -32.80 33.44 -22.70
CA GLU D 436 -31.77 33.86 -23.64
C GLU D 436 -31.34 32.69 -24.53
N LEU D 437 -31.17 31.50 -23.93
CA LEU D 437 -30.82 30.32 -24.73
C LEU D 437 -31.99 29.85 -25.58
N SER D 438 -33.22 30.10 -25.14
CA SER D 438 -34.40 29.78 -25.94
C SER D 438 -34.64 30.80 -27.04
N THR D 439 -34.07 31.99 -26.94
CA THR D 439 -34.07 32.91 -28.07
C THR D 439 -32.91 32.68 -29.01
N ILE D 440 -31.82 32.06 -28.56
CA ILE D 440 -30.75 31.68 -29.47
C ILE D 440 -31.07 30.36 -30.16
N LEU D 441 -31.24 29.28 -29.39
CA LEU D 441 -31.58 27.98 -29.97
C LEU D 441 -33.09 27.71 -29.95
N GLY D 442 -33.69 27.65 -28.77
CA GLY D 442 -35.10 27.33 -28.67
C GLY D 442 -35.41 25.97 -28.06
N PHE D 443 -36.20 25.97 -26.98
CA PHE D 443 -36.64 24.73 -26.35
C PHE D 443 -37.93 25.01 -25.58
N THR D 444 -38.71 23.94 -25.38
CA THR D 444 -39.99 24.03 -24.68
C THR D 444 -39.75 23.67 -23.21
N TYR D 445 -39.22 24.63 -22.46
CA TYR D 445 -38.76 24.41 -21.09
C TYR D 445 -39.93 24.19 -20.14
N GLU D 446 -39.73 23.30 -19.17
CA GLU D 446 -40.64 23.12 -18.04
C GLU D 446 -39.80 23.11 -16.77
N ILE D 447 -40.13 23.97 -15.83
CA ILE D 447 -39.33 24.17 -14.62
C ILE D 447 -40.07 23.57 -13.43
N ARG D 448 -39.39 22.70 -12.69
CA ARG D 448 -39.95 22.06 -11.51
C ARG D 448 -38.85 21.91 -10.46
N LEU D 449 -39.11 21.12 -9.43
CA LEU D 449 -38.18 20.90 -8.34
C LEU D 449 -37.89 19.42 -8.18
N VAL D 450 -36.66 19.11 -7.76
CA VAL D 450 -36.22 17.73 -7.61
C VAL D 450 -36.76 17.17 -6.29
N GLU D 451 -36.83 15.84 -6.22
CA GLU D 451 -37.48 15.18 -5.08
C GLU D 451 -36.66 15.32 -3.80
N ASP D 452 -35.36 15.04 -3.87
CA ASP D 452 -34.54 15.04 -2.65
C ASP D 452 -34.14 16.45 -2.22
N GLY D 453 -34.21 17.43 -3.11
CA GLY D 453 -33.87 18.79 -2.75
C GLY D 453 -32.39 19.05 -2.55
N LYS D 454 -31.53 18.20 -3.10
CA LYS D 454 -30.10 18.36 -2.94
C LYS D 454 -29.40 18.05 -4.26
N TYR D 455 -28.24 18.68 -4.46
CA TYR D 455 -27.44 18.45 -5.66
C TYR D 455 -26.87 17.04 -5.69
N GLY D 456 -26.60 16.47 -4.52
CA GLY D 456 -26.08 15.11 -4.46
C GLY D 456 -24.58 15.06 -4.30
N ALA D 457 -24.11 13.97 -3.68
CA ALA D 457 -22.70 13.79 -3.39
C ALA D 457 -22.33 12.32 -3.55
N GLN D 458 -21.06 12.03 -3.28
CA GLN D 458 -20.57 10.67 -3.25
C GLN D 458 -20.86 10.07 -1.88
N ASP D 459 -21.59 8.96 -1.87
CA ASP D 459 -22.07 8.36 -0.62
C ASP D 459 -21.01 7.51 0.05
N ASP D 460 -21.43 6.67 1.01
CA ASP D 460 -20.47 6.01 1.90
C ASP D 460 -19.66 4.93 1.20
N VAL D 461 -20.33 3.88 0.70
CA VAL D 461 -19.59 2.70 0.24
C VAL D 461 -19.87 2.38 -1.22
N ASN D 462 -21.05 2.76 -1.72
CA ASN D 462 -21.41 2.41 -3.09
C ASN D 462 -20.69 3.26 -4.13
N GLY D 463 -20.32 4.50 -3.78
CA GLY D 463 -19.58 5.34 -4.68
C GLY D 463 -20.40 6.04 -5.74
N GLN D 464 -21.72 5.94 -5.68
CA GLN D 464 -22.58 6.56 -6.67
C GLN D 464 -22.74 8.05 -6.39
N TRP D 465 -23.52 8.72 -7.24
CA TRP D 465 -23.78 10.14 -7.10
C TRP D 465 -25.25 10.38 -7.38
N ASN D 466 -26.01 10.75 -6.34
CA ASN D 466 -27.42 11.03 -6.46
C ASN D 466 -27.65 12.52 -6.75
N GLY D 467 -28.90 12.95 -6.63
CA GLY D 467 -29.21 14.37 -6.84
C GLY D 467 -29.27 14.70 -8.31
N MET D 468 -28.54 15.74 -8.70
CA MET D 468 -28.53 16.19 -10.10
C MET D 468 -27.81 15.22 -11.03
N VAL D 469 -26.91 14.40 -10.49
CA VAL D 469 -26.19 13.42 -11.31
C VAL D 469 -27.13 12.34 -11.80
N ARG D 470 -28.04 11.88 -10.94
CA ARG D 470 -29.08 10.95 -11.41
C ARG D 470 -30.11 11.64 -12.29
N GLU D 471 -30.26 12.96 -12.18
CA GLU D 471 -31.11 13.69 -13.09
C GLU D 471 -30.52 13.74 -14.50
N LEU D 472 -29.21 13.93 -14.61
CA LEU D 472 -28.57 14.19 -15.90
C LEU D 472 -28.01 12.95 -16.57
N ILE D 473 -27.51 11.97 -15.80
CA ILE D 473 -27.02 10.73 -16.39
C ILE D 473 -28.18 9.90 -16.92
N ASP D 474 -29.25 9.77 -16.13
CA ASP D 474 -30.41 9.01 -16.54
C ASP D 474 -31.33 9.80 -17.46
N HIS D 475 -31.04 11.09 -17.68
CA HIS D 475 -31.71 11.98 -18.64
C HIS D 475 -33.20 12.15 -18.31
N LYS D 476 -33.52 12.11 -17.02
CA LYS D 476 -34.88 12.44 -16.60
C LYS D 476 -35.06 13.93 -16.43
N ALA D 477 -33.96 14.67 -16.26
CA ALA D 477 -33.93 16.12 -16.33
C ALA D 477 -32.77 16.51 -17.23
N ASP D 478 -33.04 17.35 -18.23
CA ASP D 478 -32.07 17.56 -19.30
C ASP D 478 -31.24 18.83 -19.09
N LEU D 479 -31.88 19.98 -18.89
CA LEU D 479 -31.14 21.18 -18.54
C LEU D 479 -30.70 21.17 -17.08
N ALA D 480 -29.52 21.75 -16.86
CA ALA D 480 -28.90 21.89 -15.55
C ALA D 480 -28.45 23.32 -15.34
N VAL D 481 -29.35 24.27 -15.61
CA VAL D 481 -29.04 25.68 -15.38
C VAL D 481 -29.11 25.90 -13.87
N ALA D 482 -27.96 25.72 -13.22
CA ALA D 482 -27.87 25.66 -11.78
C ALA D 482 -26.64 26.43 -11.32
N PRO D 483 -26.63 26.93 -10.08
CA PRO D 483 -25.41 27.57 -9.54
C PRO D 483 -24.39 26.58 -8.97
N LEU D 484 -24.47 25.30 -9.34
CA LEU D 484 -23.46 24.34 -8.95
C LEU D 484 -22.13 24.66 -9.62
N ALA D 485 -21.04 24.41 -8.90
CA ALA D 485 -19.69 24.66 -9.38
C ALA D 485 -19.09 23.38 -9.96
N ILE D 486 -18.02 23.56 -10.73
CA ILE D 486 -17.36 22.45 -11.41
C ILE D 486 -16.27 21.92 -10.48
N THR D 487 -16.50 20.74 -9.90
CA THR D 487 -15.46 20.05 -9.16
C THR D 487 -14.68 19.17 -10.13
N TYR D 488 -13.69 18.45 -9.59
CA TYR D 488 -13.02 17.44 -10.41
C TYR D 488 -13.89 16.20 -10.59
N VAL D 489 -14.52 15.75 -9.51
CA VAL D 489 -15.31 14.52 -9.53
C VAL D 489 -16.58 14.69 -10.35
N ARG D 490 -17.24 15.85 -10.20
CA ARG D 490 -18.44 16.12 -10.98
C ARG D 490 -18.12 16.29 -12.46
N GLU D 491 -16.95 16.84 -12.80
CA GLU D 491 -16.56 16.97 -14.19
C GLU D 491 -16.22 15.63 -14.81
N LYS D 492 -15.48 14.78 -14.09
CA LYS D 492 -15.13 13.47 -14.65
C LYS D 492 -16.32 12.53 -14.70
N VAL D 493 -17.33 12.74 -13.86
CA VAL D 493 -18.56 11.95 -13.99
C VAL D 493 -19.42 12.48 -15.13
N ILE D 494 -19.69 13.79 -15.14
CA ILE D 494 -20.55 14.41 -16.14
C ILE D 494 -19.78 15.58 -16.76
N ASP D 495 -19.64 15.57 -18.10
CA ASP D 495 -18.95 16.66 -18.77
C ASP D 495 -19.79 17.93 -18.74
N PHE D 496 -19.14 19.06 -18.42
CA PHE D 496 -19.80 20.33 -18.25
C PHE D 496 -19.42 21.29 -19.37
N SER D 497 -20.19 22.37 -19.47
CA SER D 497 -19.92 23.41 -20.45
C SER D 497 -18.81 24.34 -19.94
N LYS D 498 -18.47 25.33 -20.75
CA LYS D 498 -17.44 26.29 -20.39
C LYS D 498 -17.96 27.25 -19.32
N PRO D 499 -17.07 27.70 -18.41
CA PRO D 499 -17.50 28.67 -17.39
C PRO D 499 -17.77 30.05 -17.96
N PHE D 500 -19.03 30.50 -17.87
CA PHE D 500 -19.38 31.81 -18.39
C PHE D 500 -19.04 32.95 -17.42
N MET D 501 -18.73 32.63 -16.17
CA MET D 501 -18.30 33.64 -15.20
C MET D 501 -17.42 32.98 -14.15
N THR D 502 -16.48 33.75 -13.64
CA THR D 502 -15.52 33.24 -12.66
C THR D 502 -16.16 33.13 -11.28
N LEU D 503 -15.52 32.33 -10.43
CA LEU D 503 -16.00 32.10 -9.08
C LEU D 503 -14.89 32.38 -8.06
N GLY D 504 -15.25 32.19 -6.79
CA GLY D 504 -14.32 32.36 -5.70
C GLY D 504 -15.06 32.22 -4.40
N ILE D 505 -14.30 31.94 -3.34
CA ILE D 505 -14.85 31.76 -2.00
C ILE D 505 -14.26 32.83 -1.09
N SER D 506 -15.13 33.49 -0.32
CA SER D 506 -14.73 34.52 0.62
C SER D 506 -15.51 34.37 1.91
N ILE D 507 -15.14 35.13 2.92
CA ILE D 507 -15.74 35.03 4.25
C ILE D 507 -16.74 36.16 4.39
N LEU D 508 -17.94 35.86 4.90
CA LEU D 508 -18.80 36.88 5.45
C LEU D 508 -18.68 36.84 6.97
N TYR D 509 -18.49 38.02 7.56
CA TYR D 509 -18.39 38.14 9.01
C TYR D 509 -19.14 39.40 9.42
N ARG D 510 -19.61 39.41 10.67
CA ARG D 510 -20.39 40.54 11.14
C ARG D 510 -19.51 41.76 11.35
N LYS D 511 -19.95 42.90 10.83
CA LYS D 511 -19.28 44.17 11.06
C LYS D 511 -19.43 44.56 12.53
N PRO D 512 -18.33 44.85 13.24
CA PRO D 512 -18.45 45.15 14.68
C PRO D 512 -19.10 46.49 14.97
N ASN D 513 -18.83 47.51 14.15
CA ASN D 513 -19.37 48.86 14.25
C ASN D 513 -19.06 49.49 15.61
N GLY D 514 -17.76 49.57 15.92
CA GLY D 514 -17.34 50.14 17.19
C GLY D 514 -17.39 51.65 17.24
N THR D 515 -17.46 52.31 16.09
CA THR D 515 -17.50 53.77 16.03
C THR D 515 -18.93 54.22 16.21
N ASN D 516 -19.28 54.64 17.43
CA ASN D 516 -20.62 55.14 17.74
C ASN D 516 -20.48 56.53 18.35
N PRO D 517 -20.44 57.59 17.50
CA PRO D 517 -20.35 58.95 18.05
C PRO D 517 -21.59 59.36 18.84
N GLY D 518 -22.76 59.35 18.18
CA GLY D 518 -24.04 59.64 18.82
C GLY D 518 -24.10 61.02 19.46
N VAL D 519 -24.61 61.04 20.68
CA VAL D 519 -24.46 62.19 21.57
C VAL D 519 -23.56 61.86 22.76
N PHE D 520 -23.31 60.58 23.03
CA PHE D 520 -22.50 60.13 24.16
C PHE D 520 -21.04 59.93 23.79
N SER D 521 -20.51 60.69 22.82
CA SER D 521 -19.09 60.63 22.49
C SER D 521 -18.22 61.23 23.58
N PHE D 522 -18.79 62.08 24.45
CA PHE D 522 -18.09 62.54 25.64
C PHE D 522 -17.90 61.41 26.64
N LEU D 523 -18.82 60.44 26.67
CA LEU D 523 -18.69 59.29 27.56
C LEU D 523 -17.73 58.23 27.03
N ASN D 524 -17.32 58.33 25.77
CA ASN D 524 -16.36 57.37 25.21
C ASN D 524 -14.96 57.41 25.85
N PRO D 525 -14.31 58.59 26.15
CA PRO D 525 -13.03 58.52 26.87
C PRO D 525 -13.15 58.03 28.31
N LEU D 526 -14.04 58.66 29.09
CA LEU D 526 -14.22 58.34 30.49
C LEU D 526 -15.67 57.99 30.75
N SER D 527 -15.89 56.92 31.51
CA SER D 527 -17.23 56.50 31.85
C SER D 527 -17.86 57.50 32.84
N PRO D 528 -19.16 57.78 32.72
CA PRO D 528 -19.81 58.74 33.64
C PRO D 528 -20.09 58.14 35.02
N ASP D 529 -19.02 57.93 35.78
CA ASP D 529 -19.11 57.42 37.14
C ASP D 529 -18.27 58.21 38.13
N ILE D 530 -17.46 59.17 37.66
CA ILE D 530 -16.56 59.93 38.51
C ILE D 530 -16.98 61.40 38.45
N TRP D 531 -17.60 61.79 37.32
CA TRP D 531 -17.81 63.19 36.98
C TRP D 531 -18.79 63.90 37.91
N MET D 532 -19.77 63.17 38.46
CA MET D 532 -20.73 63.81 39.37
C MET D 532 -20.07 64.18 40.70
N TYR D 533 -19.08 63.40 41.15
CA TYR D 533 -18.37 63.78 42.37
C TYR D 533 -17.41 64.93 42.12
N VAL D 534 -16.85 65.03 40.91
CA VAL D 534 -16.03 66.18 40.54
C VAL D 534 -16.88 67.45 40.48
N LEU D 535 -18.09 67.35 39.93
CA LEU D 535 -19.00 68.49 39.92
C LEU D 535 -19.48 68.85 41.32
N LEU D 536 -19.66 67.84 42.19
CA LEU D 536 -20.00 68.09 43.60
C LEU D 536 -18.89 68.82 44.32
N ALA D 537 -17.63 68.42 44.08
CA ALA D 537 -16.49 69.10 44.70
C ALA D 537 -16.32 70.51 44.14
N TYR D 538 -16.60 70.70 42.85
CA TYR D 538 -16.56 72.03 42.24
C TYR D 538 -17.64 72.95 42.83
N LEU D 539 -18.84 72.40 43.06
CA LEU D 539 -19.91 73.18 43.69
C LEU D 539 -19.56 73.50 45.15
N GLY D 540 -18.94 72.55 45.85
CA GLY D 540 -18.54 72.81 47.23
C GLY D 540 -17.46 73.86 47.36
N VAL D 541 -16.45 73.80 46.49
CA VAL D 541 -15.41 74.83 46.52
C VAL D 541 -15.92 76.16 45.97
N SER D 542 -16.96 76.15 45.13
CA SER D 542 -17.59 77.40 44.72
C SER D 542 -18.37 78.03 45.88
N VAL D 543 -19.02 77.21 46.71
CA VAL D 543 -19.69 77.70 47.90
C VAL D 543 -18.67 78.24 48.90
N VAL D 544 -17.53 77.56 49.03
CA VAL D 544 -16.45 78.03 49.91
C VAL D 544 -15.87 79.36 49.43
N LEU D 545 -15.66 79.51 48.12
CA LEU D 545 -15.16 80.77 47.57
C LEU D 545 -16.22 81.87 47.65
N PHE D 546 -17.51 81.51 47.59
CA PHE D 546 -18.56 82.50 47.76
C PHE D 546 -18.64 82.99 49.21
N VAL D 547 -18.40 82.09 50.16
CA VAL D 547 -18.33 82.49 51.57
C VAL D 547 -17.09 83.34 51.83
N ILE D 548 -15.94 82.87 51.36
CA ILE D 548 -14.69 83.60 51.52
C ILE D 548 -14.62 84.77 50.55
N LEU D 598 -3.58 84.88 52.33
CA LEU D 598 -2.87 83.78 51.72
C LEU D 598 -3.82 82.57 51.64
N SER D 599 -4.92 82.65 52.40
CA SER D 599 -5.92 81.59 52.40
C SER D 599 -6.64 81.48 51.06
N THR D 600 -7.01 82.62 50.46
CA THR D 600 -7.62 82.61 49.14
C THR D 600 -6.64 82.13 48.08
N ARG D 601 -5.36 82.45 48.24
CA ARG D 601 -4.31 81.98 47.33
C ARG D 601 -4.17 80.47 47.38
N ILE D 602 -4.22 79.86 48.57
CA ILE D 602 -4.03 78.41 48.63
C ILE D 602 -5.31 77.67 48.25
N VAL D 603 -6.51 78.27 48.46
CA VAL D 603 -7.73 77.67 47.93
C VAL D 603 -7.73 77.69 46.40
N GLY D 604 -7.31 78.80 45.79
CA GLY D 604 -7.15 78.84 44.35
C GLY D 604 -6.08 77.90 43.84
N GLY D 605 -5.00 77.73 44.61
CA GLY D 605 -3.94 76.81 44.23
C GLY D 605 -4.37 75.36 44.26
N ILE D 606 -5.12 74.96 45.29
CA ILE D 606 -5.60 73.57 45.33
C ILE D 606 -6.73 73.36 44.34
N TRP D 607 -7.47 74.41 43.97
CA TRP D 607 -8.47 74.25 42.92
C TRP D 607 -7.83 74.04 41.56
N TRP D 608 -6.81 74.84 41.23
CA TRP D 608 -6.06 74.65 39.98
C TRP D 608 -5.33 73.32 39.97
N PHE D 609 -4.80 72.90 41.12
CA PHE D 609 -4.15 71.60 41.24
C PHE D 609 -5.14 70.45 41.04
N PHE D 610 -6.35 70.60 41.57
CA PHE D 610 -7.36 69.55 41.45
C PHE D 610 -7.87 69.41 40.02
N THR D 611 -8.16 70.54 39.36
CA THR D 611 -8.60 70.43 37.97
C THR D 611 -7.45 69.99 37.07
N LEU D 612 -6.22 70.35 37.44
CA LEU D 612 -5.04 69.91 36.70
C LEU D 612 -4.84 68.40 36.80
N ILE D 613 -5.02 67.84 38.00
CA ILE D 613 -4.77 66.41 38.18
C ILE D 613 -5.91 65.59 37.58
N ILE D 614 -7.13 66.14 37.55
CA ILE D 614 -8.22 65.37 36.94
C ILE D 614 -8.14 65.42 35.41
N ILE D 615 -7.66 66.54 34.84
CA ILE D 615 -7.41 66.56 33.39
C ILE D 615 -6.19 65.71 33.04
N SER D 616 -5.22 65.60 33.96
CA SER D 616 -4.08 64.72 33.73
C SER D 616 -4.49 63.25 33.69
N SER D 617 -5.36 62.83 34.62
CA SER D 617 -5.87 61.47 34.61
C SER D 617 -6.76 61.21 33.40
N TYR D 618 -7.52 62.24 32.98
CA TYR D 618 -8.35 62.12 31.78
C TYR D 618 -7.51 61.95 30.52
N THR D 619 -6.40 62.69 30.41
CA THR D 619 -5.50 62.56 29.27
C THR D 619 -4.81 61.21 29.26
N ALA D 620 -4.42 60.70 30.43
CA ALA D 620 -3.80 59.39 30.49
C ALA D 620 -4.78 58.28 30.10
N ASN D 621 -6.03 58.38 30.57
CA ASN D 621 -7.06 57.41 30.21
C ASN D 621 -7.39 57.45 28.72
N LEU D 622 -7.50 58.66 28.16
CA LEU D 622 -7.81 58.80 26.73
C LEU D 622 -6.64 58.35 25.87
N ALA D 623 -5.41 58.59 26.32
CA ALA D 623 -4.23 58.14 25.59
C ALA D 623 -4.13 56.62 25.57
N ALA D 624 -4.41 55.98 26.72
CA ALA D 624 -4.40 54.52 26.77
C ALA D 624 -5.51 53.92 25.91
N PHE D 625 -6.70 54.52 25.94
CA PHE D 625 -7.82 54.03 25.13
C PHE D 625 -7.55 54.19 23.64
N LEU D 626 -6.99 55.34 23.24
CA LEU D 626 -6.67 55.57 21.83
C LEU D 626 -5.52 54.69 21.36
N THR D 627 -4.54 54.42 22.24
CA THR D 627 -3.44 53.54 21.88
C THR D 627 -3.92 52.10 21.68
N VAL D 628 -4.81 51.63 22.57
CA VAL D 628 -5.36 50.28 22.43
C VAL D 628 -6.23 50.18 21.18
N GLU D 629 -7.05 51.20 20.91
CA GLU D 629 -7.90 51.22 19.72
C GLU D 629 -7.08 51.26 18.43
N ARG D 630 -5.99 52.04 18.42
CA ARG D 630 -5.18 52.14 17.22
C ARG D 630 -4.29 50.92 17.02
N MET D 631 -3.84 50.27 18.10
CA MET D 631 -3.06 49.06 17.96
C MET D 631 -3.93 47.82 17.73
N GLU D 632 -5.25 47.92 17.94
CA GLU D 632 -6.14 46.81 17.65
C GLU D 632 -6.32 46.67 16.14
N SER D 633 -6.12 45.44 15.64
CA SER D 633 -6.25 45.16 14.22
C SER D 633 -7.17 43.97 14.00
N PRO D 634 -8.07 44.03 13.02
CA PRO D 634 -8.96 42.89 12.76
C PRO D 634 -8.31 41.84 11.88
N ILE D 635 -9.08 40.82 11.51
CA ILE D 635 -8.60 39.72 10.66
C ILE D 635 -9.11 39.92 9.25
N ASP D 636 -8.24 39.75 8.28
CA ASP D 636 -8.62 39.86 6.88
C ASP D 636 -8.17 38.68 6.03
N SER D 637 -7.01 38.11 6.32
CA SER D 637 -6.46 37.05 5.49
C SER D 637 -7.13 35.71 5.79
N ALA D 638 -6.96 34.77 4.86
CA ALA D 638 -7.47 33.42 5.07
C ALA D 638 -6.66 32.66 6.10
N ASP D 639 -5.38 33.02 6.25
CA ASP D 639 -4.56 32.42 7.31
C ASP D 639 -4.90 32.98 8.68
N ASP D 640 -5.55 34.15 8.73
CA ASP D 640 -5.90 34.78 9.99
C ASP D 640 -7.04 34.08 10.72
N LEU D 641 -7.76 33.18 10.06
CA LEU D 641 -8.74 32.32 10.72
C LEU D 641 -8.20 30.92 11.00
N ALA D 642 -7.33 30.42 10.14
CA ALA D 642 -6.73 29.10 10.35
C ALA D 642 -5.66 29.10 11.44
N LYS D 643 -5.17 30.27 11.84
CA LYS D 643 -4.10 30.33 12.83
C LYS D 643 -4.61 30.01 14.24
N GLN D 644 -5.78 30.51 14.59
CA GLN D 644 -6.31 30.36 15.94
C GLN D 644 -7.64 29.61 15.91
N THR D 645 -8.06 29.16 17.10
CA THR D 645 -9.31 28.45 17.27
C THR D 645 -10.38 29.31 17.92
N LYS D 646 -10.12 30.61 18.08
CA LYS D 646 -11.13 31.50 18.67
C LYS D 646 -12.28 31.75 17.72
N ILE D 647 -12.04 31.65 16.42
CA ILE D 647 -13.06 31.85 15.41
C ILE D 647 -13.32 30.50 14.76
N GLU D 648 -14.57 30.05 14.80
CA GLU D 648 -14.93 28.82 14.10
C GLU D 648 -15.64 29.15 12.79
N TYR D 649 -15.58 28.21 11.85
CA TYR D 649 -15.98 28.48 10.48
C TYR D 649 -16.36 27.18 9.80
N GLY D 650 -17.08 27.31 8.69
CA GLY D 650 -17.46 26.16 7.90
C GLY D 650 -18.07 26.59 6.59
N ALA D 651 -18.21 25.62 5.69
CA ALA D 651 -18.76 25.86 4.38
C ALA D 651 -20.29 25.81 4.42
N VAL D 652 -20.91 25.92 3.24
CA VAL D 652 -22.37 25.85 3.16
C VAL D 652 -22.84 24.42 3.42
N GLU D 653 -22.17 23.46 2.79
CA GLU D 653 -22.53 22.05 2.82
C GLU D 653 -21.31 21.31 2.25
N ASP D 654 -21.45 20.00 2.05
CA ASP D 654 -20.47 19.29 1.27
C ASP D 654 -20.59 19.68 -0.20
N GLY D 655 -19.49 19.57 -0.93
CA GLY D 655 -19.49 19.99 -2.31
C GLY D 655 -18.20 20.67 -2.71
N ALA D 656 -18.29 21.63 -3.64
CA ALA D 656 -17.10 22.25 -4.23
C ALA D 656 -16.32 23.08 -3.22
N THR D 657 -16.99 23.64 -2.22
CA THR D 657 -16.29 24.32 -1.15
C THR D 657 -15.52 23.34 -0.28
N MET D 658 -16.16 22.24 0.12
CA MET D 658 -15.52 21.30 1.03
C MET D 658 -14.54 20.37 0.32
N THR D 659 -14.77 20.01 -0.94
CA THR D 659 -13.82 19.13 -1.61
C THR D 659 -12.58 19.86 -2.08
N PHE D 660 -12.60 21.20 -2.13
CA PHE D 660 -11.38 21.93 -2.44
C PHE D 660 -10.44 21.92 -1.24
N PHE D 661 -10.99 22.08 -0.04
CA PHE D 661 -10.18 21.97 1.17
C PHE D 661 -9.85 20.51 1.49
N LYS D 662 -10.64 19.57 0.99
CA LYS D 662 -10.29 18.16 1.10
C LYS D 662 -9.08 17.81 0.25
N LYS D 663 -8.94 18.48 -0.90
CA LYS D 663 -7.81 18.27 -1.79
C LYS D 663 -6.68 19.26 -1.55
N SER D 664 -6.62 19.87 -0.37
CA SER D 664 -5.66 20.92 -0.09
C SER D 664 -4.30 20.30 0.22
N LYS D 665 -3.36 20.42 -0.70
CA LYS D 665 -1.96 20.07 -0.46
C LYS D 665 -1.14 21.25 0.01
N ILE D 666 -1.79 22.42 0.17
CA ILE D 666 -1.11 23.65 0.58
C ILE D 666 -0.64 23.55 2.03
N SER D 667 -1.36 22.75 2.85
CA SER D 667 -1.21 22.62 4.30
C SER D 667 -1.40 23.96 5.02
N THR D 668 -2.22 24.83 4.42
CA THR D 668 -2.79 26.00 5.08
C THR D 668 -4.30 25.94 5.05
N TYR D 669 -4.89 25.66 3.88
CA TYR D 669 -6.30 25.30 3.82
C TYR D 669 -6.55 23.90 4.37
N ASP D 670 -5.52 23.04 4.35
CA ASP D 670 -5.68 21.69 4.89
C ASP D 670 -5.78 21.70 6.41
N LYS D 671 -5.11 22.64 7.08
CA LYS D 671 -5.17 22.71 8.53
C LYS D 671 -6.56 23.17 9.00
N MET D 672 -7.11 24.19 8.36
CA MET D 672 -8.46 24.62 8.69
C MET D 672 -9.50 23.62 8.20
N TRP D 673 -9.16 22.87 7.14
CA TRP D 673 -10.00 21.76 6.69
C TRP D 673 -10.08 20.67 7.75
N ALA D 674 -8.94 20.34 8.37
CA ALA D 674 -8.93 19.35 9.44
C ALA D 674 -9.62 19.88 10.69
N PHE D 675 -9.52 21.19 10.94
CA PHE D 675 -10.23 21.79 12.07
C PHE D 675 -11.74 21.72 11.89
N MET D 676 -12.24 22.05 10.70
CA MET D 676 -13.67 21.94 10.47
C MET D 676 -14.13 20.50 10.30
N SER D 677 -13.22 19.60 9.92
CA SER D 677 -13.56 18.19 9.81
C SER D 677 -13.63 17.51 11.17
N SER D 678 -12.87 18.01 12.15
CA SER D 678 -12.87 17.41 13.48
C SER D 678 -14.18 17.66 14.24
N ARG D 679 -14.89 18.73 13.93
CA ARG D 679 -16.12 19.10 14.62
C ARG D 679 -17.22 19.42 13.61
N ARG D 680 -17.45 18.49 12.68
CA ARG D 680 -18.45 18.66 11.63
C ARG D 680 -19.88 18.73 12.16
N GLN D 681 -20.13 18.23 13.37
CA GLN D 681 -21.46 18.33 13.97
C GLN D 681 -21.81 19.76 14.37
N SER D 682 -20.81 20.61 14.61
CA SER D 682 -21.04 21.94 15.14
C SER D 682 -20.71 23.06 14.15
N VAL D 683 -19.50 23.07 13.60
CA VAL D 683 -19.08 24.19 12.75
C VAL D 683 -19.63 24.12 11.34
N LEU D 684 -20.22 23.00 10.95
CA LEU D 684 -20.82 22.90 9.63
C LEU D 684 -22.31 23.24 9.69
N VAL D 685 -22.85 23.60 8.52
CA VAL D 685 -24.24 23.95 8.36
C VAL D 685 -24.72 23.20 7.11
N LYS D 686 -26.01 23.33 6.78
CA LYS D 686 -26.57 22.67 5.61
C LYS D 686 -27.05 23.62 4.52
N SER D 687 -27.17 24.92 4.82
CA SER D 687 -27.74 25.84 3.83
C SER D 687 -27.12 27.23 4.02
N ASN D 688 -27.44 28.10 3.07
CA ASN D 688 -26.86 29.45 3.06
C ASN D 688 -27.53 30.35 4.10
N GLU D 689 -28.84 30.21 4.29
CA GLU D 689 -29.60 31.18 5.06
C GLU D 689 -29.32 31.08 6.56
N GLU D 690 -29.35 29.87 7.10
CA GLU D 690 -29.04 29.70 8.52
C GLU D 690 -27.55 29.67 8.81
N GLY D 691 -26.71 29.58 7.77
CA GLY D 691 -25.28 29.71 7.98
C GLY D 691 -24.88 31.11 8.38
N ILE D 692 -25.52 32.13 7.78
CA ILE D 692 -25.23 33.51 8.16
C ILE D 692 -25.91 33.93 9.44
N GLN D 693 -26.88 33.14 9.93
CA GLN D 693 -27.50 33.44 11.21
C GLN D 693 -26.59 33.09 12.38
N ARG D 694 -25.70 32.12 12.18
CA ARG D 694 -24.69 31.83 13.19
C ARG D 694 -23.65 32.95 13.28
N VAL D 695 -23.44 33.66 12.16
CA VAL D 695 -22.52 34.80 12.16
C VAL D 695 -23.09 35.95 12.99
N LEU D 696 -24.38 36.25 12.79
CA LEU D 696 -25.01 37.37 13.49
C LEU D 696 -25.25 37.07 14.96
N THR D 697 -25.31 35.81 15.36
CA THR D 697 -25.58 35.44 16.74
C THR D 697 -24.31 35.07 17.51
N SER D 698 -23.57 34.07 17.02
CA SER D 698 -22.37 33.61 17.70
C SER D 698 -21.13 34.12 16.99
N ASP D 699 -19.96 33.63 17.40
CA ASP D 699 -18.69 34.07 16.84
C ASP D 699 -18.32 33.16 15.66
N TYR D 700 -19.13 33.25 14.61
CA TYR D 700 -19.00 32.39 13.44
C TYR D 700 -18.64 33.22 12.23
N ALA D 701 -17.77 32.68 11.38
CA ALA D 701 -17.41 33.27 10.11
C ALA D 701 -17.81 32.30 9.01
N PHE D 702 -18.51 32.78 7.99
CA PHE D 702 -19.11 31.89 7.02
C PHE D 702 -18.39 31.99 5.69
N LEU D 703 -17.83 30.87 5.23
CA LEU D 703 -16.99 30.81 4.05
C LEU D 703 -17.81 30.28 2.88
N MET D 704 -18.09 31.14 1.90
CA MET D 704 -19.05 30.81 0.86
C MET D 704 -18.76 31.67 -0.36
N GLU D 705 -19.55 31.49 -1.42
CA GLU D 705 -19.18 31.95 -2.77
C GLU D 705 -19.18 33.48 -2.89
N SER D 706 -18.24 33.99 -3.69
CA SER D 706 -17.89 35.42 -3.65
C SER D 706 -18.97 36.32 -4.27
N THR D 707 -19.65 35.86 -5.32
CA THR D 707 -20.74 36.66 -5.86
C THR D 707 -21.93 36.66 -4.91
N THR D 708 -22.14 35.56 -4.21
CA THR D 708 -23.15 35.53 -3.17
C THR D 708 -22.75 36.39 -1.97
N ILE D 709 -21.44 36.51 -1.68
CA ILE D 709 -20.95 37.54 -0.76
C ILE D 709 -21.33 38.92 -1.26
N GLU D 710 -21.16 39.15 -2.58
CA GLU D 710 -21.40 40.46 -3.18
C GLU D 710 -22.85 40.90 -3.09
N PHE D 711 -23.82 39.98 -3.22
CA PHE D 711 -25.18 40.50 -3.04
C PHE D 711 -25.76 40.27 -1.64
N VAL D 712 -25.18 39.40 -0.80
CA VAL D 712 -25.62 39.34 0.59
C VAL D 712 -25.18 40.60 1.34
N THR D 713 -23.97 41.10 1.06
CA THR D 713 -23.58 42.39 1.64
C THR D 713 -24.38 43.56 1.08
N GLN D 714 -24.97 43.42 -0.11
CA GLN D 714 -25.96 44.40 -0.55
C GLN D 714 -27.26 44.24 0.22
N ARG D 715 -27.69 42.99 0.46
CA ARG D 715 -28.94 42.73 1.16
C ARG D 715 -28.83 43.11 2.64
N ASN D 716 -27.73 42.74 3.29
CA ASN D 716 -27.54 43.00 4.71
C ASN D 716 -26.29 43.85 4.90
N CYS D 717 -26.43 44.96 5.62
CA CYS D 717 -25.32 45.84 5.90
C CYS D 717 -24.60 45.51 7.21
N ASN D 718 -25.16 44.62 8.03
CA ASN D 718 -24.49 44.21 9.26
C ASN D 718 -23.39 43.18 9.02
N LEU D 719 -23.36 42.56 7.85
CA LEU D 719 -22.32 41.63 7.46
C LEU D 719 -21.40 42.31 6.44
N THR D 720 -20.19 41.76 6.31
CA THR D 720 -19.21 42.33 5.41
C THR D 720 -18.26 41.25 4.95
N GLN D 721 -17.54 41.57 3.87
CA GLN D 721 -16.64 40.62 3.24
C GLN D 721 -15.28 40.60 3.94
N ILE D 722 -14.65 39.44 3.94
CA ILE D 722 -13.32 39.22 4.49
C ILE D 722 -12.58 38.33 3.50
N GLY D 723 -11.39 38.76 3.09
CA GLY D 723 -10.55 38.00 2.21
C GLY D 723 -10.90 38.21 0.74
N GLY D 724 -9.99 37.79 -0.12
CA GLY D 724 -10.17 37.86 -1.55
C GLY D 724 -10.75 36.59 -2.12
N LEU D 725 -10.37 36.31 -3.36
CA LEU D 725 -10.81 35.09 -4.04
C LEU D 725 -9.80 33.99 -3.75
N ILE D 726 -10.24 32.93 -3.06
CA ILE D 726 -9.35 31.82 -2.73
C ILE D 726 -9.02 31.02 -3.98
N ASP D 727 -10.03 30.72 -4.79
CA ASP D 727 -9.84 29.97 -6.02
C ASP D 727 -10.65 30.64 -7.12
N SER D 728 -10.65 30.03 -8.31
CA SER D 728 -11.43 30.51 -9.45
C SER D 728 -12.14 29.31 -10.06
N LYS D 729 -13.33 29.01 -9.55
CA LYS D 729 -14.11 27.90 -10.06
C LYS D 729 -14.99 28.38 -11.20
N GLY D 730 -15.85 27.50 -11.72
CA GLY D 730 -16.69 27.85 -12.85
C GLY D 730 -18.06 27.21 -12.73
N TYR D 731 -18.99 27.76 -13.51
CA TYR D 731 -20.35 27.26 -13.60
C TYR D 731 -20.48 26.40 -14.86
N GLY D 732 -20.86 25.14 -14.68
CA GLY D 732 -21.03 24.23 -15.79
C GLY D 732 -22.44 23.67 -15.83
N VAL D 733 -22.86 23.25 -17.03
CA VAL D 733 -24.17 22.67 -17.25
C VAL D 733 -23.97 21.18 -17.56
N GLY D 734 -24.68 20.33 -16.82
CA GLY D 734 -24.51 18.90 -16.99
C GLY D 734 -25.18 18.39 -18.25
N THR D 735 -24.44 17.57 -18.99
CA THR D 735 -24.84 17.02 -20.28
C THR D 735 -24.55 15.53 -20.32
N PRO D 736 -25.30 14.76 -21.10
CA PRO D 736 -25.02 13.32 -21.20
C PRO D 736 -23.74 13.04 -21.98
N MET D 737 -23.31 11.77 -21.90
CA MET D 737 -22.07 11.33 -22.52
C MET D 737 -22.24 11.21 -24.03
N GLY D 738 -21.38 11.92 -24.78
CA GLY D 738 -21.33 11.79 -26.22
C GLY D 738 -22.45 12.48 -26.98
N SER D 739 -23.33 13.18 -26.30
CA SER D 739 -24.45 13.86 -26.92
C SER D 739 -24.01 15.21 -27.49
N PRO D 740 -24.71 15.74 -28.49
CA PRO D 740 -24.49 17.13 -28.92
C PRO D 740 -25.12 18.18 -28.03
N TYR D 741 -25.63 17.79 -26.86
CA TYR D 741 -26.13 18.73 -25.87
C TYR D 741 -25.05 19.70 -25.43
N ARG D 742 -23.85 19.18 -25.13
CA ARG D 742 -22.75 20.04 -24.69
C ARG D 742 -22.22 20.88 -25.84
N ASP D 743 -22.22 20.32 -27.06
CA ASP D 743 -21.75 21.07 -28.22
C ASP D 743 -22.69 22.21 -28.59
N LYS D 744 -24.00 22.05 -28.33
CA LYS D 744 -24.91 23.16 -28.59
C LYS D 744 -24.98 24.15 -27.43
N ILE D 745 -24.80 23.68 -26.19
CA ILE D 745 -24.79 24.58 -25.03
C ILE D 745 -23.52 25.42 -25.00
N THR D 746 -22.38 24.84 -25.44
CA THR D 746 -21.12 25.57 -25.46
C THR D 746 -21.15 26.74 -26.44
N ILE D 747 -21.81 26.56 -27.59
CA ILE D 747 -22.11 27.67 -28.48
C ILE D 747 -23.13 28.61 -27.83
N ALA D 748 -24.09 28.05 -27.09
CA ALA D 748 -25.12 28.87 -26.47
C ALA D 748 -24.58 29.67 -25.28
N ILE D 749 -23.66 29.08 -24.50
CA ILE D 749 -23.24 29.69 -23.24
C ILE D 749 -22.22 30.80 -23.43
N LEU D 750 -21.66 30.95 -24.63
CA LEU D 750 -20.66 31.99 -24.85
C LEU D 750 -21.35 33.31 -25.17
N GLN D 751 -20.51 34.34 -25.39
CA GLN D 751 -20.85 35.73 -25.80
C GLN D 751 -21.90 36.40 -24.90
N LEU D 752 -21.99 35.97 -23.64
CA LEU D 752 -22.88 36.63 -22.69
C LEU D 752 -22.28 37.94 -22.20
N GLN D 753 -20.97 37.96 -21.97
CA GLN D 753 -20.29 39.21 -21.67
C GLN D 753 -20.06 40.06 -22.90
N GLU D 754 -20.06 39.44 -24.09
CA GLU D 754 -19.94 40.21 -25.32
C GLU D 754 -21.20 41.01 -25.61
N GLU D 755 -22.36 40.42 -25.35
CA GLU D 755 -23.62 41.15 -25.46
C GLU D 755 -23.92 42.00 -24.24
N GLY D 756 -23.19 41.81 -23.15
CA GLY D 756 -23.35 42.66 -21.98
C GLY D 756 -24.51 42.31 -21.07
N LYS D 757 -24.99 41.07 -21.10
CA LYS D 757 -26.08 40.70 -20.20
C LYS D 757 -25.60 40.51 -18.77
N LEU D 758 -24.31 40.21 -18.57
CA LEU D 758 -23.79 40.01 -17.22
C LEU D 758 -23.66 41.33 -16.47
N HIS D 759 -23.34 42.41 -17.17
CA HIS D 759 -23.21 43.72 -16.51
C HIS D 759 -24.56 44.26 -16.07
N MET D 760 -25.60 44.12 -16.90
CA MET D 760 -26.93 44.54 -16.46
C MET D 760 -27.51 43.56 -15.44
N MET D 761 -27.09 42.29 -15.48
CA MET D 761 -27.48 41.36 -14.43
C MET D 761 -26.84 41.73 -13.10
N LYS D 762 -25.60 42.22 -13.13
CA LYS D 762 -24.95 42.69 -11.91
C LYS D 762 -25.50 44.03 -11.46
N GLU D 763 -26.03 44.83 -12.39
CA GLU D 763 -26.73 46.04 -11.98
C GLU D 763 -28.14 45.75 -11.46
N LYS D 764 -28.70 44.60 -11.81
CA LYS D 764 -30.04 44.21 -11.36
C LYS D 764 -30.01 43.44 -10.04
N TRP D 765 -28.99 42.61 -9.83
CA TRP D 765 -28.99 41.68 -8.71
C TRP D 765 -27.77 41.77 -7.81
N TRP D 766 -26.75 42.54 -8.19
CA TRP D 766 -25.49 42.65 -7.44
C TRP D 766 -25.16 44.11 -7.18
N ARG D 767 -26.13 44.85 -6.65
CA ARG D 767 -26.02 46.30 -6.49
C ARG D 767 -25.03 46.66 -5.38
N GLY D 768 -24.65 47.94 -5.37
CA GLY D 768 -23.71 48.44 -4.37
C GLY D 768 -24.23 49.69 -3.66
N VAL D 784 -20.80 63.25 13.34
CA VAL D 784 -19.69 63.80 14.11
C VAL D 784 -18.65 62.71 14.41
N GLN D 785 -17.74 63.04 15.33
CA GLN D 785 -16.66 62.13 15.70
C GLN D 785 -16.67 61.88 17.20
N ASN D 786 -15.60 61.30 17.73
CA ASN D 786 -15.49 60.96 19.15
C ASN D 786 -15.41 62.18 20.06
N ILE D 787 -15.17 63.37 19.52
CA ILE D 787 -15.10 64.60 20.29
C ILE D 787 -16.06 65.66 19.76
N GLY D 788 -16.95 65.28 18.84
CA GLY D 788 -17.86 66.26 18.24
C GLY D 788 -19.01 66.69 19.13
N GLY D 789 -19.36 65.89 20.14
CA GLY D 789 -20.46 66.23 21.01
C GLY D 789 -20.17 67.37 21.98
N ILE D 790 -18.89 67.60 22.28
CA ILE D 790 -18.54 68.67 23.20
C ILE D 790 -18.69 70.05 22.54
N PHE D 791 -18.71 70.11 21.20
CA PHE D 791 -19.08 71.34 20.52
C PHE D 791 -20.55 71.68 20.75
N ILE D 792 -21.42 70.66 20.72
CA ILE D 792 -22.84 70.85 21.05
C ILE D 792 -23.00 71.20 22.52
N VAL D 793 -22.15 70.63 23.38
CA VAL D 793 -22.17 70.94 24.82
C VAL D 793 -21.79 72.41 25.05
N LEU D 794 -20.76 72.90 24.36
CA LEU D 794 -20.38 74.30 24.45
C LEU D 794 -21.42 75.22 23.83
N ALA D 795 -22.11 74.77 22.77
CA ALA D 795 -23.20 75.55 22.19
C ALA D 795 -24.37 75.69 23.17
N ALA D 796 -24.70 74.60 23.86
CA ALA D 796 -25.75 74.66 24.89
C ALA D 796 -25.33 75.53 26.07
N GLY D 797 -24.04 75.48 26.43
CA GLY D 797 -23.54 76.35 27.49
C GLY D 797 -23.55 77.82 27.10
N LEU D 798 -23.26 78.12 25.83
CA LEU D 798 -23.33 79.49 25.34
C LEU D 798 -24.77 79.99 25.27
N VAL D 799 -25.70 79.11 24.90
CA VAL D 799 -27.13 79.45 24.91
C VAL D 799 -27.60 79.74 26.33
N LEU D 800 -27.17 78.91 27.29
CA LEU D 800 -27.51 79.12 28.70
C LEU D 800 -26.88 80.40 29.25
N SER D 801 -25.65 80.71 28.84
CA SER D 801 -24.99 81.91 29.30
C SER D 801 -25.60 83.17 28.70
N VAL D 802 -26.10 83.09 27.46
CA VAL D 802 -26.82 84.20 26.86
C VAL D 802 -28.17 84.40 27.55
N PHE D 803 -28.88 83.31 27.83
CA PHE D 803 -30.23 83.41 28.36
C PHE D 803 -30.24 83.82 29.82
N VAL D 804 -29.28 83.32 30.61
CA VAL D 804 -29.26 83.63 32.05
C VAL D 804 -28.79 85.07 32.28
N ALA D 805 -27.67 85.44 31.67
CA ALA D 805 -27.11 86.77 31.87
C ALA D 805 -27.88 87.78 31.01
N VAL D 806 -28.51 88.76 31.69
CA VAL D 806 -29.38 89.80 31.11
C VAL D 806 -30.50 89.20 30.26
#